data_6ORB
#
_entry.id   6ORB
#
_cell.length_a   1.00
_cell.length_b   1.00
_cell.length_c   1.00
_cell.angle_alpha   90.00
_cell.angle_beta   90.00
_cell.angle_gamma   90.00
#
_symmetry.space_group_name_H-M   'P 1'
#
_entity_poly.entity_id   1
_entity_poly.type   'polypeptide(L)'
_entity_poly.pdbx_seq_one_letter_code
;MDVLIEWVAIYPQIYDILEHINYVPSNTLQRLRLHQPWSKIDYDVWFLYASDEIRETCKVKYYGETKTYGEVFVLENERI
SQLHRLFVSWTVSERAEHLKNLLFDAGLSNLPLVELGGNVFFNSHVPLPCSLVLTKSTQENLNRITPYLVQKRPILLAGP
EGIGKKFLITQIAAKLGQQIIRIHLSDSTDPKMLIGTYTSPKPGEFEWQPGVLTQAVITGKWILFTNIEHAPSEVLSVLL
PLLEKRQLVIPSRGETIYAKGSFQMFATSSMKTKILGQRLWQILDLTYQPDECVEVVSTLYPVLSIICPTLYSVYKDIFD
LFSQRSFLATSKIYRRLCLRDFYKFIKRVAFLYHKFMIPSDHVVISQELQDAVFKEAIDMFGAFIPSRDGFDLVVRNVAI
ELNIPPEKALQLRYSIPVFQNLEHNINIGRCSLKKLSTIRSCSTNSYAFTSSSLGLLEQLAAGVQTNEPLLLVGETGTGK
TTTIQLLAGLLGQKVTVINMSQQTESSDMLGGYKPINASTLGLPLHERFIDIFEQTFSSKKNAKFISMASTSARRFRWKT
CLKIWKEACKLSKTVLDGQQPLPNPQKRQKRLSNQVELRNQWAKFEKEVEDFEKVLTGGSNGFMFSFVEGALVKAVRSGH
WVLLDEINLASLETLEPIGQLLSSYESGILLSERGDITPITPHKNFRLFGCMNPSTDVGKRELEPSFRSRFTEIYVHSPD
QNLDDLLSIIQKYIGSLCIGNEHVIREVAELYQVAKSLSLDGSLVDGAGQRPHYTVRTLSRTLSYVTEIAPIYGLRRSLY
EGFCMSFLTLLDHTSESLLYNHVVRFTLGELNRDQQNAILKQIPKVPDHSSYIAFCHYWLRRGSFPVEEQEHYIITPFVQ
KNLLNIARACSTRMFPILIQGPTSSGKTSMIEYVAKKTGHKFVRINNHEHTDLQEYIGTYVTDDNGSLSFREGVLVEALR
NGYWIVLDELNLAPTDVLEALNRLLDDNRELFIPETQVLVKPHPEFMLFATQNPPGVYAGRKHLSRAFRNRFLEIHFDDI
PENELETILHKRCKIAPSYAAKIVQVFRELSLRRQTTRIFEQKNSFATLRDLFRWAFREAVGYQQLAENGYMLLAERARD
QKDKLAVQEVIEKVMKVKIDTDGIYNLDSMEIFQDMSLKEGPLSKVVWTRPMIRLFCLVWRCLLAKEPVLLVGDTGCGKT
TVCQILAECLHKELHIINAHQDTENGDIIGAQRPVRNRSAVNYSLHSQLCEKFNVQESLDSIDDLIEKFEKLSSSEKNDN
LSNLIERQIIKYRSLFEWHDGALVTAMKQGDFFLLDEISLADDSVLERLNSVLELSRTLTLVEHSNAAVSLTAKDGFAFF
ATMNPGGDYGKKELSPALRNRFTEIWVPPMVDTEDILKIVEGKLHNNKIELARPLVEYAKWHANEYLYTDVISIRDVLSA
VEFINACEILDLNLVLFNAVSMVFIDALGSFTTFSLSNNLASLHAERQRCFAKLNELAGSNIMASKSADISIKFSDSSFF
IGDFGIPLGDSVESDSTYSLHTDTTLMNASKVLRALQVLKPILLEGSPGVGKTSLITALARETGHQLVRINLSDQTDLMD
LFGSDVPVEGGEGGQFAWRDAPFLAAMRNGHWVLLDELNLASQSVLEGLNACLDHRNEAYIPELDKVFKAHPNFRVFAAQ
NPQHQGGGRKGLPRSFINRFSVVYVEALKEKDMIEIAACNYHQVNEDWRLKIIKFMFRLQDNIEKDISFGSFGSPWEFNL
RDTLRWLQLLNDAPKYTCVSPADYLEVMVLHRMRTVEDRVRTCELFKEVFDIDYEPRTIGFSLSSQCFKVGHSLLVRDVE
RQKTLLDSQNILQSQLPVLESVITCINKKWPCILVGDTATGKTCILRLLAAIAGAKIKEMAVNSDTDTMDLIGEYEQIDI
SRKASELFTDLSQQLLNIVIKYRNFDNIFRETSLYTLTTTSFKTHSQAFTLLQKVVDQLDQLKIHETLVHSLGDIHEKAR
KLLAEFSASPAGRFEWFDGYLLKAVEEGHWFVLDNANLCSPAVLDRLNSLLEHKGVLIVNEKTTEDGHPKTIKPHPNFRL
FLTVNPVYGELSRAMRNRGVEIFLLKEALTEIDKKQMSLLEPAPISSAVDTLASNISYIKYVFETMGKIEIDGNYMYIAH
AIILALFSPRQLKLLRKVLLTNPQFSLSIKADAELLLTLKNLVQKIYCADYFNHMDLKASRFMDIYEYPVQLREVVGLIQ
TINDFQSVILTSHLELPETYASGLLFVSAHEILDLTEEVNRLAVSTSNSTYLLKSASAVYHNVSSFKGSTPSLWNLLNQF
SKFLIEIASANSNIVYKLSYDVIRHFLKLVVLWKNIYVWTNVPDCDISRFYCYTKMLGEWMFTLTEKTKLLESFLPKDSL
EKFSELQNLSTGLHMQAIWDKWHAFVPRTYDQWSLWNTVDKLLTQYVNANIPSISMETTACEVVGTSLSLLNKVLVENEV
GDIYSYLKILGKGVNELKSSKQVILPENLVNLFNCLASLDLLHIFIKYTTSSFFLTDDFVRFIRVCFHSRISGNLLTLLH
GISFDSTKAVAPVLTYFDFCSLTTGNILGRIALAFTSIDENANLESANIFEHARLALLQHFMDHSSLLAEDSSTKMNLIL
LQRYAVIISIFLDQGKCEKANDLITKLSLPYEELAENFVSILEACKAFLVANSEFISYTYTERFIHSLRFLKDSWLSSNQ
QKMLKNQGMAYIYFASGMLLVYVPDKPFDPALLPLLTVESLRHYLESLYKESQILEIAESLNSGKVNSVMRRLVSTEISN
TPNIDSSFSTVYRSLNESIVPLYSELEFFMKSVVLNQYIFELAMRLSKESNIAVVEEAKSFVTKWKAYIERIREAYPQFV
DVYELILSFISFMIYGIELLMFEAKRRLDERSQILSTLILTLVDPSSFARSLSFDDVSNLIEQIKVLDLNDSIRFEIYLF
LASRLCSEKQHSSDTHSLANSFVLLANEFYIHNAKIKQKELEEIEEKNRLYRQREFNFDKNDYLKVFINYDDEVEPEVEP
EVVIERKRFLQLQFAFWSLYNEIYSEKMNVIPLEQLMNTGSYLAKKIKVKNPDMIASSGFDIVSVVLMMGVKSTNERQYW
TPPVYNFYSDPNPSKAIEVRDLIKIVESRAISLIKNWPENFVLRGLKDAIDAILNLSPFSPIAEYLSKLERVFHLLSEWE
KLASREYSLANEMDLIKKKIIDWRKFELSNWNNLLKLEEYKLSERVYPRLYSILQFIILKPFFENSKFTKQNLCESASII
VQFITDLTVGEFQLCLKCLLSFSQHAASLRICHGIDAMLLNIYHYFEQFLSKVSEAIHTQKQSLENSIKERILLMSWKDT
NVYALKESAKKSHAELFKVLHRYREVLRQPVSSYLSQKHDWDSLLDTENNSAMWVAKKVNLSPSYIEKMDTEIMKLVPVR
FSNTPTTLRLMWTLFANVEKPGSTFTNMVSNLITDARELMKLTPETINDDNLSEIKHLKSRKHLLLTETFKTLKAFGLQY
RVKAGIEENLSNLRNLLAVIPTFPVTSLSIEKVDRSLMKSLDFIPKFQTLAGHQHNDLSVPEVQKGVGLFNSMLSLQLGE
RAQLVEFTNELLALKNVYSEVGVNGSPLESFNNSSFNEVSSLGYDHDFENRAQAVSMLCQIYAIVIQKHSSISPTASFQS
IGHELSRFADLLSNKLFPSSIPLYASADKVSSIRDQQKGINDLIEYCRKKRTELPELSYCFKHLVSLQSLKSISRTQVDL
TNDEFLNLMNFVLNLFDSLLSSIETATKNMRTFKELAETSSFIEMSSCFSKVLRAFNLKFQSMKLSSLKEKLRSSSVDKM
SCQLLMLFLPVCEQFINLAESVLDYFINVHNSNLDSLSKISTLFFMVANNGFCSPDLPQEGKSNSGELESGTGLGSGVGA
EDITNTLNEDDDLEELANEEDTANQSDLDESEARELESDMNGVTKDSVVSENENSDSEEENQDLDEEVNDIPEDLSNSLN
EKLWDEPNEEDLLETEQKSNEQSAANNESDLVSKEDDNKALEDKDRQEKEDEEEMSDDVGIDDEIQPDIQENNSQPPPEN
EDHLDLPEDLKLDEKEGDVSKDSDLEDMDMEAADENKEEADAEKDEPMQDFEDPLEENNTLDEDIQQDDFSDLAEDDEKM
NEDGFEENVQENEESTEDGVKSDEELEQGEVPEDQAIDNHPKMDAKSTFASAEADEENTDKGIVGENEELGEEDGAAESG
VRGNGTADGEFSSAEQVQKGEDTSTPKEAMSEADRQYQSLGDHLREWQQANRIHEWEDLTESQSQAFDDSEFMHVKEDEE
EDLQALGNAEKDQIKSIDRDESANQNPDSMNSTNIAEDEADEVGDKQLQDGQDISDIKQTGEDTLPTEFGSINQSEKVFE
LSEDEDIEDELPDYNVKITNLPAAMPIDEARDLWNKHEDSTKQLSIELCEQLRLILEPTLATKMQGDFRTGKRLNMKRII
PYIASQFKKDKIWMRRVKPSKRTYQVMISIDDSKSMSESGSTVLALETLALVTKALSLLEVGQIAVMKFGEQPELLHPFD
KQFSSESGVQMFSHFTFEQSNTNVLALADASMKCFNYANTASHHRSNSDIRQLEIIISDGICEDHDSIRKLLRRAQEEKV
MIVFVILDNVNTQKKSSILDIKKVYYDTKEDGTMDLKIQPYIDEFAFDYYLVVRNIEELPQLLSSALRQWFQQMSNT
;
_entity_poly.pdbx_strand_id   A
#
# COMPACT_ATOMS: atom_id res chain seq x y z
N ASP A 2 32.25 39.66 43.99
CA ASP A 2 32.97 38.46 44.37
C ASP A 2 32.33 37.21 43.75
N VAL A 3 31.98 36.25 44.59
CA VAL A 3 31.58 34.93 44.09
C VAL A 3 30.18 34.90 43.51
N LEU A 4 29.47 36.03 43.50
CA LEU A 4 28.16 36.10 42.86
C LEU A 4 28.25 36.08 41.35
N ILE A 5 29.46 36.21 40.80
CA ILE A 5 29.68 35.91 39.39
C ILE A 5 29.50 34.43 39.12
N GLU A 6 29.48 33.62 40.19
CA GLU A 6 28.87 32.30 40.25
C GLU A 6 27.57 32.26 39.47
N TRP A 7 26.63 33.14 39.80
CA TRP A 7 25.42 33.19 38.99
C TRP A 7 25.49 34.25 37.92
N VAL A 8 26.68 34.44 37.31
CA VAL A 8 26.96 35.59 36.44
C VAL A 8 26.02 35.64 35.24
N ALA A 9 26.08 34.65 34.35
CA ALA A 9 25.18 34.68 33.22
C ALA A 9 23.88 33.97 33.50
N ILE A 10 23.62 33.62 34.76
CA ILE A 10 22.42 32.89 35.16
C ILE A 10 21.21 33.77 34.92
N TYR A 11 21.15 34.89 35.62
CA TYR A 11 20.24 35.96 35.27
C TYR A 11 20.90 36.81 34.21
N PRO A 12 20.25 37.85 33.76
CA PRO A 12 20.86 38.72 32.76
C PRO A 12 21.95 39.61 33.33
N GLN A 13 22.36 40.60 32.56
CA GLN A 13 23.59 41.35 32.82
C GLN A 13 23.48 42.35 33.96
N ILE A 14 22.43 42.24 34.78
CA ILE A 14 22.36 42.93 36.06
C ILE A 14 23.61 42.66 36.87
N TYR A 15 24.01 41.39 36.95
CA TYR A 15 25.26 41.06 37.62
C TYR A 15 26.46 41.62 36.87
N ASP A 16 26.40 41.63 35.54
CA ASP A 16 27.47 42.26 34.76
C ASP A 16 27.49 43.76 34.96
N ILE A 17 26.33 44.37 35.21
CA ILE A 17 26.32 45.80 35.46
C ILE A 17 26.87 46.09 36.84
N LEU A 18 26.57 45.24 37.82
CA LEU A 18 27.12 45.38 39.16
C LEU A 18 28.62 45.20 39.13
N GLU A 19 29.11 44.34 38.24
CA GLU A 19 30.54 44.25 37.99
C GLU A 19 31.07 45.54 37.38
N HIS A 20 30.30 46.13 36.45
CA HIS A 20 30.74 47.36 35.80
C HIS A 20 30.73 48.55 36.75
N ILE A 21 30.05 48.44 37.90
CA ILE A 21 30.30 49.39 38.97
C ILE A 21 31.73 49.25 39.47
N ASN A 22 32.08 48.06 39.97
CA ASN A 22 33.43 47.81 40.45
C ASN A 22 33.66 46.31 40.48
N TYR A 23 34.63 45.82 39.70
CA TYR A 23 34.99 44.41 39.75
C TYR A 23 36.41 44.22 39.25
N VAL A 24 37.00 43.09 39.65
CA VAL A 24 38.36 42.75 39.27
C VAL A 24 38.39 41.30 38.80
N PRO A 25 39.51 40.81 38.34
CA PRO A 25 39.57 39.41 37.89
C PRO A 25 40.09 38.44 38.94
N SER A 26 40.02 37.16 38.61
CA SER A 26 40.67 36.08 39.33
C SER A 26 41.03 35.01 38.29
N ASN A 27 41.33 33.80 38.74
CA ASN A 27 41.65 32.76 37.78
C ASN A 27 40.39 32.29 37.06
N THR A 28 39.48 31.69 37.81
CA THR A 28 38.26 31.19 37.20
C THR A 28 37.26 32.30 36.94
N LEU A 29 37.41 33.44 37.62
CA LEU A 29 36.52 34.57 37.37
C LEU A 29 36.79 35.16 36.00
N GLN A 30 38.04 35.56 35.76
CA GLN A 30 38.41 36.03 34.43
C GLN A 30 38.37 34.92 33.40
N ARG A 31 38.40 33.67 33.83
CA ARG A 31 37.99 32.61 32.91
C ARG A 31 36.53 32.78 32.55
N LEU A 32 35.69 33.13 33.51
CA LEU A 32 34.24 33.06 33.28
C LEU A 32 33.73 34.31 32.57
N ARG A 33 33.81 35.45 33.24
CA ARG A 33 33.03 36.60 32.79
C ARG A 33 33.64 37.29 31.59
N LEU A 34 34.91 37.04 31.31
CA LEU A 34 35.59 37.83 30.30
C LEU A 34 35.33 37.32 28.90
N HIS A 35 34.45 36.33 28.73
CA HIS A 35 34.27 35.72 27.43
C HIS A 35 33.30 36.48 26.55
N GLN A 36 33.10 37.77 26.78
CA GLN A 36 32.09 38.57 26.09
C GLN A 36 32.40 38.75 24.61
N PRO A 37 31.48 39.34 23.83
CA PRO A 37 31.58 39.26 22.37
C PRO A 37 32.70 40.07 21.75
N TRP A 38 33.35 40.96 22.50
CA TRP A 38 34.48 41.74 21.98
C TRP A 38 35.25 42.33 23.14
N SER A 39 36.56 42.06 23.18
CA SER A 39 37.47 42.65 24.15
C SER A 39 38.89 42.49 23.59
N LYS A 40 39.89 42.64 24.45
CA LYS A 40 41.22 42.09 24.21
C LYS A 40 41.75 41.66 25.56
N ILE A 41 42.19 40.42 25.67
CA ILE A 41 42.21 39.77 26.97
C ILE A 41 43.44 40.18 27.77
N ASP A 42 44.62 39.75 27.30
CA ASP A 42 45.94 40.14 27.80
C ASP A 42 46.21 39.83 29.27
N TYR A 43 45.28 39.20 29.96
CA TYR A 43 45.46 38.71 31.32
C TYR A 43 45.60 37.20 31.35
N ASP A 44 44.72 36.50 30.64
CA ASP A 44 44.87 35.08 30.33
C ASP A 44 44.43 34.88 28.89
N VAL A 45 45.39 34.96 27.97
CA VAL A 45 45.08 34.77 26.56
C VAL A 45 45.40 33.34 26.16
N TRP A 46 45.64 32.49 27.15
CA TRP A 46 45.51 31.06 26.97
C TRP A 46 44.21 30.71 26.26
N PHE A 47 43.11 31.33 26.71
CA PHE A 47 41.78 31.01 26.11
C PHE A 47 41.72 31.34 24.61
N LEU A 48 42.27 32.48 24.17
CA LEU A 48 42.15 32.86 22.73
C LEU A 48 43.48 32.83 21.96
N TYR A 49 44.57 32.37 22.57
CA TYR A 49 45.89 32.35 21.88
C TYR A 49 45.88 31.42 20.66
N ALA A 50 45.25 30.24 20.81
CA ALA A 50 45.16 29.17 19.83
C ALA A 50 44.34 28.00 20.38
N SER A 51 43.91 27.10 19.51
CA SER A 51 43.20 25.91 20.00
C SER A 51 44.02 24.62 19.92
N ASP A 52 45.27 24.70 19.51
CA ASP A 52 46.22 23.61 19.61
C ASP A 52 46.56 23.34 21.07
N GLU A 53 47.52 22.42 21.30
CA GLU A 53 47.88 21.94 22.63
C GLU A 53 48.38 23.03 23.56
N ILE A 54 48.67 24.22 23.01
CA ILE A 54 48.67 25.44 23.77
C ILE A 54 47.32 25.56 24.45
N ARG A 55 46.26 25.80 23.69
CA ARG A 55 44.97 25.94 24.36
C ARG A 55 44.36 24.59 24.66
N GLU A 56 44.61 23.60 23.81
CA GLU A 56 44.11 22.26 24.10
C GLU A 56 44.82 21.60 25.26
N THR A 57 45.92 22.17 25.75
CA THR A 57 46.65 21.55 26.83
C THR A 57 47.22 22.56 27.83
N CYS A 58 46.54 23.69 28.05
CA CYS A 58 47.20 24.65 28.92
C CYS A 58 47.06 24.31 30.40
N LYS A 59 45.89 24.64 30.96
CA LYS A 59 45.56 24.50 32.37
C LYS A 59 44.17 25.08 32.55
N VAL A 60 43.64 24.88 33.75
CA VAL A 60 42.55 25.68 34.30
C VAL A 60 42.62 25.52 35.81
N LYS A 61 42.63 26.63 36.52
CA LYS A 61 42.82 26.59 37.96
C LYS A 61 41.48 26.44 38.65
N TYR A 62 41.32 25.33 39.40
CA TYR A 62 40.28 25.17 40.42
C TYR A 62 38.86 25.24 39.84
N TYR A 63 38.56 24.32 38.93
CA TYR A 63 37.35 24.42 38.11
C TYR A 63 36.08 24.20 38.92
N GLY A 64 36.07 23.18 39.76
CA GLY A 64 35.04 23.06 40.77
C GLY A 64 35.78 23.15 42.07
N GLU A 65 36.72 24.10 42.12
CA GLU A 65 37.86 24.12 43.06
C GLU A 65 38.72 22.87 42.91
N THR A 66 38.88 22.41 41.67
CA THR A 66 39.83 21.37 41.32
C THR A 66 40.44 21.70 39.96
N LYS A 67 41.74 21.45 39.82
CA LYS A 67 42.52 22.01 38.71
C LYS A 67 42.57 21.01 37.56
N THR A 68 41.59 21.08 36.68
CA THR A 68 41.63 20.37 35.40
C THR A 68 42.46 21.17 34.41
N TYR A 69 42.37 20.83 33.13
CA TYR A 69 43.18 21.52 32.13
C TYR A 69 42.30 22.01 31.00
N GLY A 70 42.00 23.31 30.99
CA GLY A 70 41.50 23.97 29.81
C GLY A 70 40.09 23.63 29.39
N GLU A 71 39.83 22.35 29.15
CA GLU A 71 38.55 21.86 28.69
C GLU A 71 37.57 21.60 29.81
N VAL A 72 37.76 22.26 30.96
CA VAL A 72 36.78 22.26 32.03
C VAL A 72 35.61 23.16 31.68
N PHE A 73 35.71 23.83 30.51
CA PHE A 73 34.54 24.32 29.81
C PHE A 73 33.45 23.25 29.72
N VAL A 74 33.82 22.01 29.41
CA VAL A 74 32.83 20.95 29.43
C VAL A 74 32.40 20.62 30.85
N LEU A 75 33.24 20.92 31.83
CA LEU A 75 32.79 20.87 33.21
C LEU A 75 31.80 21.99 33.50
N GLU A 76 31.89 23.10 32.76
CA GLU A 76 31.10 24.28 33.05
C GLU A 76 29.97 24.53 32.08
N ASN A 77 30.08 24.09 30.82
CA ASN A 77 29.01 24.36 29.86
C ASN A 77 27.96 23.25 29.89
N GLU A 78 27.83 22.59 31.03
CA GLU A 78 26.60 21.90 31.38
C GLU A 78 26.20 22.39 32.77
N ARG A 79 27.19 22.73 33.60
CA ARG A 79 26.92 23.19 34.95
C ARG A 79 26.17 24.50 34.93
N ILE A 80 26.54 25.39 34.02
CA ILE A 80 25.77 26.61 33.85
C ILE A 80 24.45 26.33 33.15
N SER A 81 24.39 25.27 32.34
CA SER A 81 23.15 25.01 31.62
C SER A 81 22.08 24.42 32.53
N GLN A 82 22.48 23.71 33.59
CA GLN A 82 21.50 23.24 34.57
C GLN A 82 20.93 24.41 35.35
N LEU A 83 21.74 25.42 35.61
CA LEU A 83 21.23 26.65 36.20
C LEU A 83 20.30 27.37 35.23
N HIS A 84 20.63 27.36 33.94
CA HIS A 84 19.77 28.00 32.95
C HIS A 84 18.46 27.25 32.76
N ARG A 85 18.44 25.96 33.07
CA ARG A 85 17.18 25.24 33.14
C ARG A 85 16.42 25.57 34.42
N LEU A 86 17.13 25.66 35.55
CA LEU A 86 16.49 25.91 36.83
C LEU A 86 15.90 27.30 36.89
N PHE A 87 16.42 28.23 36.11
CA PHE A 87 15.86 29.58 36.11
C PHE A 87 14.62 29.70 35.25
N VAL A 88 14.16 28.62 34.63
CA VAL A 88 12.81 28.60 34.05
C VAL A 88 11.75 28.34 35.11
N SER A 89 12.15 28.16 36.36
CA SER A 89 11.22 28.05 37.46
C SER A 89 11.59 29.02 38.56
N GLU A 94 8.15 36.22 37.73
CA GLU A 94 8.14 35.42 38.94
C GLU A 94 9.19 35.90 39.94
N ARG A 95 9.60 35.01 40.82
CA ARG A 95 10.58 35.33 41.84
C ARG A 95 12.01 35.20 41.35
N ALA A 96 12.22 35.22 40.03
CA ALA A 96 13.57 35.20 39.49
C ALA A 96 14.34 36.44 39.92
N GLU A 97 13.70 37.60 39.87
CA GLU A 97 14.34 38.81 40.36
C GLU A 97 14.48 38.79 41.87
N HIS A 98 13.60 38.08 42.57
CA HIS A 98 13.78 37.88 44.00
C HIS A 98 15.03 37.06 44.26
N LEU A 99 15.30 36.09 43.40
CA LEU A 99 16.54 35.34 43.50
C LEU A 99 17.74 36.20 43.13
N LYS A 100 17.57 37.14 42.20
CA LYS A 100 18.69 37.99 41.83
C LYS A 100 19.02 38.99 42.93
N ASN A 101 17.99 39.51 43.57
CA ASN A 101 18.20 40.42 44.69
C ASN A 101 18.71 39.67 45.91
N LEU A 102 18.26 38.43 46.09
CA LEU A 102 18.88 37.56 47.07
C LEU A 102 20.35 37.35 46.75
N LEU A 103 20.65 37.16 45.47
CA LEU A 103 22.00 36.86 45.04
C LEU A 103 22.93 38.06 45.17
N PHE A 104 22.40 39.27 45.25
CA PHE A 104 23.24 40.44 45.39
C PHE A 104 23.66 40.72 46.82
N ASP A 105 23.61 39.70 47.68
CA ASP A 105 23.76 39.75 49.13
C ASP A 105 25.14 40.21 49.61
N ALA A 106 26.09 40.62 48.78
CA ALA A 106 27.27 41.28 49.29
C ALA A 106 27.25 42.75 48.87
N LEU A 111 23.98 46.83 47.98
CA LEU A 111 22.81 47.68 48.20
C LEU A 111 22.79 48.80 47.20
N PRO A 112 23.19 48.50 45.97
CA PRO A 112 23.25 49.55 44.93
C PRO A 112 21.89 49.97 44.42
N LEU A 113 21.88 50.77 43.35
CA LEU A 113 20.64 51.28 42.79
C LEU A 113 19.86 50.18 42.10
N VAL A 114 19.32 49.25 42.89
CA VAL A 114 18.56 48.12 42.38
C VAL A 114 17.18 48.63 42.00
N GLU A 115 16.97 48.87 40.71
CA GLU A 115 15.67 49.32 40.27
C GLU A 115 14.74 48.14 40.07
N LEU A 116 13.52 48.26 40.56
CA LEU A 116 12.50 47.30 40.18
C LEU A 116 11.83 47.81 38.91
N GLY A 117 10.74 47.18 38.52
CA GLY A 117 10.02 47.61 37.34
C GLY A 117 8.99 46.58 36.99
N GLY A 118 8.93 46.19 35.72
CA GLY A 118 8.24 44.97 35.38
C GLY A 118 8.96 43.76 35.94
N ASN A 119 10.27 43.68 35.75
CA ASN A 119 11.07 42.68 36.44
C ASN A 119 12.12 43.31 37.36
N VAL A 120 13.12 43.99 36.82
CA VAL A 120 14.25 44.50 37.61
C VAL A 120 15.04 45.44 36.73
N PHE A 121 15.88 46.26 37.34
CA PHE A 121 16.98 46.91 36.64
C PHE A 121 18.02 47.35 37.66
N PHE A 122 19.15 47.80 37.15
CA PHE A 122 20.03 48.63 37.97
C PHE A 122 20.76 49.56 36.99
N ASN A 123 20.17 50.71 36.74
CA ASN A 123 20.79 51.75 35.95
C ASN A 123 21.01 52.91 36.91
N SER A 131 7.35 61.64 33.67
CA SER A 131 6.00 62.17 33.47
C SER A 131 5.01 61.09 33.06
N LEU A 132 5.20 60.49 31.89
CA LEU A 132 4.13 59.78 31.21
C LEU A 132 3.78 58.44 31.85
N VAL A 133 2.90 58.46 32.85
CA VAL A 133 2.55 57.26 33.59
C VAL A 133 1.18 56.75 33.14
N LEU A 134 0.93 55.47 33.39
CA LEU A 134 -0.32 54.81 33.06
C LEU A 134 -0.38 53.47 33.79
N THR A 135 -1.59 52.93 33.86
CA THR A 135 -1.86 51.63 34.47
C THR A 135 -2.84 50.87 33.59
N LYS A 136 -2.53 50.77 32.31
CA LYS A 136 -3.51 50.47 31.28
C LYS A 136 -2.95 49.45 30.32
N SER A 137 -3.42 49.46 29.07
CA SER A 137 -2.71 48.78 27.99
C SER A 137 -1.24 49.20 27.88
N THR A 138 -0.91 50.42 28.32
CA THR A 138 0.49 50.81 28.46
C THR A 138 1.22 49.96 29.48
N GLN A 139 0.54 49.46 30.52
CA GLN A 139 1.22 48.56 31.45
C GLN A 139 1.55 47.24 30.79
N GLU A 140 0.69 46.76 29.90
CA GLU A 140 1.01 45.55 29.14
C GLU A 140 2.09 45.84 28.10
N ASN A 141 2.15 47.06 27.59
CA ASN A 141 3.24 47.41 26.68
C ASN A 141 4.57 47.46 27.41
N LEU A 142 4.59 48.04 28.62
CA LEU A 142 5.80 48.03 29.43
C LEU A 142 6.15 46.61 29.87
N ASN A 143 5.15 45.75 30.01
CA ASN A 143 5.44 44.34 30.23
C ASN A 143 6.08 43.71 29.00
N ARG A 144 5.60 44.08 27.81
CA ARG A 144 6.15 43.50 26.58
C ARG A 144 7.52 44.06 26.24
N ILE A 145 7.92 45.17 26.85
CA ILE A 145 9.23 45.76 26.55
C ILE A 145 10.16 45.79 27.75
N THR A 146 9.78 45.20 28.87
CA THR A 146 10.73 45.01 29.95
C THR A 146 11.71 43.91 29.57
N PRO A 147 11.25 42.91 28.84
CA PRO A 147 12.06 41.73 28.56
C PRO A 147 13.29 41.99 27.72
N TYR A 148 13.10 42.56 26.54
CA TYR A 148 14.24 42.76 25.65
C TYR A 148 15.14 43.89 26.14
N LEU A 149 14.56 44.89 26.81
CA LEU A 149 15.37 45.94 27.40
C LEU A 149 16.18 45.43 28.57
N VAL A 150 15.75 44.34 29.20
CA VAL A 150 16.65 43.66 30.11
C VAL A 150 17.69 42.88 29.32
N GLN A 151 17.28 42.30 28.19
CA GLN A 151 18.16 41.44 27.42
C GLN A 151 19.06 42.22 26.49
N LYS A 152 18.79 43.50 26.28
CA LYS A 152 19.67 44.46 25.62
C LYS A 152 19.92 44.16 24.15
N ARG A 153 19.06 43.37 23.52
CA ARG A 153 19.02 43.35 22.08
C ARG A 153 18.45 44.68 21.58
N PRO A 154 18.73 45.05 20.34
CA PRO A 154 18.05 46.21 19.75
C PRO A 154 16.57 45.89 19.58
N ILE A 155 15.71 46.79 20.04
CA ILE A 155 14.27 46.57 20.01
C ILE A 155 13.66 47.42 18.92
N LEU A 156 12.37 47.25 18.67
CA LEU A 156 11.63 48.18 17.85
C LEU A 156 10.19 48.21 18.37
N LEU A 157 9.30 48.84 17.60
CA LEU A 157 7.92 49.00 18.01
C LEU A 157 7.11 49.37 16.77
N ALA A 158 6.06 48.59 16.50
CA ALA A 158 5.31 48.76 15.26
C ALA A 158 3.81 48.70 15.51
N GLU A 161 -0.70 54.00 14.70
CA GLU A 161 -0.19 55.35 14.88
C GLU A 161 -0.85 56.07 16.05
N GLY A 162 -0.06 56.88 16.74
CA GLY A 162 -0.60 57.71 17.80
C GLY A 162 -0.72 57.05 19.15
N ILE A 163 -0.03 55.93 19.38
CA ILE A 163 -0.04 55.31 20.70
C ILE A 163 0.93 55.95 21.66
N GLY A 164 1.67 56.97 21.23
CA GLY A 164 2.69 57.57 22.08
C GLY A 164 3.89 56.67 22.26
N LYS A 165 4.24 55.92 21.21
CA LYS A 165 5.33 54.97 21.31
C LYS A 165 6.65 55.68 21.54
N LYS A 166 6.85 56.84 20.92
CA LYS A 166 8.01 57.65 21.23
C LYS A 166 7.93 58.15 22.67
N PHE A 167 6.73 58.51 23.12
CA PHE A 167 6.57 58.88 24.52
C PHE A 167 6.69 57.68 25.43
N LEU A 168 6.30 56.51 24.93
CA LEU A 168 6.48 55.28 25.70
C LEU A 168 7.95 55.02 25.95
N ILE A 169 8.75 55.14 24.90
CA ILE A 169 10.18 54.92 25.05
C ILE A 169 10.79 56.04 25.86
N THR A 170 10.24 57.24 25.75
CA THR A 170 10.78 58.38 26.48
C THR A 170 10.57 58.21 27.97
N GLN A 171 9.36 57.88 28.39
CA GLN A 171 9.11 57.62 29.79
C GLN A 171 9.77 56.34 30.27
N ILE A 172 10.00 55.38 29.36
CA ILE A 172 10.75 54.18 29.72
C ILE A 172 12.18 54.55 30.07
N ALA A 173 12.77 55.45 29.28
CA ALA A 173 14.10 55.95 29.58
C ALA A 173 14.10 56.80 30.82
N ALA A 174 12.96 57.44 31.11
CA ALA A 174 12.85 58.19 32.35
C ALA A 174 12.83 57.27 33.55
N LYS A 175 12.25 56.08 33.40
CA LYS A 175 12.39 55.06 34.43
C LYS A 175 13.84 54.65 34.59
N LEU A 176 14.60 54.68 33.51
CA LEU A 176 16.03 54.50 33.58
C LEU A 176 16.72 55.81 33.95
N GLY A 177 18.05 55.77 33.99
CA GLY A 177 18.84 56.97 34.17
C GLY A 177 19.42 57.38 32.84
N GLN A 178 18.63 57.29 31.79
CA GLN A 178 19.12 57.42 30.44
C GLN A 178 18.42 58.55 29.72
N GLN A 179 19.16 59.21 28.83
CA GLN A 179 18.69 60.36 28.07
C GLN A 179 18.59 59.95 26.62
N ILE A 180 17.37 59.84 26.13
CA ILE A 180 17.16 59.31 24.80
C ILE A 180 17.39 60.41 23.78
N ILE A 181 18.63 60.54 23.32
CA ILE A 181 18.90 61.30 22.11
C ILE A 181 18.13 60.66 20.97
N ARG A 182 17.26 61.42 20.36
CA ARG A 182 16.27 60.90 19.44
C ARG A 182 16.58 61.41 18.04
N ILE A 183 17.44 60.70 17.34
CA ILE A 183 17.77 61.08 15.96
C ILE A 183 16.64 60.62 15.05
N HIS A 184 16.02 61.57 14.37
CA HIS A 184 15.03 61.26 13.35
C HIS A 184 15.78 61.14 12.04
N LEU A 185 16.36 59.98 11.81
CA LEU A 185 17.11 59.71 10.59
C LEU A 185 16.17 59.74 9.40
N SER A 186 16.70 60.20 8.27
CA SER A 186 15.87 60.46 7.10
C SER A 186 16.60 60.03 5.85
N ASP A 187 15.86 60.02 4.74
CA ASP A 187 16.39 59.56 3.46
C ASP A 187 17.31 60.56 2.79
N SER A 188 17.70 61.64 3.46
CA SER A 188 18.74 62.53 3.00
C SER A 188 19.92 62.60 3.94
N THR A 189 20.00 61.68 4.91
CA THR A 189 21.03 61.77 5.94
C THR A 189 22.41 61.40 5.39
N ASP A 190 23.40 62.23 5.71
CA ASP A 190 24.79 61.91 5.45
C ASP A 190 25.34 61.11 6.61
N PRO A 191 26.62 60.75 6.60
CA PRO A 191 27.16 60.07 7.78
C PRO A 191 27.64 61.03 8.85
N LYS A 192 27.24 62.30 8.78
CA LYS A 192 27.67 63.31 9.74
C LYS A 192 27.19 63.01 11.16
N MET A 193 25.87 63.03 11.37
CA MET A 193 25.36 62.76 12.71
C MET A 193 25.48 61.28 13.05
N LEU A 194 25.73 60.45 12.05
CA LEU A 194 26.31 59.15 12.31
C LEU A 194 27.70 59.34 12.94
N ILE A 195 28.65 59.87 12.18
CA ILE A 195 30.01 59.88 12.69
C ILE A 195 30.75 61.20 12.50
N GLY A 196 30.23 62.03 11.58
CA GLY A 196 30.85 63.35 11.30
C GLY A 196 31.83 63.26 10.14
N THR A 197 32.10 64.41 9.49
CA THR A 197 33.07 64.49 8.36
C THR A 197 34.24 65.37 8.81
N TYR A 198 35.48 64.91 8.58
CA TYR A 198 36.67 65.70 9.00
C TYR A 198 37.40 66.21 7.75
N THR A 199 37.65 67.53 7.69
CA THR A 199 38.34 68.24 6.58
C THR A 199 37.56 68.15 5.26
N TRP A 208 39.38 65.03 12.17
CA TRP A 208 38.73 64.86 13.50
C TRP A 208 37.26 65.30 13.42
N GLN A 209 36.33 64.34 13.55
CA GLN A 209 34.88 64.65 13.49
C GLN A 209 34.23 64.31 14.83
N PRO A 210 33.44 65.22 15.44
CA PRO A 210 32.81 64.92 16.74
C PRO A 210 31.73 63.83 16.60
N GLY A 211 30.86 63.96 15.59
CA GLY A 211 29.80 63.00 15.37
C GLY A 211 28.74 63.00 16.47
N VAL A 212 27.54 62.57 16.10
CA VAL A 212 26.44 62.56 17.05
C VAL A 212 26.14 61.14 17.50
N LEU A 213 25.87 60.23 16.55
CA LEU A 213 25.67 58.83 16.91
C LEU A 213 26.92 58.25 17.51
N THR A 214 28.08 58.66 17.00
CA THR A 214 29.35 58.30 17.61
C THR A 214 29.50 58.90 18.99
N GLN A 215 28.87 60.05 19.25
CA GLN A 215 28.97 60.62 20.58
C GLN A 215 28.15 59.83 21.58
N ALA A 216 26.95 59.41 21.19
CA ALA A 216 26.14 58.60 22.08
C ALA A 216 26.73 57.21 22.26
N VAL A 217 27.36 56.68 21.22
CA VAL A 217 28.09 55.45 21.37
C VAL A 217 29.27 55.66 22.31
N ILE A 218 29.90 56.83 22.21
CA ILE A 218 31.07 57.18 23.07
C ILE A 218 30.59 57.33 24.52
N THR A 219 29.75 58.34 24.78
CA THR A 219 29.22 58.59 26.16
C THR A 219 28.08 57.61 26.44
N TRP A 222 21.40 55.40 26.38
CA TRP A 222 20.16 55.06 25.64
C TRP A 222 20.03 55.95 24.39
N ILE A 223 19.80 55.34 23.23
CA ILE A 223 19.66 56.09 21.95
C ILE A 223 18.35 55.68 21.27
N LEU A 224 17.74 56.59 20.51
CA LEU A 224 16.49 56.30 19.82
C LEU A 224 16.58 56.84 18.41
N PHE A 225 16.02 56.09 17.48
CA PHE A 225 15.98 56.52 16.10
C PHE A 225 14.56 56.42 15.58
N THR A 226 14.24 57.31 14.64
CA THR A 226 12.90 57.32 14.07
C THR A 226 12.97 57.60 12.59
N ASN A 227 11.84 57.36 11.92
CA ASN A 227 11.72 57.38 10.46
C ASN A 227 12.75 56.47 9.80
N ILE A 228 12.97 55.31 10.41
CA ILE A 228 13.97 54.37 9.92
C ILE A 228 13.48 53.65 8.67
N GLU A 229 12.17 53.55 8.51
CA GLU A 229 11.62 52.71 7.45
C GLU A 229 11.85 53.33 6.07
N HIS A 230 11.64 54.63 5.92
CA HIS A 230 11.82 55.25 4.62
C HIS A 230 13.29 55.56 4.39
N GLU A 234 24.44 52.01 3.06
CA GLU A 234 24.90 53.29 3.66
C GLU A 234 24.42 53.37 5.12
N VAL A 235 23.28 54.03 5.35
CA VAL A 235 22.72 54.18 6.73
C VAL A 235 22.37 52.79 7.26
N LEU A 236 21.81 51.93 6.41
CA LEU A 236 21.45 50.54 6.82
C LEU A 236 22.72 49.79 7.20
N SER A 237 23.79 49.98 6.43
CA SER A 237 25.10 49.32 6.71
C SER A 237 25.63 49.81 8.06
N VAL A 238 25.49 51.10 8.33
CA VAL A 238 25.96 51.71 9.63
C VAL A 238 25.15 51.07 10.76
N LEU A 239 23.84 50.89 10.55
CA LEU A 239 22.96 50.28 11.57
C LEU A 239 23.43 48.83 11.83
N LEU A 240 23.77 48.12 10.75
CA LEU A 240 24.25 46.71 10.87
C LEU A 240 25.56 46.73 11.67
N PRO A 241 26.47 47.70 11.42
CA PRO A 241 27.73 47.75 12.18
C PRO A 241 27.44 48.01 13.67
N LEU A 242 26.55 48.95 13.98
CA LEU A 242 26.18 49.18 15.40
C LEU A 242 25.40 47.96 15.93
N LEU A 243 24.47 47.45 15.11
CA LEU A 243 23.57 46.31 15.45
C LEU A 243 24.30 44.96 15.65
N GLU A 244 25.28 44.65 14.78
CA GLU A 244 25.96 43.32 14.85
C GLU A 244 26.67 43.15 16.20
N LYS A 245 27.32 44.21 16.67
CA LYS A 245 28.05 44.25 17.92
C LYS A 245 28.21 45.70 18.32
N ARG A 246 28.34 45.95 19.62
CA ARG A 246 28.36 47.32 20.10
C ARG A 246 29.67 48.04 19.76
N GLN A 247 29.86 48.31 18.47
CA GLN A 247 31.05 48.98 17.95
C GLN A 247 30.77 49.46 16.54
N LEU A 248 31.52 50.46 16.09
CA LEU A 248 31.20 51.19 14.88
C LEU A 248 32.39 51.19 13.92
N VAL A 249 32.11 51.59 12.69
CA VAL A 249 33.13 51.72 11.66
C VAL A 249 33.53 53.18 11.60
N ILE A 250 34.48 53.57 12.43
CA ILE A 250 35.08 54.89 12.33
C ILE A 250 36.16 54.78 11.26
N PRO A 251 35.88 55.20 10.02
CA PRO A 251 36.83 54.92 8.94
C PRO A 251 38.07 55.80 9.00
N SER A 252 37.90 57.06 9.35
CA SER A 252 39.04 57.99 9.34
C SER A 252 39.92 57.80 10.55
N ARG A 253 39.35 57.91 11.75
CA ARG A 253 40.12 57.76 12.98
C ARG A 253 40.58 56.33 13.18
N GLY A 254 39.85 55.35 12.63
CA GLY A 254 40.32 53.98 12.61
C GLY A 254 40.28 53.29 13.95
N GLU A 255 39.12 53.33 14.61
CA GLU A 255 38.96 52.62 15.88
C GLU A 255 37.49 52.32 16.09
N THR A 256 37.15 51.04 16.18
CA THR A 256 35.83 50.67 16.64
C THR A 256 35.72 51.01 18.11
N ILE A 257 34.51 51.35 18.53
CA ILE A 257 34.28 51.93 19.86
C ILE A 257 33.63 50.87 20.72
N TYR A 258 34.29 50.52 21.81
CA TYR A 258 33.67 49.67 22.82
C TYR A 258 32.55 50.46 23.48
N ALA A 259 31.30 50.06 23.23
CA ALA A 259 30.13 50.78 23.75
C ALA A 259 29.69 50.15 25.06
N LYS A 260 30.45 50.44 26.11
CA LYS A 260 30.41 49.69 27.36
C LYS A 260 29.45 50.28 28.38
N GLY A 261 28.36 50.89 27.94
CA GLY A 261 27.38 51.34 28.88
C GLY A 261 26.02 50.72 28.66
N SER A 262 25.06 51.56 28.31
CA SER A 262 23.65 51.23 28.17
C SER A 262 23.16 51.66 26.81
N PHE A 263 23.85 51.24 25.76
CA PHE A 263 23.77 51.87 24.44
C PHE A 263 22.63 51.30 23.60
N GLN A 264 21.51 50.94 24.24
CA GLN A 264 20.40 50.25 23.61
C GLN A 264 19.73 51.10 22.54
N MET A 265 20.01 50.77 21.28
CA MET A 265 19.71 51.65 20.16
C MET A 265 18.28 51.39 19.66
N PHE A 266 17.31 51.76 20.51
CA PHE A 266 15.92 51.48 20.20
C PHE A 266 15.43 52.37 19.06
N ALA A 267 14.52 51.84 18.27
CA ALA A 267 14.07 52.52 17.07
C ALA A 267 12.55 52.58 17.07
N THR A 268 11.99 53.15 16.00
CA THR A 268 10.54 53.15 15.83
C THR A 268 10.17 53.32 14.37
N SER A 269 9.26 52.47 13.89
CA SER A 269 8.52 52.55 12.63
C SER A 269 7.46 51.47 12.65
N SER A 270 6.35 51.71 11.95
CA SER A 270 5.25 50.76 11.93
C SER A 270 5.14 50.16 10.54
N MET A 271 5.98 49.17 10.28
CA MET A 271 6.07 48.40 9.04
C MET A 271 6.98 47.22 9.34
N LYS A 272 7.43 46.52 8.29
CA LYS A 272 8.56 45.61 8.40
C LYS A 272 9.19 45.46 7.02
N THR A 273 10.30 46.17 6.79
CA THR A 273 11.03 45.98 5.54
C THR A 273 12.54 46.10 5.65
N LYS A 274 13.11 46.26 6.84
CA LYS A 274 14.52 46.59 6.96
C LYS A 274 15.33 45.38 7.37
N ILE A 275 16.66 45.57 7.46
CA ILE A 275 17.54 44.53 7.96
C ILE A 275 17.34 44.32 9.46
N LEU A 276 16.84 45.33 10.17
CA LEU A 276 16.50 45.16 11.58
C LEU A 276 15.35 44.20 11.79
N GLY A 277 14.51 44.01 10.75
CA GLY A 277 13.55 42.92 10.76
C GLY A 277 14.20 41.57 10.97
N GLN A 278 15.42 41.40 10.46
CA GLN A 278 16.23 40.30 10.95
C GLN A 278 16.95 40.67 12.23
N ARG A 279 17.51 41.88 12.28
CA ARG A 279 18.52 42.14 13.29
C ARG A 279 17.94 42.48 14.64
N LEU A 280 16.85 43.27 14.68
CA LEU A 280 16.33 43.82 15.91
C LEU A 280 15.08 43.08 16.35
N TRP A 281 14.99 42.81 17.65
CA TRP A 281 13.90 42.03 18.22
C TRP A 281 12.61 42.84 18.22
N GLN A 282 11.87 42.80 17.11
CA GLN A 282 10.64 43.56 16.94
C GLN A 282 9.61 43.23 18.02
N ILE A 283 8.72 44.18 18.29
CA ILE A 283 7.70 44.03 19.33
C ILE A 283 6.51 44.89 18.91
N LEU A 284 5.33 44.51 19.39
CA LEU A 284 4.06 45.08 18.91
C LEU A 284 3.32 45.72 20.08
N TYR A 288 -5.21 50.99 24.49
CA TYR A 288 -6.64 51.21 24.37
C TYR A 288 -6.90 52.70 24.50
N GLN A 289 -7.21 53.35 23.38
CA GLN A 289 -7.22 54.80 23.33
C GLN A 289 -8.30 55.45 24.18
N PRO A 290 -9.46 54.84 24.40
CA PRO A 290 -10.51 55.53 25.16
C PRO A 290 -10.19 55.67 26.63
N ASP A 291 -9.21 54.93 27.14
CA ASP A 291 -8.71 55.15 28.50
C ASP A 291 -8.02 56.49 28.66
N GLU A 292 -7.69 57.17 27.54
CA GLU A 292 -7.32 58.58 27.55
C GLU A 292 -8.33 59.45 28.30
N CYS A 293 -9.61 59.05 28.27
CA CYS A 293 -10.65 59.68 29.07
C CYS A 293 -10.28 59.78 30.54
N VAL A 294 -9.76 58.69 31.11
CA VAL A 294 -9.32 58.78 32.49
C VAL A 294 -8.01 59.54 32.59
N GLU A 295 -7.18 59.45 31.54
CA GLU A 295 -5.78 59.87 31.62
C GLU A 295 -5.67 61.37 31.82
N VAL A 296 -6.36 62.13 30.97
CA VAL A 296 -6.42 63.57 31.16
C VAL A 296 -7.16 63.91 32.44
N VAL A 297 -8.13 63.06 32.81
CA VAL A 297 -8.75 63.15 34.11
C VAL A 297 -7.72 62.94 35.20
N SER A 298 -6.79 62.01 34.96
CA SER A 298 -5.62 61.94 35.81
C SER A 298 -4.76 63.17 35.66
N THR A 299 -4.57 63.65 34.42
CA THR A 299 -3.57 64.69 34.18
C THR A 299 -4.05 66.05 34.66
N LEU A 300 -5.10 66.56 34.05
CA LEU A 300 -5.69 67.81 34.50
C LEU A 300 -6.63 67.49 35.66
N TYR A 301 -6.27 67.93 36.85
CA TYR A 301 -7.13 67.67 38.01
C TYR A 301 -8.43 68.44 37.92
N PRO A 302 -8.43 69.73 37.64
CA PRO A 302 -9.72 70.44 37.50
C PRO A 302 -10.28 70.35 36.10
N VAL A 303 -10.23 69.18 35.50
CA VAL A 303 -10.99 68.88 34.29
C VAL A 303 -11.72 67.59 34.59
N LEU A 304 -12.06 67.41 35.87
CA LEU A 304 -12.71 66.18 36.32
C LEU A 304 -14.10 65.98 35.74
N SER A 305 -14.69 67.03 35.17
CA SER A 305 -15.89 66.87 34.38
C SER A 305 -15.60 66.05 33.12
N ILE A 306 -16.63 65.37 32.64
CA ILE A 306 -16.56 64.59 31.40
C ILE A 306 -16.93 65.49 30.23
N ILE A 307 -16.96 66.80 30.48
CA ILE A 307 -16.87 67.78 29.40
C ILE A 307 -15.59 67.55 28.62
N CYS A 308 -14.53 67.18 29.31
CA CYS A 308 -13.36 66.53 28.74
C CYS A 308 -13.75 65.35 27.86
N PRO A 309 -14.46 64.37 28.41
CA PRO A 309 -14.88 63.24 27.56
C PRO A 309 -15.90 63.64 26.52
N THR A 310 -16.66 64.69 26.78
CA THR A 310 -17.51 65.24 25.73
C THR A 310 -16.67 65.83 24.62
N LEU A 311 -15.51 66.38 24.94
CA LEU A 311 -14.64 66.86 23.89
C LEU A 311 -13.96 65.71 23.17
N TYR A 312 -13.79 64.59 23.86
CA TYR A 312 -13.32 63.37 23.19
C TYR A 312 -14.36 62.90 22.19
N SER A 313 -15.63 62.97 22.58
CA SER A 313 -16.71 62.68 21.65
C SER A 313 -16.76 63.71 20.54
N VAL A 314 -16.36 64.95 20.82
CA VAL A 314 -16.29 65.97 19.79
C VAL A 314 -15.18 65.63 18.82
N TYR A 315 -14.10 65.05 19.30
CA TYR A 315 -13.03 64.58 18.42
C TYR A 315 -13.52 63.43 17.56
N LYS A 316 -14.34 62.57 18.15
CA LYS A 316 -14.95 61.49 17.37
C LYS A 316 -15.86 62.04 16.29
N ASP A 317 -16.63 63.08 16.62
CA ASP A 317 -17.50 63.70 15.63
C ASP A 317 -16.69 64.45 14.58
N ILE A 318 -15.52 64.96 14.95
CA ILE A 318 -14.62 65.58 13.98
C ILE A 318 -14.08 64.52 13.03
N PHE A 319 -13.79 63.33 13.56
CA PHE A 319 -13.39 62.21 12.71
C PHE A 319 -14.51 61.81 11.77
N ASP A 320 -15.75 61.87 12.25
CA ASP A 320 -16.89 61.49 11.42
C ASP A 320 -17.22 62.55 10.38
N LEU A 321 -16.87 63.81 10.63
CA LEU A 321 -17.01 64.82 9.60
C LEU A 321 -15.91 64.70 8.56
N PHE A 322 -14.68 64.39 9.02
CA PHE A 322 -13.61 64.06 8.09
C PHE A 322 -13.88 62.75 7.39
N SER A 323 -14.57 61.82 8.05
CA SER A 323 -14.87 60.52 7.47
C SER A 323 -16.24 60.01 7.92
N SER A 331 -13.07 68.78 3.28
CA SER A 331 -13.17 68.43 1.86
C SER A 331 -12.09 67.42 1.49
N LYS A 332 -10.99 67.45 2.24
CA LYS A 332 -9.90 66.51 2.06
C LYS A 332 -9.14 66.44 3.38
N ILE A 333 -9.16 65.28 4.03
CA ILE A 333 -8.65 65.14 5.39
C ILE A 333 -7.13 65.08 5.30
N TYR A 334 -6.48 66.23 5.45
CA TYR A 334 -5.02 66.31 5.55
C TYR A 334 -4.57 66.37 7.00
N ARG A 335 -5.37 65.81 7.90
CA ARG A 335 -5.04 65.76 9.31
C ARG A 335 -5.77 64.58 9.93
N ARG A 336 -5.25 64.09 11.05
CA ARG A 336 -5.81 62.95 11.75
C ARG A 336 -5.88 63.27 13.22
N LEU A 337 -7.09 63.30 13.75
CA LEU A 337 -7.29 63.57 15.17
C LEU A 337 -6.72 62.42 15.98
N CYS A 338 -5.85 62.75 16.93
CA CYS A 338 -5.09 61.76 17.67
C CYS A 338 -5.23 62.01 19.16
N LEU A 339 -4.72 61.05 19.94
CA LEU A 339 -4.67 61.23 21.39
C LEU A 339 -3.67 62.30 21.76
N ARG A 340 -2.65 62.52 20.92
CA ARG A 340 -1.84 63.72 21.05
C ARG A 340 -2.67 64.96 20.73
N ASP A 341 -3.51 64.90 19.70
CA ASP A 341 -4.34 66.05 19.36
C ASP A 341 -5.37 66.31 20.44
N PHE A 342 -5.98 65.25 20.98
CA PHE A 342 -6.93 65.41 22.07
C PHE A 342 -6.24 65.89 23.33
N TYR A 343 -4.97 65.50 23.52
CA TYR A 343 -4.21 66.02 24.65
C TYR A 343 -3.90 67.50 24.45
N LYS A 344 -3.66 67.92 23.21
CA LYS A 344 -3.40 69.34 23.00
C LYS A 344 -4.67 70.15 23.13
N PHE A 345 -5.81 69.55 22.78
CA PHE A 345 -7.08 70.20 23.04
C PHE A 345 -7.33 70.30 24.53
N ILE A 346 -6.93 69.27 25.28
CA ILE A 346 -7.00 69.35 26.73
C ILE A 346 -6.06 70.41 27.24
N LYS A 347 -4.95 70.65 26.55
CA LYS A 347 -4.02 71.67 26.96
C LYS A 347 -4.61 73.07 26.75
N ARG A 348 -5.18 73.32 25.58
CA ARG A 348 -5.76 74.63 25.34
C ARG A 348 -7.00 74.85 26.19
N VAL A 349 -7.74 73.79 26.49
CA VAL A 349 -8.87 73.90 27.40
C VAL A 349 -8.39 74.16 28.81
N ALA A 350 -7.23 73.63 29.17
CA ALA A 350 -6.66 73.93 30.47
C ALA A 350 -6.20 75.37 30.54
N PHE A 351 -5.69 75.90 29.44
CA PHE A 351 -5.34 77.30 29.37
C PHE A 351 -6.58 78.17 29.51
N LEU A 352 -7.69 77.69 28.96
CA LEU A 352 -8.96 78.38 29.15
C LEU A 352 -9.38 78.36 30.61
N TYR A 353 -9.34 77.18 31.23
CA TYR A 353 -10.08 76.91 32.46
C TYR A 353 -9.56 77.66 33.68
N HIS A 354 -8.51 78.48 33.55
CA HIS A 354 -8.21 79.45 34.59
C HIS A 354 -9.35 80.45 34.78
N LYS A 355 -10.04 80.80 33.71
CA LYS A 355 -11.22 81.66 33.79
C LYS A 355 -12.40 80.93 34.39
N VAL A 373 -18.62 80.22 26.41
CA VAL A 373 -17.48 79.64 27.09
C VAL A 373 -16.51 79.13 26.04
N PHE A 374 -16.15 77.85 26.14
CA PHE A 374 -15.04 77.27 25.41
C PHE A 374 -15.43 76.74 24.06
N LYS A 375 -16.51 77.26 23.48
CA LYS A 375 -16.80 76.94 22.10
C LYS A 375 -15.71 77.44 21.18
N GLU A 376 -15.16 78.61 21.49
CA GLU A 376 -14.05 79.15 20.72
C GLU A 376 -12.82 78.27 20.79
N ALA A 377 -12.69 77.51 21.88
CA ALA A 377 -11.52 76.66 22.07
C ALA A 377 -11.47 75.56 21.02
N ILE A 378 -12.50 74.72 20.97
CA ILE A 378 -12.55 73.71 19.94
C ILE A 378 -12.77 74.33 18.56
N ASP A 379 -13.29 75.55 18.51
CA ASP A 379 -13.36 76.26 17.23
C ASP A 379 -11.96 76.52 16.68
N MET A 380 -11.00 76.76 17.56
CA MET A 380 -9.61 76.77 17.13
C MET A 380 -9.14 75.37 16.76
N PHE A 381 -9.70 74.33 17.39
CA PHE A 381 -9.22 72.97 17.19
C PHE A 381 -9.67 72.34 15.89
N GLY A 382 -10.24 73.11 14.98
CA GLY A 382 -10.50 72.64 13.65
C GLY A 382 -10.21 73.74 12.66
N ALA A 383 -9.35 74.67 13.07
CA ALA A 383 -9.02 75.80 12.20
C ALA A 383 -8.21 75.38 10.98
N PHE A 384 -7.55 74.24 11.03
CA PHE A 384 -6.90 73.67 9.86
C PHE A 384 -7.95 73.03 8.98
N ILE A 385 -8.67 73.86 8.24
CA ILE A 385 -9.79 73.40 7.41
C ILE A 385 -9.94 74.34 6.22
N PRO A 386 -9.44 73.98 5.04
CA PRO A 386 -9.27 74.96 3.97
C PRO A 386 -10.55 75.43 3.29
N SER A 387 -11.72 74.95 3.70
CA SER A 387 -12.99 75.52 3.28
C SER A 387 -13.70 76.09 4.49
N ARG A 388 -14.10 77.36 4.40
CA ARG A 388 -14.79 78.00 5.51
C ARG A 388 -16.15 77.37 5.76
N ASP A 389 -16.75 76.79 4.72
CA ASP A 389 -17.92 75.94 4.89
C ASP A 389 -17.60 74.74 5.77
N GLY A 390 -16.43 74.13 5.57
CA GLY A 390 -16.02 73.05 6.43
C GLY A 390 -15.76 73.50 7.85
N PHE A 391 -15.26 74.73 8.01
CA PHE A 391 -15.14 75.30 9.34
C PHE A 391 -16.51 75.46 9.99
N ASP A 392 -17.49 75.87 9.20
CA ASP A 392 -18.85 76.01 9.71
C ASP A 392 -19.43 74.67 10.10
N LEU A 393 -19.10 73.62 9.34
CA LEU A 393 -19.60 72.28 9.65
C LEU A 393 -18.96 71.74 10.92
N VAL A 394 -17.67 72.04 11.11
CA VAL A 394 -17.02 71.73 12.37
C VAL A 394 -17.68 72.49 13.49
N VAL A 395 -18.09 73.73 13.23
CA VAL A 395 -18.74 74.53 14.24
C VAL A 395 -20.10 73.96 14.59
N ARG A 396 -20.79 73.41 13.59
CA ARG A 396 -22.10 72.83 13.84
C ARG A 396 -21.97 71.55 14.63
N ASN A 397 -20.96 70.73 14.30
CA ASN A 397 -20.66 69.53 15.08
C ASN A 397 -20.31 69.89 16.51
N VAL A 398 -19.57 70.97 16.67
CA VAL A 398 -19.14 71.38 18.01
C VAL A 398 -20.32 71.89 18.81
N ALA A 399 -21.16 72.71 18.18
CA ALA A 399 -22.32 73.25 18.87
C ALA A 399 -23.34 72.16 19.18
N ILE A 400 -23.35 71.10 18.36
CA ILE A 400 -24.08 69.90 18.74
C ILE A 400 -23.50 69.31 20.01
N GLU A 401 -22.17 69.19 20.08
CA GLU A 401 -21.57 68.75 21.32
C GLU A 401 -21.66 69.82 22.41
N LEU A 402 -21.74 71.09 22.04
CA LEU A 402 -21.85 72.17 23.01
C LEU A 402 -23.31 72.54 23.23
N ASN A 403 -23.53 73.72 23.79
CA ASN A 403 -24.85 74.31 23.98
C ASN A 403 -25.19 75.15 22.75
N ILE A 404 -26.19 76.03 22.88
CA ILE A 404 -26.91 76.69 21.78
C ILE A 404 -26.03 77.55 20.88
N PRO A 405 -26.56 78.00 19.74
CA PRO A 405 -25.71 78.49 18.66
C PRO A 405 -25.19 79.89 18.93
N PRO A 406 -23.92 80.02 19.33
CA PRO A 406 -23.27 81.33 19.32
C PRO A 406 -22.49 81.58 18.05
N GLU A 407 -23.17 81.87 16.94
CA GLU A 407 -22.43 82.26 15.74
C GLU A 407 -21.84 83.65 15.86
N LYS A 408 -22.24 84.41 16.87
CA LYS A 408 -21.55 85.64 17.24
C LYS A 408 -20.06 85.38 17.46
N ALA A 409 -19.74 84.32 18.20
CA ALA A 409 -18.35 83.95 18.41
C ALA A 409 -17.69 83.48 17.11
N LEU A 410 -18.48 82.98 16.17
CA LEU A 410 -17.93 82.38 14.96
C LEU A 410 -17.34 83.41 13.99
N GLN A 411 -17.63 84.70 14.16
CA GLN A 411 -17.01 85.72 13.33
C GLN A 411 -16.67 86.95 14.16
N LEU A 412 -16.11 86.75 15.35
CA LEU A 412 -15.80 87.87 16.23
C LEU A 412 -14.59 88.67 15.76
N SER A 451 -10.64 93.06 11.25
CA SER A 451 -11.09 91.95 12.07
C SER A 451 -10.30 90.68 11.78
N SER A 452 -9.90 90.48 10.53
CA SER A 452 -9.02 89.36 10.20
C SER A 452 -7.67 89.51 10.87
N SER A 453 -7.16 90.75 10.92
CA SER A 453 -5.91 91.01 11.62
C SER A 453 -6.08 90.77 13.11
N LEU A 454 -7.24 91.12 13.65
CA LEU A 454 -7.54 90.85 15.04
C LEU A 454 -7.54 89.35 15.32
N GLY A 455 -8.08 88.56 14.39
CA GLY A 455 -8.10 87.12 14.58
C GLY A 455 -6.72 86.50 14.52
N LEU A 456 -5.90 86.93 13.56
CA LEU A 456 -4.55 86.40 13.46
C LEU A 456 -3.72 86.81 14.66
N LEU A 457 -3.92 88.04 15.14
CA LEU A 457 -3.18 88.49 16.30
C LEU A 457 -3.61 87.73 17.54
N GLU A 458 -4.90 87.42 17.66
CA GLU A 458 -5.35 86.66 18.81
C GLU A 458 -4.82 85.24 18.75
N GLN A 459 -4.73 84.67 17.53
CA GLN A 459 -4.20 83.34 17.38
C GLN A 459 -2.73 83.30 17.73
N LEU A 460 -1.97 84.30 17.28
CA LEU A 460 -0.56 84.36 17.60
C LEU A 460 -0.34 84.64 19.07
N ALA A 461 -1.29 85.34 19.70
CA ALA A 461 -1.24 85.55 21.13
C ALA A 461 -1.42 84.24 21.87
N ALA A 462 -2.41 83.45 21.45
CA ALA A 462 -2.67 82.17 22.08
C ALA A 462 -1.51 81.21 21.89
N GLY A 463 -0.82 81.31 20.75
CA GLY A 463 0.39 80.53 20.55
C GLY A 463 1.52 81.00 21.46
N VAL A 464 1.71 82.31 21.55
CA VAL A 464 2.84 82.87 22.27
C VAL A 464 2.72 82.64 23.77
N GLN A 465 1.49 82.58 24.28
CA GLN A 465 1.34 82.32 25.71
C GLN A 465 1.67 80.89 26.08
N THR A 466 1.65 79.99 25.11
CA THR A 466 1.75 78.57 25.40
C THR A 466 3.16 78.01 25.23
N ASN A 467 4.07 78.79 24.63
CA ASN A 467 5.42 78.37 24.27
C ASN A 467 5.39 77.14 23.36
N GLU A 468 4.82 77.36 22.18
CA GLU A 468 4.75 76.33 21.17
C GLU A 468 5.43 76.83 19.91
N PRO A 469 5.50 76.03 18.85
CA PRO A 469 5.89 76.58 17.56
C PRO A 469 4.67 77.02 16.77
N LEU A 470 4.89 77.92 15.83
CA LEU A 470 3.80 78.43 15.03
C LEU A 470 4.34 78.90 13.69
N LEU A 471 3.52 78.70 12.67
CA LEU A 471 3.79 79.15 11.32
C LEU A 471 2.56 79.88 10.79
N LEU A 472 2.62 80.32 9.55
CA LEU A 472 1.46 80.87 8.87
C LEU A 472 1.72 80.80 7.37
N VAL A 473 1.02 79.94 6.68
CA VAL A 473 1.15 79.84 5.24
C VAL A 473 0.11 80.72 4.58
N GLY A 474 0.54 81.44 3.53
CA GLY A 474 -0.38 82.33 2.81
C GLY A 474 0.11 82.69 1.43
N GLU A 475 -0.13 83.94 1.01
CA GLU A 475 0.34 84.41 -0.29
C GLU A 475 0.82 85.85 -0.31
N THR A 476 0.90 86.53 0.83
CA THR A 476 1.08 87.98 0.83
C THR A 476 2.51 88.40 1.16
N GLY A 477 3.27 87.61 1.91
CA GLY A 477 4.51 88.13 2.46
C GLY A 477 4.25 89.15 3.54
N THR A 478 3.13 89.01 4.24
CA THR A 478 2.73 89.96 5.25
C THR A 478 2.28 89.28 6.52
N GLY A 479 2.28 87.94 6.55
CA GLY A 479 2.26 87.25 7.82
C GLY A 479 3.47 87.59 8.66
N LYS A 480 4.61 87.83 8.00
CA LYS A 480 5.76 88.42 8.68
C LYS A 480 5.47 89.85 9.12
N THR A 481 4.68 90.58 8.33
CA THR A 481 4.32 91.94 8.75
C THR A 481 3.41 91.89 9.96
N THR A 482 2.45 90.97 9.96
CA THR A 482 1.63 90.75 11.14
C THR A 482 2.47 90.29 12.32
N THR A 483 3.51 89.50 12.04
CA THR A 483 4.35 88.96 13.09
C THR A 483 5.14 90.06 13.77
N ILE A 484 5.83 90.89 12.98
CA ILE A 484 6.62 91.97 13.53
C ILE A 484 5.71 93.03 14.14
N GLN A 485 4.53 93.20 13.55
CA GLN A 485 3.51 94.11 14.07
C GLN A 485 3.11 93.72 15.48
N LEU A 486 2.61 92.51 15.64
CA LEU A 486 2.17 92.04 16.95
C LEU A 486 3.33 91.84 17.90
N LEU A 487 4.53 91.64 17.37
CA LEU A 487 5.71 91.57 18.21
C LEU A 487 5.92 92.89 18.93
N ALA A 488 6.06 93.98 18.15
CA ALA A 488 6.29 95.28 18.75
C ALA A 488 5.07 95.76 19.51
N GLY A 489 3.88 95.42 19.01
CA GLY A 489 2.65 95.81 19.67
C GLY A 489 2.45 95.09 20.97
N LEU A 490 3.03 93.90 21.12
CA LEU A 490 3.10 93.40 22.47
C LEU A 490 4.25 94.09 23.16
N LEU A 491 5.47 93.69 22.84
CA LEU A 491 6.62 94.47 23.27
C LEU A 491 7.54 94.73 22.09
N GLY A 492 7.93 93.64 21.42
CA GLY A 492 9.04 93.64 20.52
C GLY A 492 10.27 93.11 21.24
N GLN A 493 10.56 91.83 21.09
CA GLN A 493 11.75 91.29 21.74
C GLN A 493 12.97 91.60 20.90
N LYS A 494 13.04 90.97 19.72
CA LYS A 494 13.84 91.35 18.58
C LYS A 494 13.41 90.46 17.43
N VAL A 495 13.05 91.04 16.30
CA VAL A 495 12.61 90.21 15.19
C VAL A 495 13.84 89.67 14.47
N THR A 496 14.34 88.53 14.94
CA THR A 496 15.47 87.87 14.26
C THR A 496 14.90 87.14 13.05
N VAL A 497 14.68 87.90 11.99
CA VAL A 497 13.97 87.38 10.83
C VAL A 497 14.98 86.67 9.95
N ILE A 498 15.27 85.42 10.27
CA ILE A 498 16.22 84.62 9.50
C ILE A 498 15.48 84.11 8.28
N ASN A 499 15.70 84.74 7.13
CA ASN A 499 15.19 84.22 5.87
C ASN A 499 15.97 82.94 5.56
N MET A 500 15.36 81.80 5.85
CA MET A 500 16.07 80.52 5.89
C MET A 500 15.94 79.76 4.59
N SER A 501 15.95 80.47 3.46
CA SER A 501 15.85 79.83 2.16
C SER A 501 17.12 79.88 1.34
N GLN A 502 18.14 80.62 1.76
CA GLN A 502 19.36 80.76 0.98
C GLN A 502 20.57 80.14 1.68
N GLN A 503 20.90 80.59 2.88
CA GLN A 503 21.92 79.91 3.68
C GLN A 503 21.31 78.62 4.21
N THR A 504 21.74 77.49 3.66
CA THR A 504 20.91 76.29 3.61
C THR A 504 20.62 75.63 4.95
N GLU A 505 21.64 75.12 5.64
CA GLU A 505 21.37 74.39 6.88
C GLU A 505 22.35 74.65 8.02
N SER A 506 23.59 75.06 7.76
CA SER A 506 24.53 75.22 8.85
C SER A 506 24.49 76.63 9.41
N SER A 507 24.38 77.62 8.53
CA SER A 507 24.52 79.02 8.93
C SER A 507 23.43 79.47 9.87
N ASP A 508 22.23 78.90 9.74
CA ASP A 508 21.21 79.08 10.77
C ASP A 508 21.67 78.46 12.07
N MET A 509 22.14 77.22 12.00
CA MET A 509 22.41 76.46 13.21
C MET A 509 23.71 76.90 13.89
N LEU A 510 24.85 76.73 13.21
CA LEU A 510 26.13 76.78 13.91
C LEU A 510 27.24 77.16 12.93
N GLY A 511 28.48 76.90 13.34
CA GLY A 511 29.66 77.18 12.54
C GLY A 511 30.96 76.70 13.16
N GLY A 630 25.88 80.84 15.72
CA GLY A 630 24.66 80.64 14.97
C GLY A 630 23.56 81.60 15.39
N ALA A 631 22.70 81.94 14.42
CA ALA A 631 21.69 82.96 14.65
C ALA A 631 20.63 82.48 15.62
N LEU A 632 20.18 81.23 15.46
CA LEU A 632 19.23 80.67 16.40
C LEU A 632 19.86 80.49 17.77
N VAL A 633 21.16 80.21 17.83
CA VAL A 633 21.83 80.07 19.11
C VAL A 633 21.96 81.43 19.79
N LYS A 634 22.29 82.45 19.01
CA LYS A 634 22.35 83.81 19.55
C LYS A 634 20.98 84.27 19.99
N ALA A 635 19.93 83.79 19.33
CA ALA A 635 18.57 84.11 19.75
C ALA A 635 18.25 83.42 21.07
N VAL A 636 18.48 82.11 21.15
CA VAL A 636 18.06 81.33 22.30
C VAL A 636 18.87 81.68 23.52
N ARG A 637 20.09 82.19 23.35
CA ARG A 637 20.80 82.80 24.45
C ARG A 637 20.39 84.23 24.67
N SER A 638 19.88 84.90 23.64
CA SER A 638 19.57 86.32 23.73
C SER A 638 18.14 86.57 24.18
N GLY A 639 17.17 86.10 23.41
CA GLY A 639 15.80 86.46 23.67
C GLY A 639 15.15 87.23 22.53
N HIS A 640 15.53 86.93 21.30
CA HIS A 640 14.92 87.54 20.14
C HIS A 640 13.65 86.77 19.76
N TRP A 641 13.13 87.06 18.57
CA TRP A 641 12.05 86.27 18.01
C TRP A 641 12.55 85.60 16.73
N VAL A 642 12.54 84.27 16.70
CA VAL A 642 13.10 83.51 15.60
C VAL A 642 12.07 83.40 14.50
N LEU A 643 12.04 84.39 13.61
CA LEU A 643 11.05 84.41 12.52
C LEU A 643 11.66 83.70 11.34
N LEU A 644 11.65 82.37 11.41
CA LEU A 644 12.18 81.54 10.32
C LEU A 644 11.22 81.59 9.15
N ASP A 645 11.48 82.47 8.20
CA ASP A 645 10.60 82.65 7.07
C ASP A 645 10.96 81.68 5.94
N GLU A 646 9.94 81.39 5.12
CA GLU A 646 10.06 80.61 3.89
C GLU A 646 10.58 79.19 4.14
N ILE A 647 10.00 78.54 5.15
CA ILE A 647 10.34 77.15 5.40
C ILE A 647 9.76 76.23 4.34
N ASN A 648 8.80 76.71 3.54
CA ASN A 648 8.26 75.94 2.43
C ASN A 648 9.13 75.97 1.19
N LEU A 649 10.32 76.58 1.25
CA LEU A 649 11.36 76.40 0.24
C LEU A 649 12.67 76.40 1.03
N ALA A 650 13.08 75.22 1.48
CA ALA A 650 14.29 75.06 2.27
C ALA A 650 14.95 73.75 1.84
N SER A 651 15.88 73.28 2.65
CA SER A 651 16.42 71.94 2.46
C SER A 651 16.15 71.13 3.71
N LEU A 652 16.74 69.93 3.79
CA LEU A 652 16.64 69.13 5.00
C LEU A 652 17.56 69.73 6.05
N GLU A 653 17.06 70.80 6.68
CA GLU A 653 17.73 71.48 7.78
C GLU A 653 17.09 71.10 9.10
N THR A 654 16.74 69.81 9.23
CA THR A 654 15.96 69.28 10.33
C THR A 654 16.66 69.37 11.68
N LEU A 655 17.92 69.78 11.71
CA LEU A 655 18.56 70.14 12.96
C LEU A 655 17.85 71.31 13.63
N GLU A 656 17.28 72.22 12.84
CA GLU A 656 16.37 73.22 13.40
C GLU A 656 15.16 72.59 14.05
N PRO A 657 14.55 71.55 13.49
CA PRO A 657 13.48 70.85 14.20
C PRO A 657 13.99 70.13 15.44
N ILE A 658 15.25 69.70 15.43
CA ILE A 658 15.80 69.10 16.63
C ILE A 658 15.99 70.15 17.71
N GLY A 659 16.40 71.36 17.33
CA GLY A 659 16.54 72.42 18.29
C GLY A 659 15.20 72.87 18.82
N GLN A 660 14.16 72.77 18.01
CA GLN A 660 12.79 72.93 18.50
C GLN A 660 12.45 71.82 19.47
N LEU A 661 12.87 70.60 19.17
CA LEU A 661 12.60 69.46 20.03
C LEU A 661 13.41 69.50 21.31
N LEU A 662 14.42 70.37 21.39
CA LEU A 662 15.14 70.55 22.64
C LEU A 662 14.25 71.12 23.72
N SER A 663 13.39 72.06 23.34
CA SER A 663 12.48 72.68 24.29
C SER A 663 11.24 71.81 24.47
N PRO A 682 18.40 75.76 27.54
CA PRO A 682 17.63 76.53 28.52
C PRO A 682 17.10 77.83 27.93
N HIS A 683 16.04 78.39 28.50
CA HIS A 683 15.38 79.56 27.92
C HIS A 683 14.56 80.27 28.98
N LYS A 684 14.17 81.50 28.67
CA LYS A 684 13.23 82.26 29.49
C LYS A 684 11.94 82.58 28.73
N ASN A 685 12.06 83.23 27.56
CA ASN A 685 10.91 83.41 26.67
C ASN A 685 11.45 83.58 25.25
N PHE A 686 11.47 82.48 24.50
CA PHE A 686 11.82 82.59 23.09
C PHE A 686 10.58 82.85 22.27
N ARG A 687 10.76 82.95 20.96
CA ARG A 687 9.64 83.12 20.05
C ARG A 687 10.05 82.53 18.70
N LEU A 688 9.71 81.28 18.45
CA LEU A 688 10.06 80.66 17.19
C LEU A 688 8.95 80.79 16.16
N PHE A 689 8.44 82.01 15.99
CA PHE A 689 7.25 82.22 15.17
C PHE A 689 7.68 82.21 13.71
N GLY A 690 7.81 81.01 13.16
CA GLY A 690 8.20 80.85 11.78
C GLY A 690 7.11 81.29 10.83
N CYS A 691 7.45 81.36 9.54
CA CYS A 691 6.53 81.92 8.55
C CYS A 691 6.65 81.14 7.26
N MET A 692 5.72 80.22 7.03
CA MET A 692 5.68 79.45 5.79
C MET A 692 5.05 80.29 4.69
N ASN A 693 4.86 79.68 3.52
CA ASN A 693 4.16 80.31 2.42
C ASN A 693 3.64 79.24 1.47
N PRO A 694 2.40 78.76 1.64
CA PRO A 694 2.01 77.77 0.64
C PRO A 694 1.44 78.42 -0.61
N GLU A 704 7.60 68.89 3.88
CA GLU A 704 7.99 68.58 5.25
C GLU A 704 6.93 67.69 5.90
N PRO A 705 7.28 66.45 6.21
CA PRO A 705 6.28 65.54 6.80
C PRO A 705 6.38 65.42 8.31
N SER A 706 7.45 65.93 8.91
CA SER A 706 7.58 65.81 10.36
C SER A 706 7.96 67.13 11.01
N PHE A 707 8.65 68.00 10.28
CA PHE A 707 8.85 69.35 10.76
C PHE A 707 7.53 70.11 10.73
N ARG A 708 6.83 70.06 9.59
CA ARG A 708 5.50 70.64 9.45
C ARG A 708 4.43 69.86 10.19
N SER A 709 4.77 68.76 10.85
CA SER A 709 3.87 68.05 11.74
C SER A 709 4.27 68.22 13.20
N ARG A 710 5.12 69.22 13.48
CA ARG A 710 5.56 69.47 14.85
C ARG A 710 5.43 70.93 15.22
N PHE A 711 4.80 71.74 14.37
CA PHE A 711 4.64 73.18 14.62
C PHE A 711 3.16 73.52 14.53
N THR A 712 2.60 74.02 15.64
CA THR A 712 1.17 74.26 15.73
C THR A 712 0.80 75.43 14.83
N GLU A 713 0.37 75.12 13.63
CA GLU A 713 0.27 76.13 12.59
C GLU A 713 -1.09 76.81 12.60
N ILE A 714 -1.12 78.04 12.10
CA ILE A 714 -2.34 78.84 11.98
C ILE A 714 -2.28 79.51 10.62
N TYR A 715 -3.17 79.11 9.72
CA TYR A 715 -3.18 79.67 8.38
C TYR A 715 -3.66 81.10 8.41
N VAL A 716 -3.27 81.85 7.40
CA VAL A 716 -3.74 83.20 7.22
C VAL A 716 -4.94 83.14 6.28
N HIS A 717 -5.79 84.15 6.37
CA HIS A 717 -7.02 84.18 5.58
C HIS A 717 -7.07 85.41 4.69
N ASP A 725 -11.91 98.17 1.91
CA ASP A 725 -10.79 98.11 2.84
C ASP A 725 -9.53 98.61 2.21
N LEU A 726 -9.41 98.53 0.89
CA LEU A 726 -8.31 99.14 0.19
C LEU A 726 -8.33 100.65 0.30
N LEU A 727 -9.49 101.22 0.62
CA LEU A 727 -9.52 102.64 0.95
C LEU A 727 -8.78 102.95 2.23
N SER A 728 -8.76 102.00 3.18
CA SER A 728 -8.03 102.23 4.42
C SER A 728 -6.53 102.26 4.17
N ILE A 729 -6.02 101.26 3.45
CA ILE A 729 -4.60 101.23 3.16
C ILE A 729 -4.25 102.31 2.15
N ILE A 730 -5.20 102.69 1.31
CA ILE A 730 -4.98 103.79 0.38
C ILE A 730 -4.91 105.10 1.14
N GLN A 731 -5.65 105.20 2.24
CA GLN A 731 -5.58 106.39 3.07
C GLN A 731 -4.25 106.44 3.80
N LYS A 732 -3.84 105.30 4.36
CA LYS A 732 -2.59 105.28 5.11
C LYS A 732 -1.39 105.45 4.21
N TYR A 733 -1.50 105.04 2.95
CA TYR A 733 -0.41 105.25 2.02
C TYR A 733 -0.42 106.67 1.49
N ILE A 734 -1.59 107.17 1.09
CA ILE A 734 -1.64 108.42 0.36
C ILE A 734 -1.59 109.60 1.32
N GLY A 735 -2.62 109.73 2.17
CA GLY A 735 -2.76 110.94 2.96
C GLY A 735 -2.95 112.12 2.04
N SER A 736 -1.90 112.90 1.89
CA SER A 736 -1.83 113.93 0.86
C SER A 736 -1.88 113.31 -0.53
N ASN A 741 -7.22 116.16 -0.86
CA ASN A 741 -8.45 116.87 -1.15
C ASN A 741 -9.60 115.91 -1.29
N GLU A 742 -10.81 116.44 -1.47
CA GLU A 742 -11.93 115.61 -1.86
C GLU A 742 -11.79 115.15 -3.30
N HIS A 743 -11.04 115.91 -4.09
CA HIS A 743 -10.47 115.42 -5.33
C HIS A 743 -9.68 114.15 -5.08
N VAL A 744 -8.81 114.17 -4.07
CA VAL A 744 -8.07 112.96 -3.74
C VAL A 744 -8.97 111.90 -3.12
N ILE A 745 -10.14 112.29 -2.61
CA ILE A 745 -11.09 111.27 -2.17
C ILE A 745 -11.74 110.60 -3.37
N ARG A 746 -12.02 111.36 -4.42
CA ARG A 746 -12.44 110.77 -5.68
C ARG A 746 -11.32 109.92 -6.27
N GLU A 747 -10.08 110.32 -6.01
CA GLU A 747 -8.94 109.51 -6.42
C GLU A 747 -8.82 108.25 -5.60
N VAL A 748 -9.22 108.31 -4.33
CA VAL A 748 -9.30 107.10 -3.53
C VAL A 748 -10.32 106.15 -4.12
N ALA A 749 -11.43 106.71 -4.59
CA ALA A 749 -12.41 105.89 -5.31
C ALA A 749 -11.83 105.36 -6.62
N GLU A 750 -10.95 106.13 -7.25
CA GLU A 750 -10.35 105.69 -8.51
C GLU A 750 -9.36 104.56 -8.28
N LEU A 751 -8.50 104.72 -7.27
CA LEU A 751 -7.52 103.69 -6.93
C LEU A 751 -8.21 102.43 -6.47
N TYR A 752 -9.32 102.59 -5.75
CA TYR A 752 -10.12 101.43 -5.37
C TYR A 752 -10.75 100.78 -6.59
N GLN A 753 -11.16 101.60 -7.58
CA GLN A 753 -11.66 101.03 -8.82
C GLN A 753 -10.58 100.26 -9.55
N VAL A 754 -9.33 100.71 -9.42
CA VAL A 754 -8.21 100.01 -10.05
C VAL A 754 -7.99 98.66 -9.37
N ALA A 755 -7.90 98.67 -8.05
CA ALA A 755 -7.70 97.40 -7.36
C ALA A 755 -8.95 96.53 -7.36
N LYS A 756 -10.10 97.08 -7.75
CA LYS A 756 -11.29 96.27 -7.94
C LYS A 756 -11.32 95.67 -9.32
N SER A 757 -10.89 96.43 -10.32
CA SER A 757 -10.72 95.98 -11.69
C SER A 757 -9.44 95.19 -11.89
N LEU A 758 -8.78 94.89 -10.78
CA LEU A 758 -7.85 93.76 -10.69
C LEU A 758 -8.44 92.47 -11.25
N SER A 759 -9.76 92.29 -11.15
CA SER A 759 -10.46 91.11 -11.63
C SER A 759 -10.65 91.09 -13.15
N LEU A 760 -9.87 91.86 -13.90
CA LEU A 760 -10.01 91.95 -15.35
C LEU A 760 -9.26 90.85 -16.09
N ASP A 761 -9.03 89.71 -15.47
CA ASP A 761 -8.45 88.59 -16.18
C ASP A 761 -9.37 87.37 -16.10
N PRO A 772 -0.59 86.30 -8.67
CA PRO A 772 0.08 86.69 -9.92
C PRO A 772 -0.85 87.42 -10.86
N HIS A 773 -0.31 87.84 -12.00
CA HIS A 773 -1.02 88.59 -13.04
C HIS A 773 -1.68 89.82 -12.42
N TYR A 774 -0.81 90.76 -12.02
CA TYR A 774 -1.14 91.97 -11.27
C TYR A 774 -1.76 91.60 -9.91
N THR A 775 -0.92 91.00 -9.09
CA THR A 775 -1.32 90.48 -7.79
C THR A 775 -1.48 91.61 -6.78
N VAL A 776 -1.60 91.24 -5.51
CA VAL A 776 -2.22 92.08 -4.51
C VAL A 776 -1.37 93.27 -4.12
N ARG A 777 -0.22 93.01 -3.53
CA ARG A 777 0.50 94.10 -2.88
C ARG A 777 1.38 94.86 -3.85
N THR A 778 1.23 94.60 -5.15
CA THR A 778 1.82 95.48 -6.15
C THR A 778 1.25 96.88 -6.03
N LEU A 779 -0.03 96.99 -5.67
CA LEU A 779 -0.65 98.30 -5.46
C LEU A 779 -0.01 99.04 -4.30
N SER A 780 0.51 98.31 -3.31
CA SER A 780 1.15 98.95 -2.17
C SER A 780 2.45 99.65 -2.58
N ARG A 781 3.30 98.95 -3.33
CA ARG A 781 4.52 99.57 -3.83
C ARG A 781 4.21 100.66 -4.83
N THR A 782 3.13 100.48 -5.59
CA THR A 782 2.71 101.53 -6.52
C THR A 782 2.29 102.77 -5.78
N LEU A 783 1.58 102.63 -4.66
CA LEU A 783 1.22 103.78 -3.86
C LEU A 783 2.44 104.42 -3.22
N SER A 784 3.43 103.60 -2.87
CA SER A 784 4.67 104.13 -2.34
C SER A 784 5.40 104.97 -3.37
N TYR A 785 5.46 104.49 -4.60
CA TYR A 785 6.16 105.25 -5.64
C TYR A 785 5.36 106.47 -6.05
N VAL A 786 4.03 106.40 -5.95
CA VAL A 786 3.22 107.58 -6.22
C VAL A 786 3.47 108.63 -5.15
N THR A 787 3.64 108.20 -3.91
CA THR A 787 4.08 109.12 -2.86
C THR A 787 5.47 109.63 -3.13
N GLU A 788 6.30 108.83 -3.79
CA GLU A 788 7.68 109.22 -4.03
C GLU A 788 7.74 110.38 -5.02
N ILE A 789 7.16 110.19 -6.19
CA ILE A 789 7.33 111.19 -7.23
C ILE A 789 6.18 112.17 -7.18
N ALA A 790 5.53 112.27 -6.01
CA ALA A 790 4.36 113.11 -5.81
C ALA A 790 4.67 114.58 -6.02
N PRO A 791 5.42 115.21 -5.12
CA PRO A 791 5.84 116.58 -5.37
C PRO A 791 6.94 116.67 -6.38
N ILE A 792 7.74 115.61 -6.50
CA ILE A 792 8.84 115.59 -7.43
C ILE A 792 8.28 115.33 -8.81
N TYR A 793 7.96 116.41 -9.52
CA TYR A 793 7.42 116.40 -10.88
C TYR A 793 6.13 115.59 -10.97
N GLY A 794 5.11 116.03 -10.23
CA GLY A 794 3.88 115.30 -10.35
C GLY A 794 2.62 116.05 -9.95
N LEU A 795 1.62 116.04 -10.82
CA LEU A 795 0.25 116.14 -10.36
C LEU A 795 -0.11 114.84 -9.68
N ARG A 796 -1.06 114.93 -8.74
CA ARG A 796 -1.56 113.74 -7.99
C ARG A 796 -2.20 112.79 -8.99
N ARG A 797 -2.98 113.32 -9.94
CA ARG A 797 -3.60 112.48 -11.00
C ARG A 797 -2.46 111.91 -11.85
N SER A 798 -1.46 112.75 -12.17
CA SER A 798 -0.28 112.33 -12.98
C SER A 798 0.51 111.27 -12.20
N LEU A 799 0.66 111.47 -10.88
CA LEU A 799 1.38 110.51 -10.01
C LEU A 799 0.62 109.17 -10.02
N TYR A 800 -0.71 109.25 -9.98
CA TYR A 800 -1.58 108.03 -10.00
C TYR A 800 -1.37 107.32 -11.33
N GLU A 801 -1.28 108.08 -12.42
CA GLU A 801 -1.05 107.51 -13.78
C GLU A 801 0.31 106.81 -13.79
N GLY A 802 1.31 107.43 -13.16
CA GLY A 802 2.67 106.84 -13.08
C GLY A 802 2.63 105.54 -12.31
N PHE A 803 1.87 105.50 -11.21
CA PHE A 803 1.74 104.27 -10.40
C PHE A 803 1.07 103.20 -11.27
N CYS A 804 0.04 103.61 -12.02
CA CYS A 804 -0.69 102.71 -12.95
C CYS A 804 0.27 102.24 -14.03
N MET A 805 1.13 103.13 -14.51
CA MET A 805 2.10 102.74 -15.53
C MET A 805 2.87 101.51 -15.10
N SER A 806 3.38 101.53 -13.87
CA SER A 806 4.05 100.37 -13.30
C SER A 806 3.10 99.39 -12.63
N PHE A 807 1.80 99.51 -12.89
CA PHE A 807 0.87 98.41 -12.67
C PHE A 807 0.58 97.65 -13.94
N LEU A 808 0.91 98.24 -15.08
CA LEU A 808 0.70 97.65 -16.39
C LEU A 808 1.96 97.73 -17.20
N THR A 809 3.10 97.57 -16.55
CA THR A 809 4.35 97.45 -17.27
C THR A 809 4.44 96.10 -17.96
N LEU A 810 4.16 95.03 -17.23
CA LEU A 810 4.24 93.67 -17.72
C LEU A 810 2.82 93.15 -17.84
N LEU A 811 2.22 93.26 -19.02
CA LEU A 811 0.81 92.93 -19.19
C LEU A 811 0.61 92.38 -20.59
N ASP A 812 -0.67 92.25 -20.98
CA ASP A 812 -1.06 91.68 -22.26
C ASP A 812 -1.77 92.68 -23.15
N HIS A 813 -2.80 93.35 -22.65
CA HIS A 813 -3.61 94.26 -23.45
C HIS A 813 -3.75 95.59 -22.73
N THR A 814 -3.73 96.67 -23.51
CA THR A 814 -3.77 98.03 -22.99
C THR A 814 -5.18 98.54 -22.81
N SER A 815 -6.18 97.69 -22.96
CA SER A 815 -7.52 98.08 -22.53
C SER A 815 -7.56 98.24 -21.02
N GLU A 816 -6.74 97.48 -20.30
CA GLU A 816 -6.50 97.76 -18.89
C GLU A 816 -5.80 99.10 -18.73
N SER A 817 -4.87 99.41 -19.63
CA SER A 817 -4.25 100.73 -19.59
C SER A 817 -5.24 101.80 -20.02
N LEU A 818 -6.14 101.47 -20.94
CA LEU A 818 -7.19 102.39 -21.33
C LEU A 818 -8.09 102.72 -20.15
N LEU A 819 -8.54 101.70 -19.42
CA LEU A 819 -9.39 101.94 -18.27
C LEU A 819 -8.64 102.58 -17.11
N TYR A 820 -7.35 102.30 -17.01
CA TYR A 820 -6.57 102.88 -15.93
C TYR A 820 -6.32 104.36 -16.17
N ASN A 821 -5.94 104.72 -17.39
CA ASN A 821 -5.85 106.13 -17.74
C ASN A 821 -7.23 106.78 -17.77
N HIS A 822 -8.26 106.00 -18.11
CA HIS A 822 -9.63 106.55 -18.17
C HIS A 822 -10.07 106.99 -16.76
N VAL A 823 -9.86 106.13 -15.76
CA VAL A 823 -10.24 106.46 -14.35
C VAL A 823 -9.33 107.58 -13.84
N VAL A 824 -8.01 107.44 -14.03
CA VAL A 824 -7.03 108.45 -13.57
C VAL A 824 -7.28 109.77 -14.32
N ARG A 825 -7.50 109.67 -15.64
CA ARG A 825 -7.75 110.88 -16.47
C ARG A 825 -9.05 111.56 -16.00
N PHE A 826 -10.08 110.77 -15.68
CA PHE A 826 -11.37 111.33 -15.20
C PHE A 826 -11.13 112.06 -13.88
N THR A 827 -10.32 111.48 -13.00
CA THR A 827 -10.00 112.10 -11.69
C THR A 827 -9.26 113.42 -11.92
N LEU A 828 -8.34 113.43 -12.89
CA LEU A 828 -7.57 114.65 -13.23
C LEU A 828 -8.54 115.73 -13.74
N GLY A 829 -9.52 115.33 -14.55
CA GLY A 829 -10.52 116.28 -15.10
C GLY A 829 -11.59 115.56 -15.90
N ASN A 832 -10.97 115.60 -22.87
CA ASN A 832 -10.18 114.57 -22.23
C ASN A 832 -8.92 114.29 -23.03
N ARG A 833 -9.05 114.29 -24.36
CA ARG A 833 -7.88 114.17 -25.22
C ARG A 833 -6.97 115.37 -25.04
N ASP A 834 -7.56 116.56 -24.92
CA ASP A 834 -6.80 117.72 -24.48
C ASP A 834 -6.31 117.54 -23.06
N GLN A 835 -7.08 116.86 -22.20
CA GLN A 835 -6.62 116.64 -20.85
C GLN A 835 -5.49 115.60 -20.81
N GLN A 836 -5.59 114.57 -21.66
CA GLN A 836 -4.51 113.61 -21.76
C GLN A 836 -3.26 114.23 -22.34
N ASN A 837 -3.42 115.22 -23.23
CA ASN A 837 -2.27 115.98 -23.69
C ASN A 837 -1.73 116.88 -22.59
N ALA A 838 -2.61 117.35 -21.71
CA ALA A 838 -2.16 118.14 -20.56
C ALA A 838 -1.41 117.28 -19.57
N ILE A 839 -1.66 115.96 -19.59
CA ILE A 839 -0.84 115.04 -18.82
C ILE A 839 0.57 114.97 -19.41
N LEU A 840 0.72 115.24 -20.71
CA LEU A 840 2.01 115.24 -21.37
C LEU A 840 2.76 116.57 -21.22
N LYS A 841 2.21 117.53 -20.49
CA LYS A 841 2.90 118.80 -20.25
C LYS A 841 3.96 118.56 -19.20
N GLN A 842 5.19 118.35 -19.62
CA GLN A 842 6.30 118.08 -18.72
C GLN A 842 6.95 119.34 -18.19
N ILE A 843 6.43 120.50 -18.54
CA ILE A 843 7.08 121.78 -18.32
C ILE A 843 7.13 122.10 -16.83
N PRO A 844 5.99 122.15 -16.15
CA PRO A 844 6.04 122.36 -14.69
C PRO A 844 6.57 121.15 -13.95
N LYS A 845 6.49 119.97 -14.56
CA LYS A 845 7.11 118.78 -13.99
C LYS A 845 8.62 118.94 -13.93
N VAL A 846 9.25 119.20 -15.07
CA VAL A 846 10.70 119.39 -15.19
C VAL A 846 11.14 120.62 -14.39
N PRO A 847 10.25 121.58 -14.14
CA PRO A 847 10.61 122.68 -13.25
C PRO A 847 10.73 122.22 -11.81
N ASP A 848 11.96 122.08 -11.34
CA ASP A 848 12.24 121.64 -9.97
C ASP A 848 13.67 122.01 -9.57
N TYR A 852 19.75 118.05 -10.85
CA TYR A 852 18.94 116.98 -11.42
C TYR A 852 18.76 117.19 -12.91
N ILE A 853 19.57 116.50 -13.70
CA ILE A 853 19.53 116.64 -15.15
C ILE A 853 18.23 116.05 -15.69
N ALA A 854 17.44 116.88 -16.36
CA ALA A 854 16.12 116.46 -16.78
C ALA A 854 16.20 115.64 -18.07
N PHE A 855 15.15 114.86 -18.29
CA PHE A 855 14.94 114.12 -19.53
C PHE A 855 13.78 114.76 -20.27
N CYS A 856 13.28 114.07 -21.30
CA CYS A 856 12.40 114.70 -22.28
C CYS A 856 11.01 115.06 -21.78
N HIS A 857 10.19 114.07 -21.44
CA HIS A 857 8.77 114.35 -21.25
C HIS A 857 8.20 113.30 -20.31
N TYR A 858 7.44 113.78 -19.31
CA TYR A 858 7.09 113.02 -18.10
C TYR A 858 8.35 112.43 -17.48
N TRP A 859 9.42 113.21 -17.48
CA TRP A 859 10.75 112.67 -17.25
C TRP A 859 11.70 113.80 -16.88
N LEU A 860 12.12 113.85 -15.62
CA LEU A 860 13.19 114.76 -15.24
C LEU A 860 13.96 114.08 -14.12
N ARG A 861 14.99 113.33 -14.50
CA ARG A 861 15.70 112.49 -13.58
C ARG A 861 16.78 113.29 -12.85
N ARG A 862 17.69 112.58 -12.18
CA ARG A 862 18.76 113.22 -11.44
C ARG A 862 19.89 113.60 -12.39
N GLY A 863 21.04 113.95 -11.84
CA GLY A 863 22.17 114.38 -12.66
C GLY A 863 23.39 113.50 -12.56
N GLN A 870 27.40 111.21 -23.59
CA GLN A 870 26.62 111.80 -24.66
C GLN A 870 26.14 110.70 -25.58
N GLU A 871 25.68 111.08 -26.76
CA GLU A 871 24.83 110.23 -27.60
C GLU A 871 25.66 109.18 -28.33
N HIS A 872 25.03 108.49 -29.27
CA HIS A 872 25.65 107.40 -29.99
C HIS A 872 24.97 107.26 -31.35
N TYR A 873 25.39 106.25 -32.10
CA TYR A 873 24.70 105.84 -33.32
C TYR A 873 23.72 104.72 -32.99
N ILE A 874 22.74 105.05 -32.17
CA ILE A 874 21.86 104.07 -31.54
C ILE A 874 20.40 104.32 -31.88
N ILE A 875 20.15 104.78 -33.13
CA ILE A 875 18.91 105.36 -33.65
C ILE A 875 17.65 104.63 -33.22
N THR A 876 16.63 105.39 -32.84
CA THR A 876 15.53 104.88 -32.04
C THR A 876 14.23 104.95 -32.83
N PRO A 877 13.55 103.83 -33.04
CA PRO A 877 12.21 103.86 -33.62
C PRO A 877 11.12 104.11 -32.59
N PHE A 878 9.87 103.96 -33.04
CA PHE A 878 8.70 104.24 -32.21
C PHE A 878 8.65 103.36 -30.97
N VAL A 879 8.58 102.04 -31.17
CA VAL A 879 8.44 101.09 -30.06
C VAL A 879 9.67 101.13 -29.18
N GLN A 880 10.84 101.37 -29.78
CA GLN A 880 12.06 101.51 -29.02
C GLN A 880 12.02 102.72 -28.11
N LYS A 881 11.52 103.85 -28.63
CA LYS A 881 11.39 105.04 -27.80
C LYS A 881 10.36 104.82 -26.71
N ASN A 882 9.33 104.02 -26.98
CA ASN A 882 8.32 103.71 -25.98
C ASN A 882 8.92 102.92 -24.83
N LEU A 883 9.60 101.83 -25.14
CA LEU A 883 10.22 101.02 -24.08
C LEU A 883 11.35 101.78 -23.41
N LEU A 884 12.01 102.67 -24.14
CA LEU A 884 13.08 103.47 -23.57
C LEU A 884 12.52 104.45 -22.55
N ASN A 885 11.40 105.09 -22.87
CA ASN A 885 10.73 105.95 -21.92
C ASN A 885 10.20 105.14 -20.75
N ILE A 886 9.87 103.87 -20.98
CA ILE A 886 9.40 103.02 -19.90
C ILE A 886 10.52 102.76 -18.90
N ALA A 887 11.67 102.33 -19.40
CA ALA A 887 12.82 102.08 -18.53
C ALA A 887 13.32 103.36 -17.89
N ARG A 888 13.17 104.48 -18.59
CA ARG A 888 13.51 105.77 -18.01
C ARG A 888 12.57 106.12 -16.87
N ALA A 889 11.28 105.86 -17.03
CA ALA A 889 10.30 106.13 -15.99
C ALA A 889 10.56 105.25 -14.78
N CYS A 890 11.10 104.07 -15.00
CA CYS A 890 11.69 103.33 -13.90
C CYS A 890 12.87 104.07 -13.32
N SER A 891 13.76 104.58 -14.18
CA SER A 891 15.09 105.00 -13.76
C SER A 891 15.11 106.42 -13.22
N THR A 892 14.32 106.65 -12.18
CA THR A 892 14.55 107.80 -11.32
C THR A 892 14.26 107.51 -9.86
N ARG A 893 13.88 106.29 -9.51
CA ARG A 893 13.28 106.04 -8.21
C ARG A 893 14.25 105.44 -7.21
N MET A 894 14.83 104.27 -7.53
CA MET A 894 15.50 103.36 -6.59
C MET A 894 14.61 103.06 -5.39
N PRO A 896 15.54 98.24 -6.74
CA PRO A 896 16.06 97.37 -7.82
C PRO A 896 15.16 97.41 -9.04
N ILE A 897 15.60 96.81 -10.14
CA ILE A 897 14.83 96.75 -11.37
C ILE A 897 15.34 95.60 -12.23
N LEU A 898 14.44 94.80 -12.77
CA LEU A 898 14.81 93.67 -13.61
C LEU A 898 14.12 93.80 -14.96
N ILE A 899 14.75 93.28 -16.01
CA ILE A 899 14.21 93.44 -17.34
C ILE A 899 14.39 92.16 -18.15
N GLN A 900 13.33 91.38 -18.27
CA GLN A 900 13.41 90.07 -18.92
C GLN A 900 12.91 90.14 -20.36
N GLY A 901 13.33 89.18 -21.16
CA GLY A 901 12.82 89.02 -22.50
C GLY A 901 13.80 88.39 -23.48
N PRO A 902 13.73 88.81 -24.73
CA PRO A 902 14.64 88.26 -25.75
C PRO A 902 15.98 88.97 -25.77
N THR A 903 17.07 88.21 -25.85
CA THR A 903 18.39 88.80 -25.67
C THR A 903 18.85 89.56 -26.90
N SER A 904 18.48 89.08 -28.08
CA SER A 904 18.88 89.72 -29.34
C SER A 904 18.25 91.10 -29.51
N SER A 905 17.14 91.37 -28.84
CA SER A 905 16.46 92.65 -28.93
C SER A 905 17.20 93.78 -28.19
N GLY A 906 18.30 93.49 -27.52
CA GLY A 906 19.10 94.56 -26.96
C GLY A 906 18.55 95.21 -25.71
N LYS A 907 18.49 94.44 -24.62
CA LYS A 907 18.11 95.02 -23.34
C LYS A 907 19.20 95.96 -22.85
N THR A 908 20.45 95.51 -22.86
CA THR A 908 21.51 96.42 -22.49
C THR A 908 21.78 97.45 -23.55
N SER A 909 21.31 97.22 -24.79
CA SER A 909 21.36 98.27 -25.80
C SER A 909 20.53 99.47 -25.36
N MET A 910 19.30 99.22 -24.92
CA MET A 910 18.50 100.30 -24.39
C MET A 910 19.07 100.82 -23.07
N ILE A 911 19.64 99.93 -22.27
CA ILE A 911 20.16 100.34 -20.97
C ILE A 911 21.34 101.27 -21.14
N GLU A 912 22.21 100.98 -22.11
CA GLU A 912 23.29 101.89 -22.38
C GLU A 912 22.84 103.09 -23.21
N TYR A 913 21.75 102.97 -23.96
CA TYR A 913 21.23 104.15 -24.66
C TYR A 913 20.70 105.17 -23.68
N VAL A 914 20.17 104.70 -22.57
CA VAL A 914 19.77 105.61 -21.51
C VAL A 914 20.96 106.02 -20.67
N ALA A 915 21.96 105.16 -20.54
CA ALA A 915 23.17 105.54 -19.80
C ALA A 915 24.01 106.53 -20.57
N LYS A 916 23.78 106.66 -21.88
CA LYS A 916 24.34 107.73 -22.67
C LYS A 916 23.98 109.09 -22.10
N LYS A 917 22.72 109.28 -21.72
CA LYS A 917 22.40 110.33 -20.77
C LYS A 917 23.06 109.98 -19.45
N THR A 918 23.90 110.86 -18.95
CA THR A 918 24.93 110.43 -18.00
C THR A 918 24.38 110.14 -16.61
N GLY A 919 23.46 109.18 -16.52
CA GLY A 919 23.19 108.56 -15.24
C GLY A 919 24.42 107.87 -14.71
N HIS A 920 25.04 107.03 -15.56
CA HIS A 920 26.32 106.38 -15.31
C HIS A 920 26.87 105.69 -16.55
N LYS A 921 27.89 104.83 -16.36
CA LYS A 921 28.33 103.85 -17.35
C LYS A 921 27.65 102.50 -17.14
N PHE A 922 27.53 101.73 -18.22
CA PHE A 922 26.73 100.50 -18.23
C PHE A 922 27.64 99.29 -18.04
N VAL A 923 28.01 99.02 -16.79
CA VAL A 923 28.94 97.93 -16.46
C VAL A 923 28.16 96.63 -16.54
N ARG A 924 28.27 95.94 -17.68
CA ARG A 924 27.47 94.74 -17.98
C ARG A 924 28.19 93.50 -17.47
N ILE A 925 27.94 93.14 -16.21
CA ILE A 925 28.58 91.97 -15.62
C ILE A 925 27.87 90.74 -16.17
N ASN A 926 28.47 90.06 -17.14
CA ASN A 926 27.80 89.03 -17.94
C ASN A 926 28.10 87.65 -17.37
N ASN A 927 27.35 87.27 -16.33
CA ASN A 927 27.50 85.97 -15.69
C ASN A 927 27.04 84.86 -16.63
N HIS A 928 27.94 83.94 -16.98
CA HIS A 928 27.56 82.94 -17.98
C HIS A 928 26.84 81.72 -17.43
N GLU A 929 27.58 80.83 -16.79
CA GLU A 929 26.94 79.65 -16.20
C GLU A 929 27.53 79.22 -14.87
N HIS A 930 28.78 79.54 -14.60
CA HIS A 930 29.42 79.22 -13.34
C HIS A 930 30.27 80.41 -12.95
N THR A 931 29.72 81.61 -13.13
CA THR A 931 30.38 82.82 -12.69
C THR A 931 30.41 82.85 -11.17
N ASP A 932 31.61 82.95 -10.61
CA ASP A 932 31.80 82.88 -9.18
C ASP A 932 31.96 84.29 -8.60
N LEU A 933 32.25 84.33 -7.31
CA LEU A 933 32.29 85.60 -6.58
C LEU A 933 33.45 86.48 -7.01
N GLN A 934 34.50 85.88 -7.60
CA GLN A 934 35.63 86.65 -8.12
C GLN A 934 35.19 87.56 -9.26
N GLU A 935 34.13 87.20 -9.99
CA GLU A 935 33.56 88.14 -10.92
C GLU A 935 32.84 89.27 -10.19
N VAL A 956 31.40 95.60 -6.60
CA VAL A 956 31.74 96.49 -5.50
C VAL A 956 32.38 97.77 -6.02
N GLU A 957 32.96 97.72 -7.22
CA GLU A 957 33.45 98.93 -7.84
C GLU A 957 32.31 99.84 -8.25
N ALA A 958 31.23 99.24 -8.75
CA ALA A 958 30.04 100.03 -9.02
C ALA A 958 29.32 100.38 -7.74
N LEU A 959 29.59 99.65 -6.66
CA LEU A 959 29.01 100.04 -5.39
C LEU A 959 29.72 101.26 -4.81
N ARG A 960 31.03 101.35 -4.98
CA ARG A 960 31.76 102.52 -4.51
C ARG A 960 31.54 103.70 -5.44
N ASN A 961 31.93 103.56 -6.71
CA ASN A 961 31.73 104.60 -7.70
C ASN A 961 30.31 104.57 -8.23
N GLY A 962 30.09 105.22 -9.37
CA GLY A 962 28.81 105.11 -10.04
C GLY A 962 28.88 103.92 -10.97
N TYR A 963 28.83 104.15 -12.29
CA TYR A 963 29.06 103.14 -13.32
C TYR A 963 28.10 101.96 -13.16
N TRP A 964 26.83 102.27 -13.43
CA TRP A 964 25.65 101.48 -13.10
C TRP A 964 25.73 100.04 -13.58
N ILE A 965 25.80 99.11 -12.63
CA ILE A 965 26.06 97.72 -12.96
C ILE A 965 24.78 97.06 -13.44
N VAL A 966 24.96 95.96 -14.15
CA VAL A 966 23.86 95.10 -14.54
C VAL A 966 24.36 93.67 -14.42
N LEU A 967 23.91 92.96 -13.39
CA LEU A 967 24.23 91.53 -13.26
C LEU A 967 23.37 90.79 -14.27
N ASP A 968 23.89 90.69 -15.49
CA ASP A 968 23.10 90.21 -16.61
C ASP A 968 23.06 88.68 -16.61
N GLU A 969 22.10 88.16 -17.38
CA GLU A 969 21.89 86.74 -17.63
C GLU A 969 21.68 85.94 -16.35
N LEU A 970 21.12 86.59 -15.33
CA LEU A 970 20.96 85.99 -14.00
C LEU A 970 20.02 84.82 -13.98
N ASN A 971 19.32 84.54 -15.08
CA ASN A 971 18.58 83.29 -15.26
C ASN A 971 19.49 82.09 -15.00
N LEU A 972 20.64 82.07 -15.66
CA LEU A 972 21.59 80.98 -15.48
C LEU A 972 22.67 81.36 -14.45
N ALA A 973 22.20 81.71 -13.26
CA ALA A 973 23.12 82.09 -12.20
C ALA A 973 23.82 80.85 -11.65
N PRO A 974 24.99 81.02 -11.05
CA PRO A 974 25.71 79.86 -10.53
C PRO A 974 25.31 79.49 -9.12
N THR A 975 24.02 79.65 -8.80
CA THR A 975 23.31 79.01 -7.71
C THR A 975 23.76 79.42 -6.30
N ASP A 976 24.78 80.23 -6.18
CA ASP A 976 25.12 80.82 -4.90
C ASP A 976 25.44 82.29 -4.96
N VAL A 977 25.96 82.79 -6.09
CA VAL A 977 26.09 84.22 -6.26
C VAL A 977 24.72 84.85 -6.45
N LEU A 978 23.75 84.07 -6.91
CA LEU A 978 22.36 84.48 -6.80
C LEU A 978 21.97 84.65 -5.33
N GLU A 979 22.39 83.73 -4.47
CA GLU A 979 22.00 83.79 -3.07
C GLU A 979 22.71 84.92 -2.33
N ALA A 980 24.01 85.09 -2.59
CA ALA A 980 24.71 86.19 -1.94
C ALA A 980 24.31 87.53 -2.55
N LEU A 981 23.91 87.53 -3.82
CA LEU A 981 23.40 88.76 -4.44
C LEU A 981 22.07 89.15 -3.83
N ASN A 982 21.23 88.16 -3.54
CA ASN A 982 20.00 88.44 -2.81
C ASN A 982 20.28 88.84 -1.38
N ARG A 983 21.39 88.36 -0.82
CA ARG A 983 21.84 88.88 0.47
C ARG A 983 22.25 90.34 0.34
N LEU A 984 22.77 90.73 -0.81
CA LEU A 984 23.06 92.14 -1.07
C LEU A 984 21.80 92.93 -1.41
N LEU A 985 20.67 92.26 -1.64
CA LEU A 985 19.39 92.92 -1.76
C LEU A 985 18.62 92.94 -0.43
N ASP A 986 19.33 92.70 0.68
CA ASP A 986 18.73 92.91 1.99
C ASP A 986 18.82 94.38 2.40
N ASP A 987 20.03 94.88 2.51
CA ASP A 987 20.23 96.31 2.65
C ASP A 987 20.15 96.99 1.29
N ASN A 988 20.20 98.32 1.29
CA ASN A 988 20.05 99.05 0.04
C ASN A 988 21.30 98.97 -0.81
N ARG A 989 22.41 99.53 -0.31
CA ARG A 989 23.66 99.55 -1.04
C ARG A 989 24.84 99.31 -0.09
N GLU A 990 24.68 98.35 0.81
CA GLU A 990 25.72 97.99 1.76
C GLU A 990 26.22 96.60 1.42
N LEU A 991 27.52 96.46 1.21
CA LEU A 991 28.12 95.20 0.77
C LEU A 991 29.22 94.82 1.75
N PHE A 992 28.99 93.75 2.51
CA PHE A 992 29.99 93.23 3.43
C PHE A 992 30.82 92.17 2.73
N ILE A 993 32.10 92.45 2.55
CA ILE A 993 33.05 91.45 2.08
C ILE A 993 34.37 91.74 2.80
N PRO A 994 34.91 90.77 3.56
CA PRO A 994 36.11 90.95 4.38
C PRO A 994 37.40 91.03 3.57
N GLN A 997 35.21 96.99 4.79
CA GLN A 997 34.87 95.61 4.48
C GLN A 997 33.41 95.36 4.79
N VAL A 998 32.63 96.43 4.88
CA VAL A 998 31.32 96.41 5.53
C VAL A 998 30.20 96.88 4.59
N LEU A 999 30.40 98.01 3.93
CA LEU A 999 29.28 98.63 3.23
C LEU A 999 29.80 99.50 2.10
N VAL A 1000 28.86 100.04 1.34
CA VAL A 1000 29.19 101.00 0.29
C VAL A 1000 28.35 102.26 0.44
N LYS A 1001 27.03 102.10 0.56
CA LYS A 1001 26.02 103.15 0.60
C LYS A 1001 26.14 104.06 -0.62
N PRO A 1002 25.77 103.58 -1.80
CA PRO A 1002 26.03 104.32 -3.03
C PRO A 1002 25.12 105.51 -3.24
N HIS A 1003 25.58 106.39 -4.12
CA HIS A 1003 24.71 107.36 -4.76
C HIS A 1003 24.02 106.67 -5.93
N PRO A 1004 23.19 107.39 -6.65
CA PRO A 1004 22.40 106.70 -7.68
C PRO A 1004 23.11 106.57 -9.01
N GLU A 1005 23.28 105.33 -9.47
CA GLU A 1005 23.68 105.08 -10.85
C GLU A 1005 22.62 104.30 -11.61
N PHE A 1006 22.37 103.06 -11.19
CA PHE A 1006 21.20 102.21 -11.42
C PHE A 1006 21.53 100.94 -10.66
N MET A 1007 20.65 99.95 -10.65
CA MET A 1007 21.05 98.61 -10.24
C MET A 1007 20.36 97.54 -11.07
N LEU A 1008 20.28 97.74 -12.39
CA LEU A 1008 19.41 96.95 -13.27
C LEU A 1008 19.89 95.51 -13.36
N PHE A 1009 19.06 94.65 -13.97
CA PHE A 1009 19.37 93.24 -14.14
C PHE A 1009 18.53 92.71 -15.29
N ALA A 1010 18.94 91.56 -15.83
CA ALA A 1010 18.30 91.07 -17.05
C ALA A 1010 18.28 89.54 -17.04
N THR A 1011 17.12 88.97 -16.79
CA THR A 1011 16.87 87.56 -17.07
C THR A 1011 16.50 87.42 -18.55
N GLN A 1012 15.98 86.26 -18.93
CA GLN A 1012 15.61 86.03 -20.32
C GLN A 1012 14.13 85.73 -20.41
N ASN A 1013 13.67 85.50 -21.63
CA ASN A 1013 12.26 85.21 -21.91
C ASN A 1013 11.89 83.87 -21.32
N PRO A 1014 11.13 83.86 -20.21
CA PRO A 1014 10.90 82.58 -19.54
C PRO A 1014 9.78 81.77 -20.18
N GLY A 1020 13.06 74.96 -20.00
CA GLY A 1020 13.09 75.54 -18.68
C GLY A 1020 14.49 75.53 -18.10
N ARG A 1021 15.37 76.31 -18.71
CA ARG A 1021 16.79 76.32 -18.34
C ARG A 1021 16.98 77.14 -17.07
N LYS A 1022 16.70 76.47 -15.94
CA LYS A 1022 16.95 76.97 -14.58
C LYS A 1022 16.18 78.27 -14.32
N HIS A 1023 14.86 78.13 -14.25
CA HIS A 1023 13.95 79.24 -13.99
C HIS A 1023 14.30 79.95 -12.68
N LEU A 1024 14.25 81.29 -12.71
CA LEU A 1024 14.69 82.11 -11.60
C LEU A 1024 13.71 82.04 -10.44
N SER A 1025 14.09 82.65 -9.33
CA SER A 1025 13.28 82.62 -8.13
C SER A 1025 12.13 83.60 -8.25
N ARG A 1026 10.91 83.15 -7.92
CA ARG A 1026 9.77 84.05 -7.91
C ARG A 1026 9.82 85.01 -6.73
N ALA A 1027 10.54 84.66 -5.65
CA ALA A 1027 10.85 85.63 -4.62
C ALA A 1027 11.77 86.72 -5.16
N PHE A 1028 12.77 86.33 -5.96
CA PHE A 1028 13.57 87.30 -6.69
C PHE A 1028 12.74 88.00 -7.76
N ARG A 1029 11.81 87.28 -8.38
CA ARG A 1029 10.89 87.91 -9.31
C ARG A 1029 9.73 88.61 -8.61
N ASN A 1030 9.77 88.75 -7.28
CA ASN A 1030 8.87 89.62 -6.55
C ASN A 1030 9.63 90.37 -5.47
N ARG A 1031 10.84 90.81 -5.80
CA ARG A 1031 11.60 91.70 -4.94
C ARG A 1031 12.17 92.88 -5.70
N PHE A 1032 11.77 93.07 -6.96
CA PHE A 1032 12.32 94.13 -7.79
C PHE A 1032 11.25 94.65 -8.73
N LEU A 1033 11.31 95.95 -9.03
CA LEU A 1033 10.31 96.61 -9.86
C LEU A 1033 10.54 96.17 -11.31
N GLU A 1034 9.97 95.01 -11.65
CA GLU A 1034 10.35 94.27 -12.83
C GLU A 1034 9.86 94.96 -14.10
N ILE A 1035 10.23 94.38 -15.24
CA ILE A 1035 9.91 94.93 -16.55
C ILE A 1035 10.07 93.82 -17.56
N HIS A 1036 9.30 93.89 -18.65
CA HIS A 1036 9.35 92.88 -19.73
C HIS A 1036 9.18 93.57 -21.09
N PHE A 1037 9.91 93.09 -22.11
CA PHE A 1037 9.84 93.67 -23.47
C PHE A 1037 10.18 92.60 -24.50
N GLU A 1042 4.61 94.36 -38.98
CA GLU A 1042 5.17 93.93 -40.26
C GLU A 1042 5.87 95.09 -40.97
N ASN A 1043 5.14 96.15 -41.27
CA ASN A 1043 5.74 97.31 -41.90
C ASN A 1043 6.74 98.00 -40.99
N GLU A 1044 6.62 97.78 -39.66
CA GLU A 1044 7.67 98.13 -38.72
C GLU A 1044 9.00 97.49 -39.12
N LEU A 1045 8.98 96.19 -39.39
CA LEU A 1045 10.20 95.54 -39.85
C LEU A 1045 10.60 96.01 -41.23
N GLU A 1046 9.62 96.33 -42.07
CA GLU A 1046 9.90 96.84 -43.40
C GLU A 1046 10.67 98.13 -43.35
N THR A 1047 10.34 98.99 -42.41
CA THR A 1047 11.10 100.20 -42.21
C THR A 1047 12.42 99.92 -41.52
N ILE A 1048 12.44 98.97 -40.57
CA ILE A 1048 13.60 98.76 -39.74
C ILE A 1048 14.76 98.22 -40.56
N LEU A 1049 14.47 97.33 -41.49
CA LEU A 1049 15.54 96.80 -42.31
C LEU A 1049 16.00 97.76 -43.39
N HIS A 1050 15.25 98.83 -43.65
CA HIS A 1050 15.57 99.69 -44.77
C HIS A 1050 16.81 100.54 -44.53
N LYS A 1051 17.31 100.60 -43.30
CA LYS A 1051 18.50 101.40 -43.02
C LYS A 1051 19.67 100.54 -42.55
N ARG A 1052 19.45 99.64 -41.59
CA ARG A 1052 20.50 98.73 -41.13
C ARG A 1052 20.91 97.73 -42.19
N CYS A 1053 20.09 97.56 -43.23
CA CYS A 1053 20.51 96.96 -44.48
C CYS A 1053 20.45 98.02 -45.55
N LYS A 1054 21.09 97.73 -46.67
CA LYS A 1054 20.82 98.48 -47.89
C LYS A 1054 19.38 98.24 -48.30
N PRO A 1057 13.19 98.77 -52.83
CA PRO A 1057 11.75 98.90 -52.56
C PRO A 1057 10.94 97.59 -52.51
N SER A 1058 11.17 96.67 -53.44
CA SER A 1058 10.41 95.42 -53.44
C SER A 1058 11.19 94.19 -52.96
N TYR A 1059 12.51 94.21 -53.10
CA TYR A 1059 13.29 93.07 -52.61
C TYR A 1059 13.16 93.00 -51.09
N ALA A 1060 13.33 94.15 -50.45
CA ALA A 1060 13.22 94.25 -48.99
C ALA A 1060 11.81 94.04 -48.44
N ALA A 1061 10.82 94.64 -49.11
CA ALA A 1061 9.43 94.56 -48.70
C ALA A 1061 8.87 93.14 -48.77
N LYS A 1062 9.23 92.43 -49.83
CA LYS A 1062 8.75 91.08 -50.04
C LYS A 1062 9.43 90.10 -49.10
N ILE A 1063 10.65 90.41 -48.66
CA ILE A 1063 11.31 89.53 -47.70
C ILE A 1063 10.60 89.60 -46.35
N VAL A 1064 10.18 90.79 -45.95
CA VAL A 1064 9.42 90.95 -44.72
C VAL A 1064 8.08 90.26 -44.86
N GLN A 1065 7.45 90.40 -46.03
CA GLN A 1065 6.20 89.72 -46.29
C GLN A 1065 6.37 88.21 -46.28
N VAL A 1066 7.55 87.74 -46.68
CA VAL A 1066 7.81 86.31 -46.68
C VAL A 1066 8.07 85.83 -45.26
N PHE A 1067 8.63 86.68 -44.41
CA PHE A 1067 8.71 86.34 -42.99
C PHE A 1067 7.32 86.20 -42.41
N ARG A 1068 6.43 87.11 -42.81
CA ARG A 1068 5.04 87.03 -42.39
C ARG A 1068 4.38 85.79 -42.95
N GLU A 1069 4.73 85.44 -44.19
CA GLU A 1069 4.17 84.24 -44.86
C GLU A 1069 4.65 82.97 -44.14
N LEU A 1070 5.93 82.94 -43.74
CA LEU A 1070 6.50 81.78 -43.03
C LEU A 1070 5.75 81.57 -41.70
N SER A 1071 5.46 82.68 -40.99
CA SER A 1071 4.73 82.61 -39.71
C SER A 1071 3.33 82.03 -39.94
N LEU A 1072 2.68 82.46 -41.02
CA LEU A 1072 1.32 81.96 -41.37
C LEU A 1072 1.40 80.47 -41.66
N ARG A 1073 2.46 80.04 -42.36
CA ARG A 1073 2.66 78.60 -42.71
C ARG A 1073 2.92 77.80 -41.42
N ARG A 1074 4.03 78.11 -40.74
CA ARG A 1074 4.40 77.40 -39.49
C ARG A 1074 3.64 78.03 -38.31
N ALA A 1087 13.00 80.09 -37.05
CA ALA A 1087 12.43 81.12 -37.91
C ALA A 1087 12.94 82.50 -37.52
N THR A 1088 14.18 82.59 -37.05
CA THR A 1088 14.67 83.78 -36.37
C THR A 1088 14.93 84.92 -37.34
N LEU A 1089 14.47 86.12 -36.96
CA LEU A 1089 14.68 87.29 -37.80
C LEU A 1089 16.10 87.83 -37.69
N ARG A 1090 16.89 87.36 -36.73
CA ARG A 1090 18.32 87.59 -36.80
C ARG A 1090 18.87 86.96 -38.06
N ASP A 1091 18.37 85.77 -38.41
CA ASP A 1091 18.71 85.21 -39.69
C ASP A 1091 18.05 85.96 -40.83
N LEU A 1092 16.99 86.72 -40.58
CA LEU A 1092 16.51 87.60 -41.64
C LEU A 1092 17.47 88.75 -41.86
N PHE A 1093 18.10 89.23 -40.79
CA PHE A 1093 19.12 90.24 -40.98
C PHE A 1093 20.34 89.66 -41.66
N ARG A 1094 20.63 88.40 -41.37
CA ARG A 1094 21.66 87.67 -42.11
C ARG A 1094 21.29 87.55 -43.57
N TRP A 1095 20.01 87.32 -43.84
CA TRP A 1095 19.52 87.23 -45.22
C TRP A 1095 19.65 88.56 -45.93
N ALA A 1096 19.41 89.64 -45.19
CA ALA A 1096 19.48 90.96 -45.79
C ALA A 1096 20.92 91.33 -46.09
N PHE A 1097 21.75 91.40 -45.06
CA PHE A 1097 23.14 91.84 -45.23
C PHE A 1097 23.95 90.84 -46.04
N ARG A 1098 23.53 89.58 -46.05
CA ARG A 1098 24.16 88.59 -46.89
C ARG A 1098 23.89 88.86 -48.35
N GLU A 1099 22.64 89.17 -48.67
CA GLU A 1099 22.21 89.27 -50.05
C GLU A 1099 22.84 90.49 -50.67
N ALA A 1100 23.89 90.26 -51.44
CA ALA A 1100 24.50 91.30 -52.26
C ALA A 1100 23.96 91.27 -53.67
N VAL A 1101 22.67 90.97 -53.80
CA VAL A 1101 22.14 90.42 -55.06
C VAL A 1101 22.06 91.50 -56.13
N GLY A 1102 21.24 92.52 -55.90
CA GLY A 1102 20.87 93.37 -57.00
C GLY A 1102 19.98 92.69 -58.02
N TYR A 1103 19.25 91.65 -57.60
CA TYR A 1103 18.40 90.89 -58.50
C TYR A 1103 17.37 90.17 -57.65
N GLN A 1104 16.09 90.31 -58.00
CA GLN A 1104 15.02 89.75 -57.19
C GLN A 1104 15.05 88.23 -57.19
N GLN A 1105 15.49 87.62 -58.30
CA GLN A 1105 15.63 86.17 -58.32
C GLN A 1105 16.83 85.73 -57.51
N LEU A 1106 17.93 86.47 -57.59
CA LEU A 1106 19.10 86.16 -56.79
C LEU A 1106 18.81 86.36 -55.32
N ALA A 1107 18.09 87.42 -54.97
CA ALA A 1107 17.70 87.62 -53.58
C ALA A 1107 16.70 86.58 -53.14
N GLU A 1108 15.90 86.08 -54.08
CA GLU A 1108 14.99 84.98 -53.78
C GLU A 1108 15.79 83.74 -53.44
N ASN A 1109 16.82 83.45 -54.23
CA ASN A 1109 17.67 82.30 -53.94
C ASN A 1109 18.43 82.49 -52.65
N GLY A 1110 18.76 83.75 -52.33
CA GLY A 1110 19.48 84.02 -51.10
C GLY A 1110 18.64 83.76 -49.88
N TYR A 1111 17.43 84.36 -49.83
CA TYR A 1111 16.52 84.12 -48.73
C TYR A 1111 16.08 82.66 -48.70
N MET A 1112 16.05 82.01 -49.87
CA MET A 1112 15.76 80.59 -49.96
C MET A 1112 16.81 79.78 -49.22
N LEU A 1113 18.06 79.85 -49.67
CA LEU A 1113 19.13 79.01 -49.15
C LEU A 1113 19.40 79.31 -47.68
N LEU A 1114 19.27 80.58 -47.28
CA LEU A 1114 19.38 80.91 -45.88
C LEU A 1114 18.23 80.30 -45.10
N ALA A 1115 17.05 80.32 -45.68
CA ALA A 1115 15.96 79.60 -45.04
C ALA A 1115 16.11 78.11 -45.25
N GLU A 1116 16.72 77.68 -46.35
CA GLU A 1116 16.96 76.26 -46.58
C GLU A 1116 18.22 75.76 -45.91
N ARG A 1117 18.79 76.54 -45.01
CA ARG A 1117 19.87 76.05 -44.16
C ARG A 1117 19.39 74.93 -43.25
N ALA A 1118 18.47 75.24 -42.35
CA ALA A 1118 18.14 74.39 -41.21
C ALA A 1118 17.16 73.31 -41.53
N ARG A 1119 17.03 72.90 -42.79
CA ARG A 1119 15.97 72.00 -43.21
C ARG A 1119 16.14 70.59 -42.67
N ASP A 1120 15.50 70.31 -41.53
CA ASP A 1120 15.57 68.99 -40.94
C ASP A 1120 14.71 67.97 -41.66
N GLN A 1121 13.83 68.41 -42.55
CA GLN A 1121 13.02 67.49 -43.36
C GLN A 1121 12.66 68.18 -44.67
N LYS A 1122 12.49 67.37 -45.72
CA LYS A 1122 12.24 67.90 -47.05
C LYS A 1122 10.83 68.46 -47.19
N ASP A 1123 9.92 68.08 -46.30
CA ASP A 1123 8.56 68.59 -46.33
C ASP A 1123 8.52 70.10 -46.12
N LYS A 1124 9.03 70.54 -44.97
CA LYS A 1124 9.06 71.97 -44.66
C LYS A 1124 9.97 72.72 -45.61
N LEU A 1125 10.99 72.05 -46.15
CA LEU A 1125 11.86 72.66 -47.15
C LEU A 1125 11.09 72.98 -48.42
N ALA A 1126 10.29 72.02 -48.90
CA ALA A 1126 9.46 72.26 -50.08
C ALA A 1126 8.40 73.31 -49.79
N VAL A 1127 7.89 73.31 -48.56
CA VAL A 1127 6.86 74.28 -48.17
C VAL A 1127 7.41 75.69 -48.22
N GLN A 1128 8.58 75.90 -47.62
CA GLN A 1128 9.20 77.21 -47.67
C GLN A 1128 9.65 77.57 -49.06
N GLU A 1129 10.01 76.58 -49.87
CA GLU A 1129 10.37 76.85 -51.26
C GLU A 1129 9.19 77.38 -52.03
N VAL A 1130 8.01 76.81 -51.77
CA VAL A 1130 6.79 77.31 -52.40
C VAL A 1130 6.43 78.69 -51.87
N ILE A 1131 6.67 78.92 -50.57
CA ILE A 1131 6.35 80.21 -49.97
C ILE A 1131 7.23 81.29 -50.57
N GLU A 1132 8.48 80.96 -50.82
CA GLU A 1132 9.36 81.89 -51.50
C GLU A 1132 8.96 82.04 -52.96
N LYS A 1133 8.46 80.97 -53.56
CA LYS A 1133 7.98 81.02 -54.92
C LYS A 1133 6.77 81.93 -55.06
N VAL A 1134 6.00 82.09 -53.97
CA VAL A 1134 4.96 83.09 -53.95
C VAL A 1134 5.54 84.49 -54.05
N MET A 1135 6.74 84.69 -53.54
CA MET A 1135 7.42 85.95 -53.73
C MET A 1135 8.17 85.95 -55.05
N SER A 1164 45.17 67.52 -52.70
CA SER A 1164 43.94 67.75 -51.96
C SER A 1164 43.55 66.53 -51.15
N LYS A 1165 44.03 65.36 -51.60
CA LYS A 1165 43.92 64.05 -50.95
C LYS A 1165 42.49 63.52 -50.85
N VAL A 1166 41.52 64.17 -51.49
CA VAL A 1166 40.12 63.87 -51.27
C VAL A 1166 39.46 63.58 -52.61
N VAL A 1167 38.14 63.37 -52.57
CA VAL A 1167 37.39 62.89 -53.72
C VAL A 1167 36.12 63.70 -53.85
N TRP A 1168 35.91 64.30 -55.02
CA TRP A 1168 34.73 65.12 -55.26
C TRP A 1168 33.47 64.25 -55.24
N THR A 1169 32.34 64.87 -54.92
CA THR A 1169 31.10 64.16 -54.74
C THR A 1169 29.94 65.12 -54.88
N ARG A 1170 28.87 64.68 -55.54
CA ARG A 1170 27.71 65.54 -55.73
C ARG A 1170 26.97 65.79 -54.43
N PRO A 1171 26.55 64.77 -53.67
CA PRO A 1171 25.69 65.02 -52.51
C PRO A 1171 26.39 65.66 -51.32
N MET A 1172 27.70 65.90 -51.39
CA MET A 1172 28.40 66.68 -50.39
C MET A 1172 28.88 68.01 -50.93
N ILE A 1173 28.72 68.25 -52.24
CA ILE A 1173 29.04 69.55 -52.80
C ILE A 1173 28.06 70.58 -52.28
N ARG A 1174 26.81 70.19 -52.03
CA ARG A 1174 25.84 71.06 -51.41
C ARG A 1174 25.88 71.00 -49.90
N LEU A 1175 27.03 70.64 -49.36
CA LEU A 1175 27.46 71.03 -48.02
C LEU A 1175 28.73 71.84 -48.07
N PHE A 1176 29.65 71.47 -48.96
CA PHE A 1176 30.92 72.17 -49.06
C PHE A 1176 30.73 73.59 -49.58
N CYS A 1177 29.80 73.77 -50.50
CA CYS A 1177 29.52 75.11 -51.03
C CYS A 1177 28.90 76.00 -49.98
N LEU A 1178 27.99 75.43 -49.17
CA LEU A 1178 27.35 76.21 -48.12
C LEU A 1178 28.36 76.58 -47.04
N VAL A 1179 29.26 75.67 -46.69
CA VAL A 1179 30.25 76.02 -45.69
C VAL A 1179 31.24 77.03 -46.23
N TRP A 1180 31.51 77.00 -47.54
CA TRP A 1180 32.39 78.00 -48.13
C TRP A 1180 31.75 79.37 -48.10
N ARG A 1181 30.46 79.43 -48.42
CA ARG A 1181 29.74 80.70 -48.41
C ARG A 1181 29.65 81.27 -47.00
N CYS A 1182 29.31 80.40 -46.03
CA CYS A 1182 29.22 80.86 -44.64
C CYS A 1182 30.58 81.21 -44.08
N LEU A 1183 31.64 80.60 -44.60
CA LEU A 1183 32.99 81.01 -44.25
C LEU A 1183 33.29 82.41 -44.76
N LEU A 1184 32.87 82.70 -46.01
CA LEU A 1184 33.08 84.03 -46.56
C LEU A 1184 32.33 85.09 -45.78
N ALA A 1185 31.13 84.78 -45.33
CA ALA A 1185 30.40 85.67 -44.45
C ALA A 1185 30.94 85.66 -43.04
N LYS A 1186 31.76 84.66 -42.69
CA LYS A 1186 32.29 84.45 -41.35
C LYS A 1186 31.17 84.33 -40.32
N GLU A 1187 30.07 83.71 -40.71
CA GLU A 1187 29.01 83.49 -39.76
C GLU A 1187 29.36 82.30 -38.88
N PRO A 1188 28.70 82.17 -37.73
CA PRO A 1188 28.85 80.93 -36.96
C PRO A 1188 28.14 79.80 -37.69
N VAL A 1189 28.80 78.65 -37.79
CA VAL A 1189 28.38 77.56 -38.67
C VAL A 1189 28.41 76.25 -37.91
N LEU A 1190 27.24 75.75 -37.54
CA LEU A 1190 27.14 74.39 -37.02
C LEU A 1190 27.07 73.42 -38.18
N LEU A 1191 26.79 72.15 -37.87
CA LEU A 1191 26.58 71.10 -38.84
C LEU A 1191 25.89 69.98 -38.11
N VAL A 1192 24.72 69.57 -38.57
CA VAL A 1192 23.96 68.55 -37.88
C VAL A 1192 23.53 67.49 -38.87
N CYS A 1197 28.68 61.17 -41.90
CA CYS A 1197 28.12 61.52 -43.19
C CYS A 1197 29.02 62.37 -44.07
N GLY A 1198 30.10 62.94 -43.54
CA GLY A 1198 30.92 63.80 -44.36
C GLY A 1198 31.42 65.05 -43.67
N LYS A 1199 31.16 65.15 -42.35
CA LYS A 1199 31.33 66.40 -41.62
C LYS A 1199 32.80 66.81 -41.56
N THR A 1200 33.61 65.99 -40.90
CA THR A 1200 35.04 66.24 -40.80
C THR A 1200 35.71 66.24 -42.16
N THR A 1201 35.13 65.53 -43.13
CA THR A 1201 35.65 65.54 -44.49
C THR A 1201 35.55 66.92 -45.10
N VAL A 1202 34.37 67.54 -45.03
CA VAL A 1202 34.20 68.87 -45.61
C VAL A 1202 35.01 69.88 -44.84
N CYS A 1203 35.11 69.70 -43.52
CA CYS A 1203 35.90 70.62 -42.70
C CYS A 1203 37.37 70.58 -43.10
N GLN A 1204 37.94 69.38 -43.20
CA GLN A 1204 39.31 69.26 -43.66
C GLN A 1204 39.45 69.65 -45.12
N ILE A 1205 38.37 69.55 -45.90
CA ILE A 1205 38.43 69.98 -47.29
C ILE A 1205 38.59 71.49 -47.37
N LEU A 1206 37.86 72.20 -46.54
CA LEU A 1206 37.93 73.66 -46.56
C LEU A 1206 39.26 74.13 -46.00
N ALA A 1207 39.72 73.51 -44.91
CA ALA A 1207 41.01 73.85 -44.36
C ALA A 1207 42.15 73.46 -45.30
N GLU A 1208 41.91 72.52 -46.20
CA GLU A 1208 42.82 72.33 -47.32
C GLU A 1208 42.74 73.49 -48.28
N CYS A 1209 41.53 73.89 -48.65
CA CYS A 1209 41.35 74.88 -49.70
C CYS A 1209 41.76 76.27 -49.22
N LEU A 1210 41.04 76.80 -48.24
CA LEU A 1210 41.55 77.92 -47.48
C LEU A 1210 42.63 77.37 -46.59
N HIS A 1211 43.90 77.64 -46.95
CA HIS A 1211 45.03 77.09 -46.22
C HIS A 1211 45.06 77.60 -44.78
N LYS A 1212 44.89 76.67 -43.85
CA LYS A 1212 44.57 77.04 -42.47
C LYS A 1212 44.96 75.88 -41.58
N GLU A 1213 44.80 76.09 -40.27
CA GLU A 1213 45.20 75.10 -39.25
C GLU A 1213 43.94 74.74 -38.48
N LEU A 1214 43.23 73.75 -38.97
CA LEU A 1214 41.97 73.36 -38.34
C LEU A 1214 42.22 72.65 -37.04
N HIS A 1215 42.39 73.41 -35.97
CA HIS A 1215 42.43 72.83 -34.65
C HIS A 1215 41.08 72.21 -34.34
N ILE A 1216 41.04 70.88 -34.25
CA ILE A 1216 39.81 70.18 -33.99
C ILE A 1216 39.76 69.84 -32.51
N ILE A 1217 38.59 69.38 -32.07
CA ILE A 1217 38.35 69.03 -30.63
C ILE A 1217 37.33 67.89 -30.55
N ASN A 1218 37.26 67.21 -29.39
CA ASN A 1218 36.33 66.08 -29.17
C ASN A 1218 35.38 66.44 -28.01
N ALA A 1219 34.14 65.94 -28.07
CA ALA A 1219 33.12 66.23 -27.04
C ALA A 1219 33.58 65.66 -25.68
N HIS A 1220 33.29 66.38 -24.60
CA HIS A 1220 33.70 65.96 -23.23
C HIS A 1220 35.21 65.65 -23.23
N GLY A 1226 37.87 70.80 -21.12
CA GLY A 1226 36.77 71.51 -21.75
C GLY A 1226 36.85 73.00 -21.53
N ASP A 1227 37.28 73.41 -20.33
CA ASP A 1227 37.59 74.82 -20.12
C ASP A 1227 38.82 75.19 -20.92
N ILE A 1228 39.74 74.25 -21.11
CA ILE A 1228 40.99 74.51 -21.83
C ILE A 1228 40.74 74.62 -23.32
N ILE A 1229 39.50 74.32 -23.72
CA ILE A 1229 39.11 74.62 -25.13
C ILE A 1229 39.18 76.14 -25.21
N GLY A 1230 38.74 76.81 -24.14
CA GLY A 1230 38.75 78.28 -24.01
C GLY A 1230 39.91 78.82 -23.18
N ALA A 1231 40.13 78.28 -21.98
CA ALA A 1231 41.22 78.79 -21.10
C ALA A 1231 41.76 77.67 -20.20
N GLN A 1232 42.99 77.84 -19.71
CA GLN A 1232 43.65 76.85 -18.81
C GLN A 1232 44.43 77.56 -17.69
N ARG A 1233 44.59 76.89 -16.55
CA ARG A 1233 45.34 77.40 -15.40
C ARG A 1233 46.25 76.30 -14.92
N PRO A 1234 47.27 75.97 -15.69
CA PRO A 1234 48.19 74.91 -15.27
C PRO A 1234 49.36 75.46 -14.48
N VAL A 1235 50.17 74.58 -13.90
CA VAL A 1235 51.42 75.00 -13.28
C VAL A 1235 52.35 75.42 -14.40
N ARG A 1236 53.21 76.39 -14.14
CA ARG A 1236 53.96 77.06 -15.19
C ARG A 1236 55.21 76.26 -15.51
N ARG A 1238 57.16 73.05 -17.62
CA ARG A 1238 57.71 71.71 -17.34
C ARG A 1238 59.23 71.70 -17.26
N SER A 1239 59.90 71.98 -18.37
CA SER A 1239 61.35 71.90 -18.40
C SER A 1239 61.94 73.20 -17.87
N ALA A 1240 62.65 73.13 -16.74
CA ALA A 1240 63.19 74.34 -16.13
C ALA A 1240 64.60 74.21 -15.58
N VAL A 1241 65.12 73.01 -15.41
CA VAL A 1241 66.19 72.76 -14.45
C VAL A 1241 67.51 73.34 -14.92
N ASN A 1242 68.02 72.86 -16.05
CA ASN A 1242 69.29 73.34 -16.54
C ASN A 1242 69.19 74.71 -17.18
N TYR A 1243 67.97 75.14 -17.50
CA TYR A 1243 67.76 76.48 -18.03
C TYR A 1243 68.16 77.53 -17.00
N SER A 1244 67.78 77.32 -15.76
CA SER A 1244 68.21 78.22 -14.69
C SER A 1244 69.70 78.09 -14.42
N LEU A 1245 70.26 76.90 -14.63
CA LEU A 1245 71.69 76.70 -14.39
C LEU A 1245 72.52 77.45 -15.42
N HIS A 1246 72.05 77.47 -16.66
CA HIS A 1246 72.72 78.27 -17.69
C HIS A 1246 72.43 79.75 -17.52
N SER A 1247 71.25 80.11 -17.02
CA SER A 1247 70.93 81.51 -16.79
C SER A 1247 71.75 82.09 -15.64
N GLN A 1248 72.10 81.26 -14.66
CA GLN A 1248 73.09 81.68 -13.67
C GLN A 1248 74.49 81.63 -14.25
N LEU A 1249 74.73 80.71 -15.17
CA LEU A 1249 76.01 80.64 -15.86
C LEU A 1249 76.23 81.80 -16.82
N CYS A 1250 75.17 82.53 -17.19
CA CYS A 1250 75.29 83.74 -17.99
C CYS A 1250 74.94 84.97 -17.16
N GLU A 1251 75.30 84.93 -15.88
CA GLU A 1251 75.04 86.06 -14.94
C GLU A 1251 76.30 86.37 -14.14
N LYS A 1252 76.38 87.57 -13.56
CA LYS A 1252 77.56 87.99 -12.75
C LYS A 1252 77.65 87.11 -11.51
N PHE A 1253 78.88 86.76 -11.11
CA PHE A 1253 79.11 85.90 -9.92
C PHE A 1253 78.24 84.65 -10.00
N ILE A 1262 74.26 77.49 -8.65
CA ILE A 1262 74.10 77.29 -7.17
C ILE A 1262 73.03 78.26 -6.66
N ASP A 1263 72.12 77.77 -5.81
CA ASP A 1263 71.03 78.62 -5.25
C ASP A 1263 71.67 79.74 -4.41
N ASP A 1264 72.70 79.40 -3.62
CA ASP A 1264 73.40 80.40 -2.78
C ASP A 1264 74.04 81.47 -3.68
N LEU A 1265 74.64 81.03 -4.80
CA LEU A 1265 75.27 81.96 -5.76
C LEU A 1265 74.20 82.89 -6.35
N ILE A 1266 73.02 82.33 -6.66
CA ILE A 1266 71.89 83.13 -7.22
C ILE A 1266 71.47 84.17 -6.18
N GLU A 1267 71.42 83.76 -4.90
CA GLU A 1267 71.03 84.68 -3.80
C GLU A 1267 72.06 85.80 -3.71
N LYS A 1268 73.35 85.46 -3.86
CA LYS A 1268 74.44 86.47 -3.80
C LYS A 1268 74.27 87.45 -4.96
N PHE A 1269 73.91 86.92 -6.14
CA PHE A 1269 73.70 87.78 -7.35
C PHE A 1269 72.53 88.73 -7.08
N GLU A 1270 71.47 88.22 -6.43
CA GLU A 1270 70.28 89.05 -6.10
C GLU A 1270 70.70 90.15 -5.13
N LYS A 1271 71.56 89.81 -4.15
CA LYS A 1271 72.06 90.79 -3.16
C LYS A 1271 72.87 91.87 -3.88
N LEU A 1272 73.67 91.47 -4.86
CA LEU A 1272 74.51 92.42 -5.65
C LEU A 1272 73.66 93.06 -6.75
N ASN A 1283 65.10 89.10 -14.00
CA ASN A 1283 64.17 88.47 -14.98
C ASN A 1283 64.26 86.94 -14.86
N LEU A 1284 65.43 86.38 -15.20
CA LEU A 1284 65.64 84.91 -15.13
C LEU A 1284 65.51 84.45 -13.68
N ILE A 1285 66.04 85.23 -12.73
CA ILE A 1285 65.97 84.87 -11.28
C ILE A 1285 64.50 84.85 -10.85
N GLU A 1286 63.71 85.80 -11.33
CA GLU A 1286 62.26 85.88 -10.99
C GLU A 1286 61.50 84.74 -11.69
N ARG A 1287 61.90 84.40 -12.92
CA ARG A 1287 61.25 83.32 -13.69
C ARG A 1287 61.44 82.00 -12.95
N GLN A 1288 62.64 81.78 -12.39
CA GLN A 1288 62.96 80.55 -11.63
C GLN A 1288 62.06 80.48 -10.39
N ILE A 1289 61.86 81.63 -9.73
CA ILE A 1289 61.01 81.70 -8.51
C ILE A 1289 59.56 81.41 -8.88
N ILE A 1290 59.20 81.62 -10.15
CA ILE A 1290 57.84 81.38 -10.63
C ILE A 1290 57.59 79.94 -11.03
N LYS A 1291 58.51 79.03 -10.71
CA LYS A 1291 58.34 77.61 -11.02
C LYS A 1291 58.28 76.78 -9.74
N HIS A 1299 46.77 80.25 -19.07
CA HIS A 1299 46.14 81.22 -19.94
C HIS A 1299 45.70 80.59 -21.25
N ASP A 1300 46.49 79.67 -21.77
CA ASP A 1300 46.38 79.22 -23.15
C ASP A 1300 45.13 78.37 -23.31
N GLY A 1301 44.63 78.28 -24.53
CA GLY A 1301 43.41 77.53 -24.78
C GLY A 1301 43.05 77.52 -26.24
N ALA A 1302 42.02 76.73 -26.54
CA ALA A 1302 41.77 76.27 -27.90
C ALA A 1302 41.37 77.39 -28.84
N LEU A 1303 40.26 78.07 -28.55
CA LEU A 1303 39.86 79.19 -29.38
C LEU A 1303 40.88 80.31 -29.28
N VAL A 1304 41.53 80.41 -28.14
CA VAL A 1304 42.63 81.34 -28.01
C VAL A 1304 43.78 80.92 -28.90
N THR A 1305 44.08 79.63 -28.95
CA THR A 1305 45.09 79.19 -29.89
C THR A 1305 44.60 79.31 -31.31
N ALA A 1306 43.30 79.14 -31.49
CA ALA A 1306 42.72 79.51 -32.75
C ALA A 1306 42.73 81.00 -32.97
N MET A 1307 42.66 81.80 -31.90
CA MET A 1307 42.74 83.23 -32.10
C MET A 1307 44.15 83.65 -32.42
N LYS A 1308 45.13 82.83 -32.07
CA LYS A 1308 46.53 83.15 -32.29
C LYS A 1308 46.85 83.23 -33.77
N ASP A 1311 42.64 81.18 -36.99
CA ASP A 1311 42.44 79.74 -37.29
C ASP A 1311 40.95 79.40 -37.18
N PHE A 1312 40.60 78.12 -37.35
CA PHE A 1312 39.19 77.67 -37.27
C PHE A 1312 39.06 76.60 -36.18
N PHE A 1313 38.12 76.80 -35.25
CA PHE A 1313 37.91 75.85 -34.13
C PHE A 1313 36.71 74.95 -34.45
N LEU A 1314 36.96 73.68 -34.76
CA LEU A 1314 35.91 72.72 -35.10
C LEU A 1314 35.59 71.84 -33.90
N LEU A 1315 34.86 72.40 -32.94
CA LEU A 1315 34.48 71.68 -31.72
C LEU A 1315 33.36 70.71 -32.06
N ASP A 1316 33.74 69.53 -32.53
CA ASP A 1316 32.78 68.53 -32.96
C ASP A 1316 31.99 67.97 -31.78
N GLU A 1317 30.77 67.51 -32.09
CA GLU A 1317 29.78 67.03 -31.12
C GLU A 1317 29.50 68.09 -30.05
N ILE A 1318 28.97 69.22 -30.52
CA ILE A 1318 28.80 70.38 -29.66
C ILE A 1318 27.62 70.23 -28.72
N SER A 1319 26.72 69.29 -28.99
CA SER A 1319 25.56 69.09 -28.13
C SER A 1319 25.99 68.56 -26.76
N LEU A 1320 26.98 67.67 -26.75
CA LEU A 1320 27.53 67.15 -25.52
C LEU A 1320 28.70 67.98 -25.00
N ALA A 1321 28.78 69.25 -25.39
CA ALA A 1321 29.82 70.13 -24.86
C ALA A 1321 29.41 70.63 -23.48
N ASP A 1322 30.16 71.57 -22.94
CA ASP A 1322 29.86 72.12 -21.64
C ASP A 1322 28.74 73.16 -21.73
N ASP A 1323 28.48 73.81 -20.61
CA ASP A 1323 27.46 74.85 -20.58
C ASP A 1323 28.11 76.23 -20.40
N SER A 1324 28.98 76.36 -19.40
CA SER A 1324 29.69 77.61 -19.18
C SER A 1324 30.62 77.91 -20.34
N VAL A 1325 31.24 76.87 -20.90
CA VAL A 1325 31.99 77.03 -22.13
C VAL A 1325 31.06 77.42 -23.26
N LEU A 1326 29.88 76.80 -23.32
CA LEU A 1326 28.89 77.22 -24.29
C LEU A 1326 28.36 78.61 -24.00
N GLU A 1327 28.35 79.00 -22.72
CA GLU A 1327 27.94 80.36 -22.38
C GLU A 1327 28.92 81.38 -22.92
N ARG A 1328 30.22 81.14 -22.71
CA ARG A 1328 31.21 82.07 -23.24
C ARG A 1328 31.28 81.96 -24.76
N LEU A 1329 30.91 80.82 -25.32
CA LEU A 1329 30.86 80.68 -26.76
C LEU A 1329 29.69 81.47 -27.33
N ASN A 1330 28.60 81.57 -26.58
CA ASN A 1330 27.52 82.46 -26.95
C ASN A 1330 28.00 83.90 -26.89
N SER A 1331 28.83 84.21 -25.89
CA SER A 1331 29.49 85.50 -25.87
C SER A 1331 30.50 85.61 -27.02
N VAL A 1332 31.05 84.48 -27.45
CA VAL A 1332 32.01 84.51 -28.56
C VAL A 1332 31.29 84.61 -29.88
N LEU A 1333 29.98 84.41 -29.88
CA LEU A 1333 29.28 84.14 -31.12
C LEU A 1333 28.95 85.40 -31.88
N GLU A 1334 28.15 86.28 -31.29
CA GLU A 1334 27.42 87.29 -32.05
C GLU A 1334 28.35 88.44 -32.43
N LEU A 1335 28.96 88.30 -33.61
CA LEU A 1335 29.71 89.34 -34.33
C LEU A 1335 30.88 89.93 -33.54
N SER A 1336 31.35 89.21 -32.52
CA SER A 1336 32.36 89.73 -31.62
C SER A 1336 32.89 88.57 -30.79
N ARG A 1337 34.17 88.60 -30.45
CA ARG A 1337 34.78 87.59 -29.62
C ARG A 1337 35.17 88.17 -28.26
N THR A 1338 35.40 87.28 -27.30
CA THR A 1338 35.65 87.70 -25.93
C THR A 1338 36.44 86.63 -25.19
N LEU A 1339 37.38 87.06 -24.37
CA LEU A 1339 38.24 86.14 -23.62
C LEU A 1339 38.01 86.37 -22.14
N THR A 1340 36.99 85.72 -21.61
CA THR A 1340 36.54 85.96 -20.23
C THR A 1340 37.44 85.21 -19.26
N LEU A 1341 38.66 85.72 -19.11
CA LEU A 1341 39.62 85.17 -18.16
C LEU A 1341 39.18 85.41 -16.72
N ALA A 1348 39.39 89.60 -13.67
CA ALA A 1348 40.53 89.92 -14.53
C ALA A 1348 40.40 89.20 -15.87
N VAL A 1349 39.88 89.90 -16.87
CA VAL A 1349 39.56 89.32 -18.16
C VAL A 1349 39.93 90.31 -19.25
N SER A 1350 39.66 89.90 -20.49
CA SER A 1350 39.77 90.78 -21.64
C SER A 1350 38.74 90.35 -22.67
N LEU A 1351 38.90 90.84 -23.90
CA LEU A 1351 38.02 90.48 -25.00
C LEU A 1351 38.90 90.13 -26.18
N THR A 1352 38.81 88.90 -26.64
CA THR A 1352 39.64 88.48 -27.76
C THR A 1352 39.13 89.07 -29.06
N ALA A 1353 40.06 89.23 -30.00
CA ALA A 1353 39.74 89.63 -31.36
C ALA A 1353 39.30 88.41 -32.17
N LYS A 1354 39.25 88.57 -33.49
CA LYS A 1354 38.97 87.45 -34.37
C LYS A 1354 39.58 87.74 -35.72
N ASP A 1355 40.48 86.86 -36.18
CA ASP A 1355 41.05 86.96 -37.51
C ASP A 1355 40.47 85.94 -38.48
N GLY A 1356 39.36 85.30 -38.11
CA GLY A 1356 38.85 84.18 -38.85
C GLY A 1356 38.71 82.98 -37.93
N PHE A 1357 38.56 83.25 -36.65
CA PHE A 1357 38.41 82.21 -35.64
C PHE A 1357 37.03 81.60 -35.71
N ALA A 1358 36.81 80.78 -36.74
CA ALA A 1358 35.50 80.21 -36.99
C ALA A 1358 35.23 79.07 -36.03
N PHE A 1359 34.03 79.05 -35.46
CA PHE A 1359 33.61 77.92 -34.67
C PHE A 1359 32.87 76.92 -35.56
N PHE A 1360 33.58 76.40 -36.55
CA PHE A 1360 32.99 75.53 -37.58
C PHE A 1360 32.69 74.17 -36.97
N ALA A 1361 31.64 74.13 -36.14
CA ALA A 1361 31.41 73.03 -35.23
C ALA A 1361 30.63 71.92 -35.92
N THR A 1362 30.16 70.97 -35.13
CA THR A 1362 29.28 69.90 -35.58
C THR A 1362 28.59 69.31 -34.37
N MET A 1363 27.43 68.71 -34.61
CA MET A 1363 26.71 67.97 -33.57
C MET A 1363 25.72 67.07 -34.29
N ASN A 1364 25.91 65.75 -34.21
CA ASN A 1364 25.09 64.81 -34.94
C ASN A 1364 23.69 64.75 -34.36
N PRO A 1365 22.74 64.25 -35.13
CA PRO A 1365 21.33 64.32 -34.73
C PRO A 1365 21.01 63.30 -33.66
N GLY A 1366 19.73 63.25 -33.31
CA GLY A 1366 19.27 62.33 -32.29
C GLY A 1366 18.23 62.96 -31.37
N GLY A 1370 22.87 61.14 -24.37
CA GLY A 1370 22.59 62.43 -23.75
C GLY A 1370 22.56 63.54 -24.76
N LYS A 1371 21.93 63.29 -25.90
CA LYS A 1371 21.91 64.21 -27.02
C LYS A 1371 20.92 65.35 -26.75
N LYS A 1372 21.27 66.18 -25.77
CA LYS A 1372 20.47 67.33 -25.39
C LYS A 1372 20.94 68.54 -26.19
N GLU A 1373 20.03 69.14 -26.95
CA GLU A 1373 20.40 70.29 -27.73
C GLU A 1373 20.63 71.50 -26.83
N LEU A 1374 21.18 72.55 -27.41
CA LEU A 1374 21.49 73.76 -26.66
C LEU A 1374 20.22 74.60 -26.49
N SER A 1375 20.39 75.83 -26.00
CA SER A 1375 19.29 76.77 -25.99
C SER A 1375 18.90 77.09 -27.43
N PRO A 1376 17.60 77.33 -27.67
CA PRO A 1376 17.17 77.62 -29.04
C PRO A 1376 17.75 78.91 -29.58
N ALA A 1377 18.15 79.83 -28.70
CA ALA A 1377 19.05 80.90 -29.11
C ALA A 1377 20.38 80.33 -29.56
N LEU A 1378 20.98 79.46 -28.74
CA LEU A 1378 22.33 78.98 -29.02
C LEU A 1378 22.36 78.09 -30.24
N ARG A 1379 21.25 77.41 -30.53
CA ARG A 1379 21.10 76.82 -31.86
C ARG A 1379 20.95 77.92 -32.90
N ASN A 1380 20.04 78.87 -32.66
CA ASN A 1380 19.72 79.89 -33.64
C ASN A 1380 20.84 80.90 -33.82
N ARG A 1381 21.75 81.02 -32.85
CA ARG A 1381 22.86 81.94 -33.00
C ARG A 1381 23.93 81.43 -33.94
N PHE A 1382 23.83 80.19 -34.43
CA PHE A 1382 24.76 79.64 -35.40
C PHE A 1382 23.98 79.21 -36.63
N THR A 1383 24.52 79.54 -37.80
CA THR A 1383 23.89 79.18 -39.06
C THR A 1383 24.14 77.70 -39.33
N GLU A 1384 23.16 76.86 -39.00
CA GLU A 1384 23.33 75.41 -39.04
C GLU A 1384 23.23 74.90 -40.48
N ILE A 1385 23.41 73.59 -40.63
CA ILE A 1385 23.31 72.93 -41.93
C ILE A 1385 23.00 71.47 -41.68
N TRP A 1386 22.09 70.92 -42.48
CA TRP A 1386 21.69 69.54 -42.38
C TRP A 1386 22.10 68.79 -43.63
N VAL A 1387 22.27 67.48 -43.49
CA VAL A 1387 22.89 66.69 -44.54
C VAL A 1387 22.22 65.33 -44.65
N PRO A 1388 22.66 64.49 -45.59
CA PRO A 1388 22.10 63.14 -45.70
C PRO A 1388 22.51 62.23 -44.55
N THR A 1393 21.95 55.38 -54.36
CA THR A 1393 21.78 55.48 -55.79
C THR A 1393 23.00 54.95 -56.51
N GLU A 1394 22.92 54.92 -57.85
CA GLU A 1394 23.99 54.35 -58.67
C GLU A 1394 25.28 55.15 -58.60
N ASP A 1395 25.19 56.41 -58.20
CA ASP A 1395 26.41 57.18 -58.07
C ASP A 1395 27.22 56.80 -56.84
N ILE A 1396 26.62 56.07 -55.88
CA ILE A 1396 27.43 55.47 -54.83
C ILE A 1396 28.35 54.42 -55.44
N LEU A 1397 27.83 53.71 -56.43
CA LEU A 1397 28.67 52.77 -57.16
C LEU A 1397 29.72 53.50 -57.99
N LYS A 1398 29.34 54.61 -58.61
CA LYS A 1398 30.32 55.42 -59.33
C LYS A 1398 31.39 55.97 -58.39
N ILE A 1399 30.99 56.29 -57.16
CA ILE A 1399 31.91 56.76 -56.15
C ILE A 1399 32.87 55.66 -55.75
N VAL A 1400 32.36 54.44 -55.64
CA VAL A 1400 33.24 53.32 -55.35
C VAL A 1400 34.17 53.08 -56.52
N GLU A 1401 33.70 53.34 -57.74
CA GLU A 1401 34.54 53.18 -58.92
C GLU A 1401 35.71 54.16 -58.88
N GLY A 1402 35.45 55.37 -58.42
CA GLY A 1402 36.55 56.25 -58.08
C GLY A 1402 37.37 55.72 -56.92
N LYS A 1403 36.71 55.06 -55.98
CA LYS A 1403 37.38 54.64 -54.77
C LYS A 1403 38.21 53.39 -54.96
N LEU A 1404 38.09 52.72 -56.09
CA LEU A 1404 38.67 51.39 -56.25
C LEU A 1404 40.03 51.45 -56.94
N HIS A 1405 40.57 50.27 -57.25
CA HIS A 1405 41.84 50.16 -57.95
C HIS A 1405 41.66 50.47 -59.43
N ASN A 1406 42.73 50.26 -60.19
CA ASN A 1406 42.80 50.68 -61.58
C ASN A 1406 41.79 49.98 -62.49
N ASN A 1407 41.95 48.68 -62.73
CA ASN A 1407 40.94 48.05 -63.56
C ASN A 1407 39.77 47.62 -62.69
N LYS A 1408 39.92 46.47 -62.00
CA LYS A 1408 39.21 45.99 -60.81
C LYS A 1408 37.76 46.41 -60.65
N ILE A 1409 36.98 46.46 -61.73
CA ILE A 1409 35.83 47.35 -61.73
C ILE A 1409 34.56 46.72 -61.20
N GLU A 1410 34.05 45.72 -61.91
CA GLU A 1410 32.63 45.40 -61.80
C GLU A 1410 32.26 44.67 -60.52
N LEU A 1411 33.27 44.30 -59.72
CA LEU A 1411 33.02 43.71 -58.40
C LEU A 1411 32.23 44.66 -57.52
N ALA A 1412 32.52 45.95 -57.61
CA ALA A 1412 31.77 46.92 -56.84
C ALA A 1412 30.34 47.02 -57.32
N ARG A 1413 30.14 46.97 -58.64
CA ARG A 1413 28.78 46.94 -59.18
C ARG A 1413 28.02 45.73 -58.70
N PRO A 1414 28.65 44.60 -58.48
CA PRO A 1414 28.04 43.59 -57.63
C PRO A 1414 27.96 44.04 -56.20
N LEU A 1415 29.07 44.56 -55.65
CA LEU A 1415 29.14 44.84 -54.21
C LEU A 1415 28.18 45.93 -53.78
N VAL A 1416 27.86 46.85 -54.69
CA VAL A 1416 26.87 47.89 -54.38
C VAL A 1416 25.51 47.28 -54.10
N GLU A 1417 24.99 46.51 -55.06
CA GLU A 1417 23.70 45.89 -54.86
C GLU A 1417 23.76 44.79 -53.81
N TYR A 1418 24.94 44.23 -53.58
CA TYR A 1418 25.11 43.26 -52.50
C TYR A 1418 24.92 43.91 -51.17
N ALA A 1419 25.50 45.10 -51.00
CA ALA A 1419 25.25 45.90 -49.83
C ALA A 1419 23.78 46.31 -49.75
N LYS A 1420 23.15 46.53 -50.89
CA LYS A 1420 21.74 46.90 -50.90
C LYS A 1420 20.86 45.76 -50.38
N TRP A 1421 21.11 44.55 -50.86
CA TRP A 1421 20.33 43.41 -50.43
C TRP A 1421 20.70 43.01 -49.01
N HIS A 1422 21.94 43.26 -48.61
CA HIS A 1422 22.33 43.08 -47.22
C HIS A 1422 21.61 44.07 -46.33
N ALA A 1423 21.40 45.28 -46.85
CA ALA A 1423 20.79 46.34 -46.09
C ALA A 1423 19.32 46.08 -45.88
N ASN A 1424 18.60 45.77 -46.96
CA ASN A 1424 17.18 45.45 -46.82
C ASN A 1424 16.98 44.12 -46.10
N GLU A 1425 17.92 43.20 -46.25
CA GLU A 1425 17.82 41.92 -45.54
C GLU A 1425 18.19 42.09 -44.07
N TYR A 1426 19.42 42.47 -43.80
CA TYR A 1426 19.90 42.61 -42.44
C TYR A 1426 19.82 44.07 -42.03
N LEU A 1427 19.15 44.33 -40.90
CA LEU A 1427 18.91 45.67 -40.36
C LEU A 1427 18.22 46.55 -41.41
N TYR A 1428 16.97 46.18 -41.69
CA TYR A 1428 16.23 46.64 -42.86
C TYR A 1428 16.02 48.14 -42.89
N THR A 1429 16.71 48.81 -43.82
CA THR A 1429 16.62 50.23 -44.11
C THR A 1429 17.36 50.48 -45.41
N ASP A 1430 16.96 51.52 -46.13
CA ASP A 1430 17.53 51.79 -47.45
C ASP A 1430 18.66 52.82 -47.37
N VAL A 1431 19.67 52.48 -46.58
CA VAL A 1431 20.87 53.31 -46.43
C VAL A 1431 22.06 52.51 -46.93
N ILE A 1432 22.91 53.14 -47.73
CA ILE A 1432 24.02 52.43 -48.35
C ILE A 1432 25.11 52.07 -47.34
N SER A 1433 25.12 52.70 -46.17
CA SER A 1433 25.98 52.38 -45.02
C SER A 1433 27.47 52.43 -45.40
N ILE A 1434 27.87 53.60 -45.88
CA ILE A 1434 29.10 53.72 -46.68
C ILE A 1434 30.38 53.49 -45.90
N ARG A 1435 30.32 53.37 -44.58
CA ARG A 1435 31.47 52.88 -43.83
C ARG A 1435 31.80 51.45 -44.26
N ASP A 1436 30.77 50.61 -44.37
CA ASP A 1436 30.93 49.23 -44.78
C ASP A 1436 31.44 49.14 -46.20
N VAL A 1437 30.77 49.80 -47.14
CA VAL A 1437 31.17 49.77 -48.54
C VAL A 1437 32.54 50.39 -48.74
N LEU A 1438 32.88 51.37 -47.91
CA LEU A 1438 34.20 51.99 -47.98
C LEU A 1438 35.28 51.01 -47.56
N SER A 1439 35.09 50.32 -46.42
CA SER A 1439 36.07 49.34 -45.98
C SER A 1439 36.15 48.16 -46.94
N ALA A 1440 35.04 47.87 -47.61
CA ALA A 1440 35.04 46.81 -48.60
C ALA A 1440 35.82 47.20 -49.83
N VAL A 1441 35.68 48.45 -50.27
CA VAL A 1441 36.48 48.93 -51.39
C VAL A 1441 37.94 49.00 -51.01
N GLU A 1442 38.21 49.22 -49.71
CA GLU A 1442 39.59 49.21 -49.22
C GLU A 1442 40.20 47.83 -49.37
N PHE A 1443 39.52 46.80 -48.86
CA PHE A 1443 40.07 45.46 -48.98
C PHE A 1443 40.05 44.95 -50.41
N ILE A 1444 39.11 45.43 -51.23
CA ILE A 1444 39.04 44.96 -52.61
C ILE A 1444 40.15 45.56 -53.42
N ASN A 1445 40.47 46.82 -53.19
CA ASN A 1445 41.68 47.37 -53.77
C ASN A 1445 42.93 46.90 -53.04
N ALA A 1446 42.78 46.20 -51.91
CA ALA A 1446 43.90 45.54 -51.25
C ALA A 1446 43.95 44.05 -51.55
N CYS A 1447 43.22 43.59 -52.56
CA CYS A 1447 43.26 42.18 -52.93
C CYS A 1447 44.58 41.88 -53.61
N GLU A 1448 45.50 41.25 -52.89
CA GLU A 1448 46.77 40.80 -53.45
C GLU A 1448 46.66 39.47 -54.18
N ILE A 1449 45.45 38.96 -54.38
CA ILE A 1449 45.20 37.67 -55.01
C ILE A 1449 44.54 37.93 -56.35
N LEU A 1450 44.23 36.86 -57.08
CA LEU A 1450 43.52 36.91 -58.35
C LEU A 1450 42.12 36.33 -58.13
N ASP A 1451 41.42 36.05 -59.24
CA ASP A 1451 40.06 35.50 -59.25
C ASP A 1451 39.09 36.45 -58.56
N LEU A 1452 38.81 37.53 -59.30
CA LEU A 1452 38.00 38.68 -58.89
C LEU A 1452 36.77 38.33 -58.07
N ASN A 1453 36.01 37.34 -58.52
CA ASN A 1453 34.81 36.98 -57.78
C ASN A 1453 35.15 36.32 -56.47
N LEU A 1454 36.29 35.64 -56.38
CA LEU A 1454 36.70 35.12 -55.09
C LEU A 1454 37.17 36.24 -54.19
N VAL A 1455 37.75 37.29 -54.77
CA VAL A 1455 38.15 38.44 -53.98
C VAL A 1455 36.92 39.10 -53.39
N LEU A 1456 35.88 39.28 -54.19
CA LEU A 1456 34.64 39.86 -53.68
C LEU A 1456 33.94 38.92 -52.73
N PHE A 1457 34.14 37.61 -52.94
CA PHE A 1457 33.57 36.62 -52.05
C PHE A 1457 34.16 36.74 -50.66
N ASN A 1458 35.48 36.69 -50.57
CA ASN A 1458 36.17 36.86 -49.31
C ASN A 1458 35.95 38.25 -48.74
N ALA A 1459 35.71 39.23 -49.60
CA ALA A 1459 35.50 40.59 -49.13
C ALA A 1459 34.16 40.73 -48.43
N VAL A 1460 33.08 40.40 -49.13
CA VAL A 1460 31.76 40.50 -48.53
C VAL A 1460 31.59 39.49 -47.41
N SER A 1461 32.36 38.41 -47.44
CA SER A 1461 32.48 37.56 -46.26
C SER A 1461 33.10 38.32 -45.11
N MET A 1462 34.12 39.13 -45.40
CA MET A 1462 34.86 39.79 -44.33
C MET A 1462 34.08 40.97 -43.74
N VAL A 1463 33.30 41.66 -44.54
CA VAL A 1463 32.68 42.89 -44.06
C VAL A 1463 31.24 42.65 -43.68
N PHE A 1464 30.41 42.28 -44.66
CA PHE A 1464 28.98 42.20 -44.40
C PHE A 1464 28.59 40.87 -43.78
N ILE A 1465 29.01 39.76 -44.39
CA ILE A 1465 28.33 38.48 -44.21
C ILE A 1465 28.59 37.91 -42.83
N ASP A 1466 29.86 37.69 -42.50
CA ASP A 1466 30.21 37.09 -41.21
C ASP A 1466 29.91 38.00 -40.04
N ALA A 1467 29.67 39.29 -40.29
CA ALA A 1467 29.23 40.17 -39.23
C ALA A 1467 27.84 39.82 -38.75
N LEU A 1468 27.00 39.31 -39.63
CA LEU A 1468 25.63 38.99 -39.30
C LEU A 1468 25.54 37.77 -38.41
N LEU A 1480 20.49 32.61 -34.99
CA LEU A 1480 20.78 31.20 -34.79
C LEU A 1480 21.67 30.66 -35.89
N ALA A 1481 21.72 29.33 -36.00
CA ALA A 1481 22.49 28.69 -37.04
C ALA A 1481 21.86 28.84 -38.41
N SER A 1482 20.58 29.21 -38.46
CA SER A 1482 19.89 29.51 -39.72
C SER A 1482 20.52 30.67 -40.46
N LEU A 1483 21.18 31.58 -39.74
CA LEU A 1483 21.96 32.62 -40.36
C LEU A 1483 23.07 32.03 -41.21
N HIS A 1484 23.68 30.93 -40.76
CA HIS A 1484 24.52 30.10 -41.61
C HIS A 1484 23.84 29.79 -42.92
N ALA A 1485 22.62 29.24 -42.84
CA ALA A 1485 21.75 29.11 -43.99
C ALA A 1485 21.53 30.44 -44.68
N GLU A 1486 21.27 31.50 -43.92
CA GLU A 1486 21.08 32.81 -44.53
C GLU A 1486 22.38 33.32 -45.11
N ARG A 1487 23.52 32.87 -44.56
CA ARG A 1487 24.81 33.15 -45.18
C ARG A 1487 24.87 32.58 -46.58
N GLN A 1488 24.38 31.34 -46.72
CA GLN A 1488 24.18 30.77 -48.04
C GLN A 1488 23.25 31.63 -48.86
N ARG A 1489 22.15 32.11 -48.25
CA ARG A 1489 21.29 33.08 -48.91
C ARG A 1489 22.06 34.32 -49.28
N CYS A 1490 22.90 34.78 -48.34
CA CYS A 1490 23.84 35.86 -48.65
C CYS A 1490 24.77 35.46 -49.77
N PHE A 1491 25.30 34.23 -49.69
CA PHE A 1491 26.13 33.71 -50.76
C PHE A 1491 25.33 33.58 -52.04
N ALA A 1492 24.02 33.31 -51.90
CA ALA A 1492 23.13 33.34 -53.05
C ALA A 1492 23.15 34.69 -53.72
N LYS A 1493 23.01 35.76 -52.95
CA LYS A 1493 23.12 37.09 -53.52
C LYS A 1493 24.53 37.36 -53.99
N LEU A 1494 25.51 36.71 -53.37
CA LEU A 1494 26.86 36.71 -53.93
C LEU A 1494 26.88 35.96 -55.25
N ASN A 1495 26.28 34.77 -55.26
CA ASN A 1495 26.27 33.98 -56.49
C ASN A 1495 25.36 34.61 -57.52
N GLU A 1496 24.32 35.34 -57.08
CA GLU A 1496 23.56 36.17 -58.01
C GLU A 1496 24.42 37.30 -58.54
N LEU A 1497 25.32 37.81 -57.70
CA LEU A 1497 26.31 38.75 -58.18
C LEU A 1497 27.32 38.07 -59.08
N ALA A 1498 27.54 36.78 -58.88
CA ALA A 1498 28.44 36.04 -59.75
C ALA A 1498 27.78 35.77 -61.09
N HIS A 1541 45.29 26.69 -29.29
CA HIS A 1541 45.08 26.40 -30.70
C HIS A 1541 44.12 25.23 -30.89
N THR A 1542 43.23 25.36 -31.86
CA THR A 1542 42.23 24.33 -32.15
C THR A 1542 41.91 24.40 -33.64
N ASP A 1543 40.78 23.82 -34.03
CA ASP A 1543 40.35 23.86 -35.42
C ASP A 1543 39.39 25.01 -35.68
N THR A 1544 38.28 25.05 -34.96
CA THR A 1544 37.34 26.16 -35.11
C THR A 1544 37.93 27.45 -34.58
N THR A 1545 38.70 27.36 -33.50
CA THR A 1545 39.41 28.52 -32.98
C THR A 1545 40.38 29.06 -34.02
N LEU A 1546 40.96 28.18 -34.83
CA LEU A 1546 41.78 28.65 -35.93
C LEU A 1546 40.94 29.32 -37.01
N MET A 1547 39.68 28.94 -37.17
CA MET A 1547 38.85 29.64 -38.14
C MET A 1547 38.51 31.05 -37.66
N ASN A 1548 38.19 31.16 -36.36
CA ASN A 1548 37.93 32.48 -35.79
C ASN A 1548 39.18 33.34 -35.82
N ALA A 1549 40.33 32.75 -35.56
CA ALA A 1549 41.58 33.49 -35.65
C ALA A 1549 41.90 33.86 -37.09
N SER A 1550 41.48 33.03 -38.05
CA SER A 1550 41.65 33.40 -39.45
C SER A 1550 40.76 34.58 -39.80
N LYS A 1551 39.58 34.65 -39.18
CA LYS A 1551 38.72 35.82 -39.36
C LYS A 1551 39.37 37.08 -38.78
N VAL A 1552 39.98 36.97 -37.60
CA VAL A 1552 40.65 38.12 -37.00
C VAL A 1552 41.87 38.52 -37.80
N LEU A 1553 42.53 37.57 -38.44
CA LEU A 1553 43.64 37.89 -39.31
C LEU A 1553 43.16 38.62 -40.55
N ARG A 1554 42.01 38.21 -41.09
CA ARG A 1554 41.40 38.95 -42.18
C ARG A 1554 41.01 40.35 -41.73
N ALA A 1555 40.64 40.47 -40.45
CA ALA A 1555 40.20 41.75 -39.92
C ALA A 1555 41.36 42.72 -39.77
N LEU A 1556 42.53 42.23 -39.35
CA LEU A 1556 43.65 43.12 -39.12
C LEU A 1556 44.22 43.72 -40.39
N GLN A 1557 43.82 43.23 -41.57
CA GLN A 1557 44.27 43.74 -42.86
C GLN A 1557 43.71 45.12 -43.19
N VAL A 1558 42.88 45.72 -42.35
CA VAL A 1558 42.35 47.05 -42.57
C VAL A 1558 42.44 47.83 -41.26
N LEU A 1559 43.01 49.02 -41.31
CA LEU A 1559 43.33 49.75 -40.09
C LEU A 1559 42.09 50.29 -39.40
N LYS A 1560 41.57 49.55 -38.44
CA LYS A 1560 40.46 50.00 -37.63
C LYS A 1560 40.47 49.22 -36.32
N PRO A 1561 39.60 49.58 -35.37
CA PRO A 1561 39.50 48.76 -34.17
C PRO A 1561 38.74 47.48 -34.46
N ILE A 1562 39.21 46.39 -33.89
CA ILE A 1562 38.65 45.06 -34.14
C ILE A 1562 37.72 44.71 -32.99
N LEU A 1563 36.44 44.55 -33.30
CA LEU A 1563 35.43 44.25 -32.31
C LEU A 1563 35.03 42.78 -32.39
N LEU A 1564 34.79 42.17 -31.24
CA LEU A 1564 34.45 40.76 -31.15
C LEU A 1564 32.93 40.62 -31.02
N GLU A 1565 32.26 40.44 -32.15
CA GLU A 1565 30.80 40.40 -32.17
C GLU A 1565 30.32 38.95 -32.03
N GLY A 1566 30.46 38.43 -30.81
CA GLY A 1566 30.24 37.02 -30.57
C GLY A 1566 29.24 36.80 -29.45
N SER A 1567 28.68 35.59 -29.44
CA SER A 1567 27.79 35.15 -28.39
C SER A 1567 28.58 34.95 -27.12
N PRO A 1568 27.89 34.93 -25.98
CA PRO A 1568 28.60 35.03 -24.69
C PRO A 1568 29.28 33.75 -24.25
N GLY A 1569 29.84 33.79 -23.05
CA GLY A 1569 30.49 32.65 -22.45
C GLY A 1569 31.96 32.54 -22.73
N VAL A 1570 32.43 33.09 -23.85
CA VAL A 1570 33.80 32.87 -24.26
C VAL A 1570 34.76 33.72 -23.43
N GLY A 1571 34.63 35.03 -23.53
CA GLY A 1571 35.72 35.92 -23.15
C GLY A 1571 36.69 36.08 -24.30
N LYS A 1572 37.66 36.98 -24.10
CA LYS A 1572 38.57 37.36 -25.17
C LYS A 1572 39.79 36.45 -25.26
N THR A 1573 39.65 35.20 -24.80
CA THR A 1573 40.72 34.22 -24.90
C THR A 1573 41.11 34.00 -26.35
N SER A 1574 40.13 34.02 -27.26
CA SER A 1574 40.37 33.93 -28.70
C SER A 1574 41.18 35.08 -29.25
N LEU A 1575 41.42 36.11 -28.47
CA LEU A 1575 42.44 37.09 -28.76
C LEU A 1575 43.48 37.20 -27.67
N ILE A 1576 43.23 36.64 -26.48
CA ILE A 1576 44.25 36.65 -25.45
C ILE A 1576 45.37 35.70 -25.81
N THR A 1577 45.06 34.66 -26.59
CA THR A 1577 46.05 33.68 -26.97
C THR A 1577 46.77 34.02 -28.26
N ALA A 1578 46.09 34.65 -29.20
CA ALA A 1578 46.62 34.82 -30.55
C ALA A 1578 47.84 35.73 -30.61
N LEU A 1579 48.01 36.58 -29.59
CA LEU A 1579 49.14 37.50 -29.57
C LEU A 1579 50.46 36.76 -29.41
N ALA A 1580 50.44 35.67 -28.65
CA ALA A 1580 51.62 34.82 -28.50
C ALA A 1580 52.05 34.25 -29.84
N ARG A 1581 51.08 33.91 -30.69
CA ARG A 1581 51.36 33.52 -32.06
C ARG A 1581 51.37 34.71 -33.00
N GLU A 1582 51.65 35.92 -32.50
CA GLU A 1582 51.64 37.11 -33.36
C GLU A 1582 52.84 38.00 -33.02
N THR A 1583 53.98 37.71 -33.68
CA THR A 1583 55.12 38.61 -33.94
C THR A 1583 55.56 39.50 -32.80
N GLY A 1584 55.43 39.02 -31.57
CA GLY A 1584 55.74 39.80 -30.39
C GLY A 1584 54.84 41.00 -30.19
N HIS A 1585 53.53 40.78 -30.09
CA HIS A 1585 52.56 41.86 -29.94
C HIS A 1585 52.04 41.84 -28.51
N GLN A 1586 52.33 42.91 -27.76
CA GLN A 1586 52.02 42.95 -26.34
C GLN A 1586 50.51 43.10 -26.10
N LEU A 1587 50.05 42.54 -24.98
CA LEU A 1587 48.63 42.40 -24.69
C LEU A 1587 48.19 43.46 -23.69
N VAL A 1588 47.85 44.63 -24.18
CA VAL A 1588 47.37 45.68 -23.30
C VAL A 1588 45.89 45.42 -23.02
N ARG A 1589 45.61 44.66 -21.97
CA ARG A 1589 44.24 44.30 -21.62
C ARG A 1589 43.63 45.45 -20.83
N ILE A 1590 43.18 46.46 -21.56
CA ILE A 1590 42.62 47.67 -20.96
C ILE A 1590 41.21 47.34 -20.48
N ASN A 1591 41.07 47.05 -19.19
CA ASN A 1591 39.78 46.70 -18.61
C ASN A 1591 39.02 48.01 -18.37
N LEU A 1592 38.44 48.54 -19.44
CA LEU A 1592 37.68 49.78 -19.37
C LEU A 1592 36.41 49.57 -18.58
N SER A 1593 36.23 50.36 -17.53
CA SER A 1593 35.14 50.16 -16.59
C SER A 1593 34.50 51.50 -16.29
N ASP A 1594 33.65 51.53 -15.26
CA ASP A 1594 32.88 52.72 -14.92
C ASP A 1594 33.79 53.83 -14.40
N GLN A 1595 34.47 53.57 -13.29
CA GLN A 1595 35.43 54.54 -12.76
C GLN A 1595 36.67 54.51 -13.65
N THR A 1596 36.58 55.22 -14.76
CA THR A 1596 37.69 55.29 -15.70
C THR A 1596 37.59 56.62 -16.42
N ASP A 1597 38.34 57.61 -15.95
CA ASP A 1597 38.36 58.92 -16.58
C ASP A 1597 39.22 58.89 -17.84
N LEU A 1598 39.04 59.92 -18.67
CA LEU A 1598 39.94 60.09 -19.80
C LEU A 1598 41.34 60.42 -19.35
N MET A 1599 41.45 61.08 -18.19
CA MET A 1599 42.74 61.29 -17.55
C MET A 1599 43.36 59.99 -17.07
N ASP A 1600 42.56 58.94 -16.89
CA ASP A 1600 43.09 57.61 -16.72
C ASP A 1600 43.33 56.90 -18.04
N LEU A 1601 43.35 57.65 -19.15
CA LEU A 1601 43.67 57.07 -20.45
C LEU A 1601 44.53 57.97 -21.32
N PHE A 1602 44.95 59.14 -20.85
CA PHE A 1602 45.95 59.89 -21.59
C PHE A 1602 47.04 60.37 -20.64
N GLY A 1603 46.67 60.67 -19.39
CA GLY A 1603 47.62 60.96 -18.34
C GLY A 1603 48.46 62.21 -18.57
N SER A 1604 49.74 62.10 -18.21
CA SER A 1604 50.83 63.02 -18.49
C SER A 1604 50.69 64.37 -17.82
N ASP A 1605 49.63 64.62 -17.05
CA ASP A 1605 49.34 65.94 -16.52
C ASP A 1605 50.10 66.12 -15.20
N ALA A 1621 49.01 54.89 -17.49
CA ALA A 1621 49.49 55.28 -18.81
C ALA A 1621 49.45 54.09 -19.72
N PRO A 1622 48.61 53.10 -19.40
CA PRO A 1622 48.56 51.89 -20.22
C PRO A 1622 48.06 52.15 -21.63
N PHE A 1623 46.94 52.85 -21.75
CA PHE A 1623 46.51 53.30 -23.07
C PHE A 1623 47.48 54.32 -23.65
N LEU A 1624 48.16 55.07 -22.79
CA LEU A 1624 49.17 56.00 -23.27
C LEU A 1624 50.39 55.27 -23.81
N ALA A 1625 50.85 54.23 -23.10
CA ALA A 1625 51.97 53.44 -23.58
C ALA A 1625 51.60 52.70 -24.86
N ALA A 1626 50.34 52.26 -24.96
CA ALA A 1626 49.90 51.60 -26.18
C ALA A 1626 49.80 52.58 -27.33
N MET A 1627 49.51 53.84 -27.05
CA MET A 1627 49.66 54.83 -28.10
C MET A 1627 51.12 55.13 -28.39
N ARG A 1628 52.00 54.86 -27.43
CA ARG A 1628 53.43 55.10 -27.61
C ARG A 1628 54.14 53.90 -28.21
N ASN A 1629 54.13 52.78 -27.50
CA ASN A 1629 54.65 51.54 -28.04
C ASN A 1629 53.51 50.80 -28.72
N GLY A 1630 53.78 50.23 -29.89
CA GLY A 1630 52.75 49.50 -30.59
C GLY A 1630 52.42 48.21 -29.87
N HIS A 1631 51.13 47.93 -29.74
CA HIS A 1631 50.71 46.75 -29.00
C HIS A 1631 49.31 46.37 -29.45
N TRP A 1632 48.92 45.17 -29.06
CA TRP A 1632 47.52 44.77 -29.08
C TRP A 1632 46.88 45.35 -27.82
N VAL A 1633 45.95 46.29 -28.00
CA VAL A 1633 45.31 46.96 -26.89
C VAL A 1633 43.92 46.36 -26.74
N LEU A 1634 43.77 45.43 -25.81
CA LEU A 1634 42.50 44.74 -25.61
C LEU A 1634 41.63 45.59 -24.70
N LEU A 1635 40.62 46.22 -25.27
CA LEU A 1635 39.74 47.11 -24.51
C LEU A 1635 38.55 46.31 -24.02
N ASP A 1636 38.60 45.93 -22.75
CA ASP A 1636 37.54 45.12 -22.17
C ASP A 1636 36.38 45.99 -21.71
N GLU A 1637 35.16 45.55 -22.03
CA GLU A 1637 33.89 46.13 -21.56
C GLU A 1637 33.74 47.60 -21.99
N LEU A 1638 33.64 47.78 -23.30
CA LEU A 1638 33.36 49.11 -23.85
C LEU A 1638 31.96 49.58 -23.48
N ASN A 1639 31.02 48.66 -23.32
CA ASN A 1639 29.64 49.04 -23.03
C ASN A 1639 29.48 49.61 -21.63
N LEU A 1640 30.41 49.34 -20.72
CA LEU A 1640 30.34 49.84 -19.35
C LEU A 1640 31.08 51.15 -19.17
N ALA A 1641 31.23 51.94 -20.23
CA ALA A 1641 32.05 53.15 -20.19
C ALA A 1641 31.23 54.38 -19.84
N SER A 1642 31.94 55.42 -19.40
CA SER A 1642 31.37 56.75 -19.24
C SER A 1642 31.50 57.48 -20.56
N GLN A 1643 30.39 58.09 -21.01
CA GLN A 1643 30.32 58.48 -22.40
C GLN A 1643 31.02 59.80 -22.72
N SER A 1644 32.21 59.96 -22.22
CA SER A 1644 33.25 60.85 -22.73
C SER A 1644 34.56 60.10 -22.84
N VAL A 1645 34.78 59.12 -21.98
CA VAL A 1645 35.79 58.11 -22.26
C VAL A 1645 35.42 57.36 -23.53
N LEU A 1646 34.13 57.16 -23.75
CA LEU A 1646 33.69 56.49 -25.00
C LEU A 1646 34.08 57.41 -26.17
N GLU A 1647 33.86 58.72 -25.98
CA GLU A 1647 34.19 59.75 -27.01
C GLU A 1647 35.71 59.74 -27.24
N GLY A 1648 36.49 59.58 -26.16
CA GLY A 1648 37.96 59.54 -26.29
C GLY A 1648 38.38 58.34 -27.11
N LEU A 1649 37.75 57.19 -26.89
CA LEU A 1649 38.06 55.95 -27.68
C LEU A 1649 37.70 56.21 -29.15
N ASN A 1650 36.57 56.89 -29.39
CA ASN A 1650 36.16 57.21 -30.78
C ASN A 1650 37.23 58.11 -31.43
N ALA A 1651 37.74 59.09 -30.66
CA ALA A 1651 38.79 60.01 -31.16
C ALA A 1651 40.05 59.21 -31.48
N CYS A 1652 40.38 58.24 -30.63
CA CYS A 1652 41.58 57.37 -30.82
C CYS A 1652 41.42 56.58 -32.12
N LEU A 1653 40.20 56.10 -32.40
CA LEU A 1653 39.94 55.33 -33.64
C LEU A 1653 40.21 56.23 -34.85
N ASP A 1654 39.80 57.50 -34.76
CA ASP A 1654 39.99 58.51 -35.85
C ASP A 1654 41.47 58.54 -36.27
N HIS A 1655 41.71 58.75 -37.57
CA HIS A 1655 43.09 58.78 -38.13
C HIS A 1655 43.91 59.92 -37.51
N ARG A 1656 43.27 61.06 -37.25
CA ARG A 1656 43.99 62.22 -36.66
C ARG A 1656 44.54 61.82 -35.28
N ASN A 1657 45.76 62.25 -34.97
CA ASN A 1657 46.44 61.92 -33.68
C ASN A 1657 45.75 62.66 -32.53
N GLU A 1658 45.91 62.14 -31.30
CA GLU A 1658 45.27 62.75 -30.10
C GLU A 1658 45.76 64.19 -29.96
N ALA A 1659 44.84 65.10 -29.63
CA ALA A 1659 45.14 66.55 -29.49
C ALA A 1659 44.87 66.90 -28.02
N TYR A 1660 45.76 66.45 -27.14
CA TYR A 1660 45.64 66.59 -25.70
C TYR A 1660 45.54 68.07 -25.37
N ILE A 1661 44.71 68.38 -24.37
CA ILE A 1661 44.73 69.69 -23.73
C ILE A 1661 45.74 69.72 -22.58
N PRO A 1662 45.82 68.65 -21.79
CA PRO A 1662 46.24 68.80 -20.38
C PRO A 1662 47.71 69.13 -20.20
N GLU A 1663 48.59 68.68 -21.09
CA GLU A 1663 50.00 69.03 -21.00
C GLU A 1663 50.49 69.76 -22.22
N LEU A 1664 50.22 69.14 -23.38
CA LEU A 1664 50.58 69.57 -24.76
C LEU A 1664 49.32 69.49 -25.62
N ASP A 1665 49.34 70.11 -26.81
CA ASP A 1665 48.16 70.10 -27.74
C ASP A 1665 47.84 68.69 -28.27
N LYS A 1666 48.83 67.92 -28.75
CA LYS A 1666 48.52 66.57 -29.32
C LYS A 1666 49.77 65.68 -29.39
N VAL A 1667 49.58 64.36 -29.47
CA VAL A 1667 50.71 63.39 -29.54
C VAL A 1667 50.86 62.90 -30.97
N PHE A 1668 52.10 62.71 -31.44
CA PHE A 1668 52.37 62.23 -32.83
C PHE A 1668 51.99 60.75 -32.93
N HIS A 1671 53.43 54.94 -32.00
CA HIS A 1671 52.47 53.86 -32.34
C HIS A 1671 52.45 53.63 -33.86
N PRO A 1672 53.50 53.01 -34.45
CA PRO A 1672 53.51 52.79 -35.90
C PRO A 1672 52.36 51.86 -36.32
N ASN A 1673 52.10 50.81 -35.53
CA ASN A 1673 51.03 49.83 -35.83
C ASN A 1673 50.40 49.34 -34.51
N PHE A 1674 49.78 50.25 -33.76
CA PHE A 1674 49.15 49.91 -32.49
C PHE A 1674 47.69 49.54 -32.65
N ARG A 1675 47.41 48.41 -33.27
CA ARG A 1675 46.03 47.98 -33.49
C ARG A 1675 45.39 47.63 -32.16
N VAL A 1676 44.20 48.17 -31.92
CA VAL A 1676 43.51 48.07 -30.64
C VAL A 1676 42.26 47.21 -30.84
N PHE A 1677 42.19 46.11 -30.12
CA PHE A 1677 41.08 45.18 -30.25
C PHE A 1677 40.03 45.50 -29.21
N ALA A 1678 38.77 45.19 -29.54
CA ALA A 1678 37.63 45.71 -28.81
C ALA A 1678 36.74 44.57 -28.35
N ALA A 1679 36.56 44.45 -27.04
CA ALA A 1679 35.70 43.43 -26.46
C ALA A 1679 34.27 43.93 -26.52
N GLN A 1680 33.58 43.61 -27.61
CA GLN A 1680 32.16 43.93 -27.73
C GLN A 1680 31.40 43.03 -26.78
N ASN A 1681 31.09 43.53 -25.60
CA ASN A 1681 30.64 42.75 -24.45
C ASN A 1681 29.18 42.32 -24.60
N PRO A 1682 28.61 41.65 -23.59
CA PRO A 1682 27.22 41.21 -23.68
C PRO A 1682 26.24 42.36 -23.77
N GLN A 1683 25.60 42.48 -24.94
CA GLN A 1683 24.67 43.55 -25.22
C GLN A 1683 23.24 43.14 -24.94
N GLY A 1691 23.76 49.21 -26.92
CA GLY A 1691 24.47 49.75 -25.76
C GLY A 1691 25.58 50.68 -26.17
N LEU A 1692 26.46 50.19 -27.04
CA LEU A 1692 27.51 51.03 -27.58
C LEU A 1692 26.91 52.07 -28.52
N PRO A 1693 27.54 53.23 -28.64
CA PRO A 1693 27.01 54.25 -29.55
C PRO A 1693 27.19 53.83 -31.00
N ARG A 1694 26.22 54.21 -31.82
CA ARG A 1694 26.23 53.84 -33.23
C ARG A 1694 27.30 54.55 -34.04
N SER A 1695 28.05 55.47 -33.45
CA SER A 1695 29.24 56.00 -34.11
C SER A 1695 30.50 55.29 -33.65
N PHE A 1696 30.58 54.94 -32.36
CA PHE A 1696 31.70 54.13 -31.90
C PHE A 1696 31.58 52.71 -32.40
N ILE A 1697 30.36 52.23 -32.62
CA ILE A 1697 30.15 50.89 -33.12
C ILE A 1697 29.91 50.88 -34.62
N ASN A 1698 30.34 51.93 -35.33
CA ASN A 1698 30.37 51.89 -36.78
C ASN A 1698 31.62 52.55 -37.33
N ARG A 1699 32.58 52.90 -36.48
CA ARG A 1699 33.91 53.26 -36.91
C ARG A 1699 34.90 52.12 -36.76
N PHE A 1700 34.60 51.17 -35.86
CA PHE A 1700 35.44 50.01 -35.63
C PHE A 1700 35.20 48.98 -36.72
N SER A 1701 35.72 47.77 -36.54
CA SER A 1701 35.37 46.65 -37.39
C SER A 1701 34.98 45.50 -36.50
N VAL A 1702 33.87 44.84 -36.82
CA VAL A 1702 33.29 43.83 -35.95
C VAL A 1702 33.62 42.46 -36.51
N VAL A 1703 34.13 41.58 -35.65
CA VAL A 1703 34.47 40.21 -36.01
C VAL A 1703 33.54 39.29 -35.25
N TYR A 1704 32.96 38.33 -35.98
CA TYR A 1704 32.02 37.30 -35.44
C TYR A 1704 32.78 36.20 -34.70
N VAL A 1705 32.05 35.39 -33.91
CA VAL A 1705 32.63 34.26 -33.12
C VAL A 1705 31.84 32.98 -33.41
N ALA A 1707 30.77 28.76 -32.08
CA ALA A 1707 30.48 27.95 -30.86
C ALA A 1707 31.38 26.71 -30.78
N LEU A 1708 31.54 26.18 -29.55
CA LEU A 1708 32.37 24.97 -29.26
C LEU A 1708 31.62 23.69 -29.66
N LYS A 1709 32.37 22.57 -29.80
CA LYS A 1709 31.81 21.29 -30.18
C LYS A 1709 32.22 20.21 -29.18
N GLU A 1710 31.44 19.13 -29.17
CA GLU A 1710 31.55 18.14 -28.11
C GLU A 1710 32.80 17.28 -28.27
N LYS A 1711 33.06 16.75 -29.46
CA LYS A 1711 34.33 16.08 -29.70
C LYS A 1711 35.49 17.06 -29.61
N ASP A 1712 35.25 18.31 -30.00
CA ASP A 1712 36.23 19.36 -29.74
C ASP A 1712 36.35 19.63 -28.25
N MET A 1713 35.28 19.45 -27.48
CA MET A 1713 35.42 19.59 -26.04
C MET A 1713 36.25 18.45 -25.47
N ILE A 1714 36.19 17.27 -26.09
CA ILE A 1714 37.07 16.18 -25.68
C ILE A 1714 38.51 16.52 -26.04
N GLU A 1715 38.71 17.18 -27.16
CA GLU A 1715 40.05 17.62 -27.53
C GLU A 1715 40.59 18.63 -26.53
N ILE A 1716 39.73 19.52 -26.04
CA ILE A 1716 40.16 20.46 -25.01
C ILE A 1716 40.35 19.74 -23.69
N ALA A 1717 39.65 18.63 -23.48
CA ALA A 1717 39.84 17.83 -22.28
C ALA A 1717 41.11 17.01 -22.32
N ALA A 1718 41.67 16.80 -23.51
CA ALA A 1718 42.87 16.00 -23.65
C ALA A 1718 44.09 16.61 -22.98
N CYS A 1719 44.06 17.90 -22.67
CA CYS A 1719 45.08 18.50 -21.82
C CYS A 1719 44.87 18.19 -20.34
N ASN A 1720 43.77 17.54 -19.99
CA ASN A 1720 43.51 17.14 -18.61
C ASN A 1720 43.46 15.64 -18.41
N TYR A 1721 43.54 14.85 -19.47
CA TYR A 1721 43.32 13.40 -19.35
C TYR A 1721 44.59 12.64 -19.03
N HIS A 1722 45.33 13.11 -18.03
CA HIS A 1722 46.44 12.34 -17.48
C HIS A 1722 45.93 11.49 -16.34
N GLN A 1723 45.38 12.13 -15.32
CA GLN A 1723 44.66 11.44 -14.25
C GLN A 1723 43.16 11.46 -14.52
N VAL A 1724 42.78 10.81 -15.62
CA VAL A 1724 41.38 10.69 -15.98
C VAL A 1724 41.15 9.36 -16.68
N ASN A 1725 40.22 8.56 -16.17
CA ASN A 1725 39.66 7.49 -16.98
C ASN A 1725 38.99 8.10 -18.18
N GLU A 1726 39.51 7.78 -19.38
CA GLU A 1726 39.18 8.53 -20.59
C GLU A 1726 37.72 8.35 -20.98
N ASP A 1727 37.16 7.16 -20.77
CA ASP A 1727 35.74 6.98 -20.99
C ASP A 1727 34.93 7.70 -19.93
N TRP A 1728 35.45 7.76 -18.70
CA TRP A 1728 34.78 8.56 -17.67
C TRP A 1728 34.90 10.05 -17.99
N ARG A 1729 35.98 10.45 -18.68
CA ARG A 1729 36.08 11.82 -19.15
C ARG A 1729 35.03 12.12 -20.22
N LEU A 1730 34.86 11.19 -21.17
CA LEU A 1730 33.80 11.35 -22.18
C LEU A 1730 32.43 11.31 -21.53
N LYS A 1731 32.29 10.56 -20.44
CA LYS A 1731 31.03 10.53 -19.73
C LYS A 1731 30.74 11.86 -19.04
N ILE A 1732 31.74 12.48 -18.43
CA ILE A 1732 31.53 13.77 -17.76
C ILE A 1732 31.21 14.86 -18.78
N ILE A 1733 31.86 14.80 -19.94
CA ILE A 1733 31.60 15.80 -20.98
C ILE A 1733 30.19 15.64 -21.54
N LYS A 1734 29.81 14.40 -21.88
CA LYS A 1734 28.47 14.16 -22.38
C LYS A 1734 27.42 14.44 -21.32
N PHE A 1735 27.78 14.27 -20.04
CA PHE A 1735 26.84 14.49 -18.96
C PHE A 1735 26.55 15.97 -18.82
N MET A 1736 27.57 16.82 -18.86
CA MET A 1736 27.32 18.25 -18.78
C MET A 1736 26.56 18.76 -20.00
N PHE A 1737 26.88 18.23 -21.19
CA PHE A 1737 26.22 18.67 -22.41
C PHE A 1737 24.74 18.30 -22.41
N ARG A 1738 24.42 17.04 -22.16
CA ARG A 1738 23.03 16.65 -22.11
C ARG A 1738 22.32 17.18 -20.88
N LEU A 1739 23.06 17.54 -19.83
CA LEU A 1739 22.45 18.15 -18.66
C LEU A 1739 21.92 19.53 -18.98
N GLN A 1740 22.74 20.35 -19.65
CA GLN A 1740 22.26 21.66 -20.07
C GLN A 1740 21.18 21.54 -21.13
N ASP A 1741 21.33 20.58 -22.05
CA ASP A 1741 20.35 20.43 -23.13
C ASP A 1741 19.01 19.92 -22.63
N ASN A 1742 19.00 19.21 -21.51
CA ASN A 1742 17.73 18.79 -20.93
C ASN A 1742 17.19 19.81 -19.93
N ILE A 1743 18.07 20.56 -19.27
CA ILE A 1743 17.60 21.56 -18.32
C ILE A 1743 17.05 22.79 -19.01
N GLU A 1744 17.42 23.03 -20.27
CA GLU A 1744 16.90 24.17 -21.02
C GLU A 1744 15.64 23.81 -21.80
N LYS A 1745 14.84 22.86 -21.29
CA LYS A 1745 13.63 22.48 -21.99
C LYS A 1745 12.45 22.19 -21.04
N ASP A 1746 12.52 22.59 -19.78
CA ASP A 1746 11.50 22.17 -18.81
C ASP A 1746 11.41 23.20 -17.70
N ILE A 1747 10.79 22.81 -16.58
CA ILE A 1747 10.61 23.70 -15.46
C ILE A 1747 11.93 23.96 -14.75
N SER A 1748 12.68 22.89 -14.49
CA SER A 1748 13.95 23.03 -13.78
C SER A 1748 14.92 21.91 -14.16
N GLY A 1753 14.56 28.28 -9.48
CA GLY A 1753 14.74 28.67 -10.87
C GLY A 1753 15.83 29.72 -11.03
N SER A 1754 16.54 29.63 -12.16
CA SER A 1754 17.64 30.53 -12.52
C SER A 1754 17.94 30.33 -13.99
N PRO A 1755 18.93 31.03 -14.55
CA PRO A 1755 19.29 30.81 -15.96
C PRO A 1755 19.91 29.44 -16.25
N TRP A 1756 20.54 28.79 -15.27
CA TRP A 1756 21.08 27.43 -15.36
C TRP A 1756 22.12 27.29 -16.49
N GLU A 1757 23.28 27.90 -16.24
CA GLU A 1757 24.29 28.11 -17.27
C GLU A 1757 24.89 26.80 -17.78
N PHE A 1758 25.59 26.06 -16.90
CA PHE A 1758 26.17 24.73 -17.17
C PHE A 1758 27.13 24.76 -18.37
N ASN A 1759 28.26 25.42 -18.16
CA ASN A 1759 29.21 25.72 -19.23
C ASN A 1759 30.42 24.79 -19.20
N LEU A 1760 31.26 24.93 -20.23
CA LEU A 1760 32.43 24.08 -20.39
C LEU A 1760 33.50 24.33 -19.35
N ARG A 1761 33.50 25.52 -18.74
CA ARG A 1761 34.39 25.78 -17.63
C ARG A 1761 34.08 24.89 -16.46
N ASP A 1762 32.81 24.55 -16.27
CA ASP A 1762 32.45 23.58 -15.25
C ASP A 1762 32.90 22.18 -15.62
N THR A 1763 32.90 21.85 -16.91
CA THR A 1763 33.38 20.54 -17.34
C THR A 1763 34.86 20.38 -17.07
N LEU A 1764 35.64 21.40 -17.43
CA LEU A 1764 37.07 21.38 -17.13
C LEU A 1764 37.31 21.48 -15.64
N ARG A 1765 36.39 22.10 -14.90
CA ARG A 1765 36.52 22.15 -13.46
C ARG A 1765 36.33 20.78 -12.85
N TRP A 1766 35.37 20.01 -13.35
CA TRP A 1766 35.16 18.67 -12.82
C TRP A 1766 36.31 17.75 -13.20
N LEU A 1767 36.82 17.90 -14.42
CA LEU A 1767 37.94 17.10 -14.88
C LEU A 1767 39.19 17.36 -14.03
N GLN A 1768 39.53 18.62 -13.81
CA GLN A 1768 40.65 18.95 -12.94
C GLN A 1768 40.31 18.79 -11.46
N LEU A 1769 39.06 18.54 -11.11
CA LEU A 1769 38.77 18.12 -9.76
C LEU A 1769 39.02 16.65 -9.58
N LEU A 1770 38.84 15.88 -10.66
CA LEU A 1770 39.02 14.43 -10.60
C LEU A 1770 40.46 14.05 -10.30
N ASN A 1771 41.42 14.89 -10.69
CA ASN A 1771 42.83 14.54 -10.63
C ASN A 1771 43.43 14.72 -9.26
N ASP A 1772 42.63 14.73 -8.19
CA ASP A 1772 43.13 14.92 -6.84
C ASP A 1772 42.42 13.99 -5.85
N ALA A 1773 42.30 12.71 -6.21
CA ALA A 1773 41.60 11.73 -5.36
C ALA A 1773 42.27 11.49 -4.02
N ASP A 1783 31.85 10.46 -7.46
CA ASP A 1783 30.88 10.90 -6.43
C ASP A 1783 31.08 12.40 -6.17
N TYR A 1784 32.33 12.81 -5.93
CA TYR A 1784 32.65 14.24 -5.66
C TYR A 1784 32.11 15.11 -6.79
N LEU A 1785 32.28 14.65 -8.03
CA LEU A 1785 31.81 15.38 -9.21
C LEU A 1785 30.30 15.61 -9.16
N GLU A 1786 29.54 14.59 -8.78
CA GLU A 1786 28.12 14.78 -8.65
C GLU A 1786 27.78 15.67 -7.47
N VAL A 1787 28.60 15.62 -6.42
CA VAL A 1787 28.30 16.40 -5.22
C VAL A 1787 28.48 17.89 -5.48
N MET A 1788 29.61 18.27 -6.04
CA MET A 1788 29.83 19.68 -6.34
C MET A 1788 29.57 19.99 -7.80
N VAL A 1789 28.69 19.23 -8.45
CA VAL A 1789 28.08 19.75 -9.68
C VAL A 1789 26.58 19.57 -9.65
N LEU A 1790 26.04 19.03 -8.56
CA LEU A 1790 24.59 19.08 -8.38
C LEU A 1790 24.22 19.30 -6.93
N HIS A 1791 25.10 19.94 -6.16
CA HIS A 1791 24.63 20.57 -4.92
C HIS A 1791 24.00 21.92 -5.23
N ARG A 1792 24.26 22.43 -6.43
CA ARG A 1792 23.81 23.74 -6.89
C ARG A 1792 22.56 23.64 -7.74
N MET A 1793 21.67 22.72 -7.40
CA MET A 1793 20.29 22.73 -7.87
C MET A 1793 19.41 22.86 -6.63
N ARG A 1794 18.73 24.00 -6.49
CA ARG A 1794 18.19 24.40 -5.20
C ARG A 1794 16.90 23.67 -4.86
N THR A 1795 15.96 23.61 -5.80
CA THR A 1795 14.70 22.91 -5.57
C THR A 1795 14.94 21.40 -5.58
N VAL A 1796 14.48 20.74 -4.51
CA VAL A 1796 14.84 19.35 -4.26
C VAL A 1796 14.25 18.42 -5.31
N GLU A 1797 13.12 18.80 -5.89
CA GLU A 1797 12.56 18.04 -7.00
C GLU A 1797 13.48 18.07 -8.22
N ASP A 1798 14.07 19.24 -8.49
CA ASP A 1798 15.04 19.33 -9.56
C ASP A 1798 16.31 18.58 -9.24
N ARG A 1799 16.64 18.46 -7.95
CA ARG A 1799 17.77 17.62 -7.56
C ARG A 1799 17.48 16.15 -7.82
N VAL A 1800 16.23 15.72 -7.58
CA VAL A 1800 15.84 14.35 -7.88
C VAL A 1800 15.92 14.09 -9.37
N ARG A 1801 15.44 15.04 -10.18
CA ARG A 1801 15.51 14.88 -11.62
C ARG A 1801 16.94 14.87 -12.13
N THR A 1802 17.82 15.65 -11.49
CA THR A 1802 19.22 15.65 -11.90
C THR A 1802 19.88 14.33 -11.53
N CYS A 1803 19.54 13.76 -10.38
CA CYS A 1803 20.05 12.44 -10.03
C CYS A 1803 19.56 11.38 -11.00
N GLU A 1804 18.30 11.52 -11.47
CA GLU A 1804 17.78 10.62 -12.48
C GLU A 1804 18.54 10.75 -13.80
N LEU A 1805 18.91 11.98 -14.16
CA LEU A 1805 19.71 12.15 -15.37
C LEU A 1805 21.12 11.61 -15.19
N PHE A 1806 21.64 11.68 -13.97
CA PHE A 1806 22.95 11.10 -13.69
C PHE A 1806 22.90 9.58 -13.79
N LYS A 1807 21.78 8.98 -13.41
CA LYS A 1807 21.61 7.55 -13.64
C LYS A 1807 21.43 7.24 -15.12
N GLU A 1808 20.78 8.15 -15.85
CA GLU A 1808 20.58 7.93 -17.27
C GLU A 1808 21.90 7.97 -18.03
N VAL A 1809 22.85 8.79 -17.57
CA VAL A 1809 24.10 8.94 -18.30
C VAL A 1809 25.20 8.10 -17.67
N PHE A 1810 25.55 8.41 -16.42
CA PHE A 1810 26.67 7.78 -15.75
C PHE A 1810 26.38 6.36 -15.29
N ASP A 1811 25.10 5.95 -15.27
CA ASP A 1811 24.66 4.59 -14.93
C ASP A 1811 25.10 4.16 -13.52
N ILE A 1812 24.65 4.92 -12.53
CA ILE A 1812 24.87 4.58 -11.14
C ILE A 1812 23.67 5.04 -10.33
N ASP A 1813 23.70 4.83 -9.02
CA ASP A 1813 22.65 5.32 -8.12
C ASP A 1813 23.25 6.36 -7.18
N TYR A 1814 22.75 7.58 -7.26
CA TYR A 1814 23.33 8.70 -6.52
C TYR A 1814 22.81 8.76 -5.09
N GLU A 1815 23.03 7.65 -4.37
CA GLU A 1815 22.78 7.65 -2.94
C GLU A 1815 23.73 8.62 -2.27
N PRO A 1816 23.25 9.46 -1.36
CA PRO A 1816 24.11 10.53 -0.83
C PRO A 1816 25.13 9.96 0.14
N ARG A 1817 26.40 10.16 -0.17
CA ARG A 1817 27.48 9.81 0.74
C ARG A 1817 27.36 10.67 1.99
N THR A 1818 27.04 10.03 3.11
CA THR A 1818 26.89 10.75 4.37
C THR A 1818 28.22 11.30 4.83
N ILE A 1819 28.24 12.56 5.22
CA ILE A 1819 29.43 13.22 5.68
C ILE A 1819 29.44 13.21 7.20
N GLY A 1820 30.59 13.51 7.80
CA GLY A 1820 30.70 13.49 9.24
C GLY A 1820 31.80 14.41 9.73
N PHE A 1821 31.61 14.96 10.92
CA PHE A 1821 32.46 16.05 11.39
C PHE A 1821 33.62 15.50 12.21
N SER A 1822 34.70 15.17 11.54
CA SER A 1822 35.95 14.82 12.20
C SER A 1822 36.77 16.08 12.36
N LEU A 1823 37.06 16.45 13.60
CA LEU A 1823 37.50 17.81 13.91
C LEU A 1823 38.73 17.80 14.80
N SER A 1824 39.76 17.07 14.39
CA SER A 1824 40.96 16.92 15.19
C SER A 1824 41.79 18.20 15.17
N SER A 1825 42.94 18.15 15.84
CA SER A 1825 43.75 19.33 16.08
C SER A 1825 44.35 19.85 14.78
N GLN A 1826 45.19 19.05 14.15
CA GLN A 1826 45.86 19.52 12.96
C GLN A 1826 44.97 19.49 11.73
N CYS A 1827 43.79 18.90 11.82
CA CYS A 1827 42.88 18.89 10.68
C CYS A 1827 41.47 18.69 11.18
N PHE A 1828 40.55 19.47 10.59
CA PHE A 1828 39.12 19.22 10.71
C PHE A 1828 38.61 18.87 9.32
N LYS A 1829 37.83 17.81 9.24
CA LYS A 1829 37.52 17.22 7.95
C LYS A 1829 36.11 16.67 7.94
N VAL A 1830 35.52 16.68 6.75
CA VAL A 1830 34.18 16.18 6.55
C VAL A 1830 34.15 15.56 5.17
N GLY A 1831 33.97 14.24 5.11
CA GLY A 1831 33.47 13.55 3.94
C GLY A 1831 34.17 13.77 2.63
N HIS A 1832 35.36 13.20 2.44
CA HIS A 1832 36.18 13.35 1.24
C HIS A 1832 36.63 14.79 1.08
N SER A 1833 36.95 15.44 2.20
CA SER A 1833 37.44 16.80 2.22
C SER A 1833 38.08 17.09 3.56
N LEU A 1834 39.34 17.51 3.56
CA LEU A 1834 40.07 17.91 4.75
C LEU A 1834 40.28 19.42 4.73
N LEU A 1835 40.89 19.93 5.80
CA LEU A 1835 41.15 21.36 5.89
C LEU A 1835 42.36 21.60 6.77
N VAL A 1836 43.21 22.54 6.35
CA VAL A 1836 44.50 22.76 7.01
C VAL A 1836 44.23 23.68 8.18
N ARG A 1837 43.80 23.09 9.29
CA ARG A 1837 43.25 23.84 10.43
C ARG A 1837 44.37 24.34 11.35
N ASP A 1838 45.26 25.15 10.78
CA ASP A 1838 46.46 25.60 11.49
C ASP A 1838 46.17 26.57 12.61
N GLN A 1842 47.70 32.12 15.76
CA GLN A 1842 47.48 31.49 14.47
C GLN A 1842 45.99 31.23 14.27
N LYS A 1843 45.21 31.53 15.29
CA LYS A 1843 43.76 31.54 15.20
C LYS A 1843 43.26 32.91 15.61
N THR A 1844 42.57 33.57 14.70
CA THR A 1844 42.22 34.97 14.84
C THR A 1844 40.84 35.20 15.44
N LEU A 1845 39.81 34.51 14.92
CA LEU A 1845 38.44 34.97 15.04
C LEU A 1845 37.90 34.87 16.46
N LEU A 1846 38.06 33.70 17.10
CA LEU A 1846 37.57 33.39 18.45
C LEU A 1846 36.04 33.59 18.52
N ASP A 1847 35.34 32.75 17.76
CA ASP A 1847 33.96 33.00 17.38
C ASP A 1847 32.98 32.65 18.48
N SER A 1848 31.67 32.75 18.16
CA SER A 1848 30.61 32.46 19.11
C SER A 1848 29.41 31.73 18.51
N GLN A 1849 29.54 31.13 17.33
CA GLN A 1849 28.52 30.28 16.76
C GLN A 1849 29.01 28.83 16.77
N ASN A 1850 28.09 27.89 16.91
CA ASN A 1850 28.44 26.50 17.17
C ASN A 1850 28.49 25.70 15.86
N ILE A 1851 28.57 24.38 15.99
CA ILE A 1851 28.94 23.53 14.85
C ILE A 1851 27.81 23.40 13.83
N LEU A 1852 26.55 23.41 14.28
CA LEU A 1852 25.33 23.40 13.45
C LEU A 1852 25.30 22.17 12.53
N GLN A 1853 25.15 21.01 13.18
CA GLN A 1853 25.42 19.72 12.55
C GLN A 1853 24.53 19.46 11.34
N SER A 1854 23.33 20.01 11.33
CA SER A 1854 22.47 19.87 10.16
C SER A 1854 23.02 20.61 8.96
N GLN A 1855 23.82 21.65 9.17
CA GLN A 1855 24.50 22.30 8.06
C GLN A 1855 25.74 21.53 7.61
N LEU A 1856 26.04 20.40 8.26
CA LEU A 1856 27.18 19.58 7.87
C LEU A 1856 27.08 19.05 6.45
N PRO A 1857 25.91 18.90 5.84
CA PRO A 1857 25.88 18.42 4.46
C PRO A 1857 26.32 19.44 3.46
N VAL A 1858 26.32 20.72 3.81
CA VAL A 1858 26.80 21.76 2.91
C VAL A 1858 28.04 22.46 3.43
N LEU A 1859 28.32 22.40 4.74
CA LEU A 1859 29.57 22.94 5.27
C LEU A 1859 30.77 22.23 4.69
N GLU A 1860 30.60 20.97 4.30
CA GLU A 1860 31.66 20.28 3.58
C GLU A 1860 31.81 20.81 2.17
N SER A 1861 30.70 21.07 1.49
CA SER A 1861 30.76 21.38 0.08
C SER A 1861 31.40 22.72 -0.20
N VAL A 1862 31.49 23.59 0.80
CA VAL A 1862 32.29 24.79 0.65
C VAL A 1862 33.71 24.59 1.15
N ILE A 1863 33.91 23.66 2.09
CA ILE A 1863 35.25 23.39 2.61
C ILE A 1863 36.12 22.81 1.52
N THR A 1864 35.55 21.90 0.72
CA THR A 1864 36.20 21.49 -0.52
C THR A 1864 36.40 22.68 -1.43
N CYS A 1865 35.40 23.54 -1.52
CA CYS A 1865 35.57 24.77 -2.28
C CYS A 1865 36.56 25.71 -1.63
N ILE A 1866 36.78 25.60 -0.32
CA ILE A 1866 37.84 26.39 0.28
C ILE A 1866 39.20 25.81 -0.04
N ASN A 1867 39.28 24.53 -0.37
CA ASN A 1867 40.58 23.92 -0.63
C ASN A 1867 40.97 23.98 -2.09
N LYS A 1868 40.01 23.91 -3.02
CA LYS A 1868 40.33 23.88 -4.44
C LYS A 1868 40.65 25.24 -5.01
N LYS A 1869 40.69 26.28 -4.17
CA LYS A 1869 40.89 27.68 -4.55
C LYS A 1869 39.91 28.13 -5.63
N TRP A 1870 38.69 27.63 -5.56
CA TRP A 1870 37.62 28.07 -6.42
C TRP A 1870 36.92 29.26 -5.80
N PRO A 1871 36.03 29.91 -6.52
CA PRO A 1871 35.37 31.11 -6.00
C PRO A 1871 34.21 30.75 -5.09
N CYS A 1872 34.35 31.06 -3.80
CA CYS A 1872 33.36 30.62 -2.82
C CYS A 1872 32.12 31.47 -2.90
N ILE A 1873 30.96 30.85 -3.11
CA ILE A 1873 29.69 31.55 -3.24
C ILE A 1873 28.67 30.87 -2.35
N LEU A 1874 28.49 31.38 -1.14
CA LEU A 1874 27.53 30.80 -0.19
C LEU A 1874 26.12 31.30 -0.48
N VAL A 1875 25.67 31.02 -1.68
CA VAL A 1875 24.47 31.62 -2.27
C VAL A 1875 23.21 31.08 -1.62
N GLY A 1876 22.08 31.67 -1.93
CA GLY A 1876 20.85 31.04 -1.50
C GLY A 1876 19.79 31.96 -0.93
N ASP A 1877 19.39 31.73 0.32
CA ASP A 1877 18.20 32.35 0.86
C ASP A 1877 18.45 32.90 2.25
N THR A 1878 17.63 33.88 2.62
CA THR A 1878 17.92 34.75 3.74
C THR A 1878 17.59 34.07 5.06
N ALA A 1879 18.37 34.44 6.08
CA ALA A 1879 18.27 34.00 7.47
C ALA A 1879 18.41 32.50 7.66
N THR A 1880 18.83 31.77 6.63
CA THR A 1880 19.00 30.33 6.77
C THR A 1880 20.31 29.99 7.45
N GLY A 1881 21.18 30.97 7.61
CA GLY A 1881 22.49 30.75 8.15
C GLY A 1881 23.43 30.63 6.98
N LYS A 1882 24.10 31.74 6.65
CA LYS A 1882 25.14 31.73 5.65
C LYS A 1882 26.41 32.41 6.13
N THR A 1883 26.29 33.48 6.90
CA THR A 1883 27.46 34.08 7.51
C THR A 1883 28.04 33.16 8.56
N CYS A 1884 27.22 32.33 9.19
CA CYS A 1884 27.73 31.41 10.17
C CYS A 1884 28.48 30.26 9.52
N ILE A 1885 28.13 29.91 8.29
CA ILE A 1885 28.84 28.83 7.60
C ILE A 1885 30.27 29.23 7.34
N LEU A 1886 30.47 30.37 6.69
CA LEU A 1886 31.82 30.83 6.43
C LEU A 1886 32.50 31.28 7.70
N ARG A 1887 31.73 31.79 8.65
CA ARG A 1887 32.26 32.16 9.95
C ARG A 1887 32.85 30.96 10.66
N LEU A 1888 32.10 29.86 10.72
CA LEU A 1888 32.58 28.66 11.40
C LEU A 1888 33.70 27.99 10.63
N LEU A 1889 33.60 27.97 9.29
CA LEU A 1889 34.63 27.36 8.46
C LEU A 1889 35.97 28.05 8.66
N ALA A 1890 36.05 29.34 8.39
CA ALA A 1890 37.31 30.01 8.63
C ALA A 1890 37.52 30.40 10.08
N ALA A 1891 36.59 30.06 10.96
CA ALA A 1891 36.84 30.20 12.38
C ALA A 1891 37.66 29.02 12.89
N ILE A 1892 37.25 27.81 12.53
CA ILE A 1892 38.02 26.63 12.86
C ILE A 1892 39.33 26.64 12.11
N ALA A 1893 39.32 27.12 10.87
CA ALA A 1893 40.59 27.25 10.15
C ALA A 1893 41.41 28.41 10.68
N GLY A 1894 40.77 29.43 11.23
CA GLY A 1894 41.51 30.58 11.72
C GLY A 1894 41.93 31.55 10.65
N ALA A 1895 41.24 31.58 9.52
CA ALA A 1895 41.71 32.30 8.34
C ALA A 1895 41.36 33.79 8.35
N LYS A 1896 41.06 34.38 9.52
CA LYS A 1896 40.92 35.84 9.71
C LYS A 1896 39.82 36.41 8.80
N ILE A 1897 38.58 36.07 9.13
CA ILE A 1897 37.44 36.52 8.35
C ILE A 1897 37.34 38.03 8.44
N LYS A 1898 37.05 38.66 7.30
CA LYS A 1898 36.84 40.11 7.27
C LYS A 1898 35.91 40.42 6.11
N GLU A 1899 34.86 41.20 6.38
CA GLU A 1899 33.70 41.27 5.51
C GLU A 1899 33.42 42.69 5.04
N MET A 1900 32.87 42.77 3.83
CA MET A 1900 32.53 44.03 3.20
C MET A 1900 31.14 43.88 2.61
N ALA A 1901 30.21 44.74 3.01
CA ALA A 1901 28.81 44.57 2.66
C ALA A 1901 28.54 45.26 1.33
N VAL A 1902 28.90 44.58 0.25
CA VAL A 1902 28.83 45.24 -1.05
C VAL A 1902 27.42 45.13 -1.56
N ASN A 1903 26.54 45.95 -1.03
CA ASN A 1903 25.22 46.18 -1.60
C ASN A 1903 24.85 47.65 -1.45
N SER A 1904 25.76 48.48 -0.98
CA SER A 1904 25.50 49.89 -0.71
C SER A 1904 25.74 50.75 -1.93
N ASP A 1905 25.58 50.18 -3.13
CA ASP A 1905 25.94 50.79 -4.42
C ASP A 1905 27.40 51.26 -4.41
N THR A 1906 28.27 50.41 -3.87
CA THR A 1906 29.68 50.72 -3.74
C THR A 1906 30.37 50.69 -5.11
N ASP A 1907 31.59 51.22 -5.16
CA ASP A 1907 32.27 51.44 -6.43
C ASP A 1907 33.53 50.61 -6.52
N THR A 1908 34.05 50.50 -7.74
CA THR A 1908 35.24 49.72 -8.02
C THR A 1908 36.45 50.30 -7.32
N MET A 1909 36.48 51.62 -7.15
CA MET A 1909 37.52 52.23 -6.33
C MET A 1909 37.33 51.93 -4.86
N ASP A 1910 36.12 51.56 -4.42
CA ASP A 1910 35.94 51.26 -3.01
C ASP A 1910 36.49 49.90 -2.63
N LEU A 1911 36.60 48.96 -3.59
CA LEU A 1911 37.27 47.70 -3.30
C LEU A 1911 38.77 47.84 -3.45
N ILE A 1912 39.23 48.18 -4.65
CA ILE A 1912 40.65 48.34 -4.93
C ILE A 1912 41.08 49.74 -4.50
N ASP A 1919 44.34 62.49 8.71
CA ASP A 1919 44.93 61.52 7.79
C ASP A 1919 46.22 61.00 8.36
N ILE A 1920 46.86 61.79 9.22
CA ILE A 1920 47.98 61.29 9.97
C ILE A 1920 47.52 60.28 11.01
N SER A 1921 46.43 60.61 11.69
CA SER A 1921 45.93 59.76 12.76
C SER A 1921 45.37 58.44 12.25
N ARG A 1922 44.94 58.37 10.98
CA ARG A 1922 44.49 57.10 10.42
C ARG A 1922 45.66 56.13 10.33
N LYS A 1923 46.79 56.60 9.79
CA LYS A 1923 47.98 55.78 9.74
C LYS A 1923 48.50 55.48 11.13
N ALA A 1924 48.32 56.42 12.07
CA ALA A 1924 48.76 56.17 13.45
C ALA A 1924 47.94 55.06 14.11
N SER A 1925 46.63 55.05 13.86
CA SER A 1925 45.77 54.03 14.44
C SER A 1925 46.02 52.67 13.79
N GLU A 1926 46.21 52.65 12.46
CA GLU A 1926 46.58 51.42 11.78
C GLU A 1926 47.92 50.89 12.29
N LEU A 1927 48.84 51.80 12.62
CA LEU A 1927 50.12 51.42 13.18
C LEU A 1927 49.96 50.81 14.56
N PHE A 1928 49.10 51.40 15.40
CA PHE A 1928 48.87 50.85 16.72
C PHE A 1928 48.25 49.46 16.64
N THR A 1929 47.32 49.28 15.70
CA THR A 1929 46.65 47.98 15.56
C THR A 1929 47.60 46.92 15.03
N ASP A 1930 48.43 47.27 14.06
CA ASP A 1930 49.35 46.29 13.52
C ASP A 1930 50.46 45.98 14.51
N LEU A 1931 50.85 46.97 15.33
CA LEU A 1931 51.80 46.73 16.41
C LEU A 1931 51.22 45.74 17.41
N SER A 1932 49.94 45.88 17.71
CA SER A 1932 49.27 44.93 18.61
C SER A 1932 49.20 43.54 18.00
N GLN A 1933 48.93 43.46 16.69
CA GLN A 1933 48.85 42.16 16.02
C GLN A 1933 50.20 41.46 16.03
N GLN A 1934 51.27 42.21 15.73
CA GLN A 1934 52.59 41.60 15.70
C GLN A 1934 53.06 41.24 17.11
N LEU A 1935 52.71 42.04 18.12
CA LEU A 1935 53.03 41.66 19.49
C LEU A 1935 52.26 40.43 19.91
N LEU A 1936 51.04 40.26 19.40
CA LEU A 1936 50.26 39.08 19.71
C LEU A 1936 50.90 37.84 19.13
N ASN A 1937 51.26 37.89 17.85
CA ASN A 1937 51.93 36.75 17.22
C ASN A 1937 53.30 36.50 17.82
N ILE A 1938 53.93 37.54 18.36
CA ILE A 1938 55.21 37.38 19.06
C ILE A 1938 55.00 36.59 20.34
N VAL A 1939 54.08 37.05 21.17
CA VAL A 1939 53.82 36.39 22.45
C VAL A 1939 53.15 35.04 22.30
N ILE A 1940 52.67 34.71 21.10
CA ILE A 1940 52.19 33.37 20.82
C ILE A 1940 53.31 32.34 21.01
N LYS A 1941 54.39 32.49 20.23
CA LYS A 1941 55.43 31.46 20.24
C LYS A 1941 56.37 31.63 21.44
N TYR A 1942 57.12 32.72 21.48
CA TYR A 1942 58.15 32.89 22.52
C TYR A 1942 57.53 33.64 23.69
N ARG A 1943 56.74 32.91 24.47
CA ARG A 1943 55.99 33.50 25.59
C ARG A 1943 56.96 33.79 26.73
N ASN A 1944 57.69 34.89 26.59
CA ASN A 1944 58.64 35.33 27.60
C ASN A 1944 58.56 36.80 27.93
N PHE A 1945 58.01 37.63 27.06
CA PHE A 1945 58.06 39.08 27.25
C PHE A 1945 57.13 39.53 28.37
N ASP A 1946 57.37 40.75 28.84
CA ASP A 1946 56.51 41.35 29.84
C ASP A 1946 55.93 42.63 29.26
N ILE A 1948 59.16 45.61 32.91
CA ILE A 1948 59.18 46.08 31.54
C ILE A 1948 57.88 46.77 31.19
N PHE A 1949 57.98 47.91 30.52
CA PHE A 1949 56.80 48.61 30.00
C PHE A 1949 56.41 48.11 28.62
N ARG A 1950 56.91 46.95 28.21
CA ARG A 1950 56.48 46.36 26.95
C ARG A 1950 55.02 45.96 27.03
N GLU A 1951 54.58 45.47 28.19
CA GLU A 1951 53.14 45.28 28.37
C GLU A 1951 52.43 46.63 28.47
N THR A 1952 53.09 47.64 29.02
CA THR A 1952 52.53 48.99 28.97
C THR A 1952 52.56 49.52 27.56
N SER A 1953 53.53 49.10 26.76
CA SER A 1953 53.52 49.42 25.34
C SER A 1953 52.36 48.73 24.64
N LEU A 1954 51.99 47.53 25.09
CA LEU A 1954 50.86 46.83 24.49
C LEU A 1954 49.54 47.48 24.89
N TYR A 1955 49.42 47.87 26.16
CA TYR A 1955 48.24 48.58 26.63
C TYR A 1955 48.12 49.93 25.93
N THR A 1956 49.24 50.59 25.70
CA THR A 1956 49.26 51.79 24.89
C THR A 1956 48.89 51.49 23.45
N LEU A 1957 49.25 50.30 22.96
CA LEU A 1957 48.98 49.96 21.57
C LEU A 1957 47.49 49.83 21.30
N THR A 1958 46.72 49.44 22.32
CA THR A 1958 45.27 49.39 22.22
C THR A 1958 44.61 50.61 22.87
N THR A 1959 45.25 51.76 22.81
CA THR A 1959 44.68 52.96 23.41
C THR A 1959 44.39 54.03 22.36
N SER A 1966 45.73 65.42 14.73
CA SER A 1966 46.13 64.35 15.62
C SER A 1966 46.94 64.88 16.79
N GLN A 1967 46.81 64.22 17.94
CA GLN A 1967 47.60 64.54 19.11
C GLN A 1967 48.45 63.34 19.49
N ALA A 1968 49.04 62.69 18.50
CA ALA A 1968 49.56 61.34 18.63
C ALA A 1968 51.01 61.30 19.06
N PHE A 1969 51.47 62.30 19.82
CA PHE A 1969 52.85 62.36 20.29
C PHE A 1969 53.22 61.18 21.18
N THR A 1970 52.25 60.57 21.87
CA THR A 1970 52.50 59.39 22.67
C THR A 1970 52.96 58.20 21.83
N LEU A 1971 52.63 58.19 20.53
CA LEU A 1971 53.13 57.16 19.62
C LEU A 1971 54.64 57.21 19.51
N LEU A 1972 55.22 58.42 19.64
CA LEU A 1972 56.67 58.54 19.70
C LEU A 1972 57.23 57.84 20.91
N GLN A 1973 56.51 57.90 22.05
CA GLN A 1973 56.86 57.12 23.22
C GLN A 1973 56.85 55.63 22.89
N LYS A 1974 55.91 55.22 22.04
CA LYS A 1974 55.86 53.86 21.52
C LYS A 1974 57.17 53.47 20.85
N VAL A 1975 57.73 54.37 20.04
CA VAL A 1975 58.96 54.06 19.35
C VAL A 1975 60.12 53.93 20.34
N VAL A 1976 60.03 54.61 21.48
CA VAL A 1976 61.01 54.43 22.54
C VAL A 1976 60.95 53.00 23.06
N ASP A 1977 59.75 52.46 23.19
CA ASP A 1977 59.61 51.06 23.52
C ASP A 1977 60.07 50.18 22.36
N GLN A 1978 59.90 50.66 21.13
CA GLN A 1978 60.52 49.97 20.02
C GLN A 1978 62.03 50.14 20.02
N LEU A 1979 62.52 51.15 20.74
CA LEU A 1979 63.95 51.32 20.92
C LEU A 1979 64.54 50.22 21.78
N ASP A 1980 64.09 50.12 23.02
CA ASP A 1980 64.67 49.18 23.97
C ASP A 1980 64.15 47.77 23.74
N GLU A 1986 66.60 41.51 21.17
CA GLU A 1986 66.98 40.19 20.67
C GLU A 1986 66.52 39.98 19.23
N THR A 1987 66.72 38.76 18.72
CA THR A 1987 66.42 38.49 17.32
C THR A 1987 64.93 38.43 17.06
N LEU A 1988 64.15 37.96 18.04
CA LEU A 1988 62.70 38.03 17.90
C LEU A 1988 62.23 39.46 18.02
N VAL A 1989 62.86 40.21 18.94
CA VAL A 1989 62.67 41.65 18.99
C VAL A 1989 63.13 42.30 17.71
N HIS A 1990 64.15 41.74 17.05
CA HIS A 1990 64.57 42.26 15.76
C HIS A 1990 63.53 41.99 14.69
N SER A 1991 62.90 40.81 14.73
CA SER A 1991 61.91 40.47 13.73
C SER A 1991 60.63 41.29 13.91
N LEU A 1992 60.30 41.65 15.15
CA LEU A 1992 59.16 42.53 15.38
C LEU A 1992 59.51 43.97 14.98
N GLY A 1993 60.65 44.47 15.43
CA GLY A 1993 61.09 45.81 15.12
C GLY A 1993 61.42 46.04 13.65
N ASP A 1994 61.58 44.98 12.87
CA ASP A 1994 61.70 45.08 11.42
C ASP A 1994 60.52 45.84 10.82
N ILE A 1995 59.30 45.44 11.16
CA ILE A 1995 58.15 46.23 10.76
C ILE A 1995 58.01 47.45 11.65
N HIS A 1996 58.30 47.29 12.95
CA HIS A 1996 57.86 48.28 13.94
C HIS A 1996 58.71 49.54 13.89
N GLU A 1997 60.03 49.40 14.02
CA GLU A 1997 60.92 50.54 13.98
C GLU A 1997 60.91 51.22 12.61
N LYS A 1998 60.66 50.45 11.55
CA LYS A 1998 60.55 51.05 10.22
C LYS A 1998 59.30 51.93 10.13
N ALA A 1999 58.15 51.39 10.53
CA ALA A 1999 56.93 52.18 10.51
C ALA A 1999 56.98 53.33 11.49
N ARG A 2000 57.70 53.18 12.61
CA ARG A 2000 57.78 54.27 13.58
C ARG A 2000 58.75 55.34 13.16
N LYS A 2001 59.84 54.96 12.50
CA LYS A 2001 60.75 55.94 11.93
C LYS A 2001 60.08 56.69 10.79
N LEU A 2002 59.18 56.03 10.08
CA LEU A 2002 58.29 56.77 9.17
C LEU A 2002 57.33 57.65 9.95
N LEU A 2003 56.89 57.19 11.14
CA LEU A 2003 55.94 57.94 11.94
C LEU A 2003 56.59 59.10 12.67
N ALA A 2004 57.92 59.21 12.58
CA ALA A 2004 58.61 60.42 13.02
C ALA A 2004 58.17 61.62 12.20
N GLU A 2005 57.68 61.38 10.99
CA GLU A 2005 57.13 62.39 10.10
C GLU A 2005 55.70 62.78 10.46
N PHE A 2006 55.27 62.61 11.71
CA PHE A 2006 53.93 62.98 12.13
C PHE A 2006 53.80 64.46 12.43
N SER A 2007 54.71 65.29 11.92
CA SER A 2007 54.59 66.74 11.89
C SER A 2007 54.95 67.28 10.51
N ALA A 2008 54.42 66.67 9.46
CA ALA A 2008 54.86 66.97 8.10
C ALA A 2008 53.65 67.19 7.21
N SER A 2009 53.87 67.20 5.90
CA SER A 2009 52.83 67.53 4.93
C SER A 2009 52.08 66.28 4.49
N PRO A 2010 50.74 66.30 4.50
CA PRO A 2010 49.97 65.13 4.06
C PRO A 2010 49.60 65.18 2.58
N ALA A 2011 48.92 64.13 2.11
CA ALA A 2011 48.36 64.10 0.76
C ALA A 2011 46.98 63.45 0.73
N GLY A 2012 46.31 63.35 1.88
CA GLY A 2012 45.00 62.73 1.95
C GLY A 2012 43.93 63.56 1.29
N GLY A 2019 43.65 49.65 -0.02
CA GLY A 2019 42.35 49.29 -0.53
C GLY A 2019 41.56 48.41 0.42
N TYR A 2020 40.37 47.99 -0.02
CA TYR A 2020 39.56 47.08 0.80
C TYR A 2020 39.99 45.64 0.60
N LEU A 2021 39.86 45.12 -0.62
CA LEU A 2021 40.28 43.75 -0.90
C LEU A 2021 41.78 43.66 -1.04
N LEU A 2022 42.43 44.72 -1.52
CA LEU A 2022 43.88 44.73 -1.68
C LEU A 2022 44.62 44.70 -0.35
N LYS A 2023 43.93 44.93 0.76
CA LYS A 2023 44.48 44.56 2.04
C LYS A 2023 44.51 43.04 2.19
N ALA A 2024 43.37 42.39 1.98
CA ALA A 2024 43.29 40.94 2.17
C ALA A 2024 43.99 40.19 1.05
N VAL A 2025 44.00 40.74 -0.16
CA VAL A 2025 44.70 40.09 -1.25
C VAL A 2025 46.21 40.16 -1.08
N GLU A 2026 46.69 41.09 -0.27
CA GLU A 2026 48.12 41.15 0.02
C GLU A 2026 48.46 40.58 1.39
N GLU A 2027 47.55 40.62 2.34
CA GLU A 2027 47.73 39.91 3.59
C GLU A 2027 47.25 38.47 3.41
N GLY A 2028 47.07 37.75 4.51
CA GLY A 2028 46.57 36.40 4.45
C GLY A 2028 45.18 36.17 4.98
N HIS A 2029 44.36 37.21 5.11
CA HIS A 2029 43.02 37.07 5.67
C HIS A 2029 42.07 36.48 4.63
N TRP A 2030 40.87 36.14 5.07
CA TRP A 2030 39.82 35.62 4.19
C TRP A 2030 38.69 36.63 4.11
N PHE A 2031 38.36 37.04 2.88
CA PHE A 2031 37.47 38.17 2.62
C PHE A 2031 36.06 37.68 2.34
N VAL A 2032 35.09 38.38 2.90
CA VAL A 2032 33.70 37.97 2.87
C VAL A 2032 32.90 39.11 2.26
N LEU A 2033 32.67 39.06 0.96
CA LEU A 2033 31.83 40.07 0.32
C LEU A 2033 30.39 39.73 0.65
N ASP A 2034 29.92 40.22 1.79
CA ASP A 2034 28.63 39.80 2.33
C ASP A 2034 27.48 40.57 1.71
N ASN A 2035 26.31 39.93 1.71
CA ASN A 2035 25.03 40.51 1.24
C ASN A 2035 25.12 41.04 -0.18
N ALA A 2036 25.98 40.42 -0.99
CA ALA A 2036 26.53 41.06 -2.16
C ALA A 2036 25.70 40.81 -3.40
N ASN A 2037 24.39 40.72 -3.26
CA ASN A 2037 23.55 40.48 -4.42
C ASN A 2037 23.51 41.71 -5.32
N LEU A 2038 23.16 42.85 -4.75
CA LEU A 2038 22.85 44.05 -5.53
C LEU A 2038 23.81 45.17 -5.18
N CYS A 2039 24.97 45.19 -5.83
CA CYS A 2039 25.84 46.37 -5.78
C CYS A 2039 25.99 47.00 -7.15
N SER A 2040 26.51 46.26 -8.12
CA SER A 2040 26.78 46.72 -9.48
C SER A 2040 27.19 45.53 -10.33
N PRO A 2041 26.90 45.55 -11.63
CA PRO A 2041 27.52 44.54 -12.50
C PRO A 2041 29.01 44.76 -12.66
N ALA A 2042 29.43 46.00 -12.85
CA ALA A 2042 30.82 46.26 -13.21
C ALA A 2042 31.77 46.10 -12.04
N VAL A 2043 31.28 46.29 -10.80
CA VAL A 2043 32.13 46.07 -9.63
C VAL A 2043 32.51 44.60 -9.53
N LEU A 2044 31.53 43.73 -9.67
CA LEU A 2044 31.81 42.31 -9.74
C LEU A 2044 32.55 41.93 -11.02
N ASP A 2045 32.47 42.74 -12.07
CA ASP A 2045 33.27 42.46 -13.28
C ASP A 2045 34.76 42.71 -13.03
N ARG A 2046 35.08 43.82 -12.39
CA ARG A 2046 36.48 44.05 -12.01
C ARG A 2046 36.92 43.09 -10.92
N LEU A 2047 35.99 42.54 -10.14
CA LEU A 2047 36.34 41.45 -9.24
C LEU A 2047 36.64 40.18 -10.01
N ASN A 2048 35.85 39.88 -11.05
CA ASN A 2048 36.03 38.65 -11.82
C ASN A 2048 37.25 38.72 -12.72
N SER A 2049 37.74 39.94 -12.98
CA SER A 2049 39.05 40.07 -13.59
C SER A 2049 40.14 39.47 -12.70
N LEU A 2050 39.93 39.54 -11.39
CA LEU A 2050 40.90 39.00 -10.39
C LEU A 2050 40.46 37.59 -9.97
N LEU A 2051 39.24 37.19 -10.37
CA LEU A 2051 38.70 35.84 -10.03
C LEU A 2051 39.59 34.76 -10.66
N GLU A 2052 40.03 34.98 -11.90
CA GLU A 2052 40.90 34.02 -12.61
C GLU A 2052 42.32 34.57 -12.69
N LEU A 2057 46.88 34.33 -8.74
CA LEU A 2057 46.21 35.36 -9.59
C LEU A 2057 47.01 36.66 -9.53
N ILE A 2058 46.90 37.49 -10.58
CA ILE A 2058 47.60 38.81 -10.65
C ILE A 2058 46.53 39.91 -10.64
N VAL A 2059 46.69 40.93 -9.81
CA VAL A 2059 45.68 42.03 -9.72
C VAL A 2059 46.29 43.31 -10.30
N ASN A 2060 45.60 43.94 -11.26
CA ASN A 2060 46.07 45.20 -11.89
C ASN A 2060 45.38 46.39 -11.23
N GLU A 2061 46.10 47.11 -10.36
CA GLU A 2061 45.55 48.26 -9.66
C GLU A 2061 45.73 49.51 -10.52
N LYS A 2062 45.36 50.65 -9.94
CA LYS A 2062 45.67 51.95 -10.52
C LYS A 2062 46.20 52.93 -9.49
N THR A 2063 46.31 52.52 -8.23
CA THR A 2063 46.97 53.30 -7.19
C THR A 2063 48.48 53.14 -7.20
N THR A 2064 49.03 52.59 -8.27
CA THR A 2064 50.47 52.50 -8.46
C THR A 2064 50.95 53.78 -9.15
N GLU A 2065 52.22 53.82 -9.56
CA GLU A 2065 52.80 55.11 -9.91
C GLU A 2065 52.57 55.59 -11.34
N ASP A 2066 53.29 55.02 -12.31
CA ASP A 2066 53.25 55.63 -13.64
C ASP A 2066 52.89 54.68 -14.77
N GLY A 2067 53.65 53.60 -14.93
CA GLY A 2067 53.54 52.78 -16.12
C GLY A 2067 53.52 51.30 -15.78
N HIS A 2068 53.61 50.95 -14.49
CA HIS A 2068 53.69 49.51 -14.09
C HIS A 2068 52.46 49.02 -13.32
N PRO A 2069 51.85 47.88 -13.73
CA PRO A 2069 50.68 47.31 -13.03
C PRO A 2069 50.91 46.80 -11.60
N LYS A 2070 52.04 46.12 -11.36
CA LYS A 2070 52.42 45.57 -10.02
C LYS A 2070 51.32 44.68 -9.42
N THR A 2071 50.86 43.65 -10.15
CA THR A 2071 49.79 42.74 -9.64
C THR A 2071 50.28 42.02 -8.37
N ILE A 2072 49.45 41.92 -7.33
CA ILE A 2072 49.92 41.25 -6.07
C ILE A 2072 49.57 39.76 -6.12
N LYS A 2073 50.58 38.90 -6.34
CA LYS A 2073 50.38 37.43 -6.38
C LYS A 2073 50.60 36.82 -4.98
N PRO A 2074 49.87 37.27 -3.94
CA PRO A 2074 50.05 36.68 -2.60
C PRO A 2074 48.80 35.85 -2.26
N HIS A 2075 47.96 35.62 -3.27
CA HIS A 2075 46.68 34.93 -3.12
C HIS A 2075 46.66 33.73 -2.18
N PRO A 2076 47.82 33.10 -1.87
CA PRO A 2076 47.85 32.03 -0.85
C PRO A 2076 47.26 32.44 0.49
N ASN A 2077 46.16 31.76 0.85
CA ASN A 2077 45.20 32.16 1.89
C ASN A 2077 44.57 33.53 1.59
N PHE A 2078 43.85 33.60 0.47
CA PHE A 2078 43.04 34.77 0.14
C PHE A 2078 41.87 34.30 -0.74
N ARG A 2079 40.73 34.06 -0.10
CA ARG A 2079 39.58 33.42 -0.72
C ARG A 2079 38.41 34.38 -0.80
N LEU A 2080 37.91 34.61 -2.03
CA LEU A 2080 36.71 35.42 -2.26
C LEU A 2080 35.50 34.60 -1.88
N PHE A 2081 34.95 34.87 -0.71
CA PHE A 2081 33.75 34.19 -0.23
C PHE A 2081 32.60 35.18 -0.28
N LEU A 2082 31.69 34.97 -1.21
CA LEU A 2082 30.60 35.88 -1.49
C LEU A 2082 29.29 35.29 -1.00
N THR A 2083 28.68 35.93 -0.02
CA THR A 2083 27.31 35.59 0.31
C THR A 2083 26.38 36.15 -0.75
N VAL A 2084 25.14 35.69 -0.72
CA VAL A 2084 24.09 36.28 -1.55
C VAL A 2084 22.79 36.08 -0.79
N ASN A 2085 21.69 36.54 -1.37
CA ASN A 2085 20.37 36.14 -0.93
C ASN A 2085 19.47 36.06 -2.15
N PRO A 2086 18.27 35.56 -2.01
CA PRO A 2086 17.39 35.51 -3.17
C PRO A 2086 16.41 36.67 -3.17
N VAL A 2087 16.42 37.45 -2.08
CA VAL A 2087 15.48 38.55 -1.91
C VAL A 2087 15.72 39.62 -2.96
N TYR A 2088 16.96 40.06 -3.10
CA TYR A 2088 17.31 40.99 -4.15
C TYR A 2088 17.48 40.22 -5.46
N GLY A 2089 18.01 40.89 -6.47
CA GLY A 2089 18.32 40.21 -7.71
C GLY A 2089 19.52 39.30 -7.55
N GLU A 2090 19.54 38.23 -8.34
CA GLU A 2090 20.60 37.24 -8.24
C GLU A 2090 21.92 37.83 -8.75
N LEU A 2091 23.02 37.14 -8.44
CA LEU A 2091 24.31 37.50 -9.01
C LEU A 2091 24.27 37.35 -10.51
N SER A 2092 25.00 38.23 -11.19
CA SER A 2092 24.97 38.26 -12.65
C SER A 2092 25.56 36.99 -13.25
N ARG A 2093 25.17 36.71 -14.49
CA ARG A 2093 25.50 35.44 -15.12
C ARG A 2093 26.98 35.25 -15.38
N ALA A 2094 27.76 36.33 -15.39
CA ALA A 2094 29.20 36.20 -15.50
C ALA A 2094 29.79 35.63 -14.23
N MET A 2095 29.53 36.27 -13.10
CA MET A 2095 30.03 35.78 -11.83
C MET A 2095 29.32 34.49 -11.40
N ARG A 2096 28.12 34.24 -11.92
CA ARG A 2096 27.54 32.92 -11.75
C ARG A 2096 28.30 31.89 -12.58
N ASN A 2097 28.72 32.26 -13.78
CA ASN A 2097 29.43 31.36 -14.67
C ASN A 2097 30.90 31.24 -14.33
N ARG A 2098 31.39 31.95 -13.32
CA ARG A 2098 32.79 31.86 -12.93
C ARG A 2098 32.89 31.70 -11.42
N GLY A 2099 32.11 30.77 -10.86
CA GLY A 2099 32.18 30.55 -9.43
C GLY A 2099 31.60 29.21 -9.06
N VAL A 2100 31.69 28.89 -7.78
CA VAL A 2100 31.17 27.65 -7.23
C VAL A 2100 29.89 27.99 -6.48
N GLU A 2101 28.75 27.85 -7.15
CA GLU A 2101 27.47 28.15 -6.55
C GLU A 2101 27.12 27.09 -5.53
N ILE A 2102 26.71 27.51 -4.34
CA ILE A 2102 26.40 26.60 -3.25
C ILE A 2102 25.19 27.15 -2.51
N PHE A 2103 24.04 26.51 -2.68
CA PHE A 2103 22.84 26.95 -1.97
C PHE A 2103 22.93 26.57 -0.49
N LEU A 2104 21.87 26.89 0.24
CA LEU A 2104 21.70 26.45 1.61
C LEU A 2104 20.20 26.40 1.87
N LEU A 2105 19.82 25.67 2.91
CA LEU A 2105 18.39 25.49 3.19
C LEU A 2105 18.23 25.31 4.70
N LYS A 2106 17.07 24.82 5.13
CA LYS A 2106 16.77 24.63 6.54
C LYS A 2106 16.33 23.19 6.79
N GLU A 2107 16.95 22.53 7.76
CA GLU A 2107 16.61 21.16 8.13
C GLU A 2107 16.19 21.00 9.58
N ALA A 2108 17.01 21.47 10.53
CA ALA A 2108 16.79 21.37 11.98
C ALA A 2108 16.65 19.92 12.44
N LEU A 2109 17.78 19.20 12.40
CA LEU A 2109 17.87 17.85 12.93
C LEU A 2109 17.89 17.85 14.45
N THR A 2110 18.00 16.65 15.02
CA THR A 2110 17.63 16.45 16.43
C THR A 2110 18.67 17.02 17.38
N GLU A 2111 19.89 16.48 17.34
CA GLU A 2111 20.97 17.05 18.13
C GLU A 2111 21.36 18.43 17.61
N ILE A 2112 21.10 18.69 16.33
CA ILE A 2112 21.32 20.00 15.74
C ILE A 2112 20.47 21.05 16.44
N ASP A 2113 19.15 20.83 16.47
CA ASP A 2113 18.27 21.76 17.17
C ASP A 2113 18.50 21.72 18.68
N LYS A 2114 19.04 20.62 19.19
CA LYS A 2114 19.39 20.57 20.60
C LYS A 2114 20.54 21.52 20.92
N LYS A 2115 21.49 21.63 20.00
CA LYS A 2115 22.70 22.39 20.31
C LYS A 2115 22.58 23.84 19.87
N GLN A 2116 21.82 24.09 18.81
CA GLN A 2116 21.69 25.46 18.32
C GLN A 2116 20.93 26.32 19.31
N MET A 2117 19.77 25.85 19.72
CA MET A 2117 18.94 26.52 20.70
C MET A 2117 19.28 26.14 22.11
N SER A 2118 20.50 25.74 22.37
CA SER A 2118 20.85 25.14 23.65
C SER A 2118 20.89 26.09 24.78
N LEU A 2119 20.57 27.39 24.65
CA LEU A 2119 20.74 28.33 25.75
C LEU A 2119 19.84 28.05 26.94
N LEU A 2120 18.81 27.22 26.75
CA LEU A 2120 18.04 26.71 27.87
C LEU A 2120 18.52 25.35 28.33
N GLU A 2121 18.89 24.47 27.42
CA GLU A 2121 19.27 23.10 27.75
C GLU A 2121 20.68 23.07 28.31
N PRO A 2122 21.16 21.89 28.73
CA PRO A 2122 22.43 21.84 29.47
C PRO A 2122 23.63 21.57 28.58
N ALA A 2123 23.38 21.12 27.36
CA ALA A 2123 24.50 20.58 26.66
C ALA A 2123 24.33 20.72 25.16
N PRO A 2124 25.38 21.09 24.45
CA PRO A 2124 25.41 20.82 23.02
C PRO A 2124 26.03 19.46 22.78
N ILE A 2125 26.22 19.10 21.52
CA ILE A 2125 26.97 17.91 21.20
C ILE A 2125 28.43 18.29 20.97
N SER A 2126 28.67 19.09 19.93
CA SER A 2126 30.03 19.54 19.61
C SER A 2126 30.17 20.96 20.14
N SER A 2127 30.49 21.07 21.42
CA SER A 2127 30.33 22.32 22.14
C SER A 2127 31.59 23.18 22.17
N ALA A 2128 32.46 23.11 21.16
CA ALA A 2128 33.61 24.01 21.10
C ALA A 2128 34.10 24.10 19.67
N VAL A 2129 35.29 24.69 19.51
CA VAL A 2129 36.10 24.61 18.29
C VAL A 2129 37.49 24.18 18.73
N ASP A 2130 37.57 23.52 19.88
CA ASP A 2130 38.78 22.93 20.40
C ASP A 2130 38.52 21.45 20.71
N THR A 2131 39.38 20.57 20.17
CA THR A 2131 39.05 19.15 20.10
C THR A 2131 39.11 18.46 21.45
N LEU A 2132 39.93 18.95 22.38
CA LEU A 2132 40.00 18.31 23.68
C LEU A 2132 38.76 18.55 24.51
N ALA A 2133 37.98 19.57 24.16
CA ALA A 2133 36.67 19.80 24.77
C ALA A 2133 35.58 19.03 24.06
N SER A 2134 35.60 19.04 22.73
CA SER A 2134 34.61 18.33 21.94
C SER A 2134 34.64 16.83 22.19
N ASN A 2135 35.82 16.29 22.51
CA ASN A 2135 35.94 14.88 22.83
C ASN A 2135 35.14 14.54 24.07
N ILE A 2136 35.39 15.26 25.18
CA ILE A 2136 34.67 14.97 26.41
C ILE A 2136 33.21 15.32 26.28
N SER A 2137 32.87 16.25 25.40
CA SER A 2137 31.46 16.58 25.16
C SER A 2137 30.73 15.43 24.50
N TYR A 2138 31.20 14.98 23.33
CA TYR A 2138 30.51 13.89 22.64
C TYR A 2138 30.58 12.60 23.42
N ILE A 2139 31.65 12.40 24.20
CA ILE A 2139 31.74 11.22 25.04
C ILE A 2139 30.81 11.33 26.23
N LYS A 2140 30.48 12.53 26.65
CA LYS A 2140 29.44 12.64 27.65
C LYS A 2140 28.06 12.49 27.04
N TYR A 2141 27.95 12.71 25.74
CA TYR A 2141 26.63 12.62 25.12
C TYR A 2141 26.28 11.18 24.78
N VAL A 2142 27.11 10.54 23.97
CA VAL A 2142 26.72 9.23 23.42
C VAL A 2142 26.87 8.13 24.45
N PHE A 2143 27.70 8.32 25.46
CA PHE A 2143 27.65 7.41 26.60
C PHE A 2143 26.49 7.72 27.52
N GLU A 2144 25.74 8.78 27.24
CA GLU A 2144 24.47 9.02 27.89
C GLU A 2144 23.30 8.94 26.94
N THR A 2145 23.55 8.81 25.63
CA THR A 2145 22.51 8.58 24.66
C THR A 2145 22.21 7.10 24.45
N MET A 2146 22.59 6.25 25.42
CA MET A 2146 22.48 4.82 25.24
C MET A 2146 21.07 4.28 25.44
N GLY A 2147 20.20 5.05 26.08
CA GLY A 2147 18.87 4.57 26.40
C GLY A 2147 17.94 4.37 25.21
N ASN A 2154 20.66 -13.05 25.91
CA ASN A 2154 21.55 -12.97 24.76
C ASN A 2154 21.49 -11.60 24.14
N TYR A 2155 21.60 -10.59 24.98
CA TYR A 2155 21.44 -9.22 24.50
C TYR A 2155 22.77 -8.56 24.18
N MET A 2156 23.65 -8.43 25.18
CA MET A 2156 24.71 -7.43 25.17
C MET A 2156 25.83 -7.68 24.16
N TYR A 2157 25.74 -8.78 23.42
CA TYR A 2157 26.74 -9.15 22.42
C TYR A 2157 26.86 -8.11 21.33
N ILE A 2158 25.81 -7.96 20.53
CA ILE A 2158 25.83 -7.02 19.42
C ILE A 2158 25.90 -5.59 19.91
N ALA A 2159 25.40 -5.35 21.13
CA ALA A 2159 25.47 -4.02 21.73
C ALA A 2159 26.91 -3.63 22.01
N HIS A 2160 27.60 -4.43 22.80
CA HIS A 2160 28.99 -4.14 23.15
C HIS A 2160 29.86 -4.14 21.92
N ALA A 2161 29.53 -4.96 20.94
CA ALA A 2161 30.31 -4.99 19.71
C ALA A 2161 30.17 -3.70 18.93
N ILE A 2162 28.94 -3.27 18.67
CA ILE A 2162 28.75 -2.07 17.87
C ILE A 2162 29.20 -0.83 18.64
N ILE A 2163 29.09 -0.86 19.96
CA ILE A 2163 29.51 0.28 20.76
C ILE A 2163 31.02 0.43 20.73
N LEU A 2164 31.74 -0.66 20.95
CA LEU A 2164 33.17 -0.63 20.75
C LEU A 2164 33.55 -0.72 19.28
N ALA A 2165 32.59 -0.58 18.37
CA ALA A 2165 32.87 -0.46 16.96
C ALA A 2165 32.66 0.92 16.39
N LEU A 2166 31.84 1.76 17.02
CA LEU A 2166 31.59 3.10 16.51
C LEU A 2166 32.44 4.18 17.15
N PHE A 2167 32.82 3.99 18.41
CA PHE A 2167 33.66 4.97 19.07
C PHE A 2167 35.05 4.96 18.46
N SER A 2168 35.73 6.11 18.51
CA SER A 2168 37.02 6.28 17.86
C SER A 2168 38.12 5.56 18.65
N PRO A 2169 39.26 5.27 18.01
CA PRO A 2169 40.36 4.65 18.78
C PRO A 2169 40.92 5.57 19.83
N ARG A 2170 41.06 6.84 19.50
CA ARG A 2170 41.36 7.82 20.54
C ARG A 2170 40.23 7.89 21.54
N GLN A 2171 39.00 7.76 21.05
CA GLN A 2171 37.88 7.68 21.97
C GLN A 2171 37.90 6.36 22.71
N LEU A 2172 38.47 5.32 22.12
CA LEU A 2172 38.56 4.05 22.83
C LEU A 2172 39.52 4.16 24.00
N LYS A 2173 40.66 4.78 23.77
CA LYS A 2173 41.59 5.08 24.85
C LYS A 2173 40.94 5.99 25.87
N LEU A 2174 40.09 6.91 25.42
CA LEU A 2174 39.46 7.85 26.34
C LEU A 2174 38.39 7.17 27.18
N LEU A 2175 37.69 6.21 26.61
CA LEU A 2175 36.68 5.48 27.36
C LEU A 2175 37.35 4.62 28.40
N ARG A 2176 38.53 4.09 28.06
CA ARG A 2176 39.31 3.37 29.06
C ARG A 2176 39.81 4.33 30.12
N LYS A 2177 40.08 5.57 29.73
CA LYS A 2177 40.58 6.55 30.69
C LYS A 2177 39.46 7.01 31.61
N VAL A 2178 38.22 6.95 31.14
CA VAL A 2178 37.11 7.48 31.91
C VAL A 2178 36.58 6.42 32.87
N LEU A 2179 37.22 5.26 32.90
CA LEU A 2179 36.88 4.22 33.86
C LEU A 2179 37.25 4.62 35.28
N THR A 2198 24.80 0.09 33.80
CA THR A 2198 24.77 -1.35 33.71
C THR A 2198 25.84 -1.89 32.77
N LEU A 2199 25.50 -1.96 31.48
CA LEU A 2199 26.36 -2.60 30.49
C LEU A 2199 27.65 -1.83 30.28
N LYS A 2200 27.62 -0.51 30.48
CA LYS A 2200 28.81 0.30 30.32
C LYS A 2200 29.87 -0.05 31.36
N ASN A 2201 29.45 -0.51 32.54
CA ASN A 2201 30.40 -0.95 33.55
C ASN A 2201 31.11 -2.22 33.11
N LEU A 2202 30.37 -3.15 32.52
CA LEU A 2202 30.97 -4.37 32.00
C LEU A 2202 31.80 -4.10 30.75
N VAL A 2203 31.56 -2.98 30.08
CA VAL A 2203 32.39 -2.61 28.93
C VAL A 2203 33.83 -2.32 29.31
N GLN A 2204 34.14 -2.07 30.59
CA GLN A 2204 35.53 -1.89 30.98
C GLN A 2204 36.29 -3.20 30.88
N LYS A 2205 35.63 -4.31 31.16
CA LYS A 2205 36.20 -5.61 30.87
C LYS A 2205 36.44 -5.79 29.38
N ILE A 2206 35.50 -5.29 28.56
CA ILE A 2206 35.68 -5.33 27.11
C ILE A 2206 36.78 -4.39 26.68
N TYR A 2207 37.03 -3.33 27.46
CA TYR A 2207 38.08 -2.38 27.15
C TYR A 2207 39.45 -3.00 27.43
N CYS A 2208 39.59 -3.66 28.58
CA CYS A 2208 40.81 -4.38 28.89
C CYS A 2208 41.05 -5.50 27.88
N ALA A 2209 40.00 -6.24 27.54
CA ALA A 2209 40.15 -7.31 26.57
C ALA A 2209 40.33 -6.80 25.14
N ASP A 2210 39.91 -5.56 24.86
CA ASP A 2210 40.10 -5.00 23.53
C ASP A 2210 41.50 -4.47 23.35
N TYR A 2211 41.99 -3.72 24.34
CA TYR A 2211 43.39 -3.31 24.34
C TYR A 2211 44.33 -4.51 24.45
N PHE A 2212 43.83 -5.64 24.94
CA PHE A 2212 44.50 -6.90 24.69
C PHE A 2212 44.41 -7.30 23.22
N ASN A 2213 43.20 -7.50 22.71
CA ASN A 2213 43.01 -8.08 21.39
C ASN A 2213 41.85 -7.51 20.56
N HIS A 2214 41.69 -6.18 20.49
CA HIS A 2214 40.65 -5.66 19.59
C HIS A 2214 41.00 -5.87 18.13
N MET A 2215 42.12 -5.29 17.70
CA MET A 2215 42.60 -5.54 16.36
C MET A 2215 44.12 -5.68 16.49
N ASP A 2216 44.59 -6.90 16.74
CA ASP A 2216 46.03 -7.12 16.86
C ASP A 2216 46.67 -7.20 15.48
N LEU A 2217 46.30 -8.19 14.72
CA LEU A 2217 46.63 -8.18 13.30
C LEU A 2217 45.42 -7.84 12.46
N LYS A 2218 44.24 -7.73 13.05
CA LYS A 2218 43.11 -7.21 12.31
C LYS A 2218 43.38 -5.78 11.88
N ALA A 2219 44.09 -5.03 12.73
CA ALA A 2219 44.56 -3.72 12.33
C ALA A 2219 45.64 -3.83 11.26
N SER A 2220 46.33 -4.98 11.16
CA SER A 2220 47.31 -5.12 10.08
C SER A 2220 46.63 -5.34 8.75
N ARG A 2221 45.54 -6.10 8.74
CA ARG A 2221 44.70 -6.20 7.56
C ARG A 2221 44.10 -4.84 7.21
N PHE A 2222 43.69 -4.10 8.24
CA PHE A 2222 43.08 -2.79 8.02
C PHE A 2222 44.09 -1.80 7.51
N MET A 2223 45.32 -1.90 7.98
CA MET A 2223 46.37 -1.00 7.53
C MET A 2223 46.74 -1.32 6.10
N ASP A 2224 47.05 -2.60 5.85
CA ASP A 2224 47.39 -3.09 4.49
C ASP A 2224 46.14 -3.02 3.62
N ILE A 2225 45.00 -3.45 4.15
CA ILE A 2225 43.70 -3.43 3.41
C ILE A 2225 43.34 -1.96 3.16
N TYR A 2226 43.52 -1.11 4.18
CA TYR A 2226 43.26 0.35 4.11
C TYR A 2226 44.30 1.05 3.23
N GLU A 2227 45.55 0.57 3.28
CA GLU A 2227 46.71 1.17 2.58
C GLU A 2227 46.60 1.17 1.05
N TYR A 2228 46.14 0.07 0.45
CA TYR A 2228 46.06 -0.04 -1.03
C TYR A 2228 45.12 1.05 -1.57
N PRO A 2229 43.94 1.26 -0.95
CA PRO A 2229 43.03 2.33 -1.37
C PRO A 2229 43.55 3.66 -0.82
N VAL A 2230 43.16 4.80 -1.42
CA VAL A 2230 43.63 6.11 -0.88
C VAL A 2230 43.12 6.19 0.56
N GLN A 2231 44.00 6.53 1.51
CA GLN A 2231 43.58 6.56 2.93
C GLN A 2231 44.25 7.70 3.70
N LEU A 2232 43.62 8.11 4.80
CA LEU A 2232 44.07 9.15 5.70
C LEU A 2232 45.48 8.91 6.21
N ARG A 2233 45.91 9.77 7.14
CA ARG A 2233 47.26 9.66 7.66
C ARG A 2233 47.30 8.93 8.99
N GLU A 2234 46.17 8.86 9.70
CA GLU A 2234 46.16 8.37 11.07
C GLU A 2234 44.93 7.53 11.35
N VAL A 2235 44.68 7.30 12.63
CA VAL A 2235 43.56 6.51 13.10
C VAL A 2235 42.62 7.41 13.89
N VAL A 2236 41.63 7.96 13.21
CA VAL A 2236 40.61 8.78 13.83
C VAL A 2236 39.23 8.15 13.72
N GLY A 2237 38.81 7.74 12.53
CA GLY A 2237 37.48 7.19 12.41
C GLY A 2237 37.45 5.73 12.02
N LEU A 2238 36.48 4.96 12.53
CA LEU A 2238 36.38 3.53 12.23
C LEU A 2238 35.11 3.13 11.52
N ILE A 2239 33.93 3.39 12.09
CA ILE A 2239 32.72 3.00 11.40
C ILE A 2239 32.44 3.98 10.28
N GLN A 2240 32.89 5.22 10.47
CA GLN A 2240 32.93 6.16 9.38
C GLN A 2240 33.95 5.74 8.35
N THR A 2241 34.98 5.00 8.77
CA THR A 2241 35.86 4.40 7.77
C THR A 2241 35.16 3.23 7.14
N ILE A 2242 34.35 2.52 7.94
CA ILE A 2242 33.55 1.44 7.38
C ILE A 2242 32.51 2.03 6.45
N ASN A 2243 31.94 3.16 6.81
CA ASN A 2243 31.00 3.81 5.92
C ASN A 2243 31.69 4.56 4.80
N ASP A 2244 33.01 4.77 4.90
CA ASP A 2244 33.65 5.78 4.06
C ASP A 2244 34.07 5.21 2.73
N PHE A 2245 34.47 3.96 2.68
CA PHE A 2245 34.78 3.33 1.41
C PHE A 2245 33.53 2.75 0.79
N GLN A 2246 32.50 3.58 0.70
CA GLN A 2246 31.16 3.11 0.41
C GLN A 2246 31.02 2.69 -1.04
N SER A 2247 31.88 3.17 -1.92
CA SER A 2247 31.87 2.57 -3.22
C SER A 2247 32.78 1.37 -3.27
N VAL A 2248 33.84 1.38 -2.47
CA VAL A 2248 34.85 0.33 -2.53
C VAL A 2248 34.30 -0.96 -1.98
N ILE A 2249 33.62 -0.89 -0.86
CA ILE A 2249 32.97 -2.07 -0.31
C ILE A 2249 31.66 -2.32 -1.06
N LEU A 2250 31.31 -1.45 -1.98
CA LEU A 2250 30.33 -1.81 -2.97
C LEU A 2250 30.97 -2.42 -4.19
N THR A 2251 32.27 -2.73 -4.08
CA THR A 2251 33.05 -3.41 -5.15
C THR A 2251 33.10 -4.92 -4.85
N SER A 2252 32.47 -5.33 -3.73
CA SER A 2252 32.32 -6.72 -3.20
C SER A 2252 33.60 -7.20 -2.50
N HIS A 2253 34.62 -6.34 -2.37
CA HIS A 2253 35.88 -6.74 -1.69
C HIS A 2253 35.61 -7.04 -0.21
N LEU A 2254 34.80 -6.19 0.44
CA LEU A 2254 34.40 -6.30 1.88
C LEU A 2254 35.63 -6.33 2.80
N GLU A 2255 36.67 -5.56 2.48
CA GLU A 2255 37.90 -5.48 3.31
C GLU A 2255 37.57 -4.86 4.67
N LEU A 2256 36.74 -3.81 4.67
CA LEU A 2256 36.34 -3.06 5.88
C LEU A 2256 35.21 -3.79 6.60
N PRO A 2257 34.21 -4.33 5.87
CA PRO A 2257 33.08 -5.02 6.51
C PRO A 2257 33.48 -6.29 7.28
N GLU A 2258 34.39 -7.09 6.72
CA GLU A 2258 34.80 -8.33 7.36
C GLU A 2258 35.52 -8.05 8.66
N THR A 2259 36.20 -6.92 8.75
CA THR A 2259 36.76 -6.52 10.03
C THR A 2259 35.66 -6.22 11.03
N TYR A 2260 34.55 -5.63 10.55
CA TYR A 2260 33.45 -5.31 11.45
C TYR A 2260 32.82 -6.57 11.99
N ALA A 2261 32.62 -7.56 11.14
CA ALA A 2261 32.04 -8.79 11.63
C ALA A 2261 33.03 -9.55 12.48
N SER A 2262 34.32 -9.39 12.21
CA SER A 2262 35.33 -10.08 12.97
C SER A 2262 35.35 -9.57 14.39
N GLY A 2263 35.07 -8.28 14.56
CA GLY A 2263 34.93 -7.74 15.89
C GLY A 2263 33.81 -8.39 16.65
N LEU A 2264 32.67 -8.57 15.99
CA LEU A 2264 31.54 -9.24 16.61
C LEU A 2264 31.89 -10.68 16.93
N LEU A 2265 32.69 -11.30 16.08
CA LEU A 2265 33.15 -12.66 16.33
C LEU A 2265 33.98 -12.70 17.58
N PHE A 2266 34.85 -11.72 17.77
CA PHE A 2266 35.72 -11.71 18.93
C PHE A 2266 34.93 -11.47 20.21
N VAL A 2267 33.94 -10.58 20.16
CA VAL A 2267 33.20 -10.26 21.37
C VAL A 2267 32.28 -11.40 21.74
N SER A 2268 31.56 -11.95 20.75
CA SER A 2268 30.70 -13.09 20.98
C SER A 2268 31.51 -14.29 21.43
N ALA A 2269 32.71 -14.41 20.90
CA ALA A 2269 33.61 -15.46 21.30
C ALA A 2269 33.98 -15.33 22.76
N HIS A 2270 34.28 -14.10 23.19
CA HIS A 2270 34.61 -13.88 24.59
C HIS A 2270 33.43 -14.20 25.49
N GLU A 2271 32.21 -13.93 25.01
CA GLU A 2271 31.02 -14.29 25.78
C GLU A 2271 30.87 -15.80 25.90
N ILE A 2272 31.06 -16.50 24.79
CA ILE A 2272 30.93 -17.96 24.79
C ILE A 2272 32.02 -18.59 25.62
N LEU A 2273 33.20 -18.00 25.60
CA LEU A 2273 34.32 -18.57 26.32
C LEU A 2273 34.18 -18.35 27.82
N ASP A 2274 33.66 -17.20 28.23
CA ASP A 2274 33.42 -17.00 29.65
C ASP A 2274 32.28 -17.88 30.12
N LEU A 2275 31.28 -18.09 29.27
CA LEU A 2275 30.23 -19.04 29.57
C LEU A 2275 30.79 -20.45 29.71
N THR A 2276 31.75 -20.80 28.88
CA THR A 2276 32.33 -22.14 28.95
C THR A 2276 33.24 -22.30 30.16
N GLU A 2277 33.90 -21.22 30.57
CA GLU A 2277 34.65 -21.29 31.82
C GLU A 2277 33.72 -21.41 33.00
N GLU A 2278 32.53 -20.83 32.89
CA GLU A 2278 31.49 -21.11 33.87
C GLU A 2278 31.05 -22.56 33.79
N VAL A 2279 31.09 -23.15 32.60
CA VAL A 2279 30.78 -24.57 32.47
C VAL A 2279 31.86 -25.40 33.13
N ASN A 2280 33.08 -24.89 33.18
CA ASN A 2280 34.12 -25.52 33.96
C ASN A 2280 33.88 -25.27 35.45
N THR A 2290 20.44 -27.63 33.28
CA THR A 2290 20.62 -28.47 34.45
C THR A 2290 21.21 -29.79 34.04
N TYR A 2291 20.81 -30.26 32.87
CA TYR A 2291 21.40 -31.46 32.30
C TYR A 2291 22.83 -31.16 31.83
N LEU A 2292 23.02 -29.98 31.24
CA LEU A 2292 24.37 -29.55 30.91
C LEU A 2292 25.17 -29.31 32.16
N LEU A 2293 24.51 -28.83 33.23
CA LEU A 2293 25.15 -28.77 34.53
C LEU A 2293 25.54 -30.15 35.00
N LYS A 2294 24.73 -31.15 34.70
CA LYS A 2294 25.05 -32.51 35.11
C LYS A 2294 26.24 -33.04 34.32
N SER A 2295 26.30 -32.76 33.02
CA SER A 2295 27.43 -33.25 32.23
C SER A 2295 28.71 -32.54 32.61
N ALA A 2296 28.64 -31.22 32.79
CA ALA A 2296 29.81 -30.44 33.16
C ALA A 2296 30.28 -30.80 34.56
N SER A 2297 29.37 -31.19 35.43
CA SER A 2297 29.79 -31.75 36.70
C SER A 2297 30.45 -33.11 36.49
N ALA A 2298 29.92 -33.88 35.53
CA ALA A 2298 30.41 -35.22 35.30
C ALA A 2298 31.72 -35.21 34.53
N VAL A 2299 32.26 -34.03 34.26
CA VAL A 2299 33.70 -33.91 34.07
C VAL A 2299 34.45 -34.49 35.27
N TYR A 2300 34.01 -34.14 36.47
CA TYR A 2300 34.67 -34.65 37.66
C TYR A 2300 34.30 -36.10 37.89
N GLY A 2308 22.77 -38.49 37.23
CA GLY A 2308 23.31 -38.86 35.94
C GLY A 2308 24.79 -39.15 35.97
N SER A 2309 25.26 -39.93 35.00
CA SER A 2309 26.66 -40.28 34.85
C SER A 2309 26.98 -40.46 33.37
N THR A 2310 28.27 -40.65 33.06
CA THR A 2310 28.85 -40.78 31.72
C THR A 2310 28.45 -39.60 30.82
N PRO A 2311 29.09 -38.45 30.96
CA PRO A 2311 28.66 -37.26 30.21
C PRO A 2311 29.02 -37.38 28.74
N SER A 2312 28.21 -36.75 27.90
CA SER A 2312 28.51 -36.57 26.49
C SER A 2312 28.32 -35.14 26.04
N LEU A 2313 27.55 -34.36 26.81
CA LEU A 2313 27.26 -32.99 26.41
C LEU A 2313 28.40 -32.06 26.75
N TRP A 2314 29.08 -32.31 27.88
CA TRP A 2314 30.06 -31.37 28.39
C TRP A 2314 31.26 -31.27 27.47
N ASN A 2315 31.74 -32.41 26.99
CA ASN A 2315 32.81 -32.38 26.01
C ASN A 2315 32.30 -31.81 24.70
N LEU A 2316 31.04 -32.12 24.35
CA LEU A 2316 30.45 -31.63 23.11
C LEU A 2316 30.31 -30.11 23.12
N LEU A 2317 30.25 -29.52 24.30
CA LEU A 2317 30.24 -28.07 24.43
C LEU A 2317 31.64 -27.50 24.56
N ASN A 2318 32.46 -28.10 25.42
CA ASN A 2318 33.72 -27.49 25.79
C ASN A 2318 34.71 -27.54 24.64
N GLN A 2319 34.66 -28.58 23.82
CA GLN A 2319 35.59 -28.63 22.69
C GLN A 2319 35.18 -27.66 21.61
N PHE A 2320 33.88 -27.49 21.40
CA PHE A 2320 33.43 -26.53 20.41
C PHE A 2320 33.69 -25.10 20.87
N SER A 2321 33.61 -24.84 22.18
CA SER A 2321 33.93 -23.51 22.67
C SER A 2321 35.42 -23.24 22.60
N LYS A 2322 36.22 -24.29 22.77
CA LYS A 2322 37.64 -24.19 22.48
C LYS A 2322 37.87 -23.90 21.01
N PHE A 2323 37.03 -24.45 20.13
CA PHE A 2323 37.11 -24.12 18.71
C PHE A 2323 36.73 -22.68 18.46
N LEU A 2324 35.80 -22.16 19.25
CA LEU A 2324 35.42 -20.76 19.14
C LEU A 2324 36.57 -19.85 19.50
N ILE A 2325 37.12 -20.03 20.69
CA ILE A 2325 38.21 -19.19 21.16
C ILE A 2325 39.46 -19.41 20.30
N GLU A 2326 39.57 -20.56 19.67
CA GLU A 2326 40.58 -20.74 18.64
C GLU A 2326 40.28 -19.88 17.43
N ILE A 2327 39.00 -19.74 17.09
CA ILE A 2327 38.66 -18.93 15.93
C ILE A 2327 38.72 -17.44 16.29
N ALA A 2328 38.87 -17.13 17.58
CA ALA A 2328 38.98 -15.73 17.98
C ALA A 2328 40.39 -15.19 17.81
N SER A 2329 41.35 -15.77 18.51
CA SER A 2329 42.71 -15.27 18.52
C SER A 2329 43.48 -15.72 17.29
N SER A 2332 46.96 -18.15 13.57
CA SER A 2332 46.00 -17.07 13.73
C SER A 2332 46.04 -16.15 12.51
N ASN A 2333 46.93 -16.44 11.58
CA ASN A 2333 47.01 -15.62 10.37
C ASN A 2333 45.83 -15.85 9.46
N ILE A 2334 45.45 -17.12 9.28
CA ILE A 2334 44.29 -17.42 8.47
C ILE A 2334 43.01 -17.04 9.21
N VAL A 2335 43.11 -16.88 10.53
CA VAL A 2335 42.00 -16.34 11.29
C VAL A 2335 41.74 -14.90 10.89
N TYR A 2336 42.81 -14.15 10.63
CA TYR A 2336 42.63 -12.86 9.99
C TYR A 2336 42.15 -13.05 8.57
N LYS A 2337 42.60 -14.12 7.92
CA LYS A 2337 42.23 -14.31 6.53
C LYS A 2337 40.91 -15.05 6.41
N LEU A 2338 40.21 -15.26 7.51
CA LEU A 2338 38.97 -16.02 7.50
C LEU A 2338 37.85 -15.34 6.74
N ASP A 2341 33.14 -13.17 4.73
CA ASP A 2341 31.72 -13.48 4.68
C ASP A 2341 31.49 -14.77 5.39
N VAL A 2342 32.57 -15.56 5.44
CA VAL A 2342 32.52 -16.85 6.10
C VAL A 2342 32.46 -16.66 7.60
N ILE A 2343 32.88 -15.49 8.08
CA ILE A 2343 32.78 -15.16 9.49
C ILE A 2343 31.34 -15.11 9.93
N ARG A 2344 30.45 -14.75 9.01
CA ARG A 2344 29.03 -14.84 9.30
C ARG A 2344 28.60 -16.28 9.50
N HIS A 2345 29.15 -17.19 8.71
CA HIS A 2345 28.79 -18.60 8.86
C HIS A 2345 29.33 -19.15 10.16
N PHE A 2346 30.48 -18.66 10.60
CA PHE A 2346 30.98 -19.07 11.90
C PHE A 2346 30.11 -18.50 13.01
N LEU A 2347 29.64 -17.26 12.82
CA LEU A 2347 28.78 -16.65 13.83
C LEU A 2347 27.45 -17.36 13.89
N LYS A 2348 27.04 -17.98 12.79
CA LYS A 2348 25.86 -18.83 12.81
C LYS A 2348 26.05 -19.94 13.80
N LEU A 2349 27.24 -20.53 13.84
CA LEU A 2349 27.50 -21.56 14.83
C LEU A 2349 27.65 -20.94 16.21
N VAL A 2350 28.02 -19.65 16.28
CA VAL A 2350 28.16 -19.00 17.58
C VAL A 2350 26.79 -18.81 18.21
N VAL A 2351 25.85 -18.36 17.40
CA VAL A 2351 24.46 -18.34 17.81
C VAL A 2351 23.97 -19.75 18.06
N LEU A 2352 24.52 -20.74 17.35
CA LEU A 2352 24.05 -22.11 17.53
C LEU A 2352 24.50 -22.67 18.86
N TRP A 2353 25.73 -22.40 19.25
CA TRP A 2353 26.19 -22.85 20.55
C TRP A 2353 25.48 -22.09 21.66
N LYS A 2354 25.14 -20.84 21.40
CA LYS A 2354 24.26 -20.10 22.30
C LYS A 2354 22.91 -20.78 22.42
N ASN A 2355 22.35 -21.19 21.28
CA ASN A 2355 20.99 -21.70 21.26
C ASN A 2355 20.94 -23.12 21.80
N ILE A 2356 22.08 -23.79 21.82
CA ILE A 2356 22.09 -25.12 22.40
C ILE A 2356 22.35 -25.05 23.88
N TYR A 2357 23.17 -24.08 24.32
CA TYR A 2357 23.36 -23.89 25.76
C TYR A 2357 22.11 -23.35 26.39
N VAL A 2358 21.25 -22.71 25.59
CA VAL A 2358 19.88 -22.48 26.02
C VAL A 2358 19.06 -23.75 25.84
N TRP A 2359 19.28 -24.46 24.73
CA TRP A 2359 18.45 -25.61 24.41
C TRP A 2359 18.95 -26.85 25.14
N THR A 2360 20.01 -26.70 25.91
CA THR A 2360 20.33 -27.67 26.93
C THR A 2360 19.29 -27.56 28.02
N SER A 2368 17.72 -35.95 25.45
CA SER A 2368 16.76 -36.37 24.44
C SER A 2368 17.13 -35.81 23.08
N ARG A 2369 17.11 -34.49 22.97
CA ARG A 2369 17.29 -33.86 21.65
C ARG A 2369 18.76 -33.69 21.31
N PHE A 2370 19.64 -34.43 21.99
CA PHE A 2370 21.07 -34.32 21.75
C PHE A 2370 21.42 -34.80 20.35
N TYR A 2371 20.68 -35.79 19.85
CA TYR A 2371 20.94 -36.30 18.52
C TYR A 2371 20.66 -35.27 17.46
N CYS A 2372 19.51 -34.62 17.55
CA CYS A 2372 19.14 -33.62 16.56
C CYS A 2372 20.00 -32.37 16.67
N TYR A 2373 20.30 -31.96 17.90
CA TYR A 2373 21.14 -30.79 18.09
C TYR A 2373 22.54 -31.06 17.57
N THR A 2374 23.01 -32.28 17.75
CA THR A 2374 24.32 -32.64 17.23
C THR A 2374 24.30 -32.67 15.72
N LYS A 2375 23.20 -33.14 15.13
CA LYS A 2375 23.06 -33.09 13.69
C LYS A 2375 23.05 -31.68 13.17
N MET A 2376 22.52 -30.74 13.94
CA MET A 2376 22.55 -29.33 13.59
C MET A 2376 23.95 -28.74 13.64
N LEU A 2377 24.67 -29.04 14.72
CA LEU A 2377 26.06 -28.64 14.82
C LEU A 2377 26.88 -29.25 13.69
N GLY A 2378 26.53 -30.48 13.29
CA GLY A 2378 27.17 -31.08 12.14
C GLY A 2378 26.82 -30.40 10.84
N GLU A 2379 25.66 -29.75 10.78
CA GLU A 2379 25.35 -29.01 9.57
C GLU A 2379 26.18 -27.75 9.48
N TRP A 2380 26.35 -27.05 10.61
CA TRP A 2380 27.15 -25.83 10.59
C TRP A 2380 28.63 -26.14 10.42
N MET A 2381 29.02 -27.37 10.75
CA MET A 2381 30.34 -27.85 10.35
C MET A 2381 30.35 -28.16 8.86
N PHE A 2382 29.26 -28.74 8.35
CA PHE A 2382 29.14 -28.99 6.93
C PHE A 2382 29.03 -27.69 6.16
N THR A 2383 28.56 -26.65 6.83
CA THR A 2383 28.75 -25.32 6.33
C THR A 2383 30.24 -24.99 6.34
N LYS A 2389 39.82 -25.09 5.38
CA LYS A 2389 40.37 -24.92 6.72
C LYS A 2389 40.10 -26.14 7.59
N LEU A 2390 40.99 -26.38 8.56
CA LEU A 2390 41.05 -27.70 9.19
C LEU A 2390 40.58 -27.67 10.65
N LEU A 2391 41.21 -26.84 11.47
CA LEU A 2391 41.15 -27.04 12.91
C LEU A 2391 39.79 -26.64 13.49
N GLU A 2392 39.19 -25.58 12.92
CA GLU A 2392 38.04 -24.94 13.53
C GLU A 2392 36.78 -25.81 13.42
N SER A 2393 36.77 -26.75 12.47
CA SER A 2393 35.72 -27.76 12.42
C SER A 2393 36.26 -29.10 12.86
N PHE A 2394 37.58 -29.23 12.90
CA PHE A 2394 38.18 -30.46 13.40
C PHE A 2394 37.84 -30.67 14.87
N LEU A 2395 37.83 -29.59 15.64
CA LEU A 2395 37.40 -29.72 17.03
C LEU A 2395 35.93 -30.06 17.13
N PRO A 2396 35.06 -29.52 16.28
CA PRO A 2396 33.69 -30.04 16.23
C PRO A 2396 33.64 -31.50 15.78
N LYS A 2397 34.57 -31.94 14.92
CA LYS A 2397 34.58 -33.33 14.49
C LYS A 2397 34.92 -34.25 15.65
N ASP A 2398 35.85 -33.83 16.50
CA ASP A 2398 36.24 -34.63 17.66
C ASP A 2398 35.09 -34.72 18.67
N SER A 2399 34.52 -33.57 19.04
CA SER A 2399 33.46 -33.60 20.06
C SER A 2399 32.20 -34.26 19.54
N LEU A 2400 31.94 -34.11 18.25
CA LEU A 2400 30.75 -34.73 17.67
C LEU A 2400 30.94 -36.24 17.55
N GLU A 2401 32.13 -36.69 17.17
CA GLU A 2401 32.35 -38.12 17.07
C GLU A 2401 32.41 -38.75 18.44
N LYS A 2402 32.83 -37.99 19.44
CA LYS A 2402 32.75 -38.50 20.81
C LYS A 2402 31.30 -38.60 21.27
N PHE A 2403 30.49 -37.57 20.99
CA PHE A 2403 29.09 -37.59 21.40
C PHE A 2403 28.31 -38.65 20.63
N SER A 2404 28.76 -38.96 19.42
CA SER A 2404 28.12 -40.01 18.64
C SER A 2404 28.67 -41.38 19.01
N GLU A 2405 29.86 -41.41 19.64
CA GLU A 2405 30.27 -42.64 20.29
C GLU A 2405 29.40 -42.90 21.50
N LEU A 2406 28.98 -41.83 22.17
CA LEU A 2406 27.92 -41.97 23.15
C LEU A 2406 26.59 -42.22 22.49
N GLN A 2407 26.39 -41.65 21.31
CA GLN A 2407 25.14 -41.90 20.62
C GLN A 2407 25.29 -43.10 19.73
N GLY A 2412 17.44 -50.99 18.50
CA GLY A 2412 17.80 -50.20 17.34
C GLY A 2412 17.18 -50.73 16.05
N LEU A 2413 16.74 -49.82 15.19
CA LEU A 2413 16.17 -50.18 13.90
C LEU A 2413 16.35 -48.99 12.96
N HIS A 2414 15.97 -49.15 11.70
CA HIS A 2414 15.97 -48.02 10.79
C HIS A 2414 14.68 -47.21 10.97
N MET A 2415 13.55 -47.82 10.57
CA MET A 2415 12.19 -47.49 11.00
C MET A 2415 11.71 -46.07 10.66
N GLN A 2416 12.52 -45.24 10.01
CA GLN A 2416 12.10 -43.87 9.72
C GLN A 2416 11.56 -43.79 8.29
N ALA A 2417 12.30 -44.36 7.34
CA ALA A 2417 11.76 -44.58 6.01
C ALA A 2417 10.60 -45.55 6.03
N ILE A 2418 10.62 -46.51 6.96
CA ILE A 2418 9.44 -47.31 7.21
C ILE A 2418 8.30 -46.44 7.73
N TRP A 2419 8.62 -45.49 8.63
CA TRP A 2419 7.60 -44.53 9.04
C TRP A 2419 7.28 -43.53 7.95
N ASP A 2420 8.17 -43.39 6.97
CA ASP A 2420 7.91 -42.61 5.78
C ASP A 2420 7.28 -43.44 4.68
N LYS A 2421 7.31 -44.76 4.79
CA LYS A 2421 6.71 -45.64 3.78
C LYS A 2421 5.20 -45.46 3.69
N TRP A 2422 4.49 -45.56 4.81
CA TRP A 2422 3.10 -45.15 4.78
C TRP A 2422 2.99 -43.65 5.01
N HIS A 2423 3.35 -43.20 6.22
CA HIS A 2423 3.21 -41.83 6.70
C HIS A 2423 1.85 -41.24 6.34
N ALA A 2424 0.79 -41.90 6.82
CA ALA A 2424 -0.55 -41.72 6.29
C ALA A 2424 -1.14 -40.37 6.69
N PHE A 2425 -2.27 -40.04 6.09
CA PHE A 2425 -2.96 -38.79 6.34
C PHE A 2425 -3.59 -38.80 7.73
N VAL A 2426 -3.45 -37.69 8.44
CA VAL A 2426 -3.89 -37.57 9.82
C VAL A 2426 -4.02 -36.09 10.18
N PRO A 2427 -4.47 -35.76 11.39
CA PRO A 2427 -4.65 -34.33 11.73
C PRO A 2427 -3.33 -33.66 12.03
N ARG A 2428 -3.07 -32.56 11.31
CA ARG A 2428 -1.84 -31.80 11.45
C ARG A 2428 -2.07 -30.52 12.25
N THR A 2429 -3.08 -29.74 11.87
CA THR A 2429 -3.43 -28.54 12.59
C THR A 2429 -4.06 -28.91 13.94
N TYR A 2430 -3.81 -28.06 14.93
CA TYR A 2430 -4.49 -28.19 16.22
C TYR A 2430 -5.98 -28.02 16.07
N ASP A 2431 -6.39 -27.13 15.15
CA ASP A 2431 -7.80 -27.00 14.82
C ASP A 2431 -8.32 -28.22 14.08
N GLN A 2432 -7.50 -28.84 13.23
CA GLN A 2432 -7.92 -30.06 12.55
C GLN A 2432 -8.12 -31.21 13.51
N TRP A 2433 -7.21 -31.35 14.48
CA TRP A 2433 -7.38 -32.38 15.50
C TRP A 2433 -8.54 -32.07 16.43
N SER A 2434 -8.79 -30.78 16.70
CA SER A 2434 -9.94 -30.40 17.50
C SER A 2434 -11.23 -30.71 16.77
N LEU A 2435 -11.25 -30.51 15.44
CA LEU A 2435 -12.41 -30.86 14.64
C LEU A 2435 -12.62 -32.37 14.59
N TRP A 2436 -11.52 -33.12 14.55
CA TRP A 2436 -11.61 -34.58 14.59
C TRP A 2436 -12.18 -35.05 15.92
N ASN A 2437 -11.73 -34.44 17.03
CA ASN A 2437 -12.24 -34.82 18.35
C ASN A 2437 -13.71 -34.43 18.52
N THR A 2438 -14.09 -33.28 17.99
CA THR A 2438 -15.48 -32.84 18.05
C THR A 2438 -16.37 -33.75 17.24
N VAL A 2439 -15.92 -34.14 16.04
CA VAL A 2439 -16.69 -35.06 15.19
C VAL A 2439 -16.77 -36.43 15.85
N ASP A 2440 -15.73 -36.81 16.60
CA ASP A 2440 -15.74 -38.08 17.32
C ASP A 2440 -16.79 -38.08 18.42
N LYS A 2441 -16.84 -37.01 19.21
CA LYS A 2441 -17.87 -36.90 20.25
C LYS A 2441 -19.27 -36.81 19.63
N LEU A 2442 -19.36 -36.17 18.45
CA LEU A 2442 -20.62 -36.06 17.73
C LEU A 2442 -21.14 -37.42 17.29
N LEU A 2443 -20.28 -38.22 16.67
CA LEU A 2443 -20.69 -39.55 16.25
C LEU A 2443 -20.92 -40.47 17.45
N THR A 2444 -20.21 -40.23 18.55
CA THR A 2444 -20.40 -41.01 19.77
C THR A 2444 -21.80 -40.78 20.35
N GLN A 2445 -22.26 -39.54 20.33
CA GLN A 2445 -23.66 -39.30 20.67
C GLN A 2445 -24.58 -39.77 19.56
N TYR A 2446 -24.08 -39.84 18.32
CA TYR A 2446 -24.96 -39.91 17.16
C TYR A 2446 -25.15 -41.33 16.63
N VAL A 2447 -24.19 -42.22 16.79
CA VAL A 2447 -24.29 -43.55 16.21
C VAL A 2447 -24.87 -44.55 17.21
N ASN A 2448 -25.52 -44.05 18.26
CA ASN A 2448 -26.07 -44.93 19.29
C ASN A 2448 -27.29 -45.69 18.77
N ALA A 2449 -28.33 -44.96 18.39
CA ALA A 2449 -29.55 -45.60 17.91
C ALA A 2449 -30.03 -44.99 16.60
N SER A 2455 -34.76 -48.62 12.20
CA SER A 2455 -35.67 -48.96 11.12
C SER A 2455 -35.23 -48.28 9.83
N MET A 2456 -36.19 -47.72 9.10
CA MET A 2456 -35.82 -46.77 8.05
C MET A 2456 -35.30 -45.48 8.66
N GLU A 2457 -35.70 -45.19 9.90
CA GLU A 2457 -35.07 -44.15 10.68
C GLU A 2457 -33.59 -44.43 10.93
N THR A 2458 -33.21 -45.70 11.05
CA THR A 2458 -31.80 -46.02 11.14
C THR A 2458 -31.08 -45.73 9.82
N THR A 2459 -31.77 -45.91 8.69
CA THR A 2459 -31.19 -45.53 7.40
C THR A 2459 -31.09 -44.02 7.27
N ALA A 2460 -32.03 -43.29 7.88
CA ALA A 2460 -31.97 -41.83 7.90
C ALA A 2460 -30.78 -41.33 8.71
N CYS A 2461 -30.57 -41.92 9.90
CA CYS A 2461 -29.39 -41.59 10.69
C CYS A 2461 -28.11 -42.04 10.01
N GLU A 2462 -28.17 -43.08 9.16
CA GLU A 2462 -27.02 -43.47 8.35
C GLU A 2462 -26.70 -42.40 7.32
N VAL A 2463 -27.73 -41.83 6.70
CA VAL A 2463 -27.51 -40.70 5.79
C VAL A 2463 -26.99 -39.49 6.56
N VAL A 2464 -27.39 -39.33 7.82
CA VAL A 2464 -26.91 -38.24 8.66
C VAL A 2464 -25.42 -38.41 8.96
N GLY A 2465 -25.02 -39.63 9.30
CA GLY A 2465 -23.60 -39.91 9.48
C GLY A 2465 -22.82 -39.82 8.18
N THR A 2466 -23.47 -40.07 7.05
CA THR A 2466 -22.82 -39.90 5.75
C THR A 2466 -22.58 -38.42 5.47
N SER A 2467 -23.53 -37.57 5.87
CA SER A 2467 -23.33 -36.13 5.79
C SER A 2467 -22.19 -35.70 6.71
N LEU A 2468 -22.10 -36.30 7.89
CA LEU A 2468 -20.98 -36.05 8.79
C LEU A 2468 -19.67 -36.49 8.17
N SER A 2469 -19.70 -37.59 7.40
CA SER A 2469 -18.50 -38.08 6.73
C SER A 2469 -18.04 -37.15 5.62
N LEU A 2470 -18.98 -36.67 4.80
CA LEU A 2470 -18.63 -35.71 3.76
C LEU A 2470 -18.17 -34.38 4.36
N LEU A 2471 -18.73 -34.01 5.52
CA LEU A 2471 -18.32 -32.79 6.20
C LEU A 2471 -16.91 -32.89 6.77
N ASN A 2472 -16.58 -34.04 7.37
CA ASN A 2472 -15.22 -34.20 7.86
C ASN A 2472 -14.24 -34.39 6.72
N LYS A 2473 -14.72 -34.89 5.57
CA LYS A 2473 -13.89 -34.93 4.36
C LYS A 2473 -13.58 -33.52 3.87
N VAL A 2474 -14.54 -32.62 3.96
CA VAL A 2474 -14.28 -31.22 3.63
C VAL A 2474 -13.34 -30.58 4.64
N LEU A 2475 -13.50 -30.95 5.92
CA LEU A 2475 -12.58 -30.50 6.96
C LEU A 2475 -11.16 -31.01 6.73
N VAL A 2476 -11.02 -32.19 6.15
CA VAL A 2476 -9.72 -32.71 5.74
C VAL A 2476 -9.18 -31.97 4.53
N GLU A 2477 -10.02 -31.27 3.78
CA GLU A 2477 -9.56 -30.40 2.72
C GLU A 2477 -9.22 -29.01 3.20
N ASN A 2478 -8.96 -28.85 4.51
CA ASN A 2478 -8.61 -27.58 5.17
C ASN A 2478 -9.69 -26.53 4.94
N GLU A 2479 -10.90 -26.81 5.42
CA GLU A 2479 -12.07 -25.94 5.27
C GLU A 2479 -12.68 -25.72 6.66
N VAL A 2480 -12.83 -24.45 7.04
CA VAL A 2480 -13.26 -24.08 8.39
C VAL A 2480 -14.54 -23.24 8.37
N GLY A 2481 -15.01 -22.86 9.56
CA GLY A 2481 -16.10 -21.93 9.74
C GLY A 2481 -17.46 -22.48 9.40
N ASP A 2482 -17.72 -22.80 8.13
CA ASP A 2482 -18.98 -23.41 7.74
C ASP A 2482 -19.10 -24.80 8.32
N ILE A 2483 -17.95 -25.45 8.56
CA ILE A 2483 -17.87 -26.62 9.42
C ILE A 2483 -18.47 -26.36 10.79
N TYR A 2484 -18.18 -25.22 11.42
CA TYR A 2484 -18.73 -24.94 12.75
C TYR A 2484 -20.22 -24.68 12.66
N SER A 2485 -20.69 -24.13 11.54
CA SER A 2485 -22.12 -23.87 11.38
C SER A 2485 -22.90 -25.15 11.19
N TYR A 2486 -22.45 -26.00 10.25
CA TYR A 2486 -23.10 -27.29 10.04
C TYR A 2486 -22.91 -28.19 11.26
N LEU A 2487 -21.84 -27.95 12.04
CA LEU A 2487 -21.65 -28.64 13.29
C LEU A 2487 -22.64 -28.20 14.36
N LYS A 2488 -22.97 -26.91 14.42
CA LYS A 2488 -24.00 -26.46 15.34
C LYS A 2488 -25.37 -27.02 14.93
N ILE A 2489 -25.61 -27.10 13.61
CA ILE A 2489 -26.84 -27.70 13.11
C ILE A 2489 -26.90 -29.17 13.47
N LEU A 2490 -25.77 -29.87 13.32
CA LEU A 2490 -25.70 -31.27 13.69
C LEU A 2490 -25.82 -31.45 15.19
N GLY A 2491 -25.35 -30.48 15.97
CA GLY A 2491 -25.52 -30.56 17.42
C GLY A 2491 -26.95 -30.38 17.85
N LYS A 2492 -27.69 -29.51 17.14
CA LYS A 2492 -29.12 -29.41 17.38
C LYS A 2492 -29.84 -30.71 17.03
N GLY A 2493 -29.53 -31.27 15.86
CA GLY A 2493 -30.12 -32.55 15.48
C GLY A 2493 -29.69 -33.69 16.39
N VAL A 2494 -28.51 -33.57 17.00
CA VAL A 2494 -28.00 -34.61 17.87
C VAL A 2494 -28.65 -34.54 19.24
N ASN A 2495 -28.92 -33.33 19.73
CA ASN A 2495 -29.74 -33.20 20.93
C ASN A 2495 -31.16 -33.68 20.68
N GLU A 2496 -31.66 -33.49 19.45
CA GLU A 2496 -32.95 -34.05 19.07
C GLU A 2496 -32.93 -35.58 19.09
N LEU A 2497 -31.86 -36.19 18.57
CA LEU A 2497 -31.74 -37.63 18.61
C LEU A 2497 -31.53 -38.14 20.02
N LYS A 2498 -30.83 -37.36 20.87
CA LYS A 2498 -30.74 -37.63 22.30
C LYS A 2498 -32.09 -37.57 22.97
N SER A 2499 -33.01 -36.76 22.45
CA SER A 2499 -34.40 -36.88 22.84
C SER A 2499 -35.09 -37.99 22.04
N SER A 2500 -35.20 -37.83 20.73
CA SER A 2500 -35.89 -38.81 19.89
C SER A 2500 -34.97 -39.98 19.55
N ILE A 2504 -35.38 -49.42 23.85
CA ILE A 2504 -35.87 -50.16 22.69
C ILE A 2504 -36.26 -51.58 23.09
N LEU A 2505 -35.28 -52.47 23.08
CA LEU A 2505 -35.49 -53.86 23.47
C LEU A 2505 -34.20 -54.43 24.03
N PRO A 2506 -34.04 -54.44 25.36
CA PRO A 2506 -32.80 -54.94 25.96
C PRO A 2506 -32.65 -56.45 25.80
N GLU A 2507 -31.47 -56.86 25.40
CA GLU A 2507 -31.20 -58.24 25.03
C GLU A 2507 -29.71 -58.50 25.15
N ASN A 2508 -29.26 -59.56 24.48
CA ASN A 2508 -27.85 -59.94 24.48
C ASN A 2508 -27.53 -60.48 23.10
N LEU A 2509 -26.38 -61.16 23.01
CA LEU A 2509 -25.83 -61.70 21.76
C LEU A 2509 -25.62 -60.59 20.73
N VAL A 2510 -25.05 -59.47 21.19
CA VAL A 2510 -24.65 -58.38 20.31
C VAL A 2510 -23.30 -58.72 19.71
N ASN A 2511 -22.72 -59.84 20.17
CA ASN A 2511 -21.57 -60.43 19.50
C ASN A 2511 -21.88 -60.86 18.07
N LEU A 2512 -23.15 -61.09 17.74
CA LEU A 2512 -23.53 -61.25 16.34
C LEU A 2512 -23.28 -59.97 15.57
N PHE A 2513 -23.62 -58.82 16.16
CA PHE A 2513 -23.33 -57.54 15.52
C PHE A 2513 -21.84 -57.29 15.47
N ASN A 2514 -21.11 -57.71 16.51
CA ASN A 2514 -19.66 -57.63 16.47
C ASN A 2514 -19.05 -58.55 15.42
N CYS A 2515 -19.71 -59.66 15.14
CA CYS A 2515 -19.25 -60.56 14.08
C CYS A 2515 -19.51 -59.97 12.72
N LEU A 2516 -20.66 -59.30 12.56
CA LEU A 2516 -20.92 -58.54 11.35
C LEU A 2516 -19.90 -57.42 11.17
N ALA A 2517 -19.45 -56.81 12.28
CA ALA A 2517 -18.43 -55.77 12.20
C ALA A 2517 -17.07 -56.36 11.83
N SER A 2518 -16.80 -57.57 12.33
CA SER A 2518 -15.59 -58.29 11.94
C SER A 2518 -15.60 -58.59 10.45
N LEU A 2519 -16.74 -59.07 9.93
CA LEU A 2519 -16.88 -59.33 8.49
C LEU A 2519 -16.80 -58.04 7.69
N ASP A 2520 -17.23 -56.94 8.29
CA ASP A 2520 -17.14 -55.63 7.63
C ASP A 2520 -15.69 -55.19 7.48
N LEU A 2521 -14.91 -55.28 8.56
CA LEU A 2521 -13.49 -54.95 8.49
C LEU A 2521 -12.75 -55.91 7.56
N LEU A 2522 -13.21 -57.16 7.52
CA LEU A 2522 -12.65 -58.15 6.61
C LEU A 2522 -12.86 -57.77 5.16
N HIS A 2523 -14.11 -57.46 4.79
CA HIS A 2523 -14.40 -57.04 3.43
C HIS A 2523 -13.74 -55.70 3.11
N ILE A 2524 -13.56 -54.86 4.14
CA ILE A 2524 -12.93 -53.55 3.96
C ILE A 2524 -11.47 -53.71 3.60
N PHE A 2525 -10.79 -54.61 4.26
CA PHE A 2525 -9.41 -54.89 3.87
C PHE A 2525 -9.37 -55.71 2.59
N ILE A 2526 -10.44 -56.43 2.29
CA ILE A 2526 -10.41 -57.47 1.26
C ILE A 2526 -10.40 -56.87 -0.14
N LYS A 2527 -11.46 -56.15 -0.50
CA LYS A 2527 -11.52 -55.63 -1.85
C LYS A 2527 -10.67 -54.39 -2.06
N TYR A 2528 -10.16 -53.80 -0.98
CA TYR A 2528 -9.39 -52.56 -1.06
C TYR A 2528 -7.91 -52.87 -0.90
N THR A 2529 -7.15 -52.68 -1.98
CA THR A 2529 -5.70 -52.74 -1.93
C THR A 2529 -5.06 -51.37 -2.07
N THR A 2530 -5.62 -50.52 -2.92
CA THR A 2530 -5.15 -49.14 -3.00
C THR A 2530 -5.80 -48.29 -1.92
N SER A 2531 -5.68 -46.97 -2.09
CA SER A 2531 -6.21 -46.04 -1.10
C SER A 2531 -7.73 -46.07 -1.09
N SER A 2532 -8.31 -46.08 0.12
CA SER A 2532 -9.77 -46.17 0.29
C SER A 2532 -10.14 -45.56 1.64
N PHE A 2533 -10.98 -44.54 1.55
CA PHE A 2533 -11.54 -43.84 2.70
C PHE A 2533 -12.83 -44.53 3.17
N PHE A 2534 -13.08 -45.72 2.61
CA PHE A 2534 -14.25 -46.57 2.91
C PHE A 2534 -15.64 -45.98 2.64
N LEU A 2535 -15.78 -45.29 1.52
CA LEU A 2535 -17.04 -44.70 1.11
C LEU A 2535 -17.88 -45.65 0.25
N THR A 2536 -17.36 -46.85 0.02
CA THR A 2536 -18.03 -47.86 -0.82
C THR A 2536 -19.37 -48.36 -0.26
N ASP A 2537 -20.30 -48.65 -1.17
CA ASP A 2537 -21.72 -48.78 -0.85
C ASP A 2537 -22.04 -49.91 0.14
N ASP A 2538 -21.43 -51.07 -0.05
CA ASP A 2538 -21.67 -52.19 0.86
C ASP A 2538 -21.15 -51.68 2.20
N PHE A 2539 -20.03 -50.99 2.10
CA PHE A 2539 -19.35 -50.33 3.21
C PHE A 2539 -20.29 -49.35 3.91
N VAL A 2540 -21.22 -48.76 3.18
CA VAL A 2540 -22.23 -47.92 3.80
C VAL A 2540 -23.18 -48.77 4.62
N ARG A 2541 -23.49 -49.98 4.14
CA ARG A 2541 -24.30 -50.89 4.92
C ARG A 2541 -23.55 -51.37 6.16
N PHE A 2542 -22.24 -51.50 6.03
CA PHE A 2542 -21.39 -51.83 7.16
C PHE A 2542 -21.39 -50.71 8.18
N ILE A 2543 -21.39 -49.47 7.69
CA ILE A 2543 -21.53 -48.32 8.56
C ILE A 2543 -22.90 -48.30 9.20
N ARG A 2544 -23.92 -48.76 8.48
CA ARG A 2544 -25.26 -48.81 9.04
C ARG A 2544 -25.35 -49.85 10.15
N VAL A 2545 -24.66 -50.97 9.98
CA VAL A 2545 -24.62 -51.97 11.03
C VAL A 2545 -23.71 -51.51 12.16
N CYS A 2546 -22.75 -50.65 11.86
CA CYS A 2546 -21.83 -50.15 12.87
C CYS A 2546 -22.53 -49.14 13.77
N PHE A 2547 -23.33 -48.27 13.17
CA PHE A 2547 -24.22 -47.43 13.96
C PHE A 2547 -25.27 -48.27 14.67
N HIS A 2548 -25.67 -49.36 14.03
CA HIS A 2548 -26.61 -50.30 14.61
C HIS A 2548 -25.92 -50.90 15.84
N SER A 2549 -24.64 -51.18 15.70
CA SER A 2549 -23.89 -51.82 16.79
C SER A 2549 -22.90 -50.88 17.50
N ARG A 2550 -23.31 -50.32 18.63
CA ARG A 2550 -22.40 -49.41 19.33
C ARG A 2550 -21.13 -50.13 19.75
N ILE A 2551 -19.99 -49.48 19.56
CA ILE A 2551 -18.70 -50.07 19.89
C ILE A 2551 -17.75 -49.09 20.59
N SER A 2552 -16.87 -49.64 21.43
CA SER A 2552 -15.89 -48.85 22.18
C SER A 2552 -14.84 -48.11 21.35
N GLY A 2553 -14.34 -48.76 20.29
CA GLY A 2553 -13.29 -48.17 19.46
C GLY A 2553 -13.65 -46.86 18.77
N ASN A 2554 -12.68 -45.94 18.75
CA ASN A 2554 -12.87 -44.63 18.13
C ASN A 2554 -12.55 -44.56 16.63
N LEU A 2555 -13.38 -45.22 15.83
CA LEU A 2555 -13.26 -45.20 14.37
C LEU A 2555 -11.91 -45.59 13.77
N LEU A 2556 -11.27 -46.61 14.33
CA LEU A 2556 -9.98 -47.07 13.83
C LEU A 2556 -9.98 -47.17 12.30
N THR A 2557 -11.04 -47.75 11.76
CA THR A 2557 -11.17 -47.90 10.32
C THR A 2557 -11.20 -46.54 9.63
N LEU A 2558 -11.93 -45.60 10.23
CA LEU A 2558 -12.04 -44.26 9.67
C LEU A 2558 -10.67 -43.59 9.65
N LEU A 2559 -9.91 -43.78 10.73
CA LEU A 2559 -8.57 -43.21 10.84
C LEU A 2559 -7.66 -43.81 9.78
N HIS A 2560 -7.80 -45.12 9.56
CA HIS A 2560 -6.99 -45.82 8.57
C HIS A 2560 -7.29 -45.31 7.15
N PHE A 2577 -12.42 -59.93 17.89
CA PHE A 2577 -13.11 -59.36 16.75
C PHE A 2577 -12.57 -59.90 15.45
N ASP A 2578 -11.86 -61.01 15.52
CA ASP A 2578 -11.38 -61.70 14.33
C ASP A 2578 -11.51 -63.21 14.43
N PHE A 2579 -11.67 -63.75 15.63
CA PHE A 2579 -11.40 -65.14 15.96
C PHE A 2579 -12.34 -66.13 15.30
N CYS A 2580 -13.54 -65.72 14.91
CA CYS A 2580 -14.55 -66.68 14.48
C CYS A 2580 -14.56 -66.91 12.99
N SER A 2581 -13.39 -66.86 12.35
CA SER A 2581 -13.22 -67.08 10.92
C SER A 2581 -13.72 -68.44 10.46
N LEU A 2582 -13.75 -69.43 11.35
CA LEU A 2582 -14.34 -70.73 11.06
C LEU A 2582 -15.47 -71.05 12.03
N THR A 2583 -15.66 -70.20 13.05
CA THR A 2583 -16.55 -70.50 14.16
C THR A 2583 -17.91 -69.86 13.93
N THR A 2584 -18.82 -70.60 13.31
CA THR A 2584 -20.20 -70.16 13.18
C THR A 2584 -21.08 -70.57 14.35
N GLY A 2585 -20.48 -71.04 15.45
CA GLY A 2585 -21.23 -71.50 16.60
C GLY A 2585 -21.93 -70.42 17.36
N ASN A 2586 -21.48 -69.16 17.23
CA ASN A 2586 -22.25 -68.05 17.74
C ASN A 2586 -23.53 -67.84 16.95
N ILE A 2587 -23.58 -68.33 15.70
CA ILE A 2587 -24.81 -68.45 14.93
C ILE A 2587 -25.75 -69.37 15.70
N LEU A 2588 -25.18 -70.41 16.30
CA LEU A 2588 -25.90 -71.22 17.27
C LEU A 2588 -26.39 -70.39 18.44
N GLY A 2589 -25.54 -69.48 18.93
CA GLY A 2589 -25.99 -68.49 19.91
C GLY A 2589 -27.06 -67.59 19.34
N ARG A 2590 -27.01 -67.33 18.04
CA ARG A 2590 -28.15 -66.69 17.36
C ARG A 2590 -29.35 -67.61 17.36
N ILE A 2591 -29.13 -68.90 17.14
CA ILE A 2591 -30.20 -69.88 17.25
C ILE A 2591 -30.65 -69.98 18.69
N ALA A 2592 -29.72 -69.86 19.64
CA ALA A 2592 -30.08 -69.70 21.05
C ALA A 2592 -30.82 -68.41 21.30
N LEU A 2593 -30.44 -67.33 20.61
CA LEU A 2593 -31.26 -66.13 20.64
C LEU A 2593 -32.58 -66.36 19.92
N ALA A 2594 -32.57 -67.18 18.88
CA ALA A 2594 -33.81 -67.59 18.24
C ALA A 2594 -34.57 -68.63 19.03
N PHE A 2595 -33.95 -69.25 20.04
CA PHE A 2595 -34.64 -70.26 20.84
C PHE A 2595 -35.64 -69.61 21.80
N THR A 2596 -35.16 -68.74 22.68
CA THR A 2596 -36.03 -68.09 23.65
C THR A 2596 -35.49 -66.73 24.06
N SER A 2606 -40.87 -55.54 22.84
CA SER A 2606 -40.09 -56.53 23.57
C SER A 2606 -39.79 -57.73 22.69
N ALA A 2607 -40.57 -58.80 22.88
CA ALA A 2607 -40.48 -60.00 22.06
C ALA A 2607 -40.82 -59.73 20.60
N ASN A 2608 -41.82 -58.90 20.34
CA ASN A 2608 -42.07 -58.41 18.99
C ASN A 2608 -40.95 -57.53 18.50
N ILE A 2609 -40.38 -56.69 19.38
CA ILE A 2609 -39.21 -55.89 19.00
C ILE A 2609 -37.99 -56.79 18.85
N PHE A 2610 -37.95 -57.90 19.59
CA PHE A 2610 -36.88 -58.87 19.39
C PHE A 2610 -36.98 -59.55 18.04
N GLU A 2611 -38.18 -59.91 17.60
CA GLU A 2611 -38.36 -60.50 16.27
C GLU A 2611 -38.13 -59.46 15.18
N HIS A 2612 -38.44 -58.20 15.48
CA HIS A 2612 -38.16 -57.12 14.55
C HIS A 2612 -36.65 -56.93 14.36
N ALA A 2613 -35.90 -56.88 15.45
CA ALA A 2613 -34.44 -56.78 15.34
C ALA A 2613 -33.83 -58.05 14.78
N ARG A 2614 -34.50 -59.18 14.97
CA ARG A 2614 -34.10 -60.42 14.32
C ARG A 2614 -34.23 -60.30 12.81
N LEU A 2615 -35.37 -59.80 12.33
CA LEU A 2615 -35.53 -59.55 10.90
C LEU A 2615 -34.58 -58.47 10.40
N ALA A 2616 -34.20 -57.54 11.27
CA ALA A 2616 -33.24 -56.50 10.90
C ALA A 2616 -31.84 -57.07 10.66
N LEU A 2617 -31.33 -57.83 11.63
CA LEU A 2617 -30.04 -58.48 11.46
C LEU A 2617 -30.10 -59.54 10.36
N LEU A 2618 -31.28 -60.09 10.10
CA LEU A 2618 -31.46 -61.07 9.02
C LEU A 2618 -31.34 -60.40 7.66
N GLN A 2619 -32.00 -59.26 7.47
CA GLN A 2619 -31.86 -58.54 6.21
C GLN A 2619 -30.45 -57.97 6.07
N HIS A 2620 -29.81 -57.64 7.20
CA HIS A 2620 -28.42 -57.23 7.16
C HIS A 2620 -27.51 -58.36 6.71
N PHE A 2621 -27.77 -59.57 7.18
CA PHE A 2621 -26.99 -60.73 6.73
C PHE A 2621 -27.33 -61.10 5.31
N MET A 2622 -28.57 -60.82 4.88
CA MET A 2622 -28.90 -60.95 3.47
C MET A 2622 -28.17 -59.93 2.64
N ASP A 2623 -27.84 -58.78 3.23
CA ASP A 2623 -26.95 -57.83 2.60
C ASP A 2623 -25.49 -58.23 2.80
N HIS A 2624 -25.20 -58.90 3.92
CA HIS A 2624 -23.87 -59.44 4.16
C HIS A 2624 -23.69 -60.83 3.57
N SER A 2625 -24.54 -61.20 2.61
CA SER A 2625 -24.56 -62.56 2.07
C SER A 2625 -23.26 -62.90 1.35
N SER A 2626 -22.95 -62.15 0.30
CA SER A 2626 -21.70 -62.38 -0.41
C SER A 2626 -20.52 -61.76 0.31
N LEU A 2627 -20.78 -61.00 1.39
CA LEU A 2627 -19.72 -60.29 2.09
C LEU A 2627 -18.80 -61.22 2.87
N LEU A 2628 -19.19 -62.49 3.04
CA LEU A 2628 -18.30 -63.50 3.58
C LEU A 2628 -18.43 -64.85 2.89
N ALA A 2629 -19.22 -64.93 1.80
CA ALA A 2629 -19.53 -66.20 1.17
C ALA A 2629 -18.36 -66.84 0.44
N GLU A 2630 -17.29 -66.10 0.17
CA GLU A 2630 -16.27 -66.59 -0.74
C GLU A 2630 -15.34 -67.61 -0.11
N ASP A 2631 -14.58 -67.20 0.91
CA ASP A 2631 -13.54 -68.07 1.42
C ASP A 2631 -13.27 -67.73 2.87
N SER A 2632 -13.81 -68.54 3.76
CA SER A 2632 -13.61 -68.37 5.19
C SER A 2632 -12.14 -68.60 5.54
N SER A 2633 -11.45 -67.47 5.76
CA SER A 2633 -10.08 -67.33 6.25
C SER A 2633 -9.02 -67.73 5.23
N THR A 2634 -9.42 -68.37 4.13
CA THR A 2634 -8.56 -68.45 2.97
C THR A 2634 -8.40 -67.10 2.33
N LYS A 2635 -9.44 -66.27 2.36
CA LYS A 2635 -9.28 -64.85 2.14
C LYS A 2635 -8.33 -64.24 3.16
N MET A 2636 -8.45 -64.61 4.44
CA MET A 2636 -7.56 -64.03 5.44
C MET A 2636 -6.14 -64.58 5.32
N ASN A 2637 -6.00 -65.78 4.75
CA ASN A 2637 -4.69 -66.26 4.34
C ASN A 2637 -4.06 -65.30 3.34
N LEU A 2638 -4.85 -64.89 2.34
CA LEU A 2638 -4.37 -63.91 1.38
C LEU A 2638 -4.20 -62.53 2.01
N ILE A 2639 -4.91 -62.26 3.10
CA ILE A 2639 -4.78 -60.97 3.75
C ILE A 2639 -3.48 -60.88 4.52
N LEU A 2640 -3.12 -61.95 5.24
CA LEU A 2640 -1.81 -62.03 5.86
C LEU A 2640 -0.72 -62.08 4.80
N LEU A 2641 -1.02 -62.68 3.64
CA LEU A 2641 -0.09 -62.64 2.52
C LEU A 2641 0.11 -61.22 2.02
N GLN A 2642 -0.95 -60.42 2.02
CA GLN A 2642 -0.83 -59.04 1.60
C GLN A 2642 -0.09 -58.21 2.64
N ARG A 2643 -0.23 -58.57 3.92
CA ARG A 2643 0.53 -57.90 4.96
C ARG A 2643 2.02 -58.21 4.85
N TYR A 2644 2.33 -59.48 4.59
CA TYR A 2644 3.71 -59.85 4.31
C TYR A 2644 4.21 -59.21 3.02
N ALA A 2645 3.33 -59.03 2.04
CA ALA A 2645 3.71 -58.34 0.82
C ALA A 2645 3.96 -56.87 1.07
N VAL A 2646 3.27 -56.30 2.05
CA VAL A 2646 3.52 -54.92 2.45
C VAL A 2646 4.88 -54.80 3.10
N ILE A 2647 5.24 -55.79 3.93
CA ILE A 2647 6.58 -55.82 4.50
C ILE A 2647 7.63 -56.01 3.41
N ILE A 2648 7.29 -56.78 2.38
CA ILE A 2648 8.21 -57.05 1.28
C ILE A 2648 8.42 -55.80 0.43
N SER A 2649 7.36 -55.03 0.19
CA SER A 2649 7.51 -53.75 -0.46
C SER A 2649 8.26 -52.77 0.43
N ILE A 2650 8.12 -52.92 1.75
CA ILE A 2650 8.84 -52.08 2.69
C ILE A 2650 10.32 -52.43 2.76
N PHE A 2651 10.71 -53.60 2.26
CA PHE A 2651 12.13 -53.98 2.24
C PHE A 2651 12.95 -53.13 1.29
N LEU A 2652 12.67 -53.15 0.00
CA LEU A 2652 13.40 -52.38 -1.00
C LEU A 2652 12.43 -51.57 -1.84
N ASP A 2653 12.94 -50.51 -2.46
CA ASP A 2653 12.07 -49.53 -3.11
C ASP A 2653 12.24 -49.43 -4.62
N GLN A 2654 13.45 -49.16 -5.10
CA GLN A 2654 13.66 -48.82 -6.50
C GLN A 2654 14.46 -49.92 -7.19
N GLY A 2655 14.70 -51.00 -6.47
CA GLY A 2655 15.24 -52.20 -7.06
C GLY A 2655 14.20 -52.78 -8.00
N LYS A 2656 14.57 -52.95 -9.28
CA LYS A 2656 13.60 -53.26 -10.32
C LYS A 2656 12.99 -54.64 -10.12
N CYS A 2657 13.79 -55.59 -9.65
CA CYS A 2657 13.24 -56.88 -9.27
C CYS A 2657 12.32 -56.75 -8.05
N GLU A 2658 12.74 -55.96 -7.06
CA GLU A 2658 11.90 -55.76 -5.87
C GLU A 2658 10.68 -54.92 -6.20
N LYS A 2659 10.83 -53.94 -7.10
CA LYS A 2659 9.67 -53.16 -7.52
C LYS A 2659 8.68 -54.02 -8.31
N ALA A 2660 9.19 -54.93 -9.14
CA ALA A 2660 8.31 -55.84 -9.86
C ALA A 2660 7.64 -56.84 -8.92
N ASN A 2661 8.36 -57.29 -7.89
CA ASN A 2661 7.79 -58.19 -6.90
C ASN A 2661 6.70 -57.50 -6.08
N ASP A 2662 6.91 -56.24 -5.70
CA ASP A 2662 5.88 -55.50 -5.00
C ASP A 2662 4.72 -55.15 -5.92
N LEU A 2663 5.00 -54.95 -7.22
CA LEU A 2663 3.95 -54.63 -8.17
C LEU A 2663 3.03 -55.81 -8.43
N ILE A 2664 3.64 -56.98 -8.66
CA ILE A 2664 2.87 -58.21 -8.74
C ILE A 2664 2.20 -58.54 -7.42
N THR A 2665 2.85 -58.22 -6.30
CA THR A 2665 2.23 -58.30 -4.99
C THR A 2665 1.09 -57.30 -4.84
N LYS A 2666 1.19 -56.14 -5.49
CA LYS A 2666 0.07 -55.22 -5.60
C LYS A 2666 -0.91 -55.69 -6.67
N LEU A 2667 -0.45 -56.51 -7.62
CA LEU A 2667 -1.34 -57.08 -8.62
C LEU A 2667 -1.93 -58.37 -8.08
N SER A 2668 -2.72 -58.27 -7.01
CA SER A 2668 -3.34 -59.43 -6.38
C SER A 2668 -4.79 -59.59 -6.84
N LEU A 2669 -4.95 -59.85 -8.13
CA LEU A 2669 -6.23 -60.29 -8.69
C LEU A 2669 -6.49 -61.64 -8.07
N PRO A 2670 -7.62 -61.82 -7.38
CA PRO A 2670 -7.74 -62.91 -6.38
C PRO A 2670 -7.62 -64.30 -6.96
N TYR A 2671 -8.14 -64.51 -8.18
CA TYR A 2671 -7.89 -65.76 -8.89
C TYR A 2671 -6.41 -65.93 -9.22
N GLU A 2672 -5.79 -64.89 -9.80
CA GLU A 2672 -4.37 -64.96 -10.12
C GLU A 2672 -3.52 -64.95 -8.85
N GLU A 2673 -4.01 -64.30 -7.80
CA GLU A 2673 -3.33 -64.31 -6.51
C GLU A 2673 -3.26 -65.73 -5.94
N LEU A 2674 -4.38 -66.45 -5.96
CA LEU A 2674 -4.37 -67.83 -5.49
C LEU A 2674 -3.61 -68.75 -6.45
N ALA A 2675 -3.53 -68.36 -7.73
CA ALA A 2675 -2.78 -69.16 -8.69
C ALA A 2675 -1.28 -69.09 -8.42
N GLU A 2676 -0.74 -67.88 -8.31
CA GLU A 2676 0.71 -67.74 -8.17
C GLU A 2676 1.16 -67.34 -6.78
N ASN A 2677 0.37 -67.62 -5.74
CA ASN A 2677 0.78 -67.38 -4.35
C ASN A 2677 2.05 -68.12 -3.98
N PHE A 2678 2.22 -69.35 -4.50
CA PHE A 2678 3.42 -70.12 -4.21
C PHE A 2678 4.65 -69.51 -4.86
N VAL A 2679 4.49 -69.04 -6.10
CA VAL A 2679 5.58 -68.34 -6.79
C VAL A 2679 5.90 -67.04 -6.06
N SER A 2680 4.88 -66.40 -5.49
CA SER A 2680 5.09 -65.20 -4.70
C SER A 2680 5.90 -65.48 -3.45
N ILE A 2681 5.58 -66.57 -2.75
CA ILE A 2681 6.31 -66.91 -1.52
C ILE A 2681 7.74 -67.33 -1.84
N LEU A 2682 7.92 -68.01 -2.98
CA LEU A 2682 9.25 -68.42 -3.40
C LEU A 2682 10.11 -67.21 -3.76
N GLU A 2683 9.56 -66.28 -4.54
CA GLU A 2683 10.29 -65.06 -4.86
C GLU A 2683 10.48 -64.19 -3.62
N ALA A 2684 9.58 -64.31 -2.65
CA ALA A 2684 9.73 -63.60 -1.39
C ALA A 2684 10.94 -64.11 -0.62
N CYS A 2685 11.09 -65.43 -0.54
CA CYS A 2685 12.28 -65.99 0.11
C CYS A 2685 13.54 -65.66 -0.69
N LYS A 2686 13.43 -65.62 -2.02
CA LYS A 2686 14.57 -65.28 -2.87
C LYS A 2686 15.04 -63.86 -2.63
N ALA A 2687 14.10 -62.91 -2.55
CA ALA A 2687 14.46 -61.54 -2.23
C ALA A 2687 14.90 -61.40 -0.78
N PHE A 2688 14.40 -62.26 0.11
CA PHE A 2688 14.86 -62.27 1.49
C PHE A 2688 16.31 -62.71 1.60
N LEU A 2689 16.78 -63.53 0.66
CA LEU A 2689 18.21 -63.79 0.57
C LEU A 2689 18.99 -62.53 0.22
N VAL A 2690 18.42 -61.68 -0.63
CA VAL A 2690 19.13 -60.48 -1.10
C VAL A 2690 19.33 -59.43 -0.02
N ALA A 2691 18.57 -59.48 1.06
CA ALA A 2691 18.68 -58.49 2.11
C ALA A 2691 19.70 -58.94 3.15
N ASN A 2692 19.72 -58.26 4.30
CA ASN A 2692 20.68 -58.54 5.35
C ASN A 2692 20.23 -59.76 6.18
N SER A 2693 20.87 -59.95 7.34
CA SER A 2693 20.68 -61.13 8.16
C SER A 2693 19.55 -60.94 9.18
N GLU A 2694 19.50 -61.86 10.15
CA GLU A 2694 18.51 -61.92 11.23
C GLU A 2694 17.09 -62.05 10.73
N PHE A 2695 16.90 -62.66 9.55
CA PHE A 2695 15.59 -62.89 8.98
C PHE A 2695 15.05 -64.28 9.29
N ILE A 2696 15.43 -64.83 10.45
CA ILE A 2696 15.11 -66.21 10.79
C ILE A 2696 13.62 -66.43 10.99
N SER A 2697 12.96 -65.60 11.80
CA SER A 2697 11.52 -65.72 11.96
C SER A 2697 10.80 -65.34 10.67
N TYR A 2698 11.39 -64.44 9.89
CA TYR A 2698 10.88 -64.10 8.57
C TYR A 2698 10.99 -65.26 7.59
N THR A 2699 12.07 -66.04 7.65
CA THR A 2699 12.23 -67.21 6.80
C THR A 2699 11.30 -68.34 7.18
N TYR A 2700 11.24 -68.68 8.47
CA TYR A 2700 10.32 -69.70 8.96
C TYR A 2700 8.87 -69.28 8.84
N THR A 2701 8.61 -67.97 8.76
CA THR A 2701 7.26 -67.50 8.48
C THR A 2701 6.79 -67.95 7.11
N GLU A 2702 7.66 -67.87 6.11
CA GLU A 2702 7.32 -68.33 4.76
C GLU A 2702 7.10 -69.84 4.72
N ARG A 2703 7.85 -70.59 5.51
CA ARG A 2703 7.68 -72.03 5.57
C ARG A 2703 6.32 -72.39 6.17
N PHE A 2704 5.99 -71.81 7.32
CA PHE A 2704 4.70 -72.10 7.95
C PHE A 2704 3.55 -71.51 7.15
N ILE A 2705 3.84 -70.47 6.35
CA ILE A 2705 2.83 -69.89 5.49
C ILE A 2705 2.50 -70.79 4.33
N HIS A 2706 3.52 -71.37 3.68
CA HIS A 2706 3.30 -72.29 2.57
C HIS A 2706 2.51 -73.51 3.01
N SER A 2707 2.75 -73.96 4.25
CA SER A 2707 1.85 -74.89 4.91
C SER A 2707 0.45 -74.33 5.06
N LEU A 2708 0.31 -73.15 5.64
CA LEU A 2708 -1.01 -72.56 5.83
C LEU A 2708 -1.64 -72.16 4.50
N ARG A 2709 -0.83 -71.93 3.47
CA ARG A 2709 -1.34 -71.72 2.12
C ARG A 2709 -1.82 -73.01 1.49
N PHE A 2710 -1.44 -74.16 2.04
CA PHE A 2710 -1.79 -75.44 1.45
C PHE A 2710 -2.51 -76.40 2.38
N LEU A 2711 -2.16 -76.47 3.66
CA LEU A 2711 -2.71 -77.50 4.54
C LEU A 2711 -4.15 -77.21 4.97
N GLN A 2721 -8.34 -79.51 7.59
CA GLN A 2721 -7.38 -80.34 8.29
C GLN A 2721 -7.01 -79.72 9.63
N LYS A 2722 -5.76 -79.29 9.76
CA LYS A 2722 -5.28 -78.71 10.99
C LYS A 2722 -4.36 -77.51 10.76
N MET A 2723 -4.56 -76.76 9.68
CA MET A 2723 -3.65 -75.66 9.36
C MET A 2723 -3.91 -74.40 10.18
N LEU A 2724 -4.77 -74.47 11.20
CA LEU A 2724 -4.86 -73.36 12.14
C LEU A 2724 -3.56 -73.18 12.90
N LYS A 2725 -2.89 -74.30 13.18
CA LYS A 2725 -1.55 -74.25 13.76
C LYS A 2725 -0.56 -73.62 12.80
N ASN A 2726 -0.64 -73.97 11.51
CA ASN A 2726 0.25 -73.36 10.52
C ASN A 2726 -0.05 -71.89 10.36
N GLN A 2727 -1.31 -71.51 10.50
CA GLN A 2727 -1.73 -70.12 10.40
C GLN A 2727 -1.20 -69.31 11.57
N GLY A 2728 -1.41 -69.78 12.80
CA GLY A 2728 -0.87 -69.10 13.96
C GLY A 2728 0.65 -69.07 13.97
N MET A 2729 1.28 -70.14 13.45
CA MET A 2729 2.73 -70.23 13.42
C MET A 2729 3.33 -69.21 12.47
N ALA A 2730 2.82 -69.16 11.23
CA ALA A 2730 3.30 -68.18 10.27
C ALA A 2730 2.96 -66.76 10.72
N TYR A 2731 1.79 -66.57 11.36
CA TYR A 2731 1.40 -65.25 11.83
C TYR A 2731 2.32 -64.75 12.94
N ILE A 2732 2.66 -65.63 13.88
CA ILE A 2732 3.54 -65.24 14.98
C ILE A 2732 4.96 -65.02 14.48
N TYR A 2733 5.40 -65.83 13.51
CA TYR A 2733 6.77 -65.70 13.01
C TYR A 2733 6.94 -64.42 12.20
N PHE A 2734 6.01 -64.14 11.28
CA PHE A 2734 6.09 -62.91 10.49
C PHE A 2734 5.80 -61.68 11.36
N ALA A 2735 4.96 -61.84 12.38
CA ALA A 2735 4.70 -60.75 13.31
C ALA A 2735 5.94 -60.42 14.12
N SER A 2736 6.67 -61.45 14.56
CA SER A 2736 7.92 -61.24 15.25
C SER A 2736 8.97 -60.60 14.36
N GLY A 2737 9.05 -61.03 13.10
CA GLY A 2737 9.94 -60.44 12.11
C GLY A 2737 9.69 -58.96 11.87
N MET A 2738 8.45 -58.62 11.56
CA MET A 2738 8.12 -57.22 11.32
C MET A 2738 8.11 -56.40 12.61
N LEU A 2739 7.92 -57.03 13.78
CA LEU A 2739 7.93 -56.29 15.03
C LEU A 2739 9.35 -55.94 15.42
N LEU A 2740 10.27 -56.89 15.24
CA LEU A 2740 11.68 -56.61 15.36
C LEU A 2740 12.16 -55.64 14.29
N VAL A 2741 11.48 -55.60 13.14
CA VAL A 2741 11.79 -54.61 12.12
C VAL A 2741 11.44 -53.21 12.62
N TYR A 2742 10.40 -53.10 13.43
CA TYR A 2742 9.97 -51.81 13.97
C TYR A 2742 10.51 -51.54 15.36
N VAL A 2743 11.63 -52.17 15.72
CA VAL A 2743 12.10 -52.19 17.09
C VAL A 2743 13.31 -51.26 17.19
N PRO A 2744 13.12 -49.95 17.18
CA PRO A 2744 14.23 -49.05 17.48
C PRO A 2744 14.42 -48.89 18.99
N ASP A 2745 15.66 -48.62 19.38
CA ASP A 2745 16.01 -48.42 20.78
C ASP A 2745 15.66 -47.02 21.26
N LYS A 2746 15.30 -46.12 20.35
CA LYS A 2746 14.96 -44.73 20.67
C LYS A 2746 14.12 -44.14 19.54
N PRO A 2747 13.71 -42.87 19.65
CA PRO A 2747 12.78 -42.29 18.67
C PRO A 2747 13.50 -41.74 17.45
N PHE A 2748 13.35 -42.42 16.32
CA PHE A 2748 13.72 -41.87 15.00
C PHE A 2748 12.74 -42.40 13.95
N ASP A 2749 11.63 -41.69 13.80
CA ASP A 2749 10.65 -41.97 12.77
C ASP A 2749 10.79 -40.97 11.62
N PRO A 2750 9.94 -41.09 10.61
CA PRO A 2750 9.59 -39.90 9.83
C PRO A 2750 8.72 -38.96 10.67
N ALA A 2751 9.36 -38.21 11.55
CA ALA A 2751 8.69 -37.42 12.57
C ALA A 2751 9.63 -36.36 13.12
N THR A 2757 14.27 -28.67 16.10
CA THR A 2757 14.07 -28.41 14.70
C THR A 2757 15.05 -27.35 14.24
N VAL A 2758 14.76 -26.70 13.13
CA VAL A 2758 15.57 -25.57 12.72
C VAL A 2758 15.02 -24.36 13.44
N GLU A 2759 15.38 -24.23 14.71
CA GLU A 2759 15.10 -23.04 15.49
C GLU A 2759 16.35 -22.22 15.68
N SER A 2760 17.47 -22.68 15.15
CA SER A 2760 18.66 -21.85 15.08
C SER A 2760 18.44 -20.70 14.13
N LEU A 2761 17.63 -20.91 13.09
CA LEU A 2761 17.25 -19.80 12.23
C LEU A 2761 16.40 -18.79 12.98
N ARG A 2762 15.64 -19.23 13.98
CA ARG A 2762 14.79 -18.32 14.75
C ARG A 2762 15.60 -17.29 15.49
N HIS A 2763 16.41 -17.73 16.43
CA HIS A 2763 17.23 -16.77 17.15
C HIS A 2763 18.35 -16.21 16.27
N TYR A 2764 18.68 -16.86 15.16
CA TYR A 2764 19.65 -16.31 14.23
C TYR A 2764 19.11 -15.06 13.56
N LEU A 2765 17.93 -15.16 12.96
CA LEU A 2765 17.35 -13.98 12.34
C LEU A 2765 16.92 -12.97 13.38
N GLU A 2766 16.64 -13.41 14.60
CA GLU A 2766 16.44 -12.46 15.68
C GLU A 2766 17.70 -11.65 15.93
N SER A 2767 18.86 -12.31 15.92
CA SER A 2767 20.11 -11.59 16.12
C SER A 2767 20.41 -10.68 14.96
N LEU A 2768 20.09 -11.13 13.74
CA LEU A 2768 20.30 -10.30 12.57
C LEU A 2768 19.42 -9.05 12.62
N TYR A 2769 18.16 -9.20 12.99
CA TYR A 2769 17.26 -8.05 13.03
C TYR A 2769 17.63 -7.10 14.17
N LYS A 2770 17.93 -7.64 15.35
CA LYS A 2770 18.25 -6.76 16.47
C LYS A 2770 19.58 -6.05 16.26
N GLU A 2771 20.52 -6.69 15.58
CA GLU A 2771 21.73 -5.97 15.25
C GLU A 2771 21.50 -4.95 14.15
N SER A 2772 20.53 -5.19 13.27
CA SER A 2772 20.20 -4.15 12.29
C SER A 2772 19.62 -2.93 12.98
N GLN A 2773 18.80 -3.17 13.99
CA GLN A 2773 18.27 -2.08 14.80
C GLN A 2773 19.38 -1.33 15.51
N ILE A 2774 20.33 -2.07 16.10
CA ILE A 2774 21.44 -1.42 16.79
C ILE A 2774 22.32 -0.69 15.80
N LEU A 2775 22.41 -1.19 14.57
CA LEU A 2775 23.19 -0.53 13.54
C LEU A 2775 22.57 0.81 13.18
N GLU A 2776 21.26 0.87 13.09
CA GLU A 2776 20.63 2.15 12.81
C GLU A 2776 20.77 3.10 13.99
N ILE A 2777 20.66 2.58 15.22
CA ILE A 2777 20.73 3.45 16.38
C ILE A 2777 22.14 3.98 16.60
N ALA A 2778 23.14 3.31 16.07
CA ALA A 2778 24.47 3.87 16.14
C ALA A 2778 24.80 4.74 14.93
N GLU A 2779 24.25 4.41 13.77
CA GLU A 2779 24.49 5.25 12.61
C GLU A 2779 23.76 6.58 12.72
N SER A 2780 22.79 6.66 13.62
CA SER A 2780 22.29 7.95 14.06
C SER A 2780 23.41 8.81 14.62
N LEU A 2781 24.10 8.31 15.64
CA LEU A 2781 25.12 9.11 16.31
C LEU A 2781 26.38 9.21 15.46
N ASN A 2782 26.47 8.43 14.39
CA ASN A 2782 27.53 8.67 13.43
C ASN A 2782 27.22 9.89 12.57
N SER A 2783 26.16 9.82 11.78
CA SER A 2783 25.78 10.93 10.90
C SER A 2783 24.39 11.44 11.17
N GLY A 2784 23.39 10.57 11.21
CA GLY A 2784 22.02 11.02 11.38
C GLY A 2784 21.06 10.70 10.25
N LYS A 2785 21.49 9.91 9.27
CA LYS A 2785 20.59 9.40 8.25
C LYS A 2785 20.50 7.90 8.43
N VAL A 2786 19.35 7.34 8.08
CA VAL A 2786 19.09 5.92 8.37
C VAL A 2786 19.48 5.03 7.19
N ASN A 2787 20.76 4.74 7.09
CA ASN A 2787 21.37 3.79 6.15
C ASN A 2787 22.85 3.71 6.50
N SER A 2788 23.48 2.58 6.18
CA SER A 2788 24.90 2.38 6.43
C SER A 2788 25.38 1.21 5.60
N VAL A 2789 26.69 1.16 5.42
CA VAL A 2789 27.31 -0.02 4.83
C VAL A 2789 27.10 -1.21 5.74
N MET A 2790 27.17 -0.98 7.05
CA MET A 2790 26.71 -1.98 7.99
C MET A 2790 25.25 -2.31 7.76
N ARG A 2791 24.44 -1.29 7.49
CA ARG A 2791 23.02 -1.54 7.35
C ARG A 2791 22.70 -2.23 6.03
N ARG A 2792 23.33 -1.80 4.93
CA ARG A 2792 23.06 -2.48 3.67
C ARG A 2792 23.61 -3.89 3.68
N LEU A 2793 24.72 -4.11 4.39
CA LEU A 2793 25.31 -5.44 4.50
C LEU A 2793 24.40 -6.38 5.28
N VAL A 2794 23.94 -5.95 6.43
CA VAL A 2794 23.05 -6.80 7.22
C VAL A 2794 21.68 -6.91 6.57
N SER A 2795 21.33 -5.96 5.70
CA SER A 2795 20.07 -6.08 4.98
C SER A 2795 20.16 -7.17 3.92
N THR A 2796 21.25 -7.18 3.17
CA THR A 2796 21.43 -8.25 2.19
C THR A 2796 21.63 -9.59 2.89
N GLU A 2797 22.16 -9.58 4.11
CA GLU A 2797 22.19 -10.80 4.90
C GLU A 2797 20.79 -11.19 5.34
N ILE A 2798 19.90 -10.21 5.52
CA ILE A 2798 18.53 -10.52 5.91
C ILE A 2798 17.74 -11.02 4.71
N SER A 2799 18.30 -10.86 3.50
CA SER A 2799 17.72 -11.58 2.37
C SER A 2799 17.83 -13.09 2.54
N ASN A 2800 18.89 -13.57 3.19
CA ASN A 2800 19.01 -15.00 3.45
C ASN A 2800 18.12 -15.41 4.61
N SER A 2809 5.15 -31.25 4.09
CA SER A 2809 4.49 -30.29 4.96
C SER A 2809 3.45 -30.96 5.85
N THR A 2810 2.56 -30.15 6.41
CA THR A 2810 1.45 -30.56 7.28
C THR A 2810 1.92 -31.38 8.49
N VAL A 2811 2.81 -30.81 9.30
CA VAL A 2811 3.29 -31.46 10.50
C VAL A 2811 2.29 -31.23 11.62
N TYR A 2812 2.33 -32.09 12.63
CA TYR A 2812 1.57 -31.84 13.83
C TYR A 2812 2.23 -30.71 14.62
N ARG A 2813 1.39 -29.97 15.34
CA ARG A 2813 1.88 -28.87 16.17
C ARG A 2813 2.56 -29.45 17.39
N SER A 2814 3.87 -29.65 17.29
CA SER A 2814 4.61 -30.27 18.39
C SER A 2814 5.43 -29.18 19.07
N LEU A 2815 4.86 -28.56 20.10
CA LEU A 2815 5.56 -27.58 20.89
C LEU A 2815 6.15 -28.19 22.16
N ASN A 2816 5.61 -29.31 22.61
CA ASN A 2816 6.18 -30.07 23.70
C ASN A 2816 5.86 -31.54 23.50
N GLU A 2817 6.90 -32.37 23.50
CA GLU A 2817 6.78 -33.78 23.13
C GLU A 2817 7.56 -34.65 24.12
N SER A 2818 7.26 -34.50 25.40
CA SER A 2818 8.01 -35.18 26.46
C SER A 2818 7.66 -36.66 26.48
N ILE A 2819 8.24 -37.43 25.55
CA ILE A 2819 7.82 -38.79 25.30
C ILE A 2819 8.59 -39.79 26.15
N VAL A 2820 9.28 -39.31 27.19
CA VAL A 2820 9.94 -40.23 28.12
C VAL A 2820 8.95 -41.13 28.83
N PRO A 2821 7.81 -40.65 29.34
CA PRO A 2821 6.88 -41.55 29.99
C PRO A 2821 6.16 -42.48 29.02
N LEU A 2822 5.77 -41.97 27.85
CA LEU A 2822 5.14 -42.83 26.85
C LEU A 2822 6.13 -43.84 26.29
N TYR A 2823 7.40 -43.47 26.21
CA TYR A 2823 8.45 -44.38 25.82
C TYR A 2823 8.65 -45.46 26.86
N SER A 2824 8.58 -45.12 28.15
CA SER A 2824 8.67 -46.13 29.20
C SER A 2824 7.45 -47.04 29.19
N GLU A 2825 6.29 -46.48 28.83
CA GLU A 2825 5.06 -47.27 28.75
C GLU A 2825 5.14 -48.28 27.62
N LEU A 2826 5.60 -47.85 26.44
CA LEU A 2826 5.84 -48.80 25.35
C LEU A 2826 6.97 -49.76 25.69
N GLU A 2827 7.94 -49.30 26.49
CA GLU A 2827 9.08 -50.10 26.89
C GLU A 2827 8.69 -51.25 27.80
N PHE A 2828 7.67 -51.08 28.64
CA PHE A 2828 7.21 -52.20 29.46
C PHE A 2828 6.59 -53.29 28.60
N PHE A 2829 5.68 -52.92 27.70
CA PHE A 2829 5.00 -53.88 26.84
C PHE A 2829 5.94 -54.50 25.81
N MET A 2830 7.00 -53.80 25.43
CA MET A 2830 7.95 -54.40 24.50
C MET A 2830 9.16 -54.93 25.24
N LYS A 2831 9.21 -54.79 26.56
CA LYS A 2831 10.27 -55.39 27.35
C LYS A 2831 9.85 -56.74 27.86
N SER A 2832 8.55 -56.91 28.07
CA SER A 2832 7.98 -58.25 28.13
C SER A 2832 8.24 -59.00 26.82
N VAL A 2833 8.19 -58.28 25.69
CA VAL A 2833 8.66 -58.84 24.43
C VAL A 2833 10.15 -59.01 24.39
N VAL A 2834 10.92 -58.14 25.07
CA VAL A 2834 12.36 -58.34 25.16
C VAL A 2834 12.66 -59.42 26.17
N LEU A 2835 11.76 -59.61 27.14
CA LEU A 2835 11.81 -60.84 27.93
C LEU A 2835 11.54 -62.05 27.04
N ASN A 2836 10.47 -61.99 26.24
CA ASN A 2836 10.03 -62.97 25.25
C ASN A 2836 9.72 -64.34 25.84
N GLN A 2837 9.64 -64.46 27.17
CA GLN A 2837 9.26 -65.74 27.77
C GLN A 2837 7.81 -66.03 27.50
N TYR A 2838 7.00 -64.98 27.39
CA TYR A 2838 5.70 -65.07 26.75
C TYR A 2838 5.83 -65.67 25.36
N ILE A 2839 6.71 -65.11 24.52
CA ILE A 2839 6.83 -65.54 23.14
C ILE A 2839 7.42 -66.94 23.05
N PHE A 2840 8.48 -67.19 23.82
CA PHE A 2840 9.15 -68.48 23.75
C PHE A 2840 8.30 -69.59 24.36
N GLU A 2841 7.68 -69.32 25.51
CA GLU A 2841 6.81 -70.30 26.14
C GLU A 2841 5.55 -70.53 25.31
N LEU A 2842 5.12 -69.50 24.59
CA LEU A 2842 3.97 -69.65 23.71
C LEU A 2842 4.32 -70.50 22.51
N ALA A 2843 5.54 -70.34 21.96
CA ALA A 2843 5.96 -71.19 20.87
C ALA A 2843 6.11 -72.65 21.33
N MET A 2844 6.58 -72.82 22.56
CA MET A 2844 6.73 -74.17 23.12
C MET A 2844 5.37 -74.83 23.33
N ARG A 2845 4.41 -74.09 23.86
CA ARG A 2845 3.07 -74.64 24.05
C ARG A 2845 2.37 -74.82 22.71
N LEU A 2846 2.70 -73.98 21.73
CA LEU A 2846 2.04 -74.03 20.44
C LEU A 2846 2.62 -75.14 19.57
N SER A 2847 3.76 -75.67 19.97
CA SER A 2847 4.23 -76.92 19.38
C SER A 2847 3.22 -78.03 19.63
N LYS A 2848 3.04 -78.42 20.89
CA LYS A 2848 2.10 -79.46 21.30
C LYS A 2848 1.94 -79.37 22.80
N GLU A 2849 1.33 -80.43 23.37
CA GLU A 2849 1.31 -80.73 24.81
C GLU A 2849 0.65 -79.62 25.64
N SER A 2850 -0.64 -79.41 25.41
CA SER A 2850 -1.46 -78.56 26.27
C SER A 2850 -2.56 -79.44 26.88
N ASN A 2851 -2.67 -79.43 28.20
CA ASN A 2851 -3.75 -80.18 28.84
C ASN A 2851 -5.06 -79.44 28.66
N ILE A 2852 -5.22 -78.32 29.36
CA ILE A 2852 -6.22 -77.31 29.00
C ILE A 2852 -5.63 -75.93 29.25
N ALA A 2853 -4.54 -75.87 30.02
CA ALA A 2853 -4.12 -74.63 30.67
C ALA A 2853 -3.50 -73.64 29.70
N VAL A 2854 -3.07 -74.10 28.52
CA VAL A 2854 -2.43 -73.18 27.59
C VAL A 2854 -3.46 -72.36 26.84
N VAL A 2855 -4.70 -72.86 26.71
CA VAL A 2855 -5.78 -72.06 26.13
C VAL A 2855 -6.10 -70.88 27.05
N GLU A 2856 -6.17 -71.14 28.35
CA GLU A 2856 -6.36 -70.08 29.33
C GLU A 2856 -5.14 -69.17 29.41
N GLU A 2857 -3.96 -69.72 29.15
CA GLU A 2857 -2.75 -68.90 29.13
C GLU A 2857 -2.74 -67.94 27.95
N ALA A 2858 -3.14 -68.42 26.76
CA ALA A 2858 -3.24 -67.54 25.59
C ALA A 2858 -4.33 -66.50 25.78
N LYS A 2859 -5.42 -66.90 26.44
CA LYS A 2859 -6.48 -65.95 26.81
C LYS A 2859 -5.95 -64.86 27.73
N SER A 2860 -5.19 -65.24 28.77
CA SER A 2860 -4.69 -64.25 29.72
C SER A 2860 -3.61 -63.37 29.10
N PHE A 2861 -2.83 -63.93 28.16
CA PHE A 2861 -1.82 -63.15 27.48
C PHE A 2861 -2.45 -62.13 26.55
N VAL A 2862 -3.45 -62.55 25.78
CA VAL A 2862 -4.17 -61.61 24.92
C VAL A 2862 -4.98 -60.63 25.75
N THR A 2863 -5.34 -61.03 26.98
CA THR A 2863 -6.08 -60.15 27.87
C THR A 2863 -5.18 -59.05 28.43
N LYS A 2864 -3.97 -59.42 28.86
CA LYS A 2864 -3.00 -58.42 29.30
C LYS A 2864 -2.58 -57.53 28.15
N TRP A 2865 -2.51 -58.10 26.94
CA TRP A 2865 -2.28 -57.33 25.74
C TRP A 2865 -3.41 -56.34 25.48
N LYS A 2866 -4.66 -56.77 25.68
CA LYS A 2866 -5.80 -55.89 25.47
C LYS A 2866 -5.85 -54.80 26.54
N ALA A 2867 -5.39 -55.13 27.75
CA ALA A 2867 -5.32 -54.14 28.82
C ALA A 2867 -4.28 -53.07 28.51
N TYR A 2868 -3.10 -53.49 28.04
CA TYR A 2868 -2.09 -52.53 27.62
C TYR A 2868 -2.55 -51.73 26.41
N ILE A 2869 -3.32 -52.36 25.52
CA ILE A 2869 -3.83 -51.67 24.33
C ILE A 2869 -4.89 -50.66 24.71
N GLU A 2870 -5.68 -50.94 25.73
CA GLU A 2870 -6.68 -49.99 26.20
C GLU A 2870 -6.01 -48.83 26.92
N ARG A 2871 -4.99 -49.12 27.74
CA ARG A 2871 -4.22 -48.06 28.37
C ARG A 2871 -3.48 -47.22 27.35
N ILE A 2872 -3.12 -47.82 26.21
CA ILE A 2872 -2.52 -47.07 25.11
C ILE A 2872 -3.56 -46.22 24.39
N ARG A 2873 -4.74 -46.77 24.12
CA ARG A 2873 -5.76 -46.05 23.38
C ARG A 2873 -6.43 -44.99 24.25
N GLU A 2874 -6.17 -45.02 25.55
CA GLU A 2874 -6.68 -44.00 26.45
C GLU A 2874 -5.83 -42.74 26.41
N ALA A 2875 -4.55 -42.84 26.80
CA ALA A 2875 -3.69 -41.68 26.91
C ALA A 2875 -2.97 -41.40 25.60
N TYR A 2876 -1.85 -40.66 25.71
CA TYR A 2876 -0.92 -40.32 24.64
C TYR A 2876 -1.58 -39.61 23.47
N PRO A 2877 -1.92 -38.33 23.62
CA PRO A 2877 -2.29 -37.52 22.44
C PRO A 2877 -1.24 -37.55 21.35
N GLN A 2878 0.04 -37.53 21.73
CA GLN A 2878 1.10 -37.71 20.74
C GLN A 2878 1.31 -39.19 20.46
N PHE A 2879 2.29 -39.46 19.59
CA PHE A 2879 2.71 -40.82 19.20
C PHE A 2879 1.56 -41.62 18.60
N VAL A 2880 0.73 -40.92 17.83
CA VAL A 2880 -0.51 -41.51 17.32
C VAL A 2880 -0.21 -42.54 16.24
N ASP A 2881 0.66 -42.17 15.29
CA ASP A 2881 1.00 -43.08 14.21
C ASP A 2881 1.79 -44.27 14.71
N VAL A 2882 2.64 -44.04 15.73
CA VAL A 2882 3.40 -45.12 16.34
C VAL A 2882 2.46 -46.09 17.03
N TYR A 2883 1.45 -45.55 17.71
CA TYR A 2883 0.46 -46.39 18.36
C TYR A 2883 -0.38 -47.15 17.33
N GLU A 2884 -0.63 -46.54 16.18
CA GLU A 2884 -1.41 -47.22 15.13
C GLU A 2884 -0.63 -48.38 14.54
N LEU A 2885 0.67 -48.17 14.31
CA LEU A 2885 1.51 -49.25 13.83
C LEU A 2885 1.64 -50.36 14.86
N ILE A 2886 1.74 -49.98 16.14
CA ILE A 2886 1.79 -50.96 17.21
C ILE A 2886 0.47 -51.72 17.30
N LEU A 2887 -0.63 -51.04 16.98
CA LEU A 2887 -1.93 -51.69 16.99
C LEU A 2887 -2.06 -52.70 15.86
N SER A 2888 -1.57 -52.37 14.67
CA SER A 2888 -1.58 -53.34 13.57
C SER A 2888 -0.69 -54.53 13.87
N PHE A 2889 0.45 -54.28 14.51
CA PHE A 2889 1.36 -55.37 14.87
C PHE A 2889 0.75 -56.27 15.95
N ILE A 2890 0.12 -55.66 16.95
CA ILE A 2890 -0.53 -56.43 18.02
C ILE A 2890 -1.75 -57.14 17.48
N SER A 2891 -2.37 -56.59 16.43
CA SER A 2891 -3.46 -57.29 15.77
C SER A 2891 -2.97 -58.54 15.06
N PHE A 2892 -1.82 -58.46 14.38
CA PHE A 2892 -1.25 -59.65 13.75
C PHE A 2892 -0.82 -60.68 14.78
N MET A 2893 -0.25 -60.21 15.90
CA MET A 2893 0.13 -61.10 16.99
C MET A 2893 -1.08 -61.77 17.61
N ILE A 2894 -2.17 -61.02 17.74
CA ILE A 2894 -3.39 -61.60 18.31
C ILE A 2894 -4.08 -62.51 17.31
N TYR A 2895 -3.84 -62.32 16.01
CA TYR A 2895 -4.37 -63.27 15.02
C TYR A 2895 -3.64 -64.60 15.11
N GLY A 2896 -2.32 -64.55 15.26
CA GLY A 2896 -1.58 -65.76 15.57
C GLY A 2896 -2.02 -66.40 16.89
N ILE A 2897 -2.23 -65.56 17.91
CA ILE A 2897 -2.67 -66.05 19.22
C ILE A 2897 -4.08 -66.60 19.16
N GLU A 2898 -4.89 -66.08 18.24
CA GLU A 2898 -6.24 -66.56 18.04
C GLU A 2898 -6.26 -67.92 17.38
N LEU A 2899 -5.47 -68.11 16.31
CA LEU A 2899 -5.34 -69.43 15.70
C LEU A 2899 -4.76 -70.44 16.67
N LEU A 2900 -3.83 -70.00 17.52
CA LEU A 2900 -3.24 -70.87 18.53
C LEU A 2900 -4.23 -71.27 19.61
N MET A 2901 -4.95 -70.30 20.20
CA MET A 2901 -5.91 -70.63 21.26
C MET A 2901 -7.11 -71.39 20.70
N PHE A 2902 -7.41 -71.19 19.41
CA PHE A 2902 -8.43 -71.98 18.74
C PHE A 2902 -8.00 -73.44 18.62
N GLU A 2903 -6.76 -73.68 18.19
CA GLU A 2903 -6.26 -75.05 18.14
C GLU A 2903 -6.14 -75.64 19.54
N ALA A 2904 -5.89 -74.80 20.54
CA ALA A 2904 -5.80 -75.26 21.92
C ALA A 2904 -7.15 -75.72 22.45
N LYS A 2905 -8.20 -74.94 22.19
CA LYS A 2905 -9.55 -75.37 22.53
C LYS A 2905 -10.00 -76.56 21.70
N ARG A 2906 -9.50 -76.69 20.46
CA ARG A 2906 -9.88 -77.82 19.62
C ARG A 2906 -9.29 -79.12 20.14
N ARG A 2907 -7.99 -79.13 20.40
CA ARG A 2907 -7.34 -80.34 20.89
C ARG A 2907 -7.43 -80.48 22.41
N LEU A 2908 -8.07 -79.54 23.10
CA LEU A 2908 -8.22 -79.66 24.54
C LEU A 2908 -9.27 -80.72 24.91
N ASP A 2909 -10.44 -80.63 24.30
CA ASP A 2909 -11.54 -81.59 24.46
C ASP A 2909 -12.48 -81.35 23.27
N GLU A 2910 -13.25 -82.38 22.88
CA GLU A 2910 -14.11 -82.25 21.72
C GLU A 2910 -15.48 -82.92 21.86
N ARG A 2911 -15.91 -83.30 23.06
CA ARG A 2911 -17.21 -83.95 23.21
C ARG A 2911 -18.35 -82.96 22.96
N SER A 2912 -18.20 -81.75 23.50
CA SER A 2912 -19.10 -80.67 23.13
C SER A 2912 -18.91 -80.26 21.68
N GLN A 2913 -17.69 -80.41 21.15
CA GLN A 2913 -17.52 -80.25 19.72
C GLN A 2913 -18.13 -81.40 18.94
N ILE A 2914 -18.10 -82.61 19.50
CA ILE A 2914 -18.84 -83.71 18.91
C ILE A 2914 -20.33 -83.44 18.98
N LEU A 2915 -20.76 -82.81 20.08
CA LEU A 2915 -22.14 -82.38 20.19
C LEU A 2915 -22.49 -81.30 19.19
N SER A 2916 -21.55 -80.41 18.88
CA SER A 2916 -21.80 -79.35 17.91
C SER A 2916 -21.86 -79.93 16.51
N THR A 2917 -20.99 -80.89 16.21
CA THR A 2917 -21.07 -81.64 14.97
C THR A 2917 -22.38 -82.39 14.85
N LEU A 2918 -22.86 -82.95 15.95
CA LEU A 2918 -24.14 -83.64 15.94
C LEU A 2918 -25.29 -82.66 15.75
N ILE A 2919 -25.14 -81.44 16.27
CA ILE A 2919 -26.15 -80.41 16.05
C ILE A 2919 -26.14 -79.97 14.60
N LEU A 2920 -24.96 -79.91 13.99
CA LEU A 2920 -24.88 -79.73 12.55
C LEU A 2920 -25.41 -80.93 11.82
N THR A 2921 -25.17 -82.13 12.35
CA THR A 2921 -25.85 -83.32 11.87
C THR A 2921 -27.33 -83.27 12.19
N LEU A 2922 -27.72 -82.63 13.28
CA LEU A 2922 -29.13 -82.39 13.56
C LEU A 2922 -29.70 -81.32 12.66
N VAL A 2923 -28.87 -80.43 12.13
CA VAL A 2923 -29.42 -79.36 11.31
C VAL A 2923 -28.51 -79.05 10.13
N ASP A 2924 -28.89 -79.57 8.96
CA ASP A 2924 -28.43 -79.17 7.63
C ASP A 2924 -29.27 -79.90 6.60
N PRO A 2925 -29.50 -79.28 5.44
CA PRO A 2925 -30.03 -80.08 4.32
C PRO A 2925 -28.99 -81.03 3.77
N SER A 2926 -27.71 -80.72 3.96
CA SER A 2926 -26.68 -81.72 3.73
C SER A 2926 -26.76 -82.84 4.74
N SER A 2927 -27.13 -82.51 5.98
CA SER A 2927 -27.45 -83.54 6.96
C SER A 2927 -28.76 -84.22 6.62
N PHE A 2928 -29.61 -83.53 5.88
CA PHE A 2928 -30.84 -84.11 5.38
C PHE A 2928 -30.71 -84.65 3.98
N ALA A 2929 -29.52 -85.07 3.54
CA ALA A 2929 -29.35 -85.50 2.16
C ALA A 2929 -29.96 -86.88 1.93
N ARG A 2930 -29.48 -87.88 2.64
CA ARG A 2930 -29.96 -89.26 2.45
C ARG A 2930 -29.74 -90.09 3.71
N SER A 2933 -26.24 -95.70 6.54
CA SER A 2933 -26.59 -94.73 7.57
C SER A 2933 -26.89 -95.44 8.86
N PHE A 2934 -27.09 -96.76 8.76
CA PHE A 2934 -27.44 -97.55 9.94
C PHE A 2934 -26.23 -97.68 10.87
N ASP A 2935 -25.04 -97.81 10.30
CA ASP A 2935 -23.83 -97.74 11.11
C ASP A 2935 -23.66 -96.33 11.66
N ASP A 2936 -24.02 -95.33 10.86
CA ASP A 2936 -24.05 -93.97 11.36
C ASP A 2936 -25.16 -93.78 12.36
N VAL A 2937 -26.25 -94.54 12.23
CA VAL A 2937 -27.28 -94.52 13.25
C VAL A 2937 -26.75 -95.12 14.54
N SER A 2938 -25.92 -96.15 14.44
CA SER A 2938 -25.28 -96.71 15.62
C SER A 2938 -24.29 -95.72 16.21
N ASN A 2939 -23.64 -94.94 15.36
CA ASN A 2939 -22.73 -93.90 15.81
C ASN A 2939 -23.48 -92.80 16.56
N LEU A 2940 -24.62 -92.40 16.03
CA LEU A 2940 -25.46 -91.43 16.71
C LEU A 2940 -26.05 -92.00 17.98
N ILE A 2941 -26.30 -93.30 18.02
CA ILE A 2941 -26.78 -93.94 19.23
C ILE A 2941 -25.68 -93.95 20.29
N GLU A 2942 -24.44 -94.14 19.86
CA GLU A 2942 -23.32 -94.06 20.78
C GLU A 2942 -23.11 -92.63 21.25
N GLN A 2943 -23.44 -91.67 20.40
CA GLN A 2943 -23.42 -90.27 20.82
C GLN A 2943 -24.51 -89.98 21.83
N ILE A 2944 -25.68 -90.60 21.66
CA ILE A 2944 -26.77 -90.42 22.61
C ILE A 2944 -26.43 -91.07 23.93
N LYS A 2945 -25.70 -92.18 23.88
CA LYS A 2945 -25.11 -92.75 25.09
C LYS A 2945 -24.09 -91.80 25.68
N VAL A 2946 -23.33 -91.11 24.83
CA VAL A 2946 -22.36 -90.15 25.29
C VAL A 2946 -23.01 -88.81 25.59
N LEU A 2947 -24.28 -88.65 25.26
CA LEU A 2947 -24.99 -87.40 25.52
C LEU A 2947 -25.26 -87.24 27.01
N ASN A 2950 -34.18 -83.72 28.12
CA ASN A 2950 -32.78 -84.13 28.11
C ASN A 2950 -32.61 -85.34 27.20
N ASP A 2951 -32.35 -86.50 27.79
CA ASP A 2951 -32.37 -87.75 27.04
C ASP A 2951 -33.73 -88.07 26.48
N SER A 2952 -34.80 -87.66 27.16
CA SER A 2952 -36.14 -87.76 26.56
C SER A 2952 -36.28 -86.77 25.42
N ILE A 2953 -35.66 -85.60 25.53
CA ILE A 2953 -35.58 -84.73 24.37
C ILE A 2953 -34.66 -85.35 23.33
N ARG A 2954 -33.62 -86.05 23.77
CA ARG A 2954 -32.81 -86.81 22.84
C ARG A 2954 -33.56 -88.01 22.30
N PHE A 2955 -34.46 -88.60 23.08
CA PHE A 2955 -35.36 -89.59 22.55
C PHE A 2955 -36.32 -89.02 21.53
N GLU A 2956 -36.72 -87.75 21.71
CA GLU A 2956 -37.51 -87.07 20.70
C GLU A 2956 -36.69 -86.82 19.45
N ILE A 2957 -35.39 -86.58 19.64
CA ILE A 2957 -34.49 -86.46 18.50
C ILE A 2957 -34.34 -87.81 17.83
N TYR A 2958 -34.34 -88.90 18.60
CA TYR A 2958 -34.32 -90.22 18.01
C TYR A 2958 -35.60 -90.48 17.23
N LEU A 2959 -36.71 -89.95 17.73
CA LEU A 2959 -37.97 -90.04 17.00
C LEU A 2959 -37.93 -89.22 15.71
N PHE A 2960 -37.26 -88.07 15.74
CA PHE A 2960 -37.11 -87.28 14.54
C PHE A 2960 -36.23 -88.00 13.52
N LEU A 2961 -35.21 -88.68 14.01
CA LEU A 2961 -34.39 -89.53 13.16
C LEU A 2961 -35.20 -90.66 12.57
N ALA A 2962 -36.10 -91.23 13.36
CA ALA A 2962 -36.97 -92.30 12.86
C ALA A 2962 -37.96 -91.76 11.85
N SER A 2963 -38.36 -90.51 12.01
CA SER A 2963 -39.21 -89.86 11.03
C SER A 2963 -38.49 -89.68 9.71
N ARG A 2964 -37.22 -89.27 9.78
CA ARG A 2964 -36.38 -89.22 8.59
C ARG A 2964 -36.21 -90.59 7.97
N LEU A 2965 -36.13 -91.62 8.81
CA LEU A 2965 -36.04 -93.00 8.34
C LEU A 2965 -37.29 -93.41 7.60
N CYS A 2966 -38.45 -93.02 8.12
CA CYS A 2966 -39.71 -93.33 7.46
C CYS A 2966 -39.85 -92.57 6.15
N SER A 2967 -39.34 -91.34 6.13
CA SER A 2967 -39.37 -90.54 4.91
C SER A 2967 -38.49 -91.15 3.83
N GLU A 2968 -37.31 -91.63 4.22
CA GLU A 2968 -36.46 -92.33 3.25
C GLU A 2968 -37.04 -93.69 2.89
N LYS A 2969 -37.82 -94.24 3.83
CA LYS A 2969 -38.51 -95.51 3.64
C LYS A 2969 -39.54 -95.34 2.53
N GLN A 2970 -40.11 -94.14 2.44
CA GLN A 2970 -41.09 -93.83 1.41
C GLN A 2970 -40.54 -93.87 -0.01
N HIS A 2971 -39.33 -93.33 -0.19
CA HIS A 2971 -38.69 -93.28 -1.50
C HIS A 2971 -38.36 -94.64 -2.10
N SER A 2972 -37.75 -95.48 -1.27
CA SER A 2972 -37.36 -96.83 -1.66
C SER A 2972 -37.24 -97.65 -0.38
N SER A 2973 -37.31 -98.97 -0.49
CA SER A 2973 -37.21 -99.81 0.68
C SER A 2973 -36.08 -100.85 0.64
N ASP A 2974 -35.27 -100.86 1.69
CA ASP A 2974 -34.19 -101.83 1.82
C ASP A 2974 -34.60 -102.65 3.03
N THR A 2975 -34.75 -103.96 2.85
CA THR A 2975 -35.20 -104.79 3.96
C THR A 2975 -34.25 -104.82 5.16
N HIS A 2976 -32.96 -104.97 4.91
CA HIS A 2976 -32.01 -105.02 6.02
C HIS A 2976 -31.89 -103.72 6.81
N SER A 2977 -31.77 -102.60 6.11
CA SER A 2977 -31.63 -101.31 6.78
C SER A 2977 -32.86 -100.87 7.55
N LEU A 2978 -34.02 -101.02 6.92
CA LEU A 2978 -35.28 -100.63 7.53
C LEU A 2978 -35.66 -101.48 8.73
N ALA A 2979 -35.41 -102.78 8.62
CA ALA A 2979 -35.79 -103.73 9.67
C ALA A 2979 -34.80 -103.66 10.81
N ASN A 2980 -33.50 -103.69 10.48
CA ASN A 2980 -32.48 -103.57 11.51
C ASN A 2980 -32.48 -102.20 12.15
N SER A 2981 -32.88 -101.17 11.41
CA SER A 2981 -32.98 -99.83 11.95
C SER A 2981 -34.11 -99.74 12.96
N PHE A 2982 -35.27 -100.29 12.60
CA PHE A 2982 -36.38 -100.41 13.53
C PHE A 2982 -36.00 -101.26 14.72
N VAL A 2983 -35.17 -102.28 14.50
CA VAL A 2983 -34.72 -103.13 15.60
C VAL A 2983 -33.81 -102.35 16.54
N LEU A 2984 -32.96 -101.50 15.99
CA LEU A 2984 -32.09 -100.67 16.80
C LEU A 2984 -32.89 -99.67 17.59
N LEU A 2985 -33.89 -99.05 16.96
CA LEU A 2985 -34.77 -98.12 17.67
C LEU A 2985 -35.58 -98.85 18.72
N ALA A 2986 -35.90 -100.11 18.46
CA ALA A 2986 -36.63 -100.91 19.41
C ALA A 2986 -35.80 -101.26 20.62
N ASN A 2987 -34.53 -101.61 20.41
CA ASN A 2987 -33.65 -101.88 21.53
C ASN A 2987 -33.38 -100.60 22.31
N GLU A 2988 -33.35 -99.47 21.62
CA GLU A 2988 -33.23 -98.17 22.28
C GLU A 2988 -34.44 -97.89 23.15
N PHE A 2989 -35.64 -98.13 22.62
CA PHE A 2989 -36.85 -97.91 23.39
C PHE A 2989 -36.98 -98.93 24.51
N TYR A 2990 -36.41 -100.12 24.31
CA TYR A 2990 -36.43 -101.14 25.35
C TYR A 2990 -35.54 -100.73 26.51
N ILE A 2991 -34.36 -100.20 26.20
CA ILE A 2991 -33.47 -99.72 27.25
C ILE A 2991 -34.04 -98.48 27.90
N HIS A 2992 -34.79 -97.68 27.14
CA HIS A 2992 -35.45 -96.51 27.70
C HIS A 2992 -36.57 -96.91 28.65
N ASN A 2993 -37.35 -97.92 28.27
CA ASN A 2993 -38.38 -98.44 29.16
C ASN A 2993 -37.76 -99.13 30.36
N ALA A 2994 -36.57 -99.70 30.18
CA ALA A 2994 -35.84 -100.28 31.30
C ALA A 2994 -35.41 -99.22 32.29
N LYS A 2995 -34.85 -98.12 31.80
CA LYS A 2995 -34.48 -97.00 32.66
C LYS A 2995 -35.70 -96.38 33.30
N ILE A 2996 -36.81 -96.35 32.58
CA ILE A 2996 -38.06 -95.80 33.09
C ILE A 2996 -38.60 -96.68 34.22
N LYS A 2997 -38.56 -98.00 34.05
CA LYS A 2997 -39.04 -98.90 35.09
C LYS A 2997 -38.08 -98.90 36.28
N GLN A 2998 -36.79 -98.65 36.01
CA GLN A 2998 -35.82 -98.51 37.09
C GLN A 2998 -36.09 -97.26 37.92
N LYS A 2999 -36.43 -96.15 37.26
CA LYS A 2999 -36.84 -94.96 37.99
C LYS A 2999 -38.18 -95.17 38.69
N GLU A 3000 -39.05 -96.01 38.12
CA GLU A 3000 -40.32 -96.35 38.74
C GLU A 3000 -40.13 -97.14 40.01
N LEU A 3001 -39.13 -98.02 40.04
CA LEU A 3001 -38.78 -98.68 41.29
C LEU A 3001 -38.23 -97.68 42.30
N GLU A 3002 -37.53 -96.66 41.83
CA GLU A 3002 -37.04 -95.59 42.68
C GLU A 3002 -38.19 -94.69 43.12
N GLU A 3041 -43.49 -82.79 38.00
CA GLU A 3041 -42.24 -82.29 37.47
C GLU A 3041 -41.45 -83.40 36.80
N VAL A 3042 -40.63 -84.07 37.61
CA VAL A 3042 -39.94 -85.27 37.12
C VAL A 3042 -40.94 -86.39 36.88
N VAL A 3043 -41.99 -86.43 37.68
CA VAL A 3043 -43.11 -87.31 37.39
C VAL A 3043 -43.85 -86.81 36.15
N ILE A 3044 -43.95 -85.49 36.00
CA ILE A 3044 -44.54 -84.94 34.77
C ILE A 3044 -43.59 -85.18 33.60
N GLU A 3045 -42.28 -85.22 33.87
CA GLU A 3045 -41.33 -85.61 32.84
C GLU A 3045 -41.54 -87.06 32.43
N ARG A 3046 -41.80 -87.94 33.41
CA ARG A 3046 -42.08 -89.33 33.10
C ARG A 3046 -43.41 -89.49 32.38
N LYS A 3047 -44.36 -88.61 32.68
CA LYS A 3047 -45.64 -88.65 32.00
C LYS A 3047 -45.52 -88.19 30.55
N ARG A 3048 -44.72 -87.14 30.33
CA ARG A 3048 -44.42 -86.73 28.97
C ARG A 3048 -43.63 -87.79 28.23
N PHE A 3049 -42.79 -88.53 28.96
CA PHE A 3049 -42.08 -89.67 28.37
C PHE A 3049 -43.05 -90.78 28.01
N LEU A 3050 -44.09 -90.96 28.81
CA LEU A 3050 -45.10 -91.95 28.50
C LEU A 3050 -45.89 -91.56 27.26
N GLN A 3051 -46.23 -90.28 27.14
CA GLN A 3051 -46.92 -89.79 25.95
C GLN A 3051 -46.03 -89.90 24.72
N LEU A 3052 -44.73 -89.65 24.91
CA LEU A 3052 -43.75 -89.82 23.85
C LEU A 3052 -43.65 -91.27 23.42
N GLN A 3053 -43.60 -92.21 24.37
CA GLN A 3053 -43.54 -93.62 24.02
C GLN A 3053 -44.84 -94.08 23.38
N PHE A 3054 -45.95 -93.45 23.76
CA PHE A 3054 -47.24 -93.72 23.13
C PHE A 3054 -47.21 -93.33 21.66
N ALA A 3055 -46.73 -92.10 21.37
CA ALA A 3055 -46.58 -91.67 19.99
C ALA A 3055 -45.54 -92.51 19.27
N PHE A 3056 -44.54 -93.00 20.01
CA PHE A 3056 -43.50 -93.83 19.43
C PHE A 3056 -44.05 -95.16 18.94
N TRP A 3057 -44.77 -95.86 19.81
CA TRP A 3057 -45.40 -97.11 19.41
C TRP A 3057 -46.50 -96.89 18.40
N SER A 3058 -47.15 -95.73 18.42
CA SER A 3058 -48.19 -95.43 17.44
C SER A 3058 -47.60 -95.26 16.05
N LEU A 3059 -46.57 -94.42 15.93
CA LEU A 3059 -45.90 -94.24 14.66
C LEU A 3059 -45.10 -95.46 14.28
N TYR A 3060 -44.74 -96.30 15.26
CA TYR A 3060 -44.05 -97.54 14.96
C TYR A 3060 -45.00 -98.53 14.32
N ASN A 3061 -46.14 -98.74 14.95
CA ASN A 3061 -47.21 -99.55 14.41
C ASN A 3061 -47.69 -99.05 13.05
N GLU A 3062 -47.92 -97.75 12.92
CA GLU A 3062 -48.21 -97.13 11.64
C GLU A 3062 -47.07 -97.32 10.64
N ILE A 3063 -45.83 -97.35 11.13
CA ILE A 3063 -44.70 -97.64 10.28
C ILE A 3063 -44.61 -99.13 10.00
N TYR A 3064 -44.86 -99.94 11.01
CA TYR A 3064 -45.07 -101.36 10.80
C TYR A 3064 -46.32 -101.63 9.96
N SER A 3065 -47.31 -100.73 10.01
CA SER A 3065 -48.36 -100.76 9.00
C SER A 3065 -47.85 -100.30 7.65
N GLU A 3066 -47.36 -99.05 7.59
CA GLU A 3066 -46.90 -98.39 6.36
C GLU A 3066 -47.98 -98.42 5.28
N LYS A 3067 -49.17 -97.99 5.67
CA LYS A 3067 -50.33 -98.01 4.76
C LYS A 3067 -50.19 -96.92 3.70
N MET A 3068 -49.91 -95.69 4.13
CA MET A 3068 -49.75 -94.58 3.20
C MET A 3068 -48.80 -93.57 3.86
N ASN A 3069 -47.64 -93.39 3.25
CA ASN A 3069 -46.58 -92.52 3.79
C ASN A 3069 -46.81 -91.06 3.46
N VAL A 3070 -47.87 -90.45 4.00
CA VAL A 3070 -48.12 -89.04 3.80
C VAL A 3070 -47.20 -88.26 4.72
N ILE A 3071 -46.00 -87.98 4.24
CA ILE A 3071 -44.97 -87.29 5.02
C ILE A 3071 -44.53 -86.07 4.22
N PRO A 3072 -45.02 -84.88 4.55
CA PRO A 3072 -44.59 -83.70 3.80
C PRO A 3072 -43.17 -83.32 4.16
N LEU A 3073 -42.33 -83.24 3.13
CA LEU A 3073 -40.96 -82.80 3.33
C LEU A 3073 -40.89 -81.37 3.79
N GLU A 3074 -41.90 -80.56 3.47
CA GLU A 3074 -42.03 -79.26 4.09
C GLU A 3074 -42.31 -79.40 5.58
N GLN A 3075 -43.23 -80.29 5.95
CA GLN A 3075 -43.47 -80.54 7.36
C GLN A 3075 -42.28 -81.23 8.00
N LEU A 3076 -41.58 -82.07 7.24
CA LEU A 3076 -40.35 -82.67 7.76
C LEU A 3076 -39.28 -81.61 7.99
N MET A 3077 -39.26 -80.59 7.14
CA MET A 3077 -38.29 -79.52 7.27
C MET A 3077 -38.62 -78.64 8.46
N ASN A 3078 -39.90 -78.33 8.63
CA ASN A 3078 -40.35 -77.62 9.82
C ASN A 3078 -40.11 -78.43 11.07
N THR A 3079 -40.19 -79.74 10.98
CA THR A 3079 -39.92 -80.61 12.12
C THR A 3079 -38.45 -80.60 12.48
N GLY A 3080 -37.56 -80.69 11.49
CA GLY A 3080 -36.15 -80.57 11.78
C GLY A 3080 -35.77 -79.20 12.29
N SER A 3081 -36.47 -78.17 11.81
CA SER A 3081 -36.27 -76.82 12.30
C SER A 3081 -36.71 -76.69 13.75
N TYR A 3082 -37.83 -77.31 14.11
CA TYR A 3082 -38.29 -77.25 15.49
C TYR A 3082 -37.41 -78.09 16.39
N LEU A 3083 -36.87 -79.18 15.86
CA LEU A 3083 -35.90 -79.97 16.60
C LEU A 3083 -34.63 -79.17 16.84
N ALA A 3084 -34.21 -78.39 15.84
CA ALA A 3084 -33.05 -77.54 16.02
C ALA A 3084 -33.36 -76.40 16.99
N LYS A 3085 -34.61 -75.94 17.02
CA LYS A 3085 -35.00 -74.93 17.98
C LYS A 3085 -34.99 -75.46 19.39
N LYS A 3086 -35.45 -76.70 19.56
CA LYS A 3086 -35.38 -77.36 20.86
C LYS A 3086 -33.93 -77.61 21.26
N ILE A 3087 -33.07 -77.91 20.29
CA ILE A 3087 -31.65 -78.11 20.59
C ILE A 3087 -31.00 -76.79 20.98
N LYS A 3088 -31.43 -75.70 20.36
CA LYS A 3088 -30.94 -74.38 20.73
C LYS A 3088 -31.44 -73.99 22.11
N VAL A 3089 -32.63 -74.47 22.47
CA VAL A 3089 -33.10 -74.31 23.84
C VAL A 3089 -32.34 -75.23 24.78
N LYS A 3090 -31.72 -76.28 24.23
CA LYS A 3090 -31.12 -77.30 25.08
C LYS A 3090 -29.71 -76.93 25.51
N ASN A 3091 -28.92 -76.35 24.59
CA ASN A 3091 -27.48 -76.22 24.77
C ASN A 3091 -27.14 -75.18 25.83
N PRO A 3092 -26.52 -75.56 26.95
CA PRO A 3092 -26.18 -74.60 28.00
C PRO A 3092 -24.74 -74.11 28.03
N ASP A 3093 -23.84 -74.65 27.20
CA ASP A 3093 -22.41 -74.42 27.35
C ASP A 3093 -21.96 -73.21 26.55
N MET A 3094 -20.76 -72.73 26.86
CA MET A 3094 -20.21 -71.53 26.25
C MET A 3094 -18.83 -71.76 25.62
N ILE A 3095 -18.48 -73.00 25.33
CA ILE A 3095 -17.12 -73.28 24.89
C ILE A 3095 -17.07 -73.57 23.39
N ALA A 3096 -17.93 -74.47 22.93
CA ALA A 3096 -17.79 -75.01 21.58
C ALA A 3096 -18.29 -74.01 20.54
N SER A 3097 -18.01 -74.32 19.28
CA SER A 3097 -18.42 -73.50 18.15
C SER A 3097 -18.53 -74.39 16.91
N SER A 3098 -18.96 -73.81 15.79
CA SER A 3098 -19.21 -74.60 14.59
C SER A 3098 -17.92 -74.91 13.86
N GLY A 3099 -17.87 -76.08 13.22
CA GLY A 3099 -16.66 -76.53 12.56
C GLY A 3099 -16.54 -76.10 11.11
N PHE A 3100 -16.92 -74.85 10.81
CA PHE A 3100 -16.82 -74.25 9.48
C PHE A 3100 -17.60 -75.05 8.44
N ASP A 3101 -18.91 -75.09 8.64
CA ASP A 3101 -19.79 -75.71 7.66
C ASP A 3101 -20.67 -74.72 6.92
N ILE A 3102 -21.56 -73.98 7.59
CA ILE A 3102 -22.36 -72.93 6.99
C ILE A 3102 -22.88 -72.05 8.11
N VAL A 3103 -23.24 -70.80 7.77
CA VAL A 3103 -23.97 -69.95 8.68
C VAL A 3103 -25.12 -69.35 7.91
N SER A 3104 -25.07 -69.47 6.59
CA SER A 3104 -26.05 -68.90 5.67
C SER A 3104 -27.15 -69.89 5.36
N VAL A 3105 -26.79 -71.16 5.16
CA VAL A 3105 -27.78 -72.22 5.26
C VAL A 3105 -28.34 -72.25 6.67
N VAL A 3106 -27.54 -71.91 7.67
CA VAL A 3106 -28.07 -71.71 9.02
C VAL A 3106 -28.92 -70.45 9.06
N LEU A 3107 -28.55 -69.42 8.30
CA LEU A 3107 -29.43 -68.25 8.19
C LEU A 3107 -30.68 -68.58 7.39
N MET A 3108 -30.55 -69.46 6.40
CA MET A 3108 -31.72 -70.00 5.71
C MET A 3108 -32.60 -70.81 6.66
N MET A 3109 -32.00 -71.45 7.65
CA MET A 3109 -32.78 -72.06 8.72
C MET A 3109 -33.09 -71.06 9.82
N GLY A 3110 -32.24 -70.03 9.97
CA GLY A 3110 -32.60 -68.91 10.81
C GLY A 3110 -33.80 -68.15 10.29
N VAL A 3111 -34.03 -68.19 8.97
CA VAL A 3111 -35.25 -67.64 8.38
C VAL A 3111 -36.47 -68.37 8.92
N LYS A 3112 -36.39 -69.70 9.04
CA LYS A 3112 -37.47 -70.44 9.68
C LYS A 3112 -37.49 -70.19 11.18
N SER A 3113 -36.33 -69.89 11.77
CA SER A 3113 -36.25 -69.66 13.21
C SER A 3113 -36.93 -68.34 13.59
N THR A 3114 -36.98 -67.39 12.66
CA THR A 3114 -37.71 -66.16 12.93
C THR A 3114 -39.17 -66.26 12.52
N ASN A 3115 -39.49 -67.12 11.56
CA ASN A 3115 -40.83 -67.18 10.99
C ASN A 3115 -41.62 -68.37 11.54
N GLU A 3116 -42.81 -68.57 10.96
CA GLU A 3116 -43.74 -69.67 11.25
C GLU A 3116 -44.15 -69.76 12.72
N PRO A 3133 -57.33 -73.02 20.98
CA PRO A 3133 -56.18 -73.70 21.58
C PRO A 3133 -55.02 -72.73 21.81
N SER A 3134 -54.42 -72.28 20.72
CA SER A 3134 -53.36 -71.28 20.78
C SER A 3134 -53.90 -69.87 20.98
N LYS A 3135 -55.22 -69.68 20.98
CA LYS A 3135 -55.79 -68.38 21.23
C LYS A 3135 -55.73 -67.97 22.69
N ALA A 3136 -55.26 -68.85 23.57
CA ALA A 3136 -55.05 -68.49 24.97
C ALA A 3136 -53.96 -67.44 25.11
N ILE A 3137 -52.97 -67.46 24.22
CA ILE A 3137 -51.96 -66.41 24.19
C ILE A 3137 -52.60 -65.08 23.83
N GLU A 3138 -53.57 -65.11 22.90
CA GLU A 3138 -54.28 -63.89 22.55
C GLU A 3138 -55.20 -63.43 23.68
N VAL A 3139 -55.75 -64.38 24.44
CA VAL A 3139 -56.59 -64.03 25.59
C VAL A 3139 -55.74 -63.39 26.68
N ARG A 3140 -54.54 -63.93 26.90
CA ARG A 3140 -53.60 -63.33 27.83
C ARG A 3140 -53.12 -61.97 27.33
N ASP A 3141 -53.02 -61.79 26.02
CA ASP A 3141 -52.62 -60.51 25.46
C ASP A 3141 -53.70 -59.46 25.66
N LEU A 3142 -54.97 -59.84 25.46
CA LEU A 3142 -56.07 -58.92 25.70
C LEU A 3142 -56.20 -58.60 27.19
N ILE A 3143 -55.94 -59.60 28.03
CA ILE A 3143 -55.92 -59.39 29.47
C ILE A 3143 -54.80 -58.43 29.85
N LYS A 3144 -53.64 -58.55 29.19
CA LYS A 3144 -52.53 -57.65 29.45
C LYS A 3144 -52.82 -56.23 28.98
N ILE A 3145 -53.52 -56.08 27.85
CA ILE A 3145 -53.85 -54.75 27.33
C ILE A 3145 -54.87 -54.07 28.24
N VAL A 3146 -55.90 -54.81 28.65
CA VAL A 3146 -56.92 -54.25 29.54
C VAL A 3146 -56.34 -53.98 30.91
N GLU A 3147 -55.43 -54.83 31.40
CA GLU A 3147 -54.81 -54.60 32.69
C GLU A 3147 -53.83 -53.45 32.62
N SER A 3148 -53.21 -53.22 31.46
CA SER A 3148 -52.38 -52.04 31.27
C SER A 3148 -53.21 -50.76 31.30
N ARG A 3149 -54.39 -50.79 30.65
CA ARG A 3149 -55.29 -49.65 30.70
C ARG A 3149 -55.76 -49.37 32.13
N ALA A 3150 -56.12 -50.44 32.86
CA ALA A 3150 -56.58 -50.28 34.23
C ALA A 3150 -55.46 -49.84 35.17
N ILE A 3151 -54.24 -50.30 34.94
CA ILE A 3151 -53.12 -49.91 35.79
C ILE A 3151 -52.71 -48.48 35.49
N SER A 3152 -52.87 -48.04 34.25
CA SER A 3152 -52.66 -46.64 33.93
C SER A 3152 -53.71 -45.76 34.59
N LEU A 3153 -54.96 -46.23 34.62
CA LEU A 3153 -56.02 -45.49 35.29
C LEU A 3153 -55.85 -45.46 36.80
N ILE A 3154 -55.36 -46.53 37.41
CA ILE A 3154 -55.28 -46.62 38.87
C ILE A 3154 -53.89 -46.31 39.42
N LYS A 3155 -52.91 -46.00 38.56
CA LYS A 3155 -51.54 -45.83 39.00
C LYS A 3155 -51.34 -44.57 39.84
N ASN A 3156 -52.12 -43.52 39.59
CA ASN A 3156 -51.98 -42.28 40.34
C ASN A 3156 -53.11 -42.04 41.32
N TRP A 3157 -54.22 -42.78 41.21
CA TRP A 3157 -55.39 -42.58 42.06
C TRP A 3157 -55.22 -43.41 43.34
N PRO A 3158 -55.26 -42.78 44.50
CA PRO A 3158 -55.08 -43.53 45.75
C PRO A 3158 -56.39 -44.10 46.28
N GLU A 3159 -56.50 -45.43 46.20
CA GLU A 3159 -57.63 -46.13 46.80
C GLU A 3159 -57.13 -47.36 47.55
N ASN A 3160 -55.89 -47.76 47.27
CA ASN A 3160 -55.18 -48.90 47.87
C ASN A 3160 -55.95 -50.21 47.73
N PHE A 3161 -56.73 -50.35 46.66
CA PHE A 3161 -57.60 -51.49 46.50
C PHE A 3161 -57.45 -52.17 45.15
N VAL A 3162 -57.16 -51.42 44.09
CA VAL A 3162 -57.31 -51.95 42.75
C VAL A 3162 -55.96 -52.30 42.12
N LEU A 3163 -54.92 -51.51 42.41
CA LEU A 3163 -53.71 -51.51 41.57
C LEU A 3163 -52.88 -52.77 41.75
N ARG A 3164 -52.48 -53.07 42.99
CA ARG A 3164 -51.61 -54.22 43.23
C ARG A 3164 -52.35 -55.53 42.99
N GLY A 3165 -53.66 -55.55 43.26
CA GLY A 3165 -54.48 -56.71 42.97
C GLY A 3165 -54.61 -57.02 41.50
N LEU A 3166 -54.87 -55.98 40.68
CA LEU A 3166 -54.94 -56.18 39.24
C LEU A 3166 -53.59 -56.52 38.65
N LYS A 3167 -52.51 -55.96 39.19
CA LYS A 3167 -51.16 -56.29 38.74
C LYS A 3167 -50.82 -57.74 39.05
N ASP A 3168 -51.19 -58.23 40.24
CA ASP A 3168 -50.96 -59.62 40.60
C ASP A 3168 -51.83 -60.57 39.77
N ALA A 3169 -53.05 -60.15 39.46
CA ALA A 3169 -53.94 -60.96 38.62
C ALA A 3169 -53.37 -61.10 37.21
N ILE A 3170 -52.91 -60.00 36.63
CA ILE A 3170 -52.29 -60.06 35.32
C ILE A 3170 -50.96 -60.79 35.33
N ASP A 3171 -50.21 -60.75 36.43
CA ASP A 3171 -48.96 -61.49 36.52
C ASP A 3171 -49.22 -62.99 36.62
N ALA A 3172 -50.26 -63.37 37.36
CA ALA A 3172 -50.76 -64.74 37.34
C ALA A 3172 -51.25 -65.16 35.97
N ILE A 3173 -51.80 -64.23 35.19
CA ILE A 3173 -52.11 -64.51 33.80
C ILE A 3173 -50.84 -64.63 32.98
N LEU A 3174 -49.90 -63.69 33.16
CA LEU A 3174 -48.67 -63.62 32.36
C LEU A 3174 -47.72 -64.76 32.65
N ASN A 3175 -47.72 -65.29 33.86
CA ASN A 3175 -46.88 -66.44 34.16
C ASN A 3175 -47.49 -67.71 33.58
N LEU A 3176 -48.82 -67.74 33.48
CA LEU A 3176 -49.54 -68.94 33.09
C LEU A 3176 -49.32 -69.28 31.63
N SER A 3177 -48.60 -70.36 31.41
CA SER A 3177 -48.47 -70.91 30.06
C SER A 3177 -48.94 -72.35 30.08
N PRO A 3178 -50.06 -72.66 30.74
CA PRO A 3178 -50.61 -74.02 30.69
C PRO A 3178 -51.67 -74.15 29.60
N PHE A 3179 -51.66 -75.27 28.87
CA PHE A 3179 -52.56 -75.41 27.73
C PHE A 3179 -53.53 -76.59 27.84
N SER A 3180 -53.03 -77.81 28.06
CA SER A 3180 -53.81 -79.04 27.96
C SER A 3180 -54.83 -79.09 29.07
N PRO A 3181 -54.47 -78.72 30.29
CA PRO A 3181 -55.49 -78.42 31.29
C PRO A 3181 -56.15 -77.10 30.90
N ILE A 3182 -57.32 -77.20 30.28
CA ILE A 3182 -58.08 -76.04 29.85
C ILE A 3182 -58.61 -75.25 31.05
N ALA A 3183 -58.82 -75.92 32.18
CA ALA A 3183 -59.31 -75.25 33.38
C ALA A 3183 -58.18 -74.63 34.19
N GLU A 3184 -56.92 -74.85 33.81
CA GLU A 3184 -55.83 -74.20 34.52
C GLU A 3184 -55.77 -72.71 34.21
N TYR A 3185 -55.63 -72.36 32.93
CA TYR A 3185 -55.68 -70.97 32.53
C TYR A 3185 -57.06 -70.38 32.72
N LEU A 3186 -58.11 -71.21 32.67
CA LEU A 3186 -59.45 -70.72 32.99
C LEU A 3186 -59.60 -70.37 34.45
N SER A 3187 -58.95 -71.12 35.34
CA SER A 3187 -59.00 -70.79 36.76
C SER A 3187 -58.13 -69.57 37.07
N LYS A 3188 -57.01 -69.43 36.35
CA LYS A 3188 -56.21 -68.21 36.46
C LYS A 3188 -57.00 -66.99 35.99
N LEU A 3189 -57.71 -67.14 34.87
CA LEU A 3189 -58.58 -66.07 34.36
C LEU A 3189 -59.76 -65.83 35.29
N GLU A 3190 -60.20 -66.85 36.02
CA GLU A 3190 -61.31 -66.67 36.95
C GLU A 3190 -60.88 -65.90 38.19
N ARG A 3191 -59.68 -66.19 38.70
CA ARG A 3191 -59.13 -65.41 39.82
C ARG A 3191 -58.86 -63.98 39.38
N VAL A 3192 -58.36 -63.80 38.15
CA VAL A 3192 -58.17 -62.47 37.60
C VAL A 3192 -59.50 -61.76 37.40
N PHE A 3193 -60.56 -62.50 37.06
CA PHE A 3193 -61.87 -61.92 36.87
C PHE A 3193 -62.50 -61.50 38.20
N HIS A 3194 -62.25 -62.27 39.26
CA HIS A 3194 -62.72 -61.88 40.59
C HIS A 3194 -62.02 -60.62 41.07
N LEU A 3195 -60.69 -60.57 40.91
CA LEU A 3195 -59.93 -59.38 41.29
C LEU A 3195 -60.29 -58.18 40.43
N LEU A 3196 -60.63 -58.40 39.16
CA LEU A 3196 -60.98 -57.29 38.28
C LEU A 3196 -62.41 -56.82 38.51
N SER A 3197 -63.30 -57.73 38.90
CA SER A 3197 -64.65 -57.34 39.30
C SER A 3197 -64.60 -56.50 40.57
N GLU A 3198 -63.71 -56.88 41.50
CA GLU A 3198 -63.44 -56.05 42.67
C GLU A 3198 -62.92 -54.68 42.28
N TRP A 3199 -61.83 -54.64 41.52
CA TRP A 3199 -61.18 -53.40 41.07
C TRP A 3199 -62.07 -52.52 40.21
N GLU A 3200 -63.06 -53.08 39.54
CA GLU A 3200 -63.91 -52.30 38.65
C GLU A 3200 -65.19 -51.84 39.34
N LYS A 3201 -65.98 -52.78 39.86
CA LYS A 3201 -67.25 -52.41 40.45
C LYS A 3201 -67.11 -51.86 41.86
N LEU A 3202 -65.95 -52.05 42.51
CA LEU A 3202 -65.80 -51.57 43.88
C LEU A 3202 -65.50 -50.08 43.92
N ALA A 3203 -64.39 -49.67 43.30
CA ALA A 3203 -63.98 -48.28 43.33
C ALA A 3203 -63.56 -47.89 41.91
N SER A 3204 -62.96 -46.71 41.80
CA SER A 3204 -62.45 -46.11 40.55
C SER A 3204 -63.57 -45.97 39.52
N ARG A 3205 -64.64 -45.29 39.95
CA ARG A 3205 -65.74 -44.98 39.06
C ARG A 3205 -65.32 -44.04 37.93
N GLU A 3206 -64.35 -43.16 38.17
CA GLU A 3206 -63.78 -42.32 37.13
C GLU A 3206 -62.68 -43.06 36.37
N TYR A 3207 -62.02 -44.02 37.02
CA TYR A 3207 -60.84 -44.65 36.43
C TYR A 3207 -61.10 -46.04 35.87
N SER A 3208 -61.79 -46.92 36.60
CA SER A 3208 -61.99 -48.27 36.09
C SER A 3208 -63.12 -48.28 35.07
N LEU A 3209 -62.90 -49.05 33.99
CA LEU A 3209 -63.80 -49.07 32.85
C LEU A 3209 -64.95 -50.06 33.04
N ALA A 3210 -64.65 -51.22 33.65
CA ALA A 3210 -65.56 -52.30 34.02
C ALA A 3210 -66.16 -53.04 32.82
N ASN A 3211 -65.84 -52.63 31.60
CA ASN A 3211 -66.28 -53.34 30.41
C ASN A 3211 -65.37 -54.52 30.11
N GLU A 3212 -64.14 -54.45 30.62
CA GLU A 3212 -63.22 -55.58 30.50
C GLU A 3212 -63.68 -56.78 31.30
N MET A 3213 -64.40 -56.55 32.41
CA MET A 3213 -65.01 -57.65 33.15
C MET A 3213 -66.07 -58.34 32.30
N ASP A 3214 -66.83 -57.58 31.53
CA ASP A 3214 -67.82 -58.19 30.63
C ASP A 3214 -67.15 -58.88 29.45
N LEU A 3215 -66.02 -58.35 28.98
CA LEU A 3215 -65.28 -59.02 27.91
C LEU A 3215 -64.70 -60.34 28.39
N ILE A 3216 -64.18 -60.36 29.62
CA ILE A 3216 -63.68 -61.60 30.20
C ILE A 3216 -64.83 -62.54 30.54
N LYS A 3217 -66.02 -62.00 30.81
CA LYS A 3217 -67.18 -62.84 31.02
C LYS A 3217 -67.61 -63.52 29.73
N LYS A 3218 -67.57 -62.77 28.62
CA LYS A 3218 -67.83 -63.37 27.31
C LYS A 3218 -66.75 -64.38 26.94
N LYS A 3219 -65.51 -64.12 27.36
CA LYS A 3219 -64.42 -65.07 27.14
C LYS A 3219 -64.64 -66.35 27.92
N ILE A 3220 -65.08 -66.25 29.18
CA ILE A 3220 -65.35 -67.43 29.97
C ILE A 3220 -66.60 -68.15 29.48
N ILE A 3221 -67.53 -67.41 28.87
CA ILE A 3221 -68.71 -68.04 28.27
C ILE A 3221 -68.29 -68.84 27.05
N ASP A 3222 -67.38 -68.28 26.24
CA ASP A 3222 -66.83 -69.02 25.12
C ASP A 3222 -65.98 -70.20 25.59
N TRP A 3223 -65.34 -70.06 26.75
CA TRP A 3223 -64.58 -71.16 27.32
C TRP A 3223 -65.49 -72.28 27.77
N ARG A 3224 -66.64 -71.93 28.35
CA ARG A 3224 -67.64 -72.93 28.70
C ARG A 3224 -68.25 -73.55 27.46
N LYS A 3225 -68.39 -72.77 26.39
CA LYS A 3225 -68.83 -73.32 25.11
C LYS A 3225 -67.82 -74.30 24.55
N PHE A 3226 -66.53 -74.00 24.68
CA PHE A 3226 -65.49 -74.91 24.24
C PHE A 3226 -65.43 -76.14 25.13
N GLU A 3227 -65.77 -75.98 26.42
CA GLU A 3227 -65.83 -77.12 27.32
C GLU A 3227 -67.00 -78.03 26.98
N LEU A 3228 -68.14 -77.45 26.59
CA LEU A 3228 -69.27 -78.26 26.15
C LEU A 3228 -68.99 -78.88 24.80
N SER A 3229 -68.23 -78.19 23.95
CA SER A 3229 -67.84 -78.74 22.67
C SER A 3229 -66.86 -79.89 22.85
N ASN A 3230 -65.98 -79.78 23.84
CA ASN A 3230 -65.16 -80.91 24.26
C ASN A 3230 -66.00 -82.00 24.89
N TRP A 3231 -67.12 -81.64 25.51
CA TRP A 3231 -68.03 -82.62 26.08
C TRP A 3231 -68.89 -83.27 25.01
N ASN A 3232 -68.81 -82.82 23.76
CA ASN A 3232 -69.54 -83.50 22.69
C ASN A 3232 -68.97 -84.88 22.41
N ASN A 3233 -67.65 -85.04 22.52
CA ASN A 3233 -67.03 -86.36 22.48
C ASN A 3233 -65.81 -86.33 23.39
N LEU A 3234 -65.80 -87.21 24.40
CA LEU A 3234 -64.73 -87.24 25.37
C LEU A 3234 -64.26 -88.64 25.73
N LEU A 3235 -64.75 -89.68 25.05
CA LEU A 3235 -64.32 -91.04 25.36
C LEU A 3235 -62.90 -91.30 24.89
N LYS A 3236 -62.40 -90.47 23.97
CA LYS A 3236 -61.09 -90.67 23.39
C LYS A 3236 -59.97 -90.48 24.39
N LEU A 3237 -60.18 -89.68 25.43
CA LEU A 3237 -59.14 -89.42 26.43
C LEU A 3237 -58.78 -90.69 27.20
N GLU A 3238 -59.73 -91.25 27.93
CA GLU A 3238 -59.46 -92.50 28.65
C GLU A 3238 -59.33 -93.68 27.70
N GLU A 3239 -59.88 -93.59 26.49
CA GLU A 3239 -59.68 -94.64 25.50
C GLU A 3239 -58.22 -94.70 25.07
N TYR A 3240 -57.63 -93.54 24.82
CA TYR A 3240 -56.21 -93.47 24.49
C TYR A 3240 -55.36 -93.81 25.69
N LYS A 3241 -55.80 -93.48 26.90
CA LYS A 3241 -55.08 -93.89 28.10
C LYS A 3241 -55.07 -95.40 28.23
N LEU A 3242 -56.20 -96.04 27.95
CA LEU A 3242 -56.29 -97.50 28.01
C LEU A 3242 -55.47 -98.15 26.91
N SER A 3243 -55.54 -97.62 25.69
CA SER A 3243 -54.76 -98.18 24.59
C SER A 3243 -53.28 -97.96 24.79
N GLU A 3244 -52.90 -96.87 25.46
CA GLU A 3244 -51.51 -96.61 25.81
C GLU A 3244 -51.01 -97.57 26.87
N ARG A 3245 -51.82 -97.84 27.89
CA ARG A 3245 -51.45 -98.87 28.86
C ARG A 3245 -51.44 -100.27 28.25
N VAL A 3246 -52.22 -100.49 27.20
CA VAL A 3246 -52.36 -101.82 26.61
C VAL A 3246 -51.20 -102.14 25.67
N TYR A 3247 -51.02 -101.31 24.64
CA TYR A 3247 -50.00 -101.58 23.64
C TYR A 3247 -48.58 -101.56 24.17
N PRO A 3248 -48.28 -100.91 25.30
CA PRO A 3248 -46.93 -101.04 25.88
C PRO A 3248 -46.65 -102.41 26.46
N ARG A 3249 -47.67 -103.07 27.02
CA ARG A 3249 -47.51 -104.43 27.50
C ARG A 3249 -47.25 -105.38 26.35
N LEU A 3250 -48.02 -105.23 25.27
CA LEU A 3250 -47.78 -106.00 24.05
C LEU A 3250 -46.42 -105.68 23.44
N TYR A 3251 -45.98 -104.42 23.58
CA TYR A 3251 -44.68 -104.01 23.10
C TYR A 3251 -43.57 -104.71 23.87
N SER A 3252 -43.69 -104.76 25.20
CA SER A 3252 -42.67 -105.42 26.00
C SER A 3252 -42.70 -106.93 25.80
N ILE A 3253 -43.88 -107.48 25.53
CA ILE A 3253 -44.02 -108.93 25.30
C ILE A 3253 -43.35 -109.31 23.98
N LEU A 3254 -43.68 -108.58 22.91
CA LEU A 3254 -43.03 -108.82 21.64
C LEU A 3254 -41.57 -108.43 21.68
N GLN A 3255 -41.19 -107.52 22.59
CA GLN A 3255 -39.80 -107.17 22.78
C GLN A 3255 -39.01 -108.33 23.35
N PHE A 3256 -39.55 -109.00 24.37
CA PHE A 3256 -38.93 -110.23 24.86
C PHE A 3256 -38.91 -111.30 23.77
N ILE A 3257 -40.05 -111.47 23.08
CA ILE A 3257 -40.21 -112.49 22.05
C ILE A 3257 -39.29 -112.30 20.85
N ILE A 3258 -38.89 -111.07 20.57
CA ILE A 3258 -38.06 -110.77 19.41
C ILE A 3258 -36.63 -110.47 19.78
N LEU A 3259 -36.35 -110.07 21.03
CA LEU A 3259 -34.99 -110.04 21.53
C LEU A 3259 -34.48 -111.42 21.85
N LYS A 3260 -35.38 -112.40 22.01
CA LYS A 3260 -35.03 -113.79 21.83
C LYS A 3260 -34.44 -113.97 20.44
N PRO A 3261 -35.07 -113.40 19.40
CA PRO A 3261 -34.55 -113.58 18.04
C PRO A 3261 -33.52 -112.53 17.63
N PHE A 3262 -33.29 -111.51 18.47
CA PHE A 3262 -32.39 -110.42 18.07
C PHE A 3262 -30.99 -110.57 18.61
N PHE A 3263 -30.80 -110.49 19.92
CA PHE A 3263 -29.48 -110.37 20.53
C PHE A 3263 -28.68 -111.65 20.41
N PHE A 3268 -35.44 -124.34 17.98
CA PHE A 3268 -35.98 -123.71 16.79
C PHE A 3268 -37.44 -124.08 16.60
N THR A 3269 -37.69 -125.26 16.03
CA THR A 3269 -39.06 -125.72 15.83
C THR A 3269 -39.70 -126.09 17.15
N LYS A 3270 -38.94 -126.71 18.05
CA LYS A 3270 -39.40 -126.87 19.43
C LYS A 3270 -39.54 -125.52 20.11
N GLN A 3271 -38.61 -124.60 19.83
CA GLN A 3271 -38.75 -123.22 20.31
C GLN A 3271 -39.93 -122.53 19.63
N ASN A 3272 -40.27 -122.94 18.40
CA ASN A 3272 -41.45 -122.38 17.74
C ASN A 3272 -42.73 -122.86 18.40
N LEU A 3273 -42.79 -124.13 18.79
CA LEU A 3273 -43.96 -124.63 19.51
C LEU A 3273 -44.04 -124.01 20.91
N CYS A 3274 -42.88 -123.75 21.53
CA CYS A 3274 -42.86 -123.08 22.82
C CYS A 3274 -43.35 -121.64 22.70
N GLU A 3275 -42.94 -120.95 21.65
CA GLU A 3275 -43.41 -119.58 21.42
C GLU A 3275 -44.88 -119.57 21.02
N SER A 3276 -45.35 -120.66 20.40
CA SER A 3276 -46.78 -120.79 20.11
C SER A 3276 -47.59 -120.94 21.37
N ALA A 3277 -47.11 -121.75 22.31
CA ALA A 3277 -47.75 -121.86 23.62
C ALA A 3277 -47.70 -120.54 24.36
N SER A 3278 -46.58 -119.83 24.25
CA SER A 3278 -46.45 -118.53 24.90
C SER A 3278 -47.37 -117.49 24.26
N ILE A 3279 -47.61 -117.62 22.95
CA ILE A 3279 -48.49 -116.68 22.27
C ILE A 3279 -49.93 -116.96 22.63
N ILE A 3280 -50.29 -118.24 22.79
CA ILE A 3280 -51.61 -118.58 23.27
C ILE A 3280 -51.79 -118.11 24.70
N VAL A 3281 -50.74 -118.20 25.51
CA VAL A 3281 -50.79 -117.74 26.89
C VAL A 3281 -50.90 -116.23 26.94
N GLN A 3282 -50.30 -115.54 25.97
CA GLN A 3282 -50.41 -114.09 25.93
C GLN A 3282 -51.78 -113.67 25.43
N PHE A 3283 -52.32 -114.40 24.44
CA PHE A 3283 -53.62 -114.10 23.89
C PHE A 3283 -54.72 -114.32 24.92
N ILE A 3284 -54.55 -115.35 25.76
CA ILE A 3284 -55.44 -115.50 26.89
C ILE A 3284 -55.13 -114.45 27.95
N THR A 3285 -53.85 -114.14 28.15
CA THR A 3285 -53.39 -113.26 29.21
C THR A 3285 -53.72 -111.80 28.96
N ASP A 3286 -53.57 -111.33 27.72
CA ASP A 3286 -53.93 -109.96 27.40
C ASP A 3286 -55.36 -109.90 26.91
N LEU A 3287 -56.31 -110.35 27.74
CA LEU A 3287 -57.73 -110.34 27.38
C LEU A 3287 -58.25 -108.92 27.56
N THR A 3288 -58.28 -108.16 26.46
CA THR A 3288 -58.75 -106.78 26.51
C THR A 3288 -59.32 -106.43 25.13
N VAL A 3289 -60.65 -106.42 25.04
CA VAL A 3289 -61.31 -106.06 23.80
C VAL A 3289 -61.10 -104.59 23.50
N GLY A 3290 -61.15 -104.24 22.22
CA GLY A 3290 -60.79 -102.91 21.79
C GLY A 3290 -59.31 -102.83 21.50
N GLU A 3291 -58.51 -103.18 22.51
CA GLU A 3291 -57.10 -103.45 22.27
C GLU A 3291 -56.89 -104.87 21.74
N PHE A 3292 -57.95 -105.67 21.66
CA PHE A 3292 -57.83 -106.98 21.04
C PHE A 3292 -57.72 -106.87 19.53
N GLN A 3293 -58.48 -105.97 18.92
CA GLN A 3293 -58.31 -105.67 17.51
C GLN A 3293 -56.96 -105.03 17.26
N LEU A 3294 -56.54 -104.15 18.17
CA LEU A 3294 -55.20 -103.59 18.14
C LEU A 3294 -54.14 -104.66 18.32
N CYS A 3295 -54.49 -105.76 19.00
CA CYS A 3295 -53.55 -106.84 19.22
C CYS A 3295 -53.40 -107.72 17.99
N LEU A 3296 -54.50 -108.05 17.33
CA LEU A 3296 -54.41 -108.82 16.08
C LEU A 3296 -53.72 -107.98 14.99
N LYS A 3297 -54.04 -106.69 14.95
CA LYS A 3297 -53.34 -105.79 14.05
C LYS A 3297 -51.88 -105.65 14.43
N CYS A 3298 -51.57 -105.73 15.72
CA CYS A 3298 -50.19 -105.62 16.16
C CYS A 3298 -49.42 -106.89 15.87
N LEU A 3299 -50.11 -108.03 15.86
CA LEU A 3299 -49.52 -109.27 15.40
C LEU A 3299 -49.14 -109.17 13.93
N LEU A 3300 -50.08 -108.66 13.12
CA LEU A 3300 -49.80 -108.42 11.70
C LEU A 3300 -48.67 -107.40 11.52
N SER A 3301 -48.63 -106.38 12.37
CA SER A 3301 -47.66 -105.31 12.24
C SER A 3301 -46.27 -105.76 12.66
N PHE A 3302 -46.19 -106.57 13.72
CA PHE A 3302 -44.90 -107.12 14.13
C PHE A 3302 -44.41 -108.14 13.12
N SER A 3303 -45.31 -108.90 12.50
CA SER A 3303 -44.91 -109.83 11.44
C SER A 3303 -44.41 -109.07 10.22
N GLN A 3304 -45.03 -107.92 9.93
CA GLN A 3304 -44.57 -107.11 8.80
C GLN A 3304 -43.24 -106.44 9.12
N HIS A 3305 -43.11 -105.87 10.31
CA HIS A 3305 -41.90 -105.19 10.74
C HIS A 3305 -40.73 -106.14 10.92
N ALA A 3306 -40.97 -107.40 11.26
CA ALA A 3306 -39.92 -108.39 11.37
C ALA A 3306 -39.83 -109.26 10.14
N ALA A 3307 -40.67 -109.01 9.12
CA ALA A 3307 -40.64 -109.82 7.91
C ALA A 3307 -39.38 -109.61 7.10
N SER A 3308 -38.79 -108.42 7.15
CA SER A 3308 -37.51 -108.20 6.49
C SER A 3308 -36.34 -108.63 7.35
N LEU A 3309 -36.56 -108.87 8.64
CA LEU A 3309 -35.51 -109.37 9.50
C LEU A 3309 -35.20 -110.83 9.15
N ARG A 3310 -33.93 -111.11 8.86
CA ARG A 3310 -33.50 -112.43 8.46
C ARG A 3310 -33.10 -113.31 9.64
N ILE A 3311 -33.66 -113.06 10.82
CA ILE A 3311 -33.33 -113.82 12.02
C ILE A 3311 -34.32 -114.95 12.27
N CYS A 3312 -35.13 -115.31 11.28
CA CYS A 3312 -36.09 -116.40 11.43
C CYS A 3312 -36.37 -116.98 10.04
N HIS A 3313 -37.07 -118.12 10.03
CA HIS A 3313 -37.35 -118.83 8.80
C HIS A 3313 -38.84 -118.88 8.46
N GLY A 3314 -39.67 -119.39 9.36
CA GLY A 3314 -41.09 -119.52 9.08
C GLY A 3314 -42.00 -118.79 10.04
N ILE A 3315 -41.44 -117.84 10.80
CA ILE A 3315 -42.23 -117.11 11.80
C ILE A 3315 -43.23 -116.19 11.13
N ASP A 3316 -42.97 -115.78 9.89
CA ASP A 3316 -43.96 -115.00 9.14
C ASP A 3316 -45.18 -115.85 8.80
N ALA A 3317 -44.96 -117.11 8.39
CA ALA A 3317 -46.07 -118.02 8.14
C ALA A 3317 -46.81 -118.37 9.42
N MET A 3318 -46.06 -118.50 10.53
CA MET A 3318 -46.67 -118.79 11.83
C MET A 3318 -47.53 -117.64 12.30
N LEU A 3319 -47.01 -116.41 12.22
CA LEU A 3319 -47.78 -115.24 12.62
C LEU A 3319 -48.91 -114.96 11.64
N LEU A 3320 -48.75 -115.41 10.38
CA LEU A 3320 -49.84 -115.31 9.41
C LEU A 3320 -51.01 -116.18 9.81
N ASN A 3321 -50.73 -117.44 10.13
CA ASN A 3321 -51.77 -118.32 10.67
C ASN A 3321 -52.32 -117.81 12.00
N ILE A 3322 -51.47 -117.17 12.81
CA ILE A 3322 -51.89 -116.67 14.12
C ILE A 3322 -52.84 -115.49 13.99
N TYR A 3323 -52.52 -114.53 13.12
CA TYR A 3323 -53.40 -113.38 12.92
C TYR A 3323 -54.63 -113.79 12.13
N HIS A 3324 -54.51 -114.80 11.26
CA HIS A 3324 -55.65 -115.32 10.53
C HIS A 3324 -56.66 -116.00 11.44
N TYR A 3325 -56.23 -116.97 12.25
CA TYR A 3325 -57.12 -117.60 13.22
C TYR A 3325 -57.51 -116.65 14.34
N PHE A 3326 -56.67 -115.66 14.63
CA PHE A 3326 -57.03 -114.56 15.52
C PHE A 3326 -58.13 -113.70 14.92
N GLU A 3327 -58.10 -113.49 13.61
CA GLU A 3327 -59.21 -112.87 12.92
C GLU A 3327 -60.19 -113.89 12.35
N GLN A 3328 -60.66 -114.85 13.15
CA GLN A 3328 -61.64 -115.80 12.67
C GLN A 3328 -63.04 -115.21 12.74
N PHE A 3329 -63.47 -114.82 13.93
CA PHE A 3329 -64.80 -114.28 14.16
C PHE A 3329 -64.82 -113.09 15.11
N LEU A 3330 -63.78 -112.25 15.11
CA LEU A 3330 -63.70 -111.16 16.08
C LEU A 3330 -64.64 -110.01 15.76
N SER A 3331 -65.37 -110.10 14.65
CA SER A 3331 -66.38 -109.09 14.33
C SER A 3331 -67.54 -109.14 15.31
N LYS A 3332 -67.76 -110.29 15.95
CA LYS A 3332 -68.73 -110.36 17.04
C LYS A 3332 -68.30 -109.50 18.22
N VAL A 3333 -67.02 -109.57 18.59
CA VAL A 3333 -66.51 -108.71 19.66
C VAL A 3333 -66.50 -107.26 19.21
N SER A 3334 -66.31 -107.03 17.91
CA SER A 3334 -66.37 -105.67 17.37
C SER A 3334 -67.79 -105.10 17.47
N GLU A 3335 -68.79 -105.90 17.16
CA GLU A 3335 -70.17 -105.46 17.28
C GLU A 3335 -70.58 -105.30 18.73
N ALA A 3336 -69.99 -106.11 19.62
CA ALA A 3336 -70.23 -105.95 21.05
C ALA A 3336 -69.64 -104.64 21.57
N ILE A 3337 -68.44 -104.30 21.11
CA ILE A 3337 -67.83 -103.03 21.47
C ILE A 3337 -68.62 -101.88 20.86
N HIS A 3338 -69.17 -102.09 19.66
CA HIS A 3338 -70.02 -101.09 19.03
C HIS A 3338 -71.31 -100.88 19.80
N THR A 3339 -71.92 -101.95 20.33
CA THR A 3339 -73.14 -101.82 21.11
C THR A 3339 -72.84 -101.15 22.45
N GLN A 3340 -71.70 -101.49 23.07
CA GLN A 3340 -71.29 -100.84 24.30
C GLN A 3340 -71.00 -99.36 24.08
N LYS A 3341 -70.40 -99.03 22.94
CA LYS A 3341 -70.13 -97.63 22.61
C LYS A 3341 -71.42 -96.89 22.30
N GLN A 3342 -72.41 -97.58 21.72
CA GLN A 3342 -73.69 -96.93 21.45
C GLN A 3342 -74.47 -96.68 22.73
N SER A 3343 -74.39 -97.61 23.69
CA SER A 3343 -75.02 -97.42 24.98
C SER A 3343 -74.34 -96.29 25.75
N LEU A 3344 -73.02 -96.24 25.70
CA LEU A 3344 -72.28 -95.13 26.29
C LEU A 3344 -72.58 -93.82 25.58
N GLU A 3345 -72.87 -93.87 24.27
CA GLU A 3345 -73.24 -92.68 23.52
C GLU A 3345 -74.60 -92.15 23.96
N ASN A 3346 -75.54 -93.05 24.20
CA ASN A 3346 -76.83 -92.65 24.74
C ASN A 3346 -76.68 -92.06 26.14
N SER A 3347 -75.84 -92.68 26.98
CA SER A 3347 -75.64 -92.18 28.34
C SER A 3347 -74.94 -90.83 28.34
N ILE A 3348 -74.01 -90.61 27.41
CA ILE A 3348 -73.31 -89.34 27.35
C ILE A 3348 -74.18 -88.27 26.73
N LYS A 3349 -75.07 -88.63 25.79
CA LYS A 3349 -76.04 -87.68 25.26
C LYS A 3349 -77.03 -87.27 26.35
N GLU A 3350 -77.33 -88.18 27.27
CA GLU A 3350 -78.09 -87.83 28.46
C GLU A 3350 -77.30 -86.88 29.36
N ARG A 3351 -76.03 -87.21 29.64
CA ARG A 3351 -75.24 -86.43 30.59
C ARG A 3351 -74.87 -85.06 30.03
N ILE A 3352 -74.94 -84.90 28.70
CA ILE A 3352 -74.55 -83.65 28.08
C ILE A 3352 -75.74 -82.82 27.63
N LEU A 3353 -76.87 -83.47 27.30
CA LEU A 3353 -78.10 -82.73 27.14
C LEU A 3353 -78.58 -82.15 28.46
N LEU A 3354 -78.21 -82.77 29.57
CA LEU A 3354 -78.41 -82.22 30.91
C LEU A 3354 -77.48 -81.05 31.19
N MET A 3355 -76.42 -80.87 30.42
CA MET A 3355 -75.67 -79.63 30.46
C MET A 3355 -76.39 -78.64 29.58
N SER A 3356 -77.06 -77.67 30.21
CA SER A 3356 -77.90 -76.74 29.48
C SER A 3356 -77.29 -75.34 29.48
N TRP A 3357 -77.91 -74.42 28.75
CA TRP A 3357 -77.37 -73.07 28.63
C TRP A 3357 -77.57 -72.30 29.91
N LYS A 3358 -76.58 -72.32 30.79
CA LYS A 3358 -76.60 -71.50 31.99
C LYS A 3358 -76.56 -70.01 31.65
N ASP A 3359 -75.48 -69.56 31.00
CA ASP A 3359 -75.35 -68.21 30.42
C ASP A 3359 -75.46 -67.10 31.47
N THR A 3360 -75.15 -67.44 32.72
CA THR A 3360 -75.26 -66.54 33.86
C THR A 3360 -74.49 -67.16 35.02
N ASN A 3361 -74.66 -66.57 36.21
CA ASN A 3361 -74.12 -67.08 37.48
C ASN A 3361 -72.61 -67.20 37.43
N VAL A 3362 -71.95 -66.04 37.33
CA VAL A 3362 -70.50 -65.97 37.27
C VAL A 3362 -69.86 -66.54 38.54
N TYR A 3363 -70.43 -66.20 39.70
CA TYR A 3363 -69.94 -66.79 40.94
C TYR A 3363 -70.51 -68.19 41.14
N ALA A 3364 -71.51 -68.57 40.35
CA ALA A 3364 -72.28 -69.77 40.63
C ALA A 3364 -72.54 -70.66 39.42
N LEU A 3365 -71.69 -70.66 38.40
CA LEU A 3365 -71.82 -71.66 37.34
C LEU A 3365 -71.19 -72.99 37.76
N LYS A 3366 -70.50 -72.99 38.91
CA LYS A 3366 -69.83 -74.18 39.42
C LYS A 3366 -70.82 -75.25 39.86
N GLU A 3367 -72.09 -74.88 40.08
CA GLU A 3367 -73.11 -75.89 40.34
C GLU A 3367 -73.34 -76.77 39.12
N SER A 3368 -73.58 -76.15 37.96
CA SER A 3368 -73.72 -76.90 36.73
C SER A 3368 -72.42 -77.59 36.35
N ALA A 3369 -71.29 -76.96 36.69
CA ALA A 3369 -69.99 -77.57 36.42
C ALA A 3369 -69.76 -78.82 37.26
N LYS A 3370 -70.10 -78.76 38.55
CA LYS A 3370 -69.95 -79.91 39.42
C LYS A 3370 -70.97 -80.99 39.09
N LYS A 3371 -72.14 -80.58 38.59
CA LYS A 3371 -73.13 -81.55 38.11
C LYS A 3371 -72.59 -82.31 36.91
N SER A 3372 -71.97 -81.60 35.97
CA SER A 3372 -71.36 -82.25 34.83
C SER A 3372 -70.17 -83.11 35.24
N HIS A 3373 -69.41 -82.67 36.24
CA HIS A 3373 -68.27 -83.46 36.71
C HIS A 3373 -68.71 -84.74 37.40
N ALA A 3374 -69.78 -84.68 38.19
CA ALA A 3374 -70.31 -85.87 38.82
C ALA A 3374 -70.93 -86.82 37.80
N GLU A 3375 -71.63 -86.26 36.80
CA GLU A 3375 -72.15 -87.08 35.72
C GLU A 3375 -71.03 -87.73 34.92
N LEU A 3376 -69.92 -87.00 34.75
CA LEU A 3376 -68.76 -87.55 34.08
C LEU A 3376 -68.10 -88.67 34.88
N PHE A 3377 -68.00 -88.51 36.20
CA PHE A 3377 -67.39 -89.55 37.03
C PHE A 3377 -68.26 -90.80 37.09
N LYS A 3378 -69.57 -90.60 37.23
CA LYS A 3378 -70.50 -91.73 37.25
C LYS A 3378 -70.54 -92.44 35.91
N VAL A 3379 -70.52 -91.67 34.81
CA VAL A 3379 -70.50 -92.27 33.49
C VAL A 3379 -69.15 -92.89 33.19
N LEU A 3380 -68.08 -92.42 33.86
CA LEU A 3380 -66.78 -93.03 33.69
C LEU A 3380 -66.74 -94.39 34.35
N HIS A 3381 -67.29 -94.49 35.56
CA HIS A 3381 -67.47 -95.80 36.19
C HIS A 3381 -68.40 -96.68 35.38
N ARG A 3382 -69.43 -96.10 34.78
CA ARG A 3382 -70.39 -96.85 33.98
C ARG A 3382 -69.76 -97.38 32.71
N TYR A 3383 -68.91 -96.58 32.07
CA TYR A 3383 -68.24 -97.01 30.86
C TYR A 3383 -67.13 -98.00 31.18
N ARG A 3384 -66.52 -97.89 32.36
CA ARG A 3384 -65.57 -98.90 32.82
C ARG A 3384 -66.27 -100.24 33.02
N GLU A 3385 -67.49 -100.21 33.55
CA GLU A 3385 -68.27 -101.43 33.68
C GLU A 3385 -68.73 -101.95 32.32
N VAL A 3386 -69.04 -101.04 31.40
CA VAL A 3386 -69.52 -101.45 30.09
C VAL A 3386 -68.39 -102.08 29.28
N LEU A 3387 -67.18 -101.57 29.44
CA LEU A 3387 -66.02 -102.18 28.79
C LEU A 3387 -65.49 -103.35 29.58
N ARG A 3388 -65.95 -103.54 30.83
CA ARG A 3388 -65.51 -104.65 31.65
C ARG A 3388 -66.03 -106.00 31.18
N GLN A 3389 -66.93 -106.04 30.21
CA GLN A 3389 -67.22 -107.29 29.53
C GLN A 3389 -65.97 -107.74 28.77
N PRO A 3390 -65.36 -108.85 29.15
CA PRO A 3390 -64.03 -109.17 28.64
C PRO A 3390 -64.08 -109.83 27.27
N VAL A 3391 -62.91 -109.88 26.63
CA VAL A 3391 -62.76 -110.54 25.35
C VAL A 3391 -62.57 -112.02 25.61
N SER A 3392 -62.05 -112.36 26.79
CA SER A 3392 -62.15 -113.73 27.26
C SER A 3392 -63.59 -114.09 27.62
N SER A 3393 -64.37 -113.12 28.08
CA SER A 3393 -65.80 -113.32 28.24
C SER A 3393 -66.43 -113.38 26.85
N TYR A 3394 -65.90 -112.59 25.91
CA TYR A 3394 -66.36 -112.63 24.53
C TYR A 3394 -65.63 -113.69 23.71
N LEU A 3395 -64.98 -114.66 24.35
CA LEU A 3395 -64.25 -115.71 23.65
C LEU A 3395 -65.12 -116.92 23.37
N SER A 3396 -66.43 -116.73 23.24
CA SER A 3396 -67.35 -117.81 22.94
C SER A 3396 -67.98 -117.58 21.57
N GLN A 3397 -68.66 -118.61 21.07
CA GLN A 3397 -69.28 -118.58 19.76
C GLN A 3397 -70.40 -119.61 19.74
N LYS A 3398 -70.90 -119.91 18.53
CA LYS A 3398 -71.95 -120.89 18.36
C LYS A 3398 -71.83 -121.50 16.96
N HIS A 3399 -72.60 -122.57 16.71
CA HIS A 3399 -72.68 -123.22 15.40
C HIS A 3399 -74.03 -123.92 15.32
N ASP A 3400 -74.82 -123.35 14.41
CA ASP A 3400 -76.12 -123.81 13.96
C ASP A 3400 -76.11 -124.16 12.45
N TRP A 3401 -75.58 -123.27 11.60
CA TRP A 3401 -75.54 -123.50 10.13
C TRP A 3401 -74.49 -122.70 9.30
N ASP A 3402 -74.20 -123.15 8.07
CA ASP A 3402 -73.24 -122.48 7.16
C ASP A 3402 -73.50 -122.65 5.64
N SER A 3403 -72.91 -121.77 4.82
CA SER A 3403 -73.09 -121.82 3.36
C SER A 3403 -71.77 -121.64 2.59
N LEU A 3404 -71.71 -122.18 1.38
CA LEU A 3404 -70.52 -122.08 0.54
C LEU A 3404 -70.85 -121.70 -0.91
N GLU A 3408 -65.21 -118.15 -10.43
CA GLU A 3408 -63.95 -118.03 -11.18
C GLU A 3408 -63.32 -119.35 -11.66
N ASN A 3409 -64.11 -120.20 -12.28
CA ASN A 3409 -63.62 -121.49 -12.77
C ASN A 3409 -62.50 -121.42 -13.82
N ASN A 3410 -62.61 -120.50 -14.78
CA ASN A 3410 -61.57 -120.36 -15.79
C ASN A 3410 -61.42 -118.93 -16.28
N SER A 3411 -60.20 -118.43 -16.30
CA SER A 3411 -59.93 -117.08 -16.75
C SER A 3411 -59.05 -117.07 -18.01
N ALA A 3412 -59.49 -116.32 -19.02
CA ALA A 3412 -58.76 -116.23 -20.27
C ALA A 3412 -58.30 -114.81 -20.55
N MET A 3413 -57.03 -114.65 -20.88
CA MET A 3413 -56.46 -113.33 -21.17
C MET A 3413 -55.20 -113.46 -22.02
N TRP A 3414 -55.31 -113.07 -23.29
CA TRP A 3414 -54.17 -113.13 -24.21
C TRP A 3414 -53.44 -111.80 -24.21
N VAL A 3415 -52.14 -111.85 -23.91
CA VAL A 3415 -51.28 -110.67 -23.96
C VAL A 3415 -50.43 -110.74 -25.22
N ALA A 3416 -50.94 -111.42 -26.24
CA ALA A 3416 -50.19 -111.58 -27.49
C ALA A 3416 -50.10 -110.27 -28.26
N LYS A 3417 -51.03 -109.35 -28.00
CA LYS A 3417 -50.96 -108.04 -28.63
C LYS A 3417 -50.43 -106.97 -27.68
N LYS A 3418 -49.98 -107.38 -26.49
CA LYS A 3418 -49.63 -106.41 -25.45
C LYS A 3418 -48.21 -105.85 -25.60
N VAL A 3419 -47.60 -105.96 -26.78
CA VAL A 3419 -46.22 -105.51 -26.95
C VAL A 3419 -46.14 -104.39 -27.99
N ASN A 3420 -46.93 -104.51 -29.06
CA ASN A 3420 -47.12 -103.56 -30.16
C ASN A 3420 -45.91 -103.49 -31.10
N LEU A 3421 -44.82 -104.17 -30.76
CA LEU A 3421 -43.73 -104.43 -31.69
C LEU A 3421 -43.63 -105.91 -32.02
N SER A 3422 -43.75 -106.78 -31.02
CA SER A 3422 -43.93 -108.21 -31.21
C SER A 3422 -45.34 -108.45 -31.75
N PRO A 3423 -46.31 -107.61 -31.39
CA PRO A 3423 -47.59 -107.67 -32.09
C PRO A 3423 -47.51 -107.10 -33.49
N SER A 3424 -46.61 -106.14 -33.72
CA SER A 3424 -46.33 -105.70 -35.09
C SER A 3424 -45.67 -106.80 -35.88
N TYR A 3425 -44.82 -107.59 -35.22
CA TYR A 3425 -44.32 -108.83 -35.80
C TYR A 3425 -45.42 -109.85 -36.02
N ILE A 3426 -46.42 -109.88 -35.13
CA ILE A 3426 -47.61 -110.68 -35.39
C ILE A 3426 -48.47 -110.04 -36.47
N GLU A 3427 -48.43 -108.71 -36.59
CA GLU A 3427 -49.07 -108.02 -37.70
C GLU A 3427 -48.31 -108.17 -39.00
N LYS A 3428 -47.00 -108.43 -38.94
CA LYS A 3428 -46.19 -108.54 -40.13
C LYS A 3428 -45.01 -109.46 -39.90
N THR A 3431 -38.07 -111.22 -38.95
CA THR A 3431 -36.62 -111.10 -39.15
C THR A 3431 -35.94 -112.47 -39.12
N GLU A 3432 -34.95 -112.64 -40.00
CA GLU A 3432 -34.22 -113.90 -40.08
C GLU A 3432 -33.48 -114.19 -38.77
N ILE A 3433 -32.90 -113.16 -38.18
CA ILE A 3433 -32.17 -113.29 -36.92
C ILE A 3433 -33.10 -113.75 -35.80
N MET A 3434 -34.30 -113.19 -35.77
CA MET A 3434 -35.29 -113.55 -34.76
C MET A 3434 -36.28 -114.58 -35.29
N LYS A 3435 -35.98 -115.14 -36.44
CA LYS A 3435 -36.84 -116.15 -37.06
C LYS A 3435 -36.02 -117.10 -37.93
N LEU A 3436 -34.73 -117.24 -37.62
CA LEU A 3436 -33.79 -118.04 -38.41
C LEU A 3436 -33.96 -119.57 -38.58
N VAL A 3437 -34.33 -120.29 -37.53
CA VAL A 3437 -34.44 -121.76 -37.66
C VAL A 3437 -35.74 -122.38 -37.15
N PRO A 3438 -36.09 -123.58 -37.68
CA PRO A 3438 -37.35 -124.12 -37.15
C PRO A 3438 -37.18 -124.75 -35.77
N VAL A 3439 -37.85 -124.20 -34.76
CA VAL A 3439 -37.79 -124.76 -33.43
C VAL A 3439 -38.97 -125.68 -33.15
N ARG A 3440 -39.66 -126.12 -34.21
CA ARG A 3440 -40.76 -127.09 -34.24
C ARG A 3440 -42.03 -126.62 -33.54
N PHE A 3441 -42.10 -125.38 -33.05
CA PHE A 3441 -43.38 -124.84 -32.63
C PHE A 3441 -44.14 -124.26 -33.81
N SER A 3442 -43.60 -123.20 -34.41
CA SER A 3442 -43.90 -122.73 -35.76
C SER A 3442 -45.34 -122.32 -36.05
N ASN A 3443 -46.22 -122.29 -35.05
CA ASN A 3443 -47.64 -121.97 -35.31
C ASN A 3443 -48.21 -121.29 -34.05
N THR A 3444 -48.21 -119.97 -34.06
CA THR A 3444 -48.66 -119.16 -32.93
C THR A 3444 -50.19 -119.06 -32.82
N PRO A 3445 -50.92 -118.93 -33.95
CA PRO A 3445 -52.37 -118.71 -33.87
C PRO A 3445 -53.13 -119.91 -33.34
N THR A 3446 -52.79 -121.09 -33.85
CA THR A 3446 -53.32 -122.34 -33.31
C THR A 3446 -52.87 -122.57 -31.86
N THR A 3447 -51.69 -122.09 -31.48
CA THR A 3447 -51.26 -122.22 -30.10
C THR A 3447 -52.02 -121.27 -29.17
N LEU A 3448 -52.41 -120.11 -29.68
CA LEU A 3448 -53.22 -119.19 -28.88
C LEU A 3448 -54.64 -119.72 -28.75
N ARG A 3449 -55.16 -120.30 -29.83
CA ARG A 3449 -56.43 -121.03 -29.75
C ARG A 3449 -56.33 -122.22 -28.80
N LEU A 3450 -55.17 -122.85 -28.74
CA LEU A 3450 -54.99 -123.99 -27.84
C LEU A 3450 -54.85 -123.53 -26.40
N MET A 3451 -54.29 -122.35 -26.17
CA MET A 3451 -54.24 -121.80 -24.81
C MET A 3451 -55.64 -121.36 -24.38
N TRP A 3452 -56.43 -120.83 -25.31
CA TRP A 3452 -57.82 -120.54 -25.04
C TRP A 3452 -58.60 -121.81 -24.74
N THR A 3453 -58.30 -122.90 -25.45
CA THR A 3453 -58.94 -124.18 -25.16
C THR A 3453 -58.43 -124.78 -23.86
N LEU A 3454 -57.20 -124.47 -23.48
CA LEU A 3454 -56.67 -124.93 -22.20
C LEU A 3454 -57.31 -124.16 -21.06
N PHE A 3455 -57.72 -122.92 -21.32
CA PHE A 3455 -58.58 -122.21 -20.38
C PHE A 3455 -59.99 -122.78 -20.39
N ALA A 3456 -60.48 -123.20 -21.55
CA ALA A 3456 -61.88 -123.60 -21.68
C ALA A 3456 -62.14 -124.97 -21.05
N ASN A 3457 -61.40 -125.99 -21.49
CA ASN A 3457 -61.71 -127.36 -21.11
C ASN A 3457 -61.21 -127.72 -19.71
N VAL A 3458 -60.67 -126.77 -18.97
CA VAL A 3458 -60.17 -127.02 -17.62
C VAL A 3458 -61.26 -126.79 -16.57
N GLU A 3459 -62.52 -126.72 -17.00
CA GLU A 3459 -63.65 -126.64 -16.09
C GLU A 3459 -63.80 -127.90 -15.24
N LYS A 3460 -63.37 -129.05 -15.75
CA LYS A 3460 -63.45 -130.31 -15.00
C LYS A 3460 -62.49 -130.30 -13.81
N SER A 3463 -64.31 -129.77 -5.23
CA SER A 3463 -65.63 -129.33 -5.68
C SER A 3463 -66.64 -130.45 -5.56
N THR A 3464 -66.25 -131.65 -6.01
CA THR A 3464 -67.14 -132.80 -5.92
C THR A 3464 -67.28 -133.27 -4.47
N PHE A 3465 -66.18 -133.26 -3.72
CA PHE A 3465 -66.26 -133.49 -2.28
C PHE A 3465 -67.02 -132.34 -1.61
N THR A 3466 -66.85 -131.12 -2.14
CA THR A 3466 -67.64 -130.00 -1.68
C THR A 3466 -69.11 -130.18 -2.06
N ASN A 3467 -69.38 -130.80 -3.20
CA ASN A 3467 -70.76 -131.06 -3.60
C ASN A 3467 -71.41 -132.10 -2.69
N MET A 3468 -70.67 -133.17 -2.36
CA MET A 3468 -71.18 -134.17 -1.43
C MET A 3468 -71.35 -133.59 -0.03
N VAL A 3469 -70.46 -132.68 0.38
CA VAL A 3469 -70.56 -132.08 1.71
C VAL A 3469 -71.72 -131.09 1.76
N SER A 3470 -72.02 -130.44 0.63
CA SER A 3470 -73.17 -129.55 0.58
C SER A 3470 -74.48 -130.33 0.59
N ASN A 3471 -74.52 -131.47 -0.12
CA ASN A 3471 -75.68 -132.36 -0.04
C ASN A 3471 -75.85 -132.89 1.37
N LEU A 3472 -74.74 -133.18 2.06
CA LEU A 3472 -74.80 -133.64 3.45
C LEU A 3472 -75.27 -132.54 4.38
N ILE A 3473 -74.90 -131.29 4.12
CA ILE A 3473 -75.35 -130.18 4.96
C ILE A 3473 -76.84 -129.93 4.76
N THR A 3474 -77.33 -130.04 3.52
CA THR A 3474 -78.76 -129.92 3.26
C THR A 3474 -79.55 -131.05 3.92
N ASP A 3475 -79.02 -132.27 3.86
CA ASP A 3475 -79.69 -133.39 4.52
C ASP A 3475 -79.62 -133.28 6.04
N ALA A 3476 -78.56 -132.66 6.57
CA ALA A 3476 -78.46 -132.48 8.01
C ALA A 3476 -79.43 -131.41 8.50
N ARG A 3477 -79.63 -130.36 7.70
CA ARG A 3477 -80.68 -129.38 8.02
C ARG A 3477 -82.07 -130.02 7.93
N GLU A 3478 -82.27 -130.92 6.97
CA GLU A 3478 -83.54 -131.63 6.88
C GLU A 3478 -83.75 -132.56 8.07
N LEU A 3479 -82.69 -133.19 8.55
CA LEU A 3479 -82.81 -134.08 9.71
C LEU A 3479 -82.99 -133.30 11.00
N MET A 3480 -82.44 -132.08 11.06
CA MET A 3480 -82.72 -131.21 12.20
C MET A 3480 -84.17 -130.73 12.17
N LYS A 3481 -84.71 -130.48 10.98
CA LYS A 3481 -86.11 -130.13 10.85
C LYS A 3481 -87.03 -131.35 10.89
N LEU A 3482 -86.46 -132.57 10.95
CA LEU A 3482 -87.26 -133.78 10.97
C LEU A 3482 -87.91 -134.04 12.32
N THR A 3483 -87.41 -133.44 13.39
CA THR A 3483 -88.09 -133.55 14.68
C THR A 3483 -88.46 -132.14 15.14
N PRO A 3484 -89.10 -131.35 14.27
CA PRO A 3484 -89.46 -129.98 14.65
C PRO A 3484 -90.87 -129.85 15.18
N GLU A 3485 -91.57 -130.98 15.31
CA GLU A 3485 -92.97 -130.96 15.70
C GLU A 3485 -93.09 -130.99 17.23
N THR A 3486 -94.28 -131.35 17.71
CA THR A 3486 -94.61 -131.24 19.12
C THR A 3486 -93.96 -132.36 19.94
N ILE A 3487 -94.36 -132.44 21.21
CA ILE A 3487 -93.75 -133.40 22.13
C ILE A 3487 -94.27 -134.81 21.86
N ASN A 3488 -95.56 -135.05 22.12
CA ASN A 3488 -96.11 -136.39 22.00
C ASN A 3488 -96.44 -136.74 20.55
N ASP A 3489 -96.86 -135.75 19.76
CA ASP A 3489 -97.35 -136.00 18.41
C ASP A 3489 -96.22 -136.41 17.48
N ASP A 3490 -95.06 -135.75 17.58
CA ASP A 3490 -93.89 -136.19 16.84
C ASP A 3490 -93.33 -137.51 17.34
N ASN A 3491 -93.26 -137.70 18.66
CA ASN A 3491 -92.64 -138.90 19.21
C ASN A 3491 -93.54 -140.13 19.10
N LEU A 3492 -94.79 -139.97 18.62
CA LEU A 3492 -95.61 -141.12 18.27
C LEU A 3492 -94.96 -141.93 17.15
N SER A 3493 -94.77 -141.34 15.98
CA SER A 3493 -94.15 -142.06 14.88
C SER A 3493 -93.00 -141.30 14.23
N GLU A 3494 -93.12 -139.97 14.14
CA GLU A 3494 -92.25 -139.22 13.25
C GLU A 3494 -90.92 -138.82 13.91
N ILE A 3495 -90.93 -138.45 15.18
CA ILE A 3495 -89.65 -138.17 15.84
C ILE A 3495 -88.89 -139.46 16.13
N LYS A 3496 -89.61 -140.60 16.15
CA LYS A 3496 -88.95 -141.88 16.17
C LYS A 3496 -88.10 -142.08 14.92
N HIS A 3497 -88.68 -141.79 13.75
CA HIS A 3497 -87.94 -141.89 12.50
C HIS A 3497 -86.87 -140.80 12.40
N LEU A 3498 -87.14 -139.62 12.99
CA LEU A 3498 -86.18 -138.53 12.97
C LEU A 3498 -84.96 -138.85 13.82
N LYS A 3499 -85.17 -139.39 15.02
CA LYS A 3499 -84.05 -139.79 15.87
C LYS A 3499 -83.36 -141.02 15.32
N SER A 3500 -84.10 -141.88 14.60
CA SER A 3500 -83.49 -142.99 13.89
C SER A 3500 -82.54 -142.49 12.81
N ARG A 3501 -82.98 -141.51 12.01
CA ARG A 3501 -82.12 -140.90 11.01
C ARG A 3501 -80.95 -140.16 11.64
N LYS A 3502 -81.14 -139.55 12.81
CA LYS A 3502 -80.06 -138.82 13.47
C LYS A 3502 -78.98 -139.76 14.00
N HIS A 3503 -79.38 -140.78 14.76
CA HIS A 3503 -78.41 -141.73 15.30
C HIS A 3503 -77.79 -142.57 14.19
N LEU A 3504 -78.55 -142.84 13.11
CA LEU A 3504 -77.99 -143.52 11.96
C LEU A 3504 -76.99 -142.65 11.21
N LEU A 3505 -77.26 -141.34 11.13
CA LEU A 3505 -76.30 -140.43 10.51
C LEU A 3505 -75.04 -140.32 11.35
N LEU A 3506 -75.18 -140.40 12.67
CA LEU A 3506 -74.01 -140.36 13.55
C LEU A 3506 -73.15 -141.62 13.41
N THR A 3507 -73.77 -142.79 13.50
CA THR A 3507 -73.03 -144.04 13.41
C THR A 3507 -72.48 -144.26 11.99
N GLU A 3508 -73.23 -143.84 10.98
CA GLU A 3508 -72.75 -143.94 9.61
C GLU A 3508 -71.67 -142.90 9.32
N THR A 3509 -71.71 -141.76 10.00
CA THR A 3509 -70.64 -140.78 9.88
C THR A 3509 -69.35 -141.33 10.45
N PHE A 3510 -69.45 -141.99 11.61
CA PHE A 3510 -68.29 -142.68 12.19
C PHE A 3510 -67.76 -143.78 11.29
N LYS A 3511 -68.65 -144.67 10.81
CA LYS A 3511 -68.22 -145.83 10.03
C LYS A 3511 -67.69 -145.42 8.66
N THR A 3512 -68.35 -144.48 7.99
CA THR A 3512 -67.92 -144.05 6.67
C THR A 3512 -66.76 -143.07 6.73
N LEU A 3513 -66.60 -142.37 7.85
CA LEU A 3513 -65.38 -141.59 8.06
C LEU A 3513 -64.21 -142.53 8.26
N LYS A 3514 -64.44 -143.66 8.93
CA LYS A 3514 -63.42 -144.70 8.97
C LYS A 3514 -63.19 -145.33 7.60
N ALA A 3515 -64.24 -145.40 6.78
CA ALA A 3515 -64.11 -146.09 5.49
C ALA A 3515 -63.57 -145.17 4.40
N PHE A 3516 -64.32 -144.13 4.05
CA PHE A 3516 -64.06 -143.37 2.84
C PHE A 3516 -63.32 -142.06 3.09
N GLY A 3517 -62.06 -142.14 3.51
CA GLY A 3517 -61.29 -140.92 3.70
C GLY A 3517 -61.53 -140.29 5.05
N LEU A 3518 -60.53 -139.54 5.52
CA LEU A 3518 -60.41 -139.06 6.90
C LEU A 3518 -60.56 -140.22 7.89
N GLN A 3519 -59.70 -141.23 7.70
CA GLN A 3519 -59.92 -142.55 8.27
C GLN A 3519 -59.67 -142.57 9.77
N TYR A 3520 -60.29 -143.55 10.43
CA TYR A 3520 -60.12 -143.78 11.85
C TYR A 3520 -58.92 -144.70 12.09
N ARG A 3521 -58.83 -145.18 13.34
CA ARG A 3521 -57.77 -146.07 13.83
C ARG A 3521 -56.39 -145.41 13.70
N VAL A 3522 -56.37 -144.09 13.76
CA VAL A 3522 -55.14 -143.30 13.75
C VAL A 3522 -55.39 -142.06 14.58
N LYS A 3523 -54.63 -141.91 15.68
CA LYS A 3523 -54.83 -140.77 16.57
C LYS A 3523 -53.51 -140.16 17.03
N ALA A 3524 -52.38 -140.51 16.41
CA ALA A 3524 -51.11 -139.91 16.79
C ALA A 3524 -51.02 -138.47 16.31
N GLY A 3525 -51.74 -138.13 15.24
CA GLY A 3525 -51.78 -136.77 14.73
C GLY A 3525 -52.78 -135.88 15.42
N ILE A 3526 -53.83 -136.44 16.04
CA ILE A 3526 -54.71 -135.64 16.89
C ILE A 3526 -54.00 -135.15 18.13
N GLU A 3527 -52.97 -135.86 18.61
CA GLU A 3527 -52.08 -135.32 19.62
C GLU A 3527 -51.31 -134.11 19.11
N GLU A 3528 -50.98 -134.10 17.81
CA GLU A 3528 -50.29 -132.96 17.24
C GLU A 3528 -51.27 -131.88 16.81
N ASN A 3529 -52.43 -132.27 16.28
CA ASN A 3529 -53.35 -131.30 15.69
C ASN A 3529 -54.52 -130.96 16.59
N LEU A 3530 -55.33 -131.95 16.99
CA LEU A 3530 -56.45 -131.68 17.89
C LEU A 3530 -55.95 -131.27 19.26
N SER A 3531 -55.04 -132.06 19.83
CA SER A 3531 -54.23 -131.60 20.94
C SER A 3531 -53.04 -130.82 20.41
N ASN A 3532 -52.27 -130.24 21.34
CA ASN A 3532 -51.13 -129.36 21.07
C ASN A 3532 -51.53 -128.22 20.14
N LEU A 3533 -52.69 -127.63 20.48
CA LEU A 3533 -53.38 -126.72 19.57
C LEU A 3533 -52.60 -125.43 19.37
N ARG A 3534 -51.78 -125.04 20.36
CA ARG A 3534 -50.83 -123.96 20.15
C ARG A 3534 -49.78 -124.38 19.13
N ASN A 3535 -49.13 -125.52 19.37
CA ASN A 3535 -48.20 -126.07 18.40
C ASN A 3535 -48.89 -126.52 17.12
N LEU A 3536 -50.20 -126.80 17.16
CA LEU A 3536 -50.91 -127.12 15.92
C LEU A 3536 -51.15 -125.88 15.09
N LEU A 3537 -51.51 -124.77 15.73
CA LEU A 3537 -51.68 -123.51 15.01
C LEU A 3537 -50.34 -123.01 14.50
N ALA A 3538 -49.27 -123.27 15.25
CA ALA A 3538 -47.93 -123.14 14.70
C ALA A 3538 -47.70 -124.07 13.53
N VAL A 3539 -48.28 -125.28 13.58
CA VAL A 3539 -48.00 -126.30 12.57
C VAL A 3539 -48.82 -126.09 11.31
N ILE A 3540 -49.67 -125.07 11.28
CA ILE A 3540 -50.34 -124.72 10.03
C ILE A 3540 -49.28 -124.04 9.18
N PRO A 3541 -48.70 -124.74 8.20
CA PRO A 3541 -47.68 -124.11 7.36
C PRO A 3541 -48.33 -123.20 6.35
N THR A 3542 -48.22 -121.90 6.58
CA THR A 3542 -48.87 -120.92 5.73
C THR A 3542 -48.03 -120.68 4.47
N PHE A 3543 -48.73 -120.36 3.40
CA PHE A 3543 -48.09 -119.98 2.15
C PHE A 3543 -47.58 -118.54 2.24
N PRO A 3544 -46.99 -118.02 1.15
CA PRO A 3544 -46.47 -116.65 1.16
C PRO A 3544 -47.54 -115.58 1.37
N VAL A 3545 -48.78 -115.86 0.98
CA VAL A 3545 -49.87 -114.92 1.21
C VAL A 3545 -50.35 -115.02 2.64
N LEU A 3548 -57.67 -113.85 -2.78
CA LEU A 3548 -59.02 -113.94 -3.31
C LEU A 3548 -59.68 -115.25 -2.87
N SER A 3549 -59.70 -116.22 -3.78
CA SER A 3549 -60.14 -117.57 -3.42
C SER A 3549 -59.20 -118.19 -2.41
N ILE A 3550 -57.91 -117.89 -2.51
CA ILE A 3550 -56.97 -118.29 -1.48
C ILE A 3550 -57.26 -117.56 -0.18
N GLU A 3551 -57.64 -116.28 -0.27
CA GLU A 3551 -57.98 -115.53 0.94
C GLU A 3551 -59.29 -116.01 1.54
N LYS A 3552 -60.23 -116.41 0.69
CA LYS A 3552 -61.47 -117.01 1.17
C LYS A 3552 -61.20 -118.35 1.85
N VAL A 3553 -60.27 -119.14 1.29
CA VAL A 3553 -59.90 -120.41 1.92
C VAL A 3553 -59.16 -120.16 3.23
N ASP A 3554 -58.43 -119.05 3.32
CA ASP A 3554 -57.74 -118.71 4.56
C ASP A 3554 -58.71 -118.33 5.66
N ARG A 3555 -59.72 -117.51 5.32
CA ARG A 3555 -60.76 -117.17 6.30
C ARG A 3555 -61.57 -118.41 6.68
N SER A 3556 -61.81 -119.30 5.72
CA SER A 3556 -62.54 -120.54 5.98
C SER A 3556 -61.75 -121.45 6.93
N LEU A 3557 -60.44 -121.56 6.70
CA LEU A 3557 -59.58 -122.34 7.58
C LEU A 3557 -59.45 -121.69 8.96
N MET A 3558 -59.48 -120.36 9.03
CA MET A 3558 -59.45 -119.68 10.32
C MET A 3558 -60.69 -119.98 11.15
N LYS A 3559 -61.87 -119.82 10.56
CA LYS A 3559 -63.10 -120.13 11.29
C LYS A 3559 -63.26 -121.63 11.53
N SER A 3560 -62.72 -122.45 10.63
CA SER A 3560 -62.80 -123.90 10.79
C SER A 3560 -61.89 -124.36 11.92
N LEU A 3561 -60.72 -123.75 12.05
CA LEU A 3561 -59.85 -124.06 13.18
C LEU A 3561 -60.38 -123.48 14.47
N ASP A 3562 -61.16 -122.38 14.37
CA ASP A 3562 -61.87 -121.88 15.54
C ASP A 3562 -62.91 -122.89 16.01
N PHE A 3563 -63.66 -123.48 15.09
CA PHE A 3563 -64.64 -124.50 15.44
C PHE A 3563 -63.99 -125.81 15.89
N ILE A 3564 -62.89 -126.21 15.25
CA ILE A 3564 -62.20 -127.47 15.51
C ILE A 3564 -61.54 -127.44 16.87
N PRO A 3565 -61.15 -126.26 17.38
CA PRO A 3565 -60.66 -126.21 18.77
C PRO A 3565 -61.74 -126.54 19.77
N LYS A 3566 -62.97 -126.08 19.53
CA LYS A 3566 -64.08 -126.49 20.38
C LYS A 3566 -64.53 -127.91 20.07
N PHE A 3567 -64.43 -128.33 18.81
CA PHE A 3567 -64.87 -129.67 18.43
C PHE A 3567 -63.96 -130.75 18.98
N GLN A 3568 -62.64 -130.50 19.01
CA GLN A 3568 -61.73 -131.40 19.70
C GLN A 3568 -61.95 -131.34 21.21
N THR A 3569 -62.33 -130.18 21.71
CA THR A 3569 -62.79 -130.05 23.09
C THR A 3569 -64.18 -130.65 23.29
N LEU A 3570 -64.92 -130.91 22.22
CA LEU A 3570 -66.20 -131.58 22.28
C LEU A 3570 -66.07 -133.10 22.22
N ALA A 3571 -64.86 -133.61 22.48
CA ALA A 3571 -64.62 -135.03 22.57
C ALA A 3571 -65.35 -135.61 23.78
N GLY A 3572 -66.16 -136.64 23.56
CA GLY A 3572 -66.85 -137.31 24.64
C GLY A 3572 -68.32 -136.98 24.80
N HIS A 3573 -69.08 -136.88 23.71
CA HIS A 3573 -70.50 -136.59 23.79
C HIS A 3573 -71.35 -137.41 22.82
N GLN A 3574 -70.79 -138.43 22.17
CA GLN A 3574 -71.55 -139.15 21.14
C GLN A 3574 -72.49 -140.18 21.74
N HIS A 3575 -72.53 -140.30 23.06
CA HIS A 3575 -73.49 -141.21 23.69
C HIS A 3575 -74.91 -140.72 23.53
N ASN A 3576 -75.13 -139.40 23.54
CA ASN A 3576 -76.43 -138.86 23.17
C ASN A 3576 -76.67 -139.03 21.67
N ASP A 3577 -75.59 -139.00 20.88
CA ASP A 3577 -75.71 -139.22 19.44
C ASP A 3577 -75.89 -140.70 19.11
N LEU A 3578 -75.60 -141.58 20.07
CA LEU A 3578 -75.70 -143.04 19.95
C LEU A 3578 -74.88 -143.60 18.79
N VAL A 3580 -70.38 -142.47 22.62
CA VAL A 3580 -69.62 -141.97 23.76
C VAL A 3580 -68.22 -141.57 23.31
N PRO A 3581 -67.35 -142.55 23.11
CA PRO A 3581 -66.00 -142.24 22.63
C PRO A 3581 -65.97 -141.91 21.15
N GLU A 3582 -67.09 -142.03 20.45
CA GLU A 3582 -67.16 -141.69 19.04
C GLU A 3582 -67.04 -140.19 18.79
N VAL A 3583 -67.25 -139.35 19.80
CA VAL A 3583 -67.02 -137.92 19.61
C VAL A 3583 -65.54 -137.60 19.69
N GLN A 3584 -64.80 -138.34 20.52
CA GLN A 3584 -63.34 -138.25 20.46
C GLN A 3584 -62.80 -138.85 19.17
N LYS A 3585 -63.45 -139.90 18.67
CA LYS A 3585 -63.09 -140.45 17.37
C LYS A 3585 -63.40 -139.45 16.25
N GLY A 3586 -64.46 -138.65 16.42
CA GLY A 3586 -64.75 -137.60 15.46
C GLY A 3586 -63.78 -136.45 15.54
N VAL A 3587 -63.29 -136.15 16.74
CA VAL A 3587 -62.20 -135.19 16.92
C VAL A 3587 -60.94 -135.67 16.19
N GLY A 3588 -60.63 -136.97 16.32
CA GLY A 3588 -59.49 -137.52 15.61
C GLY A 3588 -59.67 -137.56 14.10
N LEU A 3589 -60.90 -137.85 13.64
CA LEU A 3589 -61.16 -137.87 12.20
C LEU A 3589 -61.16 -136.46 11.61
N PHE A 3590 -61.61 -135.47 12.39
CA PHE A 3590 -61.51 -134.09 11.96
C PHE A 3590 -60.05 -133.65 11.93
N ASN A 3591 -59.23 -134.16 12.87
CA ASN A 3591 -57.79 -133.91 12.82
C ASN A 3591 -57.16 -134.55 11.59
N SER A 3592 -57.64 -135.73 11.19
CA SER A 3592 -57.11 -136.38 10.00
C SER A 3592 -57.52 -135.65 8.72
N MET A 3593 -58.77 -135.20 8.65
CA MET A 3593 -59.24 -134.44 7.50
C MET A 3593 -58.51 -133.09 7.41
N LEU A 3594 -58.27 -132.47 8.57
CA LEU A 3594 -57.50 -131.23 8.59
C LEU A 3594 -56.03 -131.49 8.28
N SER A 3595 -55.53 -132.68 8.56
CA SER A 3595 -54.17 -133.04 8.17
C SER A 3595 -54.05 -133.18 6.66
N LEU A 3596 -55.06 -133.81 6.04
CA LEU A 3596 -55.11 -133.87 4.58
C LEU A 3596 -55.25 -132.48 3.98
N GLN A 3597 -56.03 -131.62 4.64
CA GLN A 3597 -56.20 -130.23 4.18
C GLN A 3597 -54.89 -129.45 4.31
N LEU A 3598 -54.15 -129.65 5.40
CA LEU A 3598 -52.90 -128.94 5.60
C LEU A 3598 -51.81 -129.45 4.66
N GLY A 3599 -51.83 -130.74 4.33
CA GLY A 3599 -50.93 -131.25 3.31
C GLY A 3599 -51.23 -130.68 1.94
N GLU A 3600 -52.51 -130.56 1.61
CA GLU A 3600 -52.89 -129.88 0.37
C GLU A 3600 -52.54 -128.38 0.43
N ARG A 3601 -52.52 -127.80 1.62
CA ARG A 3601 -52.17 -126.38 1.76
C ARG A 3601 -50.68 -126.14 1.57
N ALA A 3602 -49.86 -127.03 2.12
CA ALA A 3602 -48.42 -126.94 1.87
C ALA A 3602 -48.11 -127.25 0.41
N GLN A 3603 -48.87 -128.18 -0.20
CA GLN A 3603 -48.73 -128.43 -1.62
C GLN A 3603 -49.17 -127.22 -2.45
N LEU A 3604 -50.16 -126.48 -1.96
CA LEU A 3604 -50.57 -125.25 -2.61
C LEU A 3604 -49.51 -124.17 -2.46
N VAL A 3605 -48.83 -124.13 -1.32
CA VAL A 3605 -47.70 -123.24 -1.13
C VAL A 3605 -46.58 -123.58 -2.11
N GLU A 3606 -46.34 -124.88 -2.34
CA GLU A 3606 -45.29 -125.30 -3.28
C GLU A 3606 -45.66 -124.96 -4.72
N PHE A 3607 -46.91 -125.24 -5.10
CA PHE A 3607 -47.38 -124.89 -6.43
C PHE A 3607 -47.42 -123.37 -6.63
N THR A 3608 -47.73 -122.62 -5.58
CA THR A 3608 -47.73 -121.16 -5.67
C THR A 3608 -46.31 -120.62 -5.78
N ASN A 3609 -45.35 -121.31 -5.16
CA ASN A 3609 -43.95 -120.92 -5.33
C ASN A 3609 -43.47 -121.20 -6.74
N GLU A 3610 -43.87 -122.34 -7.31
CA GLU A 3610 -43.53 -122.66 -8.69
C GLU A 3610 -44.17 -121.67 -9.67
N LEU A 3611 -45.44 -121.32 -9.41
CA LEU A 3611 -46.14 -120.36 -10.25
C LEU A 3611 -45.58 -118.96 -10.09
N LEU A 3612 -45.11 -118.60 -8.89
CA LEU A 3612 -44.54 -117.28 -8.69
C LEU A 3612 -43.16 -117.19 -9.32
N ALA A 3613 -42.43 -118.31 -9.35
CA ALA A 3613 -41.18 -118.34 -10.10
C ALA A 3613 -41.43 -118.19 -11.59
N LEU A 3614 -42.46 -118.87 -12.10
CA LEU A 3614 -42.83 -118.71 -13.50
C LEU A 3614 -43.32 -117.30 -13.81
N LYS A 3615 -44.01 -116.67 -12.85
CA LYS A 3615 -44.48 -115.31 -13.03
C LYS A 3615 -43.31 -114.33 -13.04
N ASN A 3616 -42.32 -114.54 -12.17
CA ASN A 3616 -41.14 -113.68 -12.17
C ASN A 3616 -40.31 -113.89 -13.44
N VAL A 3617 -40.32 -115.11 -13.99
CA VAL A 3617 -39.62 -115.36 -15.23
C VAL A 3617 -40.31 -114.66 -16.39
N TYR A 3618 -41.63 -114.75 -16.47
CA TYR A 3618 -42.38 -114.05 -17.50
C TYR A 3618 -42.36 -112.54 -17.29
N SER A 3619 -42.15 -112.08 -16.06
CA SER A 3619 -42.14 -110.66 -15.77
C SER A 3619 -40.74 -110.09 -15.65
N GLU A 3620 -39.71 -110.88 -15.97
CA GLU A 3620 -38.33 -110.42 -15.91
C GLU A 3620 -37.94 -109.53 -17.10
N VAL A 3621 -38.89 -109.21 -17.99
CA VAL A 3621 -38.62 -108.34 -19.12
C VAL A 3621 -38.47 -106.89 -18.66
N TYR A 3644 -30.23 -99.97 -19.10
CA TYR A 3644 -29.12 -99.05 -19.29
C TYR A 3644 -28.88 -98.23 -18.04
N ASP A 3645 -29.77 -97.27 -17.77
CA ASP A 3645 -29.65 -96.44 -16.58
C ASP A 3645 -30.28 -97.05 -15.34
N HIS A 3646 -30.50 -98.35 -15.30
CA HIS A 3646 -30.94 -99.04 -14.09
C HIS A 3646 -29.89 -98.86 -13.00
N ASP A 3647 -30.37 -98.31 -11.87
CA ASP A 3647 -29.63 -97.92 -10.66
C ASP A 3647 -28.70 -96.73 -10.89
N PHE A 3648 -28.63 -96.23 -12.13
CA PHE A 3648 -28.03 -94.93 -12.41
C PHE A 3648 -28.97 -93.80 -12.02
N GLU A 3649 -30.23 -94.11 -11.74
CA GLU A 3649 -31.19 -93.10 -11.30
C GLU A 3649 -31.08 -92.83 -9.80
N ASN A 3650 -30.09 -93.43 -9.13
CA ASN A 3650 -29.89 -93.18 -7.71
C ASN A 3650 -29.42 -91.74 -7.48
N ARG A 3651 -28.40 -91.31 -8.23
CA ARG A 3651 -27.97 -89.92 -8.16
C ARG A 3651 -29.06 -88.98 -8.65
N ALA A 3652 -29.90 -89.44 -9.59
CA ALA A 3652 -31.04 -88.66 -10.04
C ALA A 3652 -32.05 -88.46 -8.92
N GLN A 3653 -32.30 -89.51 -8.13
CA GLN A 3653 -33.24 -89.38 -7.02
C GLN A 3653 -32.67 -88.52 -5.91
N ALA A 3654 -31.35 -88.60 -5.67
CA ALA A 3654 -30.71 -87.73 -4.70
C ALA A 3654 -30.78 -86.27 -5.13
N VAL A 3655 -30.59 -86.02 -6.42
CA VAL A 3655 -30.74 -84.67 -6.94
C VAL A 3655 -32.18 -84.23 -6.92
N SER A 3656 -33.13 -85.18 -7.02
CA SER A 3656 -34.54 -84.82 -6.90
C SER A 3656 -34.89 -84.39 -5.49
N MET A 3657 -34.32 -85.09 -4.50
CA MET A 3657 -34.46 -84.68 -3.11
C MET A 3657 -33.83 -83.31 -2.89
N LEU A 3658 -32.66 -83.08 -3.48
CA LEU A 3658 -32.02 -81.77 -3.41
C LEU A 3658 -32.84 -80.71 -4.12
N CYS A 3659 -33.57 -81.08 -5.16
CA CYS A 3659 -34.38 -80.14 -5.90
C CYS A 3659 -35.64 -79.78 -5.13
N GLN A 3660 -36.22 -80.76 -4.44
CA GLN A 3660 -37.30 -80.47 -3.51
C GLN A 3660 -36.82 -79.59 -2.37
N ILE A 3661 -35.59 -79.82 -1.92
CA ILE A 3661 -35.00 -78.98 -0.87
C ILE A 3661 -34.77 -77.57 -1.38
N TYR A 3662 -34.39 -77.45 -2.65
CA TYR A 3662 -34.21 -76.14 -3.26
C TYR A 3662 -35.53 -75.42 -3.43
N ALA A 3663 -36.58 -76.13 -3.79
CA ALA A 3663 -37.91 -75.52 -3.86
C ALA A 3663 -38.37 -75.09 -2.48
N ILE A 3664 -38.03 -75.86 -1.46
CA ILE A 3664 -38.36 -75.48 -0.09
C ILE A 3664 -37.57 -74.25 0.34
N VAL A 3665 -36.33 -74.13 -0.13
CA VAL A 3665 -35.52 -72.96 0.22
C VAL A 3665 -36.02 -71.73 -0.51
N ILE A 3666 -36.56 -71.95 -1.72
CA ILE A 3666 -37.24 -70.88 -2.45
C ILE A 3666 -38.46 -70.42 -1.69
N GLN A 3667 -39.22 -71.36 -1.13
CA GLN A 3667 -40.29 -71.03 -0.21
C GLN A 3667 -39.78 -70.39 1.08
N LYS A 3668 -38.51 -70.58 1.42
CA LYS A 3668 -37.92 -70.04 2.64
C LYS A 3668 -37.37 -68.63 2.45
N HIS A 3669 -37.92 -67.87 1.51
CA HIS A 3669 -37.47 -66.50 1.28
C HIS A 3669 -38.18 -65.57 2.25
N SER A 3670 -37.59 -64.41 2.50
CA SER A 3670 -38.18 -63.40 3.38
C SER A 3670 -37.73 -62.00 3.00
N SER A 3677 -39.85 -62.55 -3.90
CA SER A 3677 -39.52 -61.59 -4.95
C SER A 3677 -38.77 -62.28 -6.09
N PHE A 3678 -38.12 -63.39 -5.76
CA PHE A 3678 -37.37 -64.16 -6.75
C PHE A 3678 -37.65 -65.65 -6.65
N GLN A 3679 -38.52 -66.09 -5.75
CA GLN A 3679 -38.83 -67.50 -5.57
C GLN A 3679 -39.55 -68.12 -6.75
N SER A 3680 -40.19 -67.30 -7.58
CA SER A 3680 -40.96 -67.82 -8.72
C SER A 3680 -40.05 -68.45 -9.76
N ILE A 3681 -38.87 -67.86 -9.97
CA ILE A 3681 -37.83 -68.52 -10.75
C ILE A 3681 -37.36 -69.79 -10.09
N GLY A 3682 -37.31 -69.83 -8.76
CA GLY A 3682 -37.07 -71.05 -8.03
C GLY A 3682 -38.25 -71.99 -8.17
N HIS A 3683 -39.46 -71.43 -8.12
CA HIS A 3683 -40.66 -72.21 -8.37
C HIS A 3683 -40.68 -72.74 -9.80
N GLU A 3684 -40.25 -71.93 -10.75
CA GLU A 3684 -40.00 -72.42 -12.11
C GLU A 3684 -38.90 -73.47 -12.09
N LEU A 3685 -37.89 -73.25 -11.26
CA LEU A 3685 -36.89 -74.30 -11.04
C LEU A 3685 -37.52 -75.49 -10.33
N SER A 3686 -38.51 -75.24 -9.48
CA SER A 3686 -39.33 -76.33 -8.96
C SER A 3686 -40.10 -77.00 -10.08
N ARG A 3687 -40.51 -76.23 -11.09
CA ARG A 3687 -41.00 -76.81 -12.34
C ARG A 3687 -39.93 -77.66 -12.99
N PHE A 3688 -38.68 -77.17 -12.96
CA PHE A 3688 -37.55 -78.00 -13.36
C PHE A 3688 -37.39 -79.21 -12.45
N ALA A 3689 -37.75 -79.06 -11.17
CA ALA A 3689 -37.74 -80.19 -10.25
C ALA A 3689 -38.81 -81.22 -10.61
N ASP A 3690 -39.80 -80.81 -11.40
CA ASP A 3690 -40.73 -81.76 -12.02
C ASP A 3690 -39.99 -82.81 -12.83
N LEU A 3691 -38.98 -82.39 -13.61
CA LEU A 3691 -38.11 -83.34 -14.28
C LEU A 3691 -37.35 -84.19 -13.28
N LEU A 3692 -36.98 -83.58 -12.15
CA LEU A 3692 -36.42 -84.33 -11.03
C LEU A 3692 -37.45 -85.29 -10.46
N SER A 3693 -38.71 -84.87 -10.43
CA SER A 3693 -39.80 -85.80 -10.17
C SER A 3693 -39.86 -86.86 -11.25
N ASN A 3694 -39.65 -86.44 -12.52
CA ASN A 3694 -39.50 -87.41 -13.60
C ASN A 3694 -38.24 -88.24 -13.42
N LYS A 3695 -37.26 -87.73 -12.66
CA LYS A 3695 -36.06 -88.52 -12.35
C LYS A 3695 -36.32 -89.52 -11.23
N LEU A 3696 -37.58 -89.76 -10.88
CA LEU A 3696 -37.92 -90.94 -10.10
C LEU A 3696 -39.01 -91.76 -10.78
N PHE A 3697 -39.38 -91.37 -12.02
CA PHE A 3697 -40.69 -91.76 -12.55
C PHE A 3697 -40.79 -93.19 -13.04
N PRO A 3698 -39.94 -93.68 -13.95
CA PRO A 3698 -40.33 -94.87 -14.74
C PRO A 3698 -40.26 -96.19 -14.01
N SER A 3699 -39.77 -96.21 -12.77
CA SER A 3699 -39.70 -97.44 -12.01
C SER A 3699 -40.40 -97.29 -10.66
N ALA A 3707 -38.54 -98.68 -25.78
CA ALA A 3707 -39.02 -98.03 -27.00
C ALA A 3707 -38.75 -96.53 -26.95
N ASP A 3708 -39.81 -95.73 -27.01
CA ASP A 3708 -39.65 -94.29 -26.90
C ASP A 3708 -39.42 -93.86 -25.46
N LYS A 3709 -39.59 -94.78 -24.51
CA LYS A 3709 -39.18 -94.51 -23.14
C LYS A 3709 -37.68 -94.35 -23.03
N VAL A 3710 -36.92 -94.98 -23.93
CA VAL A 3710 -35.48 -94.74 -24.00
C VAL A 3710 -35.21 -93.31 -24.43
N SER A 3711 -36.04 -92.79 -25.35
CA SER A 3711 -35.95 -91.40 -25.73
C SER A 3711 -36.37 -90.50 -24.57
N SER A 3712 -37.30 -90.97 -23.75
CA SER A 3712 -37.70 -90.20 -22.56
C SER A 3712 -36.56 -90.16 -21.54
N ILE A 3713 -35.82 -91.25 -21.41
CA ILE A 3713 -34.68 -91.29 -20.51
C ILE A 3713 -33.55 -90.41 -21.02
N ARG A 3714 -33.32 -90.42 -22.34
CA ARG A 3714 -32.32 -89.55 -22.94
C ARG A 3714 -32.73 -88.08 -22.78
N ASP A 3715 -34.04 -87.81 -22.86
CA ASP A 3715 -34.52 -86.45 -22.64
C ASP A 3715 -34.38 -86.02 -21.20
N GLN A 3716 -34.57 -86.96 -20.27
CA GLN A 3716 -34.36 -86.65 -18.86
C GLN A 3716 -32.89 -86.35 -18.58
N GLN A 3717 -31.98 -87.08 -19.25
CA GLN A 3717 -30.56 -86.79 -19.10
C GLN A 3717 -30.19 -85.46 -19.75
N LYS A 3718 -30.82 -85.13 -20.87
CA LYS A 3718 -30.59 -83.85 -21.51
C LYS A 3718 -31.08 -82.70 -20.64
N GLY A 3719 -32.25 -82.88 -20.02
CA GLY A 3719 -32.72 -81.91 -19.06
C GLY A 3719 -31.86 -81.84 -17.82
N ILE A 3720 -31.22 -82.96 -17.46
CA ILE A 3720 -30.30 -82.97 -16.32
C ILE A 3720 -29.07 -82.12 -16.63
N ASN A 3721 -28.52 -82.28 -17.84
CA ASN A 3721 -27.41 -81.43 -18.26
C ASN A 3721 -27.83 -79.97 -18.36
N ASP A 3722 -29.02 -79.73 -18.92
CA ASP A 3722 -29.52 -78.37 -19.09
C ASP A 3722 -29.81 -77.71 -17.74
N LEU A 3723 -30.19 -78.50 -16.74
CA LEU A 3723 -30.43 -77.97 -15.42
C LEU A 3723 -29.15 -77.77 -14.63
N ILE A 3724 -28.15 -78.62 -14.83
CA ILE A 3724 -26.83 -78.39 -14.26
C ILE A 3724 -26.24 -77.09 -14.80
N GLU A 3725 -26.49 -76.81 -16.08
CA GLU A 3725 -26.24 -75.47 -16.61
C GLU A 3725 -27.13 -74.43 -15.95
N TYR A 3726 -28.41 -74.73 -15.77
CA TYR A 3726 -29.35 -73.78 -15.20
C TYR A 3726 -29.13 -73.58 -13.70
N CYS A 3727 -28.64 -74.59 -12.99
CA CYS A 3727 -28.22 -74.42 -11.61
C CYS A 3727 -27.08 -73.43 -11.49
N ARG A 3728 -26.12 -73.50 -12.41
CA ARG A 3728 -25.11 -72.46 -12.51
C ARG A 3728 -25.74 -71.12 -12.88
N LYS A 3729 -26.73 -71.15 -13.77
CA LYS A 3729 -27.46 -69.94 -14.12
C LYS A 3729 -28.30 -69.45 -12.96
N LYS A 3730 -28.82 -70.36 -12.13
CA LYS A 3730 -29.59 -69.96 -10.97
C LYS A 3730 -28.73 -69.30 -9.90
N ARG A 3731 -27.68 -69.99 -9.44
CA ARG A 3731 -26.86 -69.45 -8.36
C ARG A 3731 -25.90 -68.38 -8.87
N THR A 3732 -25.79 -68.21 -10.18
CA THR A 3732 -25.06 -67.08 -10.74
C THR A 3732 -25.91 -65.82 -10.68
N GLU A 3733 -27.11 -65.88 -11.25
CA GLU A 3733 -28.00 -64.73 -11.33
C GLU A 3733 -28.53 -64.29 -9.97
N LEU A 3734 -29.01 -65.23 -9.15
CA LEU A 3734 -29.32 -64.89 -7.77
C LEU A 3734 -28.01 -64.97 -7.02
N PRO A 3735 -27.86 -64.28 -5.88
CA PRO A 3735 -26.68 -64.48 -5.05
C PRO A 3735 -26.59 -65.92 -4.57
N GLU A 3736 -27.59 -66.31 -3.76
CA GLU A 3736 -27.93 -67.69 -3.42
C GLU A 3736 -26.72 -68.50 -2.94
N LEU A 3737 -26.04 -67.99 -1.92
CA LEU A 3737 -24.70 -68.45 -1.58
C LEU A 3737 -24.67 -69.86 -1.01
N SER A 3738 -25.51 -70.15 -0.01
CA SER A 3738 -25.64 -71.52 0.46
C SER A 3738 -26.20 -72.41 -0.64
N TYR A 3739 -27.12 -71.86 -1.44
CA TYR A 3739 -27.58 -72.54 -2.64
C TYR A 3739 -26.48 -72.64 -3.69
N CYS A 3740 -25.50 -71.73 -3.69
CA CYS A 3740 -24.39 -71.87 -4.63
C CYS A 3740 -23.48 -73.02 -4.22
N PHE A 3741 -23.23 -73.17 -2.91
CA PHE A 3741 -22.53 -74.36 -2.44
C PHE A 3741 -23.34 -75.62 -2.71
N LYS A 3742 -24.67 -75.51 -2.62
CA LYS A 3742 -25.56 -76.63 -2.93
C LYS A 3742 -25.45 -77.04 -4.39
N HIS A 3743 -25.52 -76.08 -5.30
CA HIS A 3743 -25.39 -76.37 -6.72
C HIS A 3743 -23.98 -76.81 -7.08
N LEU A 3744 -22.98 -76.36 -6.34
CA LEU A 3744 -21.62 -76.84 -6.52
C LEU A 3744 -21.51 -78.32 -6.19
N VAL A 3745 -22.03 -78.71 -5.02
CA VAL A 3745 -22.04 -80.12 -4.65
C VAL A 3745 -22.96 -80.93 -5.56
N SER A 3746 -23.98 -80.28 -6.13
CA SER A 3746 -24.90 -80.96 -7.04
C SER A 3746 -24.22 -81.28 -8.36
N LEU A 3747 -23.55 -80.29 -8.96
CA LEU A 3747 -22.80 -80.53 -10.18
C LEU A 3747 -21.61 -81.44 -9.95
N GLN A 3748 -21.10 -81.48 -8.71
CA GLN A 3748 -20.13 -82.50 -8.35
C GLN A 3748 -20.75 -83.89 -8.38
N SER A 3749 -21.89 -84.07 -7.71
CA SER A 3749 -22.55 -85.36 -7.62
C SER A 3749 -23.36 -85.70 -8.86
N LEU A 3750 -23.26 -84.90 -9.92
CA LEU A 3750 -23.87 -85.20 -11.21
C LEU A 3750 -23.38 -86.55 -11.75
N LYS A 3751 -22.13 -86.89 -11.48
CA LYS A 3751 -21.62 -88.22 -11.81
C LYS A 3751 -21.95 -89.20 -10.69
N ASP A 3763 -22.11 -118.21 -33.10
CA ASP A 3763 -21.69 -117.91 -31.74
C ASP A 3763 -22.65 -118.51 -30.72
N GLU A 3764 -23.23 -117.65 -29.88
CA GLU A 3764 -24.18 -118.08 -28.85
C GLU A 3764 -25.62 -118.04 -29.32
N PHE A 3765 -25.87 -118.24 -30.63
CA PHE A 3765 -27.21 -118.06 -31.16
C PHE A 3765 -27.92 -119.39 -31.37
N LEU A 3766 -27.29 -120.31 -32.12
CA LEU A 3766 -27.89 -121.63 -32.33
C LEU A 3766 -27.91 -122.45 -31.04
N ASN A 3767 -26.91 -122.22 -30.17
CA ASN A 3767 -26.93 -122.82 -28.84
C ASN A 3767 -28.08 -122.27 -28.02
N LEU A 3768 -28.38 -120.97 -28.19
CA LEU A 3768 -29.54 -120.40 -27.50
C LEU A 3768 -30.85 -120.89 -28.10
N MET A 3769 -30.86 -121.25 -29.39
CA MET A 3769 -32.08 -121.80 -29.99
C MET A 3769 -32.33 -123.22 -29.50
N ASN A 3770 -31.25 -124.01 -29.38
CA ASN A 3770 -31.37 -125.33 -28.76
C ASN A 3770 -31.73 -125.23 -27.29
N PHE A 3771 -31.24 -124.17 -26.63
CA PHE A 3771 -31.62 -123.94 -25.23
C PHE A 3771 -33.07 -123.49 -25.13
N VAL A 3772 -33.58 -122.82 -26.16
CA VAL A 3772 -34.99 -122.45 -26.21
C VAL A 3772 -35.84 -123.70 -26.39
N LEU A 3773 -35.38 -124.61 -27.25
CA LEU A 3773 -36.06 -125.90 -27.40
C LEU A 3773 -36.01 -126.73 -26.11
N ASN A 3774 -34.92 -126.64 -25.36
CA ASN A 3774 -34.81 -127.41 -24.12
C ASN A 3774 -35.61 -126.78 -22.99
N LEU A 3775 -35.71 -125.44 -22.99
CA LEU A 3775 -36.57 -124.78 -22.03
C LEU A 3775 -38.04 -125.01 -22.37
N PHE A 3776 -38.33 -125.18 -23.66
CA PHE A 3776 -39.67 -125.61 -24.08
C PHE A 3776 -39.93 -127.04 -23.63
N ASP A 3777 -38.88 -127.87 -23.62
CA ASP A 3777 -39.02 -129.23 -23.11
C ASP A 3777 -39.24 -129.25 -21.60
N SER A 3778 -38.54 -128.38 -20.86
CA SER A 3778 -38.71 -128.33 -19.42
C SER A 3778 -40.05 -127.70 -19.04
N LEU A 3779 -40.50 -126.71 -19.82
CA LEU A 3779 -41.83 -126.15 -19.64
C LEU A 3779 -42.90 -127.14 -20.04
N LEU A 3780 -42.61 -127.99 -21.04
CA LEU A 3780 -43.53 -129.05 -21.40
C LEU A 3780 -43.59 -130.12 -20.32
N SER A 3781 -42.48 -130.32 -19.61
CA SER A 3781 -42.50 -131.20 -18.45
C SER A 3781 -43.36 -130.64 -17.33
N SER A 3782 -43.21 -129.34 -17.05
CA SER A 3782 -44.08 -128.63 -16.11
C SER A 3782 -45.56 -128.78 -16.49
N ILE A 3783 -45.87 -128.47 -17.75
CA ILE A 3783 -47.25 -128.46 -18.23
C ILE A 3783 -47.82 -129.86 -18.28
N GLU A 3784 -46.99 -130.84 -18.63
CA GLU A 3784 -47.46 -132.22 -18.71
C GLU A 3784 -47.72 -132.78 -17.31
N THR A 3785 -46.87 -132.42 -16.34
CA THR A 3785 -47.11 -132.84 -14.95
C THR A 3785 -48.40 -132.23 -14.42
N ALA A 3786 -48.54 -130.91 -14.54
CA ALA A 3786 -49.74 -130.23 -14.09
C ALA A 3786 -50.99 -130.71 -14.82
N THR A 3787 -50.91 -130.87 -16.15
CA THR A 3787 -52.09 -131.18 -16.94
C THR A 3787 -52.50 -132.63 -16.78
N LYS A 3788 -51.54 -133.55 -16.70
CA LYS A 3788 -51.87 -134.95 -16.53
C LYS A 3788 -52.41 -135.21 -15.12
N ASN A 3789 -51.81 -134.59 -14.10
CA ASN A 3789 -52.32 -134.78 -12.76
C ASN A 3789 -53.67 -134.07 -12.57
N MET A 3790 -53.87 -132.96 -13.30
CA MET A 3790 -55.16 -132.30 -13.28
C MET A 3790 -56.23 -133.09 -14.01
N ARG A 3791 -55.89 -133.77 -15.11
CA ARG A 3791 -56.85 -134.63 -15.77
C ARG A 3791 -57.17 -135.86 -14.94
N THR A 3792 -56.18 -136.34 -14.18
CA THR A 3792 -56.43 -137.45 -13.25
C THR A 3792 -57.33 -137.03 -12.10
N PHE A 3793 -57.19 -135.79 -11.63
CA PHE A 3793 -58.08 -135.31 -10.57
C PHE A 3793 -59.36 -134.71 -11.13
N LYS A 3794 -59.50 -134.63 -12.45
CA LYS A 3794 -60.68 -134.00 -13.03
C LYS A 3794 -61.62 -135.04 -13.65
N GLU A 3795 -61.12 -135.82 -14.61
CA GLU A 3795 -61.99 -136.75 -15.32
C GLU A 3795 -62.17 -138.04 -14.53
N LEU A 3796 -61.08 -138.58 -14.00
CA LEU A 3796 -61.10 -139.77 -13.17
C LEU A 3796 -61.12 -139.45 -11.67
N ALA A 3797 -61.78 -138.36 -11.29
CA ALA A 3797 -61.91 -138.01 -9.88
C ALA A 3797 -62.80 -139.00 -9.15
N GLU A 3798 -63.72 -139.64 -9.89
CA GLU A 3798 -64.65 -140.61 -9.34
C GLU A 3798 -63.96 -141.84 -8.76
N THR A 3799 -62.79 -142.21 -9.30
CA THR A 3799 -62.03 -143.33 -8.75
C THR A 3799 -61.16 -142.84 -7.58
N SER A 3800 -61.84 -142.47 -6.51
CA SER A 3800 -61.21 -141.94 -5.30
C SER A 3800 -62.22 -142.03 -4.16
N SER A 3801 -61.71 -142.20 -2.95
CA SER A 3801 -62.48 -141.93 -1.74
C SER A 3801 -61.67 -140.85 -1.02
N PHE A 3802 -61.87 -139.60 -1.46
CA PHE A 3802 -61.17 -138.40 -0.98
C PHE A 3802 -59.65 -138.49 -1.03
N ILE A 3803 -59.11 -139.36 -1.88
CA ILE A 3803 -57.68 -139.67 -1.82
C ILE A 3803 -57.02 -139.49 -3.18
N GLU A 3804 -57.51 -140.21 -4.19
CA GLU A 3804 -56.82 -140.26 -5.47
C GLU A 3804 -57.01 -138.97 -6.25
N MET A 3805 -58.19 -138.36 -6.13
CA MET A 3805 -58.36 -137.00 -6.58
C MET A 3805 -57.43 -136.05 -5.83
N SER A 3806 -57.30 -136.24 -4.51
CA SER A 3806 -56.40 -135.41 -3.71
C SER A 3806 -54.94 -135.71 -4.02
N SER A 3807 -54.63 -136.98 -4.34
CA SER A 3807 -53.27 -137.34 -4.71
C SER A 3807 -52.88 -136.74 -6.05
N CYS A 3808 -53.78 -136.80 -7.03
CA CYS A 3808 -53.52 -136.16 -8.31
C CYS A 3808 -53.50 -134.64 -8.18
N PHE A 3809 -54.24 -134.10 -7.20
CA PHE A 3809 -54.20 -132.66 -6.95
C PHE A 3809 -52.87 -132.23 -6.36
N SER A 3810 -52.31 -133.02 -5.45
CA SER A 3810 -50.98 -132.69 -4.92
C SER A 3810 -49.91 -132.96 -5.96
N LYS A 3811 -50.14 -133.91 -6.87
CA LYS A 3811 -49.22 -134.13 -7.97
C LYS A 3811 -49.25 -132.99 -8.97
N VAL A 3812 -50.42 -132.38 -9.17
CA VAL A 3812 -50.49 -131.17 -9.97
C VAL A 3812 -49.89 -130.00 -9.20
N LEU A 3813 -49.95 -130.06 -7.88
CA LEU A 3813 -49.23 -129.10 -7.06
C LEU A 3813 -47.74 -129.36 -7.08
N ARG A 3814 -47.33 -130.55 -7.51
CA ARG A 3814 -45.94 -130.88 -7.78
C ARG A 3814 -45.58 -130.70 -9.24
N ALA A 3815 -46.20 -129.73 -9.93
CA ALA A 3815 -45.88 -129.43 -11.32
C ALA A 3815 -44.42 -128.98 -11.45
N PHE A 3816 -43.77 -129.47 -12.50
CA PHE A 3816 -42.32 -129.29 -12.61
C PHE A 3816 -41.98 -127.94 -13.22
N ASN A 3817 -42.54 -126.87 -12.68
CA ASN A 3817 -42.21 -125.52 -13.11
C ASN A 3817 -40.82 -125.12 -12.66
N LEU A 3818 -40.28 -125.76 -11.62
CA LEU A 3818 -38.92 -125.49 -11.19
C LEU A 3818 -37.90 -126.04 -12.17
N LYS A 3819 -38.27 -127.05 -12.97
CA LYS A 3819 -37.39 -127.50 -14.04
C LYS A 3819 -37.51 -126.60 -15.26
N PHE A 3820 -38.74 -126.18 -15.56
CA PHE A 3820 -38.98 -125.08 -16.48
C PHE A 3820 -38.18 -123.84 -16.07
N GLN A 3821 -38.21 -123.50 -14.78
CA GLN A 3821 -37.46 -122.36 -14.29
C GLN A 3821 -35.95 -122.64 -14.31
N SER A 3822 -35.55 -123.90 -14.20
CA SER A 3822 -34.14 -124.24 -14.26
C SER A 3822 -33.59 -124.02 -15.67
N MET A 3823 -34.26 -124.56 -16.68
CA MET A 3823 -33.84 -124.34 -18.06
C MET A 3823 -34.02 -122.89 -18.47
N LYS A 3824 -35.02 -122.20 -17.90
CA LYS A 3824 -35.23 -120.80 -18.22
C LYS A 3824 -34.14 -119.92 -17.62
N LEU A 3825 -33.74 -120.19 -16.38
CA LEU A 3825 -32.65 -119.43 -15.77
C LEU A 3825 -31.32 -119.77 -16.40
N SER A 3826 -31.19 -121.00 -16.96
CA SER A 3826 -30.03 -121.34 -17.76
C SER A 3826 -29.94 -120.46 -19.01
N SER A 3827 -31.04 -120.38 -19.76
CA SER A 3827 -31.05 -119.51 -20.94
C SER A 3827 -30.99 -118.03 -20.55
N LEU A 3828 -31.43 -117.69 -19.34
CA LEU A 3828 -31.39 -116.31 -18.88
C LEU A 3828 -29.98 -115.88 -18.52
N LYS A 3829 -29.26 -116.73 -17.79
CA LYS A 3829 -27.86 -116.48 -17.52
C LYS A 3829 -27.03 -116.57 -18.79
N GLU A 3830 -27.50 -117.35 -19.77
CA GLU A 3830 -26.88 -117.36 -21.09
C GLU A 3830 -27.01 -116.02 -21.79
N LYS A 3831 -28.24 -115.54 -21.96
CA LYS A 3831 -28.51 -114.29 -22.67
C LYS A 3831 -28.08 -113.06 -21.89
N LEU A 3832 -27.83 -113.21 -20.58
CA LEU A 3832 -27.48 -112.06 -19.75
C LEU A 3832 -26.09 -111.53 -20.07
N ARG A 3833 -25.09 -112.41 -20.04
CA ARG A 3833 -23.73 -111.98 -20.37
C ARG A 3833 -23.52 -111.94 -21.88
N SER A 3834 -24.49 -112.41 -22.65
CA SER A 3834 -24.36 -112.53 -24.11
C SER A 3834 -24.36 -111.16 -24.78
N SER A 3835 -23.90 -111.13 -26.02
CA SER A 3835 -23.80 -109.88 -26.76
C SER A 3835 -25.13 -109.54 -27.41
N SER A 3836 -25.32 -108.25 -27.69
CA SER A 3836 -26.58 -107.76 -28.21
C SER A 3836 -26.56 -107.78 -29.73
N VAL A 3837 -27.09 -108.85 -30.30
CA VAL A 3837 -27.43 -108.91 -31.72
C VAL A 3837 -28.89 -108.52 -31.84
N ASP A 3838 -29.15 -107.30 -32.31
CA ASP A 3838 -30.49 -106.75 -32.27
C ASP A 3838 -31.42 -107.40 -33.30
N LYS A 3839 -30.86 -108.20 -34.20
CA LYS A 3839 -31.68 -108.97 -35.13
C LYS A 3839 -32.33 -110.17 -34.44
N MET A 3840 -31.99 -110.42 -33.18
CA MET A 3840 -32.58 -111.49 -32.41
C MET A 3840 -33.00 -111.09 -31.00
N SER A 3841 -32.45 -109.99 -30.46
CA SER A 3841 -32.39 -109.87 -29.01
C SER A 3841 -33.69 -109.39 -28.38
N CYS A 3842 -34.07 -108.13 -28.62
CA CYS A 3842 -34.97 -107.44 -27.70
C CYS A 3842 -36.43 -107.84 -27.86
N GLN A 3843 -36.94 -107.83 -29.09
CA GLN A 3843 -38.34 -108.16 -29.31
C GLN A 3843 -38.62 -109.63 -29.03
N LEU A 3844 -37.67 -110.50 -29.37
CA LEU A 3844 -37.84 -111.92 -29.09
C LEU A 3844 -37.69 -112.20 -27.60
N LEU A 3845 -36.90 -111.40 -26.89
CA LEU A 3845 -36.83 -111.51 -25.44
C LEU A 3845 -38.15 -111.12 -24.80
N MET A 3846 -38.75 -110.02 -25.28
CA MET A 3846 -40.06 -109.61 -24.81
C MET A 3846 -41.14 -110.66 -25.14
N LEU A 3847 -41.00 -111.32 -26.30
CA LEU A 3847 -41.93 -112.37 -26.68
C LEU A 3847 -41.75 -113.65 -25.88
N PHE A 3848 -40.51 -113.99 -25.48
CA PHE A 3848 -40.25 -115.13 -24.62
C PHE A 3848 -40.78 -114.87 -23.22
N LEU A 3849 -40.68 -113.63 -22.74
CA LEU A 3849 -41.47 -113.24 -21.58
C LEU A 3849 -42.97 -113.37 -21.83
N PRO A 3850 -43.49 -113.05 -23.01
CA PRO A 3850 -44.95 -113.14 -23.22
C PRO A 3850 -45.43 -114.53 -23.57
N VAL A 3851 -44.58 -115.37 -24.17
CA VAL A 3851 -44.93 -116.77 -24.34
C VAL A 3851 -44.98 -117.47 -22.98
N CYS A 3852 -44.05 -117.14 -22.08
CA CYS A 3852 -44.11 -117.60 -20.71
C CYS A 3852 -45.35 -117.04 -20.01
N GLU A 3853 -45.76 -115.82 -20.38
CA GLU A 3853 -46.97 -115.25 -19.81
C GLU A 3853 -48.22 -116.00 -20.30
N GLN A 3854 -48.24 -116.43 -21.56
CA GLN A 3854 -49.41 -117.16 -22.07
C GLN A 3854 -49.49 -118.57 -21.49
N PHE A 3855 -48.34 -119.21 -21.33
CA PHE A 3855 -48.28 -120.49 -20.62
C PHE A 3855 -48.72 -120.32 -19.18
N ILE A 3856 -48.30 -119.24 -18.53
CA ILE A 3856 -48.70 -118.96 -17.16
C ILE A 3856 -50.18 -118.58 -17.10
N ASN A 3857 -50.73 -118.11 -18.21
CA ASN A 3857 -52.15 -117.76 -18.26
C ASN A 3857 -53.02 -119.01 -18.28
N LEU A 3858 -52.67 -119.97 -19.14
CA LEU A 3858 -53.36 -121.27 -19.10
C LEU A 3858 -53.13 -121.99 -17.77
N ALA A 3859 -51.93 -121.86 -17.21
CA ALA A 3859 -51.63 -122.40 -15.89
C ALA A 3859 -52.49 -121.74 -14.83
N GLU A 3860 -52.70 -120.44 -14.93
CA GLU A 3860 -53.50 -119.73 -13.95
C GLU A 3860 -54.98 -120.06 -14.10
N SER A 3861 -55.41 -120.39 -15.32
CA SER A 3861 -56.77 -120.92 -15.53
C SER A 3861 -56.97 -122.20 -14.74
N VAL A 3862 -56.10 -123.19 -14.99
CA VAL A 3862 -56.20 -124.45 -14.26
C VAL A 3862 -55.97 -124.27 -12.76
N LEU A 3863 -55.12 -123.31 -12.40
CA LEU A 3863 -54.81 -123.08 -10.99
C LEU A 3863 -55.96 -122.41 -10.26
N ASP A 3864 -56.66 -121.50 -10.92
CA ASP A 3864 -57.83 -120.88 -10.32
C ASP A 3864 -58.97 -121.88 -10.22
N TYR A 3865 -59.07 -122.80 -11.18
CA TYR A 3865 -60.03 -123.90 -11.07
C TYR A 3865 -59.73 -124.77 -9.86
N PHE A 3866 -58.46 -125.16 -9.69
CA PHE A 3866 -58.07 -125.98 -8.56
C PHE A 3866 -58.20 -125.25 -7.22
N ILE A 3867 -57.89 -123.95 -7.19
CA ILE A 3867 -57.97 -123.19 -5.94
C ILE A 3867 -59.43 -122.96 -5.56
N ASN A 3868 -60.29 -122.78 -6.58
CA ASN A 3868 -61.73 -122.71 -6.33
C ASN A 3868 -62.26 -124.01 -5.77
N VAL A 3869 -61.83 -125.15 -6.34
CA VAL A 3869 -62.26 -126.45 -5.85
C VAL A 3869 -61.74 -126.70 -4.44
N HIS A 3870 -60.52 -126.25 -4.15
CA HIS A 3870 -59.92 -126.48 -2.85
C HIS A 3870 -60.56 -125.62 -1.77
N ASN A 3871 -60.80 -124.34 -2.08
CA ASN A 3871 -61.49 -123.46 -1.15
C ASN A 3871 -62.92 -123.92 -0.90
N SER A 3872 -63.59 -124.38 -1.96
CA SER A 3872 -64.95 -124.90 -1.82
C SER A 3872 -64.98 -126.17 -0.98
N ASN A 3873 -63.97 -127.03 -1.17
CA ASN A 3873 -63.90 -128.27 -0.39
C ASN A 3873 -63.62 -127.97 1.07
N LEU A 3874 -62.73 -127.01 1.35
CA LEU A 3874 -62.43 -126.63 2.73
C LEU A 3874 -63.64 -126.02 3.43
N ASP A 3875 -64.34 -125.12 2.72
CA ASP A 3875 -65.52 -124.48 3.29
C ASP A 3875 -66.68 -125.45 3.47
N SER A 3876 -66.90 -126.35 2.51
CA SER A 3876 -68.00 -127.29 2.64
C SER A 3876 -67.68 -128.35 3.68
N LEU A 3877 -66.40 -128.68 3.86
CA LEU A 3877 -65.97 -129.53 4.95
C LEU A 3877 -66.20 -128.85 6.30
N SER A 3878 -65.93 -127.55 6.41
CA SER A 3878 -66.21 -126.83 7.65
C SER A 3878 -67.71 -126.77 7.94
N LYS A 3879 -68.53 -126.58 6.90
CA LYS A 3879 -69.97 -126.53 7.10
C LYS A 3879 -70.54 -127.90 7.47
N ILE A 3880 -70.02 -128.96 6.84
CA ILE A 3880 -70.44 -130.31 7.19
C ILE A 3880 -69.97 -130.69 8.58
N SER A 3881 -68.82 -130.17 9.00
CA SER A 3881 -68.35 -130.42 10.36
C SER A 3881 -69.20 -129.68 11.39
N THR A 3882 -69.67 -128.47 11.04
CA THR A 3882 -70.60 -127.76 11.91
C THR A 3882 -71.93 -128.48 12.02
N LEU A 3883 -72.43 -129.01 10.91
CA LEU A 3883 -73.66 -129.80 10.93
C LEU A 3883 -73.49 -131.09 11.72
N PHE A 3884 -72.31 -131.72 11.60
CA PHE A 3884 -72.05 -132.95 12.33
C PHE A 3884 -71.88 -132.69 13.82
N PHE A 3885 -71.32 -131.53 14.19
CA PHE A 3885 -71.23 -131.17 15.59
C PHE A 3885 -72.60 -130.81 16.15
N MET A 3886 -73.47 -130.23 15.33
CA MET A 3886 -74.85 -130.01 15.75
C MET A 3886 -75.59 -131.34 15.94
N VAL A 3887 -75.30 -132.32 15.08
CA VAL A 3887 -75.90 -133.65 15.23
C VAL A 3887 -75.33 -134.35 16.45
N ALA A 3888 -74.07 -134.07 16.78
CA ALA A 3888 -73.46 -134.61 17.98
C ALA A 3888 -74.05 -133.99 19.24
N ASN A 3889 -74.34 -132.70 19.22
CA ASN A 3889 -75.07 -132.09 20.32
C ASN A 3889 -76.50 -132.56 20.36
N ASN A 3890 -77.13 -132.71 19.19
CA ASN A 3890 -78.50 -133.19 19.11
C ASN A 3890 -78.78 -133.85 17.76
N PRO A 4499 16.18 55.70 -21.01
CA PRO A 4499 15.04 56.53 -20.64
C PRO A 4499 15.22 57.00 -19.22
N SER A 4500 14.25 57.75 -18.73
CA SER A 4500 14.26 58.33 -17.39
C SER A 4500 12.84 58.68 -16.94
N LYS A 4501 12.68 58.90 -15.62
CA LYS A 4501 11.38 59.26 -15.02
C LYS A 4501 10.67 60.46 -15.66
N ARG A 4502 9.41 60.25 -16.02
CA ARG A 4502 8.51 61.22 -16.65
C ARG A 4502 7.06 61.18 -16.12
N THR A 4503 6.82 61.20 -14.82
CA THR A 4503 5.44 61.07 -14.35
C THR A 4503 4.46 62.16 -14.88
N TYR A 4504 3.36 61.72 -15.47
CA TYR A 4504 2.32 62.61 -15.99
C TYR A 4504 1.06 61.81 -16.32
N GLN A 4505 -0.06 62.47 -16.58
CA GLN A 4505 -1.24 61.73 -17.07
C GLN A 4505 -1.88 62.43 -18.25
N VAL A 4506 -2.50 61.63 -19.15
CA VAL A 4506 -3.07 62.21 -20.37
C VAL A 4506 -4.54 61.95 -20.66
N MET A 4507 -5.22 63.01 -21.02
CA MET A 4507 -6.58 62.90 -21.51
C MET A 4507 -6.57 63.08 -23.00
N ILE A 4508 -7.23 62.20 -23.74
CA ILE A 4508 -7.33 62.38 -25.16
C ILE A 4508 -8.77 62.65 -25.55
N SER A 4509 -9.00 63.80 -26.14
CA SER A 4509 -10.33 64.25 -26.52
C SER A 4509 -10.53 64.14 -28.03
N ILE A 4510 -11.48 63.33 -28.46
CA ILE A 4510 -11.68 63.15 -29.90
C ILE A 4510 -13.00 63.71 -30.38
N ASP A 4511 -12.88 64.54 -31.39
CA ASP A 4511 -13.94 65.22 -32.11
C ASP A 4511 -15.05 64.30 -32.59
N ASP A 4512 -16.27 64.71 -32.30
CA ASP A 4512 -17.49 64.02 -32.67
C ASP A 4512 -18.46 65.01 -33.30
N SER A 4513 -17.92 65.95 -34.10
CA SER A 4513 -18.71 66.94 -34.87
C SER A 4513 -18.99 66.41 -36.26
N LYS A 4514 -19.77 67.15 -37.02
CA LYS A 4514 -20.16 66.85 -38.38
C LYS A 4514 -19.01 66.58 -39.33
N SER A 4515 -17.82 67.11 -39.08
CA SER A 4515 -16.75 66.88 -40.03
C SER A 4515 -16.23 65.44 -39.91
N MET A 4516 -16.60 64.81 -38.82
CA MET A 4516 -16.14 63.48 -38.54
C MET A 4516 -17.09 62.50 -39.19
N SER A 4517 -18.09 63.03 -39.91
CA SER A 4517 -19.04 62.20 -40.59
C SER A 4517 -18.37 61.44 -41.72
N GLU A 4518 -17.22 61.92 -42.24
CA GLU A 4518 -16.65 61.06 -43.26
C GLU A 4518 -16.01 59.92 -42.51
N SER A 4519 -16.12 58.70 -43.03
CA SER A 4519 -15.55 57.55 -42.36
C SER A 4519 -14.06 57.64 -42.18
N GLY A 4520 -13.38 58.30 -43.09
CA GLY A 4520 -11.94 58.41 -42.97
C GLY A 4520 -11.53 59.13 -41.69
N SER A 4521 -12.32 60.12 -41.27
CA SER A 4521 -11.99 60.92 -40.11
C SER A 4521 -12.24 60.17 -38.83
N THR A 4522 -13.42 59.58 -38.73
CA THR A 4522 -13.72 58.85 -37.50
C THR A 4522 -12.87 57.61 -37.36
N VAL A 4523 -12.73 56.84 -38.43
CA VAL A 4523 -11.98 55.62 -38.32
C VAL A 4523 -10.56 55.88 -37.99
N LEU A 4524 -9.89 56.76 -38.70
CA LEU A 4524 -8.51 56.94 -38.37
C LEU A 4524 -8.33 57.53 -36.99
N ALA A 4525 -9.15 58.51 -36.59
CA ALA A 4525 -8.96 59.11 -35.28
C ALA A 4525 -9.19 58.15 -34.13
N LEU A 4526 -10.26 57.36 -34.20
CA LEU A 4526 -10.54 56.48 -33.09
C LEU A 4526 -9.71 55.24 -33.18
N GLU A 4527 -9.53 54.69 -34.38
CA GLU A 4527 -8.75 53.50 -34.46
C GLU A 4527 -7.35 53.82 -34.10
N THR A 4528 -6.81 54.97 -34.48
CA THR A 4528 -5.46 55.27 -34.09
C THR A 4528 -5.37 55.39 -32.61
N LEU A 4529 -6.32 56.03 -31.96
CA LEU A 4529 -6.20 56.07 -30.52
C LEU A 4529 -6.10 54.64 -30.03
N ALA A 4530 -6.97 53.79 -30.53
CA ALA A 4530 -6.95 52.40 -30.17
C ALA A 4530 -5.63 51.72 -30.58
N LEU A 4531 -5.04 52.08 -31.72
CA LEU A 4531 -3.81 51.43 -32.17
C LEU A 4531 -2.72 51.74 -31.22
N VAL A 4532 -2.72 52.99 -30.79
CA VAL A 4532 -1.73 53.45 -29.88
C VAL A 4532 -1.93 52.75 -28.59
N THR A 4533 -3.12 52.82 -28.07
CA THR A 4533 -3.39 52.25 -26.79
C THR A 4533 -3.04 50.77 -26.77
N LYS A 4534 -3.46 50.03 -27.81
CA LYS A 4534 -3.17 48.61 -27.93
C LYS A 4534 -1.68 48.31 -28.05
N ALA A 4535 -0.97 49.07 -28.88
CA ALA A 4535 0.46 48.88 -29.10
C ALA A 4535 1.32 49.51 -28.00
N LEU A 4536 0.72 50.37 -27.21
CA LEU A 4536 1.41 51.12 -26.19
C LEU A 4536 1.63 50.43 -24.88
N SER A 4537 2.84 50.60 -24.40
CA SER A 4537 3.21 50.16 -23.08
C SER A 4537 2.62 51.20 -22.18
N LEU A 4538 1.33 51.13 -21.96
CA LEU A 4538 0.66 52.15 -21.19
C LEU A 4538 0.92 51.87 -19.74
N LEU A 4539 2.13 52.25 -19.36
CA LEU A 4539 2.76 52.02 -18.08
C LEU A 4539 2.39 53.02 -17.04
N GLU A 4540 2.82 52.73 -15.82
CA GLU A 4540 2.63 53.51 -14.60
C GLU A 4540 3.07 54.96 -14.69
N VAL A 4541 3.83 55.29 -15.71
CA VAL A 4541 4.33 56.61 -15.96
C VAL A 4541 3.14 57.55 -16.13
N GLY A 4542 2.11 57.06 -16.82
CA GLY A 4542 0.89 57.82 -17.07
C GLY A 4542 -0.11 57.02 -17.89
N GLN A 4543 -1.39 57.21 -17.58
CA GLN A 4543 -2.48 56.53 -18.27
C GLN A 4543 -3.24 57.45 -19.18
N ILE A 4544 -4.18 56.87 -19.93
CA ILE A 4544 -4.99 57.63 -20.85
C ILE A 4544 -6.46 57.60 -20.51
N ALA A 4545 -7.06 58.78 -20.38
CA ALA A 4545 -8.50 58.91 -20.20
C ALA A 4545 -9.00 59.31 -21.56
N VAL A 4546 -10.23 58.95 -21.94
CA VAL A 4546 -10.67 59.38 -23.26
C VAL A 4546 -12.06 60.00 -23.24
N MET A 4547 -12.20 61.11 -23.93
CA MET A 4547 -13.46 61.82 -24.05
C MET A 4547 -13.82 61.99 -25.53
N LYS A 4548 -15.09 61.95 -25.83
CA LYS A 4548 -15.65 62.20 -27.14
C LYS A 4548 -16.34 63.55 -27.17
N PHE A 4549 -16.22 64.34 -28.22
CA PHE A 4549 -17.04 65.54 -28.11
C PHE A 4549 -17.50 66.15 -29.39
N GLY A 4550 -18.77 66.49 -29.35
CA GLY A 4550 -19.47 67.12 -30.45
C GLY A 4550 -20.07 68.38 -29.92
N GLU A 4551 -21.39 68.46 -30.03
CA GLU A 4551 -22.19 69.58 -29.61
C GLU A 4551 -22.11 69.69 -28.11
N GLN A 4552 -21.71 68.57 -27.50
CA GLN A 4552 -21.45 68.35 -26.09
C GLN A 4552 -20.41 67.25 -25.95
N PRO A 4553 -19.56 67.30 -24.92
CA PRO A 4553 -18.64 66.26 -24.53
C PRO A 4553 -19.31 65.08 -23.86
N GLU A 4554 -18.70 63.92 -24.02
CA GLU A 4554 -19.03 62.68 -23.36
C GLU A 4554 -17.77 61.99 -22.87
N LEU A 4555 -17.72 61.62 -21.61
CA LEU A 4555 -16.53 60.90 -21.19
C LEU A 4555 -16.70 59.50 -21.69
N LEU A 4556 -15.70 58.95 -22.35
CA LEU A 4556 -15.85 57.59 -22.79
C LEU A 4556 -15.37 56.74 -21.66
N HIS A 4557 -14.19 57.09 -21.15
CA HIS A 4557 -13.75 56.37 -19.97
C HIS A 4557 -12.66 57.13 -19.18
N PRO A 4558 -12.60 56.93 -17.85
CA PRO A 4558 -11.55 57.33 -16.93
C PRO A 4558 -10.22 56.69 -17.25
N PHE A 4559 -9.15 57.34 -16.83
CA PHE A 4559 -7.77 56.90 -16.99
C PHE A 4559 -7.56 55.40 -16.80
N ASP A 4560 -8.02 54.87 -15.67
CA ASP A 4560 -7.81 53.49 -15.31
C ASP A 4560 -9.02 52.60 -15.59
N LYS A 4561 -9.98 53.10 -16.35
CA LYS A 4561 -11.16 52.30 -16.58
C LYS A 4561 -10.92 51.23 -17.61
N GLN A 4562 -10.48 51.60 -18.79
CA GLN A 4562 -10.20 50.60 -19.79
C GLN A 4562 -8.76 50.26 -19.61
N PHE A 4563 -8.58 49.61 -18.49
CA PHE A 4563 -7.33 49.21 -17.90
C PHE A 4563 -6.70 48.20 -18.84
N SER A 4564 -7.54 47.27 -19.30
CA SER A 4564 -7.15 46.24 -20.24
C SER A 4564 -7.36 46.72 -21.65
N SER A 4565 -6.41 46.41 -22.52
CA SER A 4565 -6.54 46.76 -23.92
C SER A 4565 -7.74 46.09 -24.54
N GLU A 4566 -8.16 44.96 -23.94
CA GLU A 4566 -9.31 44.21 -24.41
C GLU A 4566 -10.56 45.03 -24.19
N SER A 4567 -10.60 45.81 -23.12
CA SER A 4567 -11.77 46.61 -22.91
C SER A 4567 -11.83 47.52 -24.09
N GLY A 4568 -10.69 48.08 -24.48
CA GLY A 4568 -10.62 48.95 -25.66
C GLY A 4568 -11.01 48.22 -26.98
N VAL A 4569 -10.59 46.96 -27.09
CA VAL A 4569 -10.87 46.15 -28.27
C VAL A 4569 -12.36 46.06 -28.50
N GLN A 4570 -13.13 45.92 -27.43
CA GLN A 4570 -14.56 45.87 -27.62
C GLN A 4570 -15.23 47.24 -27.49
N MET A 4571 -14.70 48.08 -26.63
CA MET A 4571 -15.37 49.31 -26.31
C MET A 4571 -15.24 50.37 -27.35
N PHE A 4572 -14.33 50.24 -28.29
CA PHE A 4572 -14.36 51.22 -29.35
C PHE A 4572 -15.72 51.16 -30.05
N SER A 4573 -16.41 49.98 -30.03
CA SER A 4573 -17.70 49.88 -30.70
C SER A 4573 -18.76 50.40 -29.75
N HIS A 4574 -18.50 50.19 -28.46
CA HIS A 4574 -19.35 50.66 -27.37
C HIS A 4574 -19.48 52.16 -27.48
N PHE A 4575 -18.36 52.77 -27.81
CA PHE A 4575 -18.23 54.19 -27.98
C PHE A 4575 -18.26 54.64 -29.41
N THR A 4576 -18.97 53.93 -30.29
CA THR A 4576 -18.98 54.37 -31.68
C THR A 4576 -19.43 55.84 -31.74
N PHE A 4577 -18.66 56.62 -32.50
CA PHE A 4577 -18.87 58.04 -32.73
C PHE A 4577 -20.01 58.17 -33.71
N GLU A 4578 -20.68 59.31 -33.80
CA GLU A 4578 -21.80 59.29 -34.73
C GLU A 4578 -21.30 58.82 -36.08
N GLN A 4579 -22.03 57.84 -36.64
CA GLN A 4579 -21.71 57.21 -37.92
C GLN A 4579 -21.89 58.19 -39.06
N SER A 4580 -22.89 59.05 -38.90
CA SER A 4580 -23.19 60.12 -39.81
C SER A 4580 -23.41 61.24 -38.84
N ASN A 4581 -22.39 62.03 -38.68
CA ASN A 4581 -22.35 63.04 -37.66
C ASN A 4581 -22.97 64.35 -38.11
N THR A 4582 -23.81 64.93 -37.26
CA THR A 4582 -24.42 66.22 -37.61
C THR A 4582 -24.14 67.35 -36.61
N ASN A 4583 -23.16 67.15 -35.75
CA ASN A 4583 -22.88 68.12 -34.69
C ASN A 4583 -21.90 69.23 -35.01
N VAL A 4584 -21.70 70.09 -34.04
CA VAL A 4584 -20.78 71.22 -34.09
C VAL A 4584 -19.89 71.02 -32.93
N LEU A 4585 -18.79 71.75 -32.80
CA LEU A 4585 -18.03 71.53 -31.58
C LEU A 4585 -18.31 72.57 -30.56
N ALA A 4586 -18.86 72.14 -29.45
CA ALA A 4586 -19.12 73.07 -28.38
C ALA A 4586 -17.84 73.20 -27.61
N LEU A 4587 -16.86 73.85 -28.23
CA LEU A 4587 -15.53 73.96 -27.70
C LEU A 4587 -15.53 74.36 -26.27
N ALA A 4588 -16.25 75.40 -25.93
CA ALA A 4588 -16.19 75.82 -24.55
C ALA A 4588 -16.58 74.72 -23.60
N ASP A 4589 -17.55 73.89 -23.95
CA ASP A 4589 -17.99 72.86 -23.05
C ASP A 4589 -17.07 71.68 -23.12
N ALA A 4590 -16.63 71.33 -24.31
CA ALA A 4590 -15.76 70.18 -24.43
C ALA A 4590 -14.51 70.45 -23.65
N SER A 4591 -14.06 71.68 -23.75
CA SER A 4591 -12.89 72.10 -23.09
C SER A 4591 -13.16 72.08 -21.63
N MET A 4592 -14.18 72.76 -21.15
CA MET A 4592 -14.33 72.76 -19.71
C MET A 4592 -14.60 71.39 -19.13
N LYS A 4593 -15.25 70.49 -19.85
CA LYS A 4593 -15.51 69.17 -19.29
C LYS A 4593 -14.25 68.40 -19.08
N CYS A 4594 -13.44 68.27 -20.11
CA CYS A 4594 -12.22 67.52 -19.92
C CYS A 4594 -11.25 68.27 -19.06
N PHE A 4595 -11.28 69.58 -19.13
CA PHE A 4595 -10.41 70.43 -18.39
C PHE A 4595 -10.61 70.21 -16.93
N ASN A 4596 -11.85 70.24 -16.52
CA ASN A 4596 -12.11 70.05 -15.15
C ASN A 4596 -11.94 68.58 -14.80
N TYR A 4597 -12.58 67.69 -15.56
CA TYR A 4597 -12.52 66.28 -15.23
C TYR A 4597 -11.16 65.65 -15.22
N ALA A 4598 -10.43 65.74 -16.32
CA ALA A 4598 -9.20 65.01 -16.41
C ALA A 4598 -8.21 65.44 -15.38
N ASN A 4599 -8.16 66.74 -15.20
CA ASN A 4599 -7.16 67.30 -14.36
C ASN A 4599 -7.53 67.10 -12.91
N THR A 4600 -8.81 67.23 -12.58
CA THR A 4600 -9.19 67.05 -11.21
C THR A 4600 -9.03 65.59 -10.85
N ALA A 4601 -9.52 64.72 -11.74
CA ALA A 4601 -9.43 63.31 -11.46
C ALA A 4601 -8.00 62.91 -11.28
N SER A 4602 -7.11 63.35 -12.16
CA SER A 4602 -5.72 62.99 -12.03
C SER A 4602 -5.11 63.49 -10.73
N HIS A 4603 -5.39 64.76 -10.44
CA HIS A 4603 -4.94 65.47 -9.28
C HIS A 4603 -5.27 64.77 -7.98
N HIS A 4604 -6.51 64.37 -7.83
CA HIS A 4604 -6.90 63.67 -6.64
C HIS A 4604 -6.51 62.20 -6.67
N ARG A 4605 -6.84 61.54 -7.77
CA ARG A 4605 -6.66 60.10 -7.93
C ARG A 4605 -5.32 59.54 -7.55
N SER A 4606 -4.25 60.11 -8.07
CA SER A 4606 -2.95 59.53 -7.81
C SER A 4606 -2.12 60.14 -6.68
N ASN A 4607 -2.58 61.23 -6.07
CA ASN A 4607 -1.79 61.87 -5.01
C ASN A 4607 -0.28 62.09 -5.37
N SER A 4608 0.06 62.55 -6.59
CA SER A 4608 1.50 62.67 -6.92
C SER A 4608 1.94 63.75 -7.91
N ASP A 4609 3.23 63.68 -8.29
CA ASP A 4609 3.90 64.66 -9.16
C ASP A 4609 3.62 64.45 -10.63
N ILE A 4610 2.39 64.74 -11.01
CA ILE A 4610 1.89 64.49 -12.34
C ILE A 4610 1.65 65.70 -13.21
N ARG A 4611 2.31 65.76 -14.36
CA ARG A 4611 1.99 66.86 -15.27
C ARG A 4611 0.61 66.59 -15.91
N GLN A 4612 -0.19 67.63 -16.10
CA GLN A 4612 -1.51 67.46 -16.69
C GLN A 4612 -1.58 67.77 -18.16
N LEU A 4613 -1.70 66.73 -18.99
CA LEU A 4613 -1.69 66.89 -20.43
C LEU A 4613 -3.01 66.54 -21.11
N GLU A 4614 -3.43 67.39 -22.03
CA GLU A 4614 -4.65 67.13 -22.78
C GLU A 4614 -4.37 67.11 -24.27
N ILE A 4615 -4.82 66.09 -24.96
CA ILE A 4615 -4.58 66.00 -26.37
C ILE A 4615 -5.86 66.31 -27.07
N ILE A 4616 -5.80 67.25 -27.97
CA ILE A 4616 -6.96 67.69 -28.68
C ILE A 4616 -6.96 67.18 -30.10
N ILE A 4617 -7.93 66.35 -30.44
CA ILE A 4617 -8.00 65.85 -31.79
C ILE A 4617 -9.22 66.43 -32.46
N SER A 4618 -9.02 67.32 -33.42
CA SER A 4618 -10.16 67.93 -34.11
C SER A 4618 -9.63 68.38 -35.41
N ASP A 4619 -10.46 68.86 -36.31
CA ASP A 4619 -9.96 69.27 -37.59
C ASP A 4619 -9.69 70.74 -37.79
N GLY A 4620 -9.73 71.53 -36.73
CA GLY A 4620 -9.50 72.94 -36.96
C GLY A 4620 -10.33 73.86 -36.09
N ILE A 4621 -10.55 75.06 -36.61
CA ILE A 4621 -11.25 76.12 -35.91
C ILE A 4621 -12.68 75.76 -35.56
N CYS A 4622 -13.02 76.06 -34.31
CA CYS A 4622 -14.34 75.76 -33.80
C CYS A 4622 -15.31 76.87 -34.07
N GLU A 4623 -16.60 76.53 -34.11
CA GLU A 4623 -17.61 77.53 -34.29
C GLU A 4623 -17.56 78.62 -33.21
N ASP A 4624 -17.17 78.26 -31.98
CA ASP A 4624 -17.04 79.23 -30.91
C ASP A 4624 -15.59 79.43 -30.51
N HIS A 4625 -14.65 79.40 -31.46
CA HIS A 4625 -13.24 79.55 -31.11
C HIS A 4625 -12.98 80.81 -30.28
N ASP A 4626 -13.86 81.79 -30.36
CA ASP A 4626 -13.68 83.03 -29.63
C ASP A 4626 -13.56 82.76 -28.12
N SER A 4627 -14.16 81.64 -27.67
CA SER A 4627 -14.25 81.16 -26.29
C SER A 4627 -12.88 80.91 -25.69
N ILE A 4628 -11.92 80.70 -26.57
CA ILE A 4628 -10.55 80.43 -26.24
C ILE A 4628 -9.97 81.49 -25.39
N ARG A 4629 -10.33 82.74 -25.58
CA ARG A 4629 -9.70 83.72 -24.73
C ARG A 4629 -9.87 83.37 -23.25
N LYS A 4630 -10.96 82.71 -22.86
CA LYS A 4630 -11.14 82.39 -21.47
C LYS A 4630 -10.64 81.00 -21.22
N LEU A 4631 -10.80 80.12 -22.19
CA LEU A 4631 -10.40 78.73 -21.99
C LEU A 4631 -8.89 78.70 -21.82
N LEU A 4632 -8.22 79.53 -22.60
CA LEU A 4632 -6.77 79.65 -22.56
C LEU A 4632 -6.43 80.22 -21.23
N ARG A 4633 -7.09 81.31 -20.86
CA ARG A 4633 -6.82 81.93 -19.60
C ARG A 4633 -6.86 80.90 -18.50
N ARG A 4634 -7.92 80.12 -18.45
CA ARG A 4634 -8.05 79.14 -17.41
C ARG A 4634 -6.92 78.12 -17.44
N ALA A 4635 -6.58 77.59 -18.61
CA ALA A 4635 -5.51 76.61 -18.68
C ALA A 4635 -4.20 77.18 -18.21
N GLN A 4636 -3.96 78.44 -18.55
CA GLN A 4636 -2.72 79.07 -18.15
C GLN A 4636 -2.64 79.16 -16.64
N GLU A 4637 -3.73 79.63 -16.03
CA GLU A 4637 -3.79 79.80 -14.58
C GLU A 4637 -3.59 78.49 -13.85
N GLU A 4638 -4.16 77.44 -14.41
CA GLU A 4638 -4.14 76.12 -13.80
C GLU A 4638 -2.96 75.25 -14.19
N LYS A 4639 -2.01 75.77 -14.97
CA LYS A 4639 -0.85 75.00 -15.39
C LYS A 4639 -1.22 73.75 -16.19
N VAL A 4640 -2.21 73.84 -17.06
CA VAL A 4640 -2.61 72.69 -17.86
C VAL A 4640 -1.97 72.72 -19.24
N MET A 4641 -1.34 71.61 -19.61
CA MET A 4641 -0.64 71.51 -20.87
C MET A 4641 -1.54 70.91 -21.93
N ILE A 4642 -1.49 71.43 -23.15
CA ILE A 4642 -2.32 70.82 -24.17
C ILE A 4642 -1.53 70.51 -25.44
N VAL A 4643 -2.08 69.64 -26.27
CA VAL A 4643 -1.54 69.33 -27.59
C VAL A 4643 -2.61 69.48 -28.65
N PHE A 4644 -2.35 70.21 -29.74
CA PHE A 4644 -3.44 70.30 -30.71
C PHE A 4644 -3.12 69.75 -32.07
N VAL A 4645 -3.83 68.69 -32.39
CA VAL A 4645 -3.71 68.00 -33.63
C VAL A 4645 -4.82 68.47 -34.50
N ILE A 4646 -4.45 69.14 -35.60
CA ILE A 4646 -5.50 69.74 -36.47
C ILE A 4646 -5.78 68.84 -37.67
N LEU A 4647 -7.02 68.36 -37.77
CA LEU A 4647 -7.47 67.56 -38.94
C LEU A 4647 -7.49 68.52 -40.13
N ASP A 4648 -7.24 68.03 -41.34
CA ASP A 4648 -7.17 69.01 -42.46
C ASP A 4648 -8.61 69.37 -42.83
N ASN A 4649 -9.33 69.97 -41.88
CA ASN A 4649 -10.72 70.43 -42.14
C ASN A 4649 -11.46 69.26 -42.78
N VAL A 4650 -11.24 68.06 -42.25
CA VAL A 4650 -11.84 66.85 -42.89
C VAL A 4650 -13.33 67.05 -43.22
N ASN A 4651 -13.87 66.20 -44.10
CA ASN A 4651 -15.28 66.21 -44.59
C ASN A 4651 -15.62 67.50 -45.34
N THR A 4652 -14.67 68.00 -46.16
CA THR A 4652 -14.87 69.18 -46.96
C THR A 4652 -13.92 68.93 -48.11
N GLN A 4653 -14.18 69.50 -49.28
CA GLN A 4653 -13.30 69.24 -50.40
C GLN A 4653 -11.88 69.56 -49.97
N LYS A 4654 -10.87 68.82 -50.42
CA LYS A 4654 -9.51 69.18 -50.00
C LYS A 4654 -9.24 70.66 -50.28
N LYS A 4655 -9.69 71.16 -51.43
CA LYS A 4655 -9.48 72.58 -51.70
C LYS A 4655 -10.14 73.44 -50.62
N SER A 4656 -11.23 72.93 -50.04
CA SER A 4656 -11.98 73.60 -49.01
C SER A 4656 -11.33 73.31 -47.68
N SER A 4657 -10.59 72.21 -47.53
CA SER A 4657 -10.04 72.01 -46.20
C SER A 4657 -9.10 73.17 -45.93
N ILE A 4658 -8.40 73.53 -46.99
CA ILE A 4658 -7.45 74.60 -46.94
C ILE A 4658 -8.15 75.93 -46.89
N LEU A 4659 -9.04 76.19 -47.84
CA LEU A 4659 -9.72 77.46 -47.82
C LEU A 4659 -10.59 77.67 -46.60
N ASP A 4660 -11.24 76.67 -46.06
CA ASP A 4660 -12.10 76.95 -44.93
C ASP A 4660 -11.29 77.63 -43.81
N ILE A 4661 -10.11 77.08 -43.50
CA ILE A 4661 -9.28 77.72 -42.47
C ILE A 4661 -8.56 78.98 -42.96
N LYS A 4662 -8.09 78.98 -44.20
CA LYS A 4662 -7.37 80.12 -44.68
C LYS A 4662 -8.31 81.27 -44.89
N LYS A 4663 -9.56 81.00 -45.23
CA LYS A 4663 -10.56 82.01 -45.43
C LYS A 4663 -10.75 82.75 -44.14
N VAL A 4664 -10.78 82.05 -43.00
CA VAL A 4664 -10.92 82.81 -41.77
C VAL A 4664 -9.76 83.77 -41.69
N TYR A 4665 -8.56 83.29 -42.01
CA TYR A 4665 -7.42 84.20 -42.03
C TYR A 4665 -7.61 85.35 -43.04
N TYR A 4666 -8.06 85.05 -44.25
CA TYR A 4666 -8.22 86.07 -45.27
C TYR A 4666 -9.17 87.14 -44.78
N ASP A 4667 -10.26 86.71 -44.14
CA ASP A 4667 -11.24 87.62 -43.60
C ASP A 4667 -10.63 88.41 -42.45
N THR A 4668 -9.79 87.74 -41.65
CA THR A 4668 -9.08 88.38 -40.53
C THR A 4668 -8.27 89.54 -41.01
N LYS A 4669 -7.57 89.36 -42.11
CA LYS A 4669 -6.76 90.42 -42.65
C LYS A 4669 -7.53 91.71 -42.99
N GLU A 4670 -8.78 91.59 -43.47
CA GLU A 4670 -9.53 92.79 -43.87
C GLU A 4670 -10.40 93.38 -42.77
N ASP A 4671 -11.16 92.53 -42.11
CA ASP A 4671 -12.07 93.03 -41.11
C ASP A 4671 -11.36 93.19 -39.81
N GLY A 4672 -11.09 94.43 -39.41
CA GLY A 4672 -10.33 94.72 -38.19
C GLY A 4672 -10.98 94.16 -36.93
N THR A 4673 -12.24 93.78 -37.06
CA THR A 4673 -13.04 93.17 -36.01
C THR A 4673 -12.49 91.79 -35.67
N MET A 4674 -12.09 91.05 -36.70
CA MET A 4674 -11.66 89.65 -36.62
C MET A 4674 -10.21 89.42 -36.27
N ASP A 4675 -9.95 88.28 -35.62
CA ASP A 4675 -8.58 87.87 -35.36
C ASP A 4675 -8.44 86.35 -35.31
N LEU A 4676 -8.00 85.74 -36.42
CA LEU A 4676 -7.82 84.28 -36.50
C LEU A 4676 -7.00 83.77 -35.37
N LYS A 4677 -6.07 84.58 -34.88
CA LYS A 4677 -5.13 84.21 -33.87
C LYS A 4677 -5.78 83.56 -32.70
N ILE A 4678 -6.99 83.96 -32.33
CA ILE A 4678 -7.59 83.36 -31.18
C ILE A 4678 -7.66 81.85 -31.31
N GLN A 4679 -7.89 81.31 -32.50
CA GLN A 4679 -7.91 79.87 -32.51
C GLN A 4679 -6.51 79.26 -32.26
N PRO A 4680 -5.44 79.51 -33.08
CA PRO A 4680 -4.08 79.00 -32.81
C PRO A 4680 -3.59 79.33 -31.40
N TYR A 4681 -3.97 80.52 -30.91
CA TYR A 4681 -3.67 81.08 -29.59
C TYR A 4681 -3.79 80.12 -28.45
N ILE A 4682 -4.81 79.25 -28.47
CA ILE A 4682 -4.98 78.39 -27.31
C ILE A 4682 -3.72 77.54 -27.07
N ASP A 4683 -2.98 77.25 -28.13
CA ASP A 4683 -1.80 76.42 -28.07
C ASP A 4683 -0.55 77.25 -27.90
N GLU A 4684 0.01 77.27 -26.70
CA GLU A 4684 1.23 78.04 -26.55
C GLU A 4684 2.32 77.20 -27.15
N PHE A 4685 2.54 77.42 -28.43
CA PHE A 4685 3.40 76.62 -29.29
C PHE A 4685 4.86 76.64 -28.94
N ALA A 4686 5.25 77.45 -27.97
CA ALA A 4686 6.62 77.39 -27.50
C ALA A 4686 6.87 75.98 -26.92
N PHE A 4687 5.83 75.42 -26.27
CA PHE A 4687 5.89 74.10 -25.65
C PHE A 4687 4.71 73.24 -26.11
N ASP A 4688 3.54 73.87 -26.13
CA ASP A 4688 2.27 73.24 -26.49
C ASP A 4688 2.04 73.41 -27.97
N TYR A 4689 2.80 72.65 -28.72
CA TYR A 4689 2.82 72.73 -30.16
C TYR A 4689 1.51 72.25 -30.77
N TYR A 4690 1.20 72.75 -31.97
CA TYR A 4690 0.04 72.28 -32.68
C TYR A 4690 0.44 72.01 -34.12
N LEU A 4691 -0.27 71.10 -34.76
CA LEU A 4691 0.05 70.74 -36.14
C LEU A 4691 -1.07 70.21 -36.99
N VAL A 4692 -1.17 70.74 -38.21
CA VAL A 4692 -2.11 70.26 -39.19
C VAL A 4692 -1.56 69.01 -39.85
N VAL A 4693 -2.38 67.97 -39.87
CA VAL A 4693 -1.96 66.68 -40.41
C VAL A 4693 -2.87 66.11 -41.49
N ARG A 4694 -2.34 65.13 -42.22
CA ARG A 4694 -3.10 64.45 -43.25
C ARG A 4694 -3.61 63.14 -42.72
N ASN A 4695 -2.75 62.41 -42.02
CA ASN A 4695 -3.16 61.13 -41.48
C ASN A 4695 -2.32 60.71 -40.29
N ILE A 4696 -2.62 59.53 -39.84
CA ILE A 4696 -2.06 58.91 -38.65
C ILE A 4696 -0.56 58.66 -38.73
N GLU A 4697 0.02 58.77 -39.91
CA GLU A 4697 1.43 58.50 -40.02
C GLU A 4697 2.25 59.70 -39.61
N GLU A 4698 1.61 60.81 -39.23
CA GLU A 4698 2.35 61.94 -38.72
C GLU A 4698 2.45 61.82 -37.21
N LEU A 4699 1.83 60.79 -36.64
CA LEU A 4699 1.85 60.59 -35.23
C LEU A 4699 3.26 60.45 -34.66
N PRO A 4700 4.20 59.71 -35.25
CA PRO A 4700 5.55 59.59 -34.73
C PRO A 4700 6.20 60.94 -34.48
N GLN A 4701 5.83 61.96 -35.28
CA GLN A 4701 6.40 63.28 -35.12
C GLN A 4701 5.88 63.78 -33.82
N LEU A 4702 4.56 63.71 -33.69
CA LEU A 4702 3.92 64.19 -32.50
C LEU A 4702 4.50 63.55 -31.29
N LEU A 4703 4.59 62.24 -31.31
CA LEU A 4703 5.03 61.52 -30.14
C LEU A 4703 6.42 61.90 -29.76
N SER A 4704 7.28 62.06 -30.76
CA SER A 4704 8.66 62.42 -30.52
C SER A 4704 8.80 63.84 -29.98
N SER A 4705 8.07 64.78 -30.58
CA SER A 4705 8.13 66.16 -30.13
C SER A 4705 7.63 66.19 -28.72
N ALA A 4706 6.50 65.53 -28.55
CA ALA A 4706 5.84 65.45 -27.30
C ALA A 4706 6.74 64.78 -26.29
N LEU A 4707 7.53 63.79 -26.69
CA LEU A 4707 8.45 63.11 -25.81
C LEU A 4707 9.42 64.03 -25.18
N ARG A 4708 9.90 65.00 -25.91
CA ARG A 4708 10.81 65.94 -25.31
C ARG A 4708 10.06 66.82 -24.32
N GLN A 4709 8.80 67.08 -24.61
CA GLN A 4709 8.03 67.86 -23.66
C GLN A 4709 7.64 66.98 -22.47
N TRP A 4710 7.51 65.67 -22.70
CA TRP A 4710 7.20 64.71 -21.65
C TRP A 4710 8.42 64.69 -20.74
N PHE A 4711 9.59 64.76 -21.37
CA PHE A 4711 10.87 64.80 -20.69
C PHE A 4711 11.03 65.99 -19.79
N GLN A 4712 10.80 67.18 -20.32
CA GLN A 4712 11.02 68.36 -19.52
C GLN A 4712 10.60 69.62 -20.25
#